data_7NG5
#
_entry.id   7NG5
#
_cell.length_a   1.00
_cell.length_b   1.00
_cell.length_c   1.00
_cell.angle_alpha   90.00
_cell.angle_beta   90.00
_cell.angle_gamma   90.00
#
_symmetry.space_group_name_H-M   'P 1'
#
loop_
_entity.id
_entity.type
_entity.pdbx_description
1 polymer 'Lon protease homolog, mitochondrial'
2 polymer 'Substrate protein chain:G'
3 non-polymer "ADENOSINE-5'-TRIPHOSPHATE"
4 non-polymer 'MAGNESIUM ION'
5 non-polymer "ADENOSINE-5'-DIPHOSPHATE"
#
loop_
_entity_poly.entity_id
_entity_poly.type
_entity_poly.pdbx_seq_one_letter_code
_entity_poly.pdbx_strand_id
1 'polypeptide(L)'
;HHHHHHGSMTIPDVFPHLPLIAITRNPVFPRFIKIIEVKNKKLVELLRRKVRLAQPYVGVFLKRDDSNESDVVESLDEIY
HTGTFAQIHEMQDLGDKLRMIVMGHRRVHISRQLEVEPEEPEAENKHKPRRKSKRGKKEAEDELSARHPAELAMEPTPEL
PAEVLMVEVENVVHEDFQVTEEVKALTAEIVKTIRDIIALNPLYRESVLQMMQAGQRVVDNPIYLSDMGAALTGAESHEL
QDVLEETNIPKRLYKALSLLKKEFELSKLQQRLGREVEEKIKQTHRKYLLQEQLKIIKKELGLEKDDKDAIEEKFRERLK
ELVVPKHVMDVVDEELSKLGLLDNHSSEFNVTRNYLDWLTSIPWGKYSNENLDLARAQAVLEEDHYGMEDVKKRILEFIA
VSQLRGSTQGKILCFYGPPGVGKTSIARSIARALNREYFRFSVGGMTDVAEIKGHRRTYVGAMPGKIIQCLKKTKTENPL
ILIDEVDKIGRGYQGDPSSALLELLDPEQNANFLDHYLDVPVDLSKVLFICTANVTDTIPEPLRDRMEMINVSGYVAQEK
LAIAERYLVPQARALCGLDESKAKLSSDVLTLLIKQYCRESGVRNLQKQVEKVLRKSAYKIVSGEAESVEVTPENLQDFV
GKPVFTVERMYDVTPPGVVMGLAWTAMGGSTLFVETSLRRPQDKDAKGDKDGSLEVTGQLGEVMKESARIAYTFARAFLM
QHAPANDYLVTSHIHLHVPEGATPKDGPSAGCTIVTALLSLAMGRPVRQNLAMTGEVSLTGKILPVGGIKEKTIAAKRAG
VTCIVLPAENKKDFYDLAAFITEGLEVHFVEHYREIFDIAFPDEQAEALAVER
;
A,B,C,D,E,F
2 'polypeptide(L)'
;(UNK)(UNK)(UNK)(UNK)(UNK)(UNK)(UNK)(UNK)(UNK)(UNK)(UNK)(UNK)(UNK)(UNK)(UNK)(UNK)
(UNK)(UNK)(UNK)(UNK)(UNK)(UNK)(UNK)(UNK)(UNK)(UNK)(UNK)(UNK)(UNK)(UNK)(UNK)(UNK)
(UNK)(UNK)(UNK)(UNK)(UNK)(UNK)(UNK)(UNK)(UNK)(UNK)(UNK)(UNK)(UNK)(UNK)(UNK)(UNK)
(UNK)(UNK)(UNK)(UNK)(UNK)(UNK)(UNK)
;
G
#
# COMPACT_ATOMS: atom_id res chain seq x y z
N HIS A 17 -5.35 -13.51 75.41
CA HIS A 17 -4.02 -13.61 74.84
C HIS A 17 -3.98 -14.58 73.66
N LEU A 18 -4.56 -14.18 72.53
CA LEU A 18 -4.57 -14.96 71.30
C LEU A 18 -4.16 -14.07 70.13
N PRO A 19 -3.53 -14.62 69.09
CA PRO A 19 -3.13 -13.78 67.95
C PRO A 19 -4.35 -13.23 67.23
N LEU A 20 -4.20 -12.01 66.71
CA LEU A 20 -5.29 -11.36 66.01
C LEU A 20 -5.67 -12.14 64.76
N ILE A 21 -6.96 -12.18 64.49
CA ILE A 21 -7.47 -12.93 63.35
C ILE A 21 -7.20 -12.13 62.07
N ALA A 22 -7.05 -12.87 60.97
CA ALA A 22 -6.89 -12.28 59.63
C ALA A 22 -8.30 -12.07 59.09
N ILE A 23 -8.80 -10.84 59.20
CA ILE A 23 -10.12 -10.53 58.68
C ILE A 23 -10.18 -10.78 57.18
N THR A 24 -9.15 -10.32 56.45
CA THR A 24 -9.00 -10.54 55.00
C THR A 24 -10.30 -10.19 54.23
N ARG A 25 -10.65 -8.90 54.29
CA ARG A 25 -11.75 -8.32 53.51
C ARG A 25 -13.10 -8.98 53.84
N ASN A 26 -13.46 -8.90 55.12
CA ASN A 26 -14.71 -9.48 55.62
C ASN A 26 -15.25 -8.61 56.77
N PRO A 27 -15.98 -7.52 56.47
CA PRO A 27 -16.61 -6.78 57.57
C PRO A 27 -17.64 -7.63 58.31
N VAL A 28 -17.73 -7.41 59.63
CA VAL A 28 -18.68 -8.10 60.51
C VAL A 28 -19.42 -7.06 61.33
N PHE A 29 -20.61 -6.68 60.86
CA PHE A 29 -21.38 -5.66 61.53
C PHE A 29 -21.89 -6.16 62.89
N PRO A 30 -22.06 -5.27 63.90
CA PRO A 30 -22.52 -5.73 65.23
C PRO A 30 -23.87 -6.44 65.17
N ARG A 31 -24.01 -7.51 65.97
CA ARG A 31 -25.24 -8.30 66.01
C ARG A 31 -25.68 -8.80 64.63
N PHE A 32 -24.72 -9.19 63.81
CA PHE A 32 -25.00 -9.66 62.46
C PHE A 32 -24.16 -10.91 62.22
N ILE A 33 -24.84 -12.03 61.95
CA ILE A 33 -24.12 -13.27 61.65
C ILE A 33 -23.33 -13.06 60.37
N LYS A 34 -22.13 -13.63 60.35
CA LYS A 34 -21.26 -13.46 59.19
C LYS A 34 -20.32 -14.67 59.19
N ILE A 35 -19.84 -15.04 58.01
CA ILE A 35 -18.92 -16.18 57.87
C ILE A 35 -17.57 -15.62 57.42
N ILE A 36 -16.49 -16.28 57.85
CA ILE A 36 -15.12 -15.94 57.47
C ILE A 36 -14.48 -17.23 56.97
N GLU A 37 -13.57 -17.06 55.98
CA GLU A 37 -12.87 -18.16 55.31
C GLU A 37 -11.47 -17.69 54.88
N VAL A 38 -10.55 -17.61 55.84
CA VAL A 38 -9.16 -17.27 55.52
C VAL A 38 -8.50 -18.44 54.79
N LYS A 39 -7.73 -18.12 53.75
CA LYS A 39 -7.11 -19.18 52.96
C LYS A 39 -5.95 -19.86 53.70
N ASN A 40 -5.18 -19.09 54.48
CA ASN A 40 -4.07 -19.65 55.24
C ASN A 40 -4.54 -20.63 56.30
N LYS A 41 -3.74 -21.69 56.51
CA LYS A 41 -4.04 -22.70 57.51
C LYS A 41 -3.45 -22.40 58.88
N LYS A 42 -2.65 -21.35 59.04
CA LYS A 42 -2.06 -21.10 60.36
C LYS A 42 -3.13 -20.71 61.38
N LEU A 43 -4.23 -20.12 60.92
CA LEU A 43 -5.36 -19.90 61.82
C LEU A 43 -6.02 -21.21 62.22
N VAL A 44 -5.95 -22.24 61.36
CA VAL A 44 -6.55 -23.52 61.70
C VAL A 44 -5.90 -24.08 62.97
N GLU A 45 -4.59 -23.88 63.12
CA GLU A 45 -3.90 -24.40 64.29
C GLU A 45 -4.42 -23.73 65.55
N LEU A 46 -4.66 -22.42 65.48
CA LEU A 46 -5.30 -21.72 66.59
C LEU A 46 -6.70 -22.24 66.84
N LEU A 47 -7.44 -22.55 65.76
CA LEU A 47 -8.79 -23.05 66.04
C LEU A 47 -8.76 -24.45 66.59
N ARG A 48 -7.72 -25.24 66.30
CA ARG A 48 -7.65 -26.55 66.94
C ARG A 48 -7.04 -26.45 68.33
N ARG A 49 -6.57 -25.25 68.73
CA ARG A 49 -6.03 -25.06 70.07
C ARG A 49 -7.05 -24.45 71.03
N LYS A 50 -8.16 -23.89 70.50
CA LYS A 50 -9.25 -23.37 71.35
C LYS A 50 -10.45 -24.31 71.51
N VAL A 51 -10.54 -25.42 70.74
CA VAL A 51 -11.67 -26.33 70.89
C VAL A 51 -11.69 -26.95 72.27
N ARG A 52 -10.53 -27.09 72.90
CA ARG A 52 -10.46 -27.67 74.24
C ARG A 52 -11.03 -26.71 75.28
N LEU A 53 -11.15 -25.41 74.97
CA LEU A 53 -11.74 -24.48 75.91
C LEU A 53 -13.22 -24.79 76.04
N ALA A 54 -13.75 -24.74 77.26
CA ALA A 54 -15.16 -25.04 77.47
C ALA A 54 -16.08 -23.98 76.86
N GLN A 55 -15.60 -22.76 76.69
CA GLN A 55 -16.37 -21.64 76.15
C GLN A 55 -15.50 -21.03 75.07
N PRO A 56 -15.40 -21.68 73.89
CA PRO A 56 -14.53 -21.14 72.83
C PRO A 56 -15.04 -19.78 72.35
N TYR A 57 -14.07 -18.93 71.97
CA TYR A 57 -14.35 -17.57 71.59
C TYR A 57 -13.36 -17.10 70.55
N VAL A 58 -13.75 -16.04 69.85
CA VAL A 58 -12.92 -15.41 68.83
C VAL A 58 -13.24 -13.93 68.81
N GLY A 59 -12.23 -13.12 68.60
CA GLY A 59 -12.42 -11.68 68.48
C GLY A 59 -12.60 -11.28 67.04
N VAL A 60 -13.08 -10.06 66.84
CA VAL A 60 -13.21 -9.48 65.51
C VAL A 60 -12.70 -8.05 65.59
N PHE A 61 -11.88 -7.68 64.61
CA PHE A 61 -11.25 -6.37 64.46
C PHE A 61 -11.40 -5.95 63.01
N LEU A 62 -10.85 -4.78 62.67
CA LEU A 62 -10.81 -4.30 61.28
C LEU A 62 -9.35 -4.09 60.88
N LYS A 63 -9.13 -4.12 59.58
CA LYS A 63 -7.82 -3.90 58.97
C LYS A 63 -7.68 -2.49 58.44
N ARG A 64 -6.47 -1.94 58.54
CA ARG A 64 -6.25 -0.58 58.10
C ARG A 64 -6.04 -0.63 56.57
N ASP A 65 -6.03 0.56 55.94
CA ASP A 65 -5.85 0.70 54.50
C ASP A 65 -4.67 -0.11 53.97
N ASP A 66 -4.71 -0.46 52.68
CA ASP A 66 -3.67 -1.24 52.02
C ASP A 66 -3.43 -2.55 52.76
N SER A 67 -4.32 -3.53 52.54
CA SER A 67 -4.19 -4.83 53.18
C SER A 67 -2.89 -5.51 52.77
N ASN A 68 -2.24 -6.16 53.74
CA ASN A 68 -0.98 -6.85 53.50
C ASN A 68 -0.84 -7.94 54.56
N GLU A 69 -0.91 -9.22 54.14
CA GLU A 69 -0.81 -10.32 55.10
C GLU A 69 0.53 -10.32 55.81
N SER A 70 1.60 -9.94 55.12
CA SER A 70 2.91 -9.94 55.75
C SER A 70 2.95 -8.90 56.86
N ASP A 71 2.24 -7.78 56.69
CA ASP A 71 2.18 -6.83 57.79
C ASP A 71 1.35 -7.39 58.93
N VAL A 72 0.32 -8.18 58.61
CA VAL A 72 -0.57 -8.72 59.64
C VAL A 72 0.20 -9.66 60.56
N VAL A 73 1.17 -10.40 60.00
CA VAL A 73 2.04 -11.26 60.81
C VAL A 73 3.31 -10.57 61.32
N GLU A 74 3.68 -9.40 60.76
CA GLU A 74 4.88 -8.70 61.25
C GLU A 74 4.57 -7.73 62.39
N SER A 75 3.75 -6.71 62.11
CA SER A 75 3.42 -5.67 63.10
C SER A 75 1.97 -5.79 63.49
N LEU A 76 1.69 -5.41 64.74
CA LEU A 76 0.35 -5.48 65.32
C LEU A 76 -0.35 -4.13 65.37
N ASP A 77 0.29 -3.05 64.87
CA ASP A 77 -0.37 -1.73 64.85
C ASP A 77 -1.26 -1.54 63.63
N GLU A 78 -1.20 -2.44 62.64
CA GLU A 78 -2.05 -2.30 61.48
C GLU A 78 -3.52 -2.49 61.88
N ILE A 79 -3.79 -3.48 62.72
CA ILE A 79 -5.14 -3.73 63.19
C ILE A 79 -5.56 -2.63 64.15
N TYR A 80 -6.82 -2.21 64.06
CA TYR A 80 -7.33 -1.15 64.89
C TYR A 80 -7.50 -1.61 66.34
N HIS A 81 -7.42 -0.64 67.25
CA HIS A 81 -7.61 -0.93 68.67
C HIS A 81 -9.01 -1.46 68.96
N THR A 82 -10.01 -1.02 68.19
CA THR A 82 -11.37 -1.51 68.41
C THR A 82 -11.44 -3.01 68.14
N GLY A 83 -12.26 -3.70 68.93
CA GLY A 83 -12.46 -5.13 68.77
C GLY A 83 -13.86 -5.51 69.18
N THR A 84 -14.30 -6.68 68.70
CA THR A 84 -15.66 -7.16 68.93
C THR A 84 -15.59 -8.64 69.33
N PHE A 85 -15.34 -8.91 70.62
CA PHE A 85 -15.33 -10.30 71.08
C PHE A 85 -16.70 -10.94 70.93
N ALA A 86 -16.69 -12.23 70.61
CA ALA A 86 -17.90 -13.01 70.44
C ALA A 86 -17.56 -14.48 70.52
N GLN A 87 -18.46 -15.25 71.12
CA GLN A 87 -18.30 -16.69 71.22
C GLN A 87 -18.32 -17.32 69.84
N ILE A 88 -17.65 -18.46 69.70
CA ILE A 88 -17.71 -19.22 68.45
C ILE A 88 -19.02 -20.00 68.46
N HIS A 89 -19.58 -20.27 67.28
CA HIS A 89 -20.84 -21.01 67.16
C HIS A 89 -20.67 -22.50 66.88
N GLU A 90 -20.45 -22.89 65.63
CA GLU A 90 -20.34 -24.29 65.28
C GLU A 90 -19.63 -24.37 63.94
N MET A 91 -18.71 -25.33 63.81
CA MET A 91 -18.01 -25.51 62.55
C MET A 91 -18.86 -26.23 61.52
N GLN A 92 -18.54 -25.98 60.24
CA GLN A 92 -19.23 -26.58 59.11
C GLN A 92 -18.18 -27.10 58.15
N ASP A 93 -17.37 -26.20 57.58
CA ASP A 93 -16.25 -26.55 56.69
C ASP A 93 -16.71 -27.42 55.53
N LEU A 94 -17.72 -26.93 54.81
CA LEU A 94 -18.28 -27.67 53.68
C LEU A 94 -17.29 -27.75 52.51
N GLY A 95 -16.57 -26.66 52.20
CA GLY A 95 -15.65 -26.63 51.07
C GLY A 95 -14.21 -26.30 51.43
N ASP A 96 -13.98 -25.22 52.16
CA ASP A 96 -12.68 -24.94 52.76
C ASP A 96 -12.59 -25.65 54.11
N LYS A 97 -11.35 -25.76 54.59
CA LYS A 97 -11.09 -26.35 55.90
C LYS A 97 -11.25 -25.34 57.02
N LEU A 98 -11.61 -24.08 56.69
CA LEU A 98 -11.72 -22.97 57.62
C LEU A 98 -12.97 -22.16 57.25
N ARG A 99 -14.13 -22.57 57.78
CA ARG A 99 -15.40 -21.87 57.58
C ARG A 99 -15.96 -21.59 58.97
N MET A 100 -15.49 -20.51 59.61
CA MET A 100 -15.99 -20.14 60.93
C MET A 100 -17.00 -18.99 60.90
N ILE A 101 -17.98 -19.06 61.82
CA ILE A 101 -19.07 -18.07 61.93
C ILE A 101 -18.77 -17.09 63.05
N VAL A 102 -19.05 -15.80 62.79
CA VAL A 102 -18.80 -14.68 63.69
C VAL A 102 -20.10 -13.91 63.92
N MET A 103 -20.11 -13.20 65.06
CA MET A 103 -21.21 -12.38 65.54
C MET A 103 -20.65 -11.22 66.32
N GLY A 104 -21.45 -10.16 66.43
CA GLY A 104 -21.10 -9.00 67.21
C GLY A 104 -21.86 -8.95 68.52
N HIS A 105 -21.19 -9.31 69.62
CA HIS A 105 -21.80 -9.35 70.95
C HIS A 105 -21.15 -8.35 71.90
N ARG A 106 -19.85 -8.48 72.17
CA ARG A 106 -19.16 -7.64 73.17
C ARG A 106 -18.16 -6.76 72.43
N ARG A 107 -18.52 -5.48 72.27
CA ARG A 107 -17.58 -4.48 71.77
C ARG A 107 -16.54 -4.11 72.80
N VAL A 108 -15.37 -3.68 72.33
CA VAL A 108 -14.29 -3.19 73.19
C VAL A 108 -13.41 -2.23 72.39
N HIS A 109 -12.57 -1.47 73.10
CA HIS A 109 -11.56 -0.59 72.50
C HIS A 109 -10.34 -0.61 73.41
N ILE A 110 -9.34 -1.44 73.08
CA ILE A 110 -8.14 -1.49 73.92
C ILE A 110 -7.42 -0.15 73.88
N SER A 111 -6.89 0.27 75.04
CA SER A 111 -6.18 1.54 75.09
C SER A 111 -4.90 1.51 74.27
N ARG A 112 -4.11 0.44 74.39
CA ARG A 112 -2.82 0.30 73.70
C ARG A 112 -2.64 -1.21 73.44
N GLN A 113 -2.91 -1.63 72.22
CA GLN A 113 -2.76 -3.05 71.90
C GLN A 113 -1.32 -3.53 71.96
N LEU A 114 -0.35 -2.64 71.75
CA LEU A 114 1.05 -3.07 71.81
C LEU A 114 1.45 -3.55 73.21
N GLU A 115 0.86 -2.98 74.25
CA GLU A 115 1.28 -3.23 75.62
C GLU A 115 0.61 -4.47 76.21
N MET A 166 -3.23 -9.56 77.48
CA MET A 166 -3.40 -8.13 77.28
C MET A 166 -4.62 -7.64 78.05
N VAL A 167 -4.42 -6.55 78.80
CA VAL A 167 -5.49 -5.95 79.60
C VAL A 167 -6.61 -5.49 78.65
N GLU A 168 -7.85 -5.57 79.15
CA GLU A 168 -9.00 -5.05 78.42
C GLU A 168 -10.08 -4.72 79.45
N VAL A 169 -11.02 -3.86 79.05
CA VAL A 169 -12.12 -3.47 79.92
C VAL A 169 -13.35 -3.20 79.06
N GLU A 170 -14.52 -3.43 79.67
CA GLU A 170 -15.81 -3.26 79.02
C GLU A 170 -16.28 -1.81 79.14
N ASN A 171 -15.63 -0.95 78.35
CA ASN A 171 -15.95 0.47 78.28
C ASN A 171 -17.08 0.74 77.29
N VAL A 172 -18.19 0.01 77.44
CA VAL A 172 -19.33 0.11 76.54
C VAL A 172 -20.08 1.38 76.86
N VAL A 173 -19.53 2.53 76.46
CA VAL A 173 -20.17 3.79 76.78
C VAL A 173 -21.51 3.89 76.09
N HIS A 174 -22.51 4.39 76.83
CA HIS A 174 -23.88 4.51 76.34
C HIS A 174 -24.61 5.60 77.10
N GLU A 175 -24.03 6.80 77.21
CA GLU A 175 -24.66 7.85 77.99
C GLU A 175 -26.00 8.25 77.37
N ASP A 176 -26.97 8.56 78.24
CA ASP A 176 -28.31 8.94 77.80
C ASP A 176 -28.92 9.94 78.76
N PHE A 177 -29.76 10.82 78.22
CA PHE A 177 -30.46 11.82 79.00
C PHE A 177 -31.62 11.20 79.77
N GLN A 178 -31.98 11.84 80.88
CA GLN A 178 -33.05 11.32 81.74
C GLN A 178 -34.41 11.31 81.05
N VAL A 179 -34.66 12.28 80.16
CA VAL A 179 -35.97 12.45 79.52
C VAL A 179 -36.01 11.62 78.25
N THR A 180 -36.64 10.44 78.32
CA THR A 180 -36.76 9.52 77.19
C THR A 180 -38.21 9.53 76.70
N GLU A 181 -38.67 10.68 76.21
CA GLU A 181 -39.99 10.83 75.60
C GLU A 181 -39.85 11.24 74.14
N GLU A 182 -39.34 12.43 73.87
CA GLU A 182 -39.17 12.92 72.51
C GLU A 182 -37.97 12.29 71.80
N VAL A 183 -37.11 11.59 72.54
CA VAL A 183 -35.93 10.98 71.94
C VAL A 183 -36.28 9.85 70.98
N LYS A 184 -37.45 9.21 71.14
CA LYS A 184 -37.82 8.16 70.21
C LYS A 184 -38.41 8.71 68.93
N ALA A 185 -38.67 10.02 68.83
CA ALA A 185 -39.26 10.55 67.60
C ALA A 185 -38.34 10.36 66.42
N LEU A 186 -37.02 10.42 66.66
CA LEU A 186 -36.04 10.22 65.58
C LEU A 186 -36.11 8.80 65.06
N THR A 187 -36.53 7.84 65.91
CA THR A 187 -36.61 6.45 65.51
C THR A 187 -37.59 6.31 64.35
N ALA A 188 -38.66 7.13 64.37
CA ALA A 188 -39.65 7.06 63.31
C ALA A 188 -39.04 7.48 61.98
N GLU A 189 -38.11 8.44 62.00
CA GLU A 189 -37.37 8.74 60.78
C GLU A 189 -36.47 7.59 60.37
N ILE A 190 -35.79 6.98 61.34
CA ILE A 190 -34.82 5.93 61.05
C ILE A 190 -35.48 4.70 60.46
N VAL A 191 -36.67 4.34 60.93
CA VAL A 191 -37.34 3.19 60.34
C VAL A 191 -37.97 3.55 58.99
N LYS A 192 -38.49 4.79 58.86
CA LYS A 192 -39.01 5.22 57.56
C LYS A 192 -37.93 5.28 56.49
N THR A 193 -36.76 5.75 56.88
CA THR A 193 -35.64 5.77 55.93
C THR A 193 -35.21 4.35 55.62
N ILE A 194 -35.13 3.50 56.64
CA ILE A 194 -34.73 2.12 56.40
C ILE A 194 -35.74 1.42 55.50
N ARG A 195 -37.04 1.72 55.68
CA ARG A 195 -38.05 1.15 54.78
C ARG A 195 -37.89 1.63 53.35
N ASP A 196 -37.46 2.89 53.18
CA ASP A 196 -37.28 3.39 51.84
C ASP A 196 -36.07 2.77 51.19
N ILE A 197 -35.00 2.53 51.96
CA ILE A 197 -33.81 1.93 51.38
C ILE A 197 -34.13 0.50 50.96
N ILE A 198 -34.91 -0.22 51.77
CA ILE A 198 -35.17 -1.61 51.38
C ILE A 198 -36.28 -1.69 50.34
N ALA A 199 -37.11 -0.64 50.18
CA ALA A 199 -38.12 -0.68 49.13
C ALA A 199 -37.63 -0.25 47.76
N LEU A 200 -36.84 0.83 47.70
CA LEU A 200 -36.28 1.33 46.45
C LEU A 200 -34.97 0.66 46.05
N ASN A 201 -34.20 0.13 47.01
CA ASN A 201 -32.97 -0.62 46.73
C ASN A 201 -32.95 -1.89 47.59
N PRO A 202 -33.82 -2.87 47.29
CA PRO A 202 -33.86 -4.09 48.12
C PRO A 202 -32.53 -4.84 48.11
N LEU A 203 -32.15 -5.36 49.28
CA LEU A 203 -30.95 -6.18 49.43
C LEU A 203 -31.23 -7.49 50.16
N TYR A 204 -31.79 -7.41 51.37
CA TYR A 204 -32.19 -8.57 52.17
C TYR A 204 -33.69 -8.62 52.39
N ARG A 205 -34.12 -9.74 52.97
CA ARG A 205 -35.54 -10.00 53.25
C ARG A 205 -36.11 -9.03 54.29
N GLU A 206 -37.40 -8.72 54.11
CA GLU A 206 -38.14 -7.84 55.00
C GLU A 206 -38.68 -8.54 56.25
N SER A 207 -38.58 -9.87 56.35
CA SER A 207 -39.16 -10.58 57.50
C SER A 207 -38.50 -10.20 58.81
N VAL A 208 -37.19 -9.93 58.80
CA VAL A 208 -36.51 -9.53 60.03
C VAL A 208 -37.06 -8.21 60.55
N LEU A 209 -37.40 -7.30 59.63
CA LEU A 209 -38.05 -6.05 60.02
C LEU A 209 -39.44 -6.29 60.58
N GLN A 210 -40.19 -7.26 60.02
CA GLN A 210 -41.49 -7.60 60.57
C GLN A 210 -41.40 -8.20 61.98
N MET A 211 -40.30 -8.90 62.29
CA MET A 211 -40.21 -9.52 63.61
C MET A 211 -39.99 -8.47 64.69
N MET A 212 -39.11 -7.50 64.44
CA MET A 212 -38.71 -6.50 65.42
C MET A 212 -39.36 -5.20 64.94
N GLN A 213 -40.62 -5.03 65.34
CA GLN A 213 -41.43 -3.87 65.00
C GLN A 213 -41.41 -2.91 66.19
N ALA A 214 -41.54 -1.62 65.91
CA ALA A 214 -41.51 -0.62 66.98
C ALA A 214 -42.68 -0.76 67.94
N GLY A 215 -43.82 -1.29 67.48
CA GLY A 215 -44.97 -1.40 68.35
C GLY A 215 -44.93 -2.54 69.34
N GLN A 216 -44.01 -3.50 69.18
CA GLN A 216 -43.96 -4.64 70.08
C GLN A 216 -43.29 -4.33 71.42
N ARG A 217 -42.56 -3.20 71.54
CA ARG A 217 -41.81 -2.84 72.74
C ARG A 217 -40.77 -3.90 73.16
N VAL A 218 -40.32 -4.73 72.21
CA VAL A 218 -39.31 -5.75 72.45
C VAL A 218 -37.89 -5.26 72.20
N VAL A 219 -37.71 -3.99 71.82
CA VAL A 219 -36.40 -3.42 71.50
C VAL A 219 -35.68 -3.00 72.78
N ASP A 220 -35.14 -3.98 73.51
CA ASP A 220 -34.37 -3.68 74.71
C ASP A 220 -33.06 -2.97 74.41
N ASN A 221 -32.55 -3.07 73.18
CA ASN A 221 -31.24 -2.54 72.79
C ASN A 221 -31.37 -1.69 71.53
N PRO A 222 -31.92 -0.47 71.64
CA PRO A 222 -32.12 0.35 70.44
C PRO A 222 -30.83 0.63 69.70
N ILE A 223 -29.72 0.79 70.43
CA ILE A 223 -28.44 1.05 69.79
C ILE A 223 -28.04 -0.10 68.90
N TYR A 224 -28.38 -1.33 69.31
CA TYR A 224 -28.12 -2.49 68.48
C TYR A 224 -29.03 -2.51 67.26
N LEU A 225 -30.29 -2.06 67.40
CA LEU A 225 -31.15 -2.02 66.22
C LEU A 225 -30.67 -0.96 65.25
N SER A 226 -30.24 0.19 65.77
CA SER A 226 -29.70 1.23 64.90
C SER A 226 -28.40 0.80 64.26
N ASP A 227 -27.60 -0.02 64.95
CA ASP A 227 -26.37 -0.52 64.34
C ASP A 227 -26.70 -1.58 63.28
N MET A 228 -27.72 -2.39 63.51
CA MET A 228 -28.17 -3.32 62.46
C MET A 228 -28.67 -2.54 61.26
N GLY A 229 -29.33 -1.40 61.50
CA GLY A 229 -29.87 -0.62 60.40
C GLY A 229 -28.79 0.17 59.69
N ALA A 230 -27.77 0.62 60.43
CA ALA A 230 -26.61 1.22 59.78
C ALA A 230 -25.80 0.18 59.04
N ALA A 231 -25.93 -1.10 59.43
CA ALA A 231 -25.25 -2.17 58.70
C ALA A 231 -25.84 -2.35 57.30
N LEU A 232 -27.11 -2.00 57.12
CA LEU A 232 -27.73 -2.04 55.81
C LEU A 232 -27.14 -1.02 54.85
N THR A 233 -26.49 0.02 55.38
CA THR A 233 -25.88 1.05 54.57
C THR A 233 -24.75 0.46 53.73
N GLY A 234 -24.64 0.91 52.49
CA GLY A 234 -23.58 0.50 51.60
C GLY A 234 -22.29 1.28 51.78
N ALA A 235 -22.24 2.16 52.78
CA ALA A 235 -21.08 3.00 53.04
C ALA A 235 -19.84 2.16 53.30
N GLU A 236 -18.70 2.70 52.88
CA GLU A 236 -17.41 2.04 52.97
C GLU A 236 -17.06 1.74 54.42
N SER A 237 -16.26 0.69 54.62
CA SER A 237 -15.87 0.23 55.96
C SER A 237 -15.27 1.36 56.78
N HIS A 238 -14.53 2.26 56.13
CA HIS A 238 -13.93 3.39 56.83
C HIS A 238 -15.02 4.29 57.39
N GLU A 239 -16.13 4.44 56.67
CA GLU A 239 -17.26 5.20 57.20
C GLU A 239 -17.86 4.50 58.42
N LEU A 240 -17.82 3.17 58.45
CA LEU A 240 -18.28 2.47 59.64
C LEU A 240 -17.33 2.73 60.80
N GLN A 241 -16.02 2.75 60.50
CA GLN A 241 -15.03 3.01 61.54
C GLN A 241 -15.20 4.42 62.07
N ASP A 242 -15.58 5.36 61.20
CA ASP A 242 -15.85 6.73 61.63
C ASP A 242 -17.09 6.78 62.52
N VAL A 243 -18.08 5.93 62.23
CA VAL A 243 -19.27 5.91 63.09
C VAL A 243 -18.92 5.33 64.45
N LEU A 244 -17.99 4.36 64.48
CA LEU A 244 -17.51 3.83 65.75
C LEU A 244 -16.69 4.85 66.52
N GLU A 245 -15.95 5.72 65.82
CA GLU A 245 -15.16 6.74 66.52
C GLU A 245 -16.02 7.69 67.33
N GLU A 246 -17.23 7.98 66.86
CA GLU A 246 -18.13 8.83 67.63
C GLU A 246 -18.50 8.16 68.93
N THR A 247 -18.51 8.95 70.02
CA THR A 247 -18.92 8.49 71.33
C THR A 247 -20.31 8.97 71.74
N ASN A 248 -20.67 10.19 71.35
CA ASN A 248 -21.95 10.78 71.71
C ASN A 248 -23.06 10.14 70.86
N ILE A 249 -24.27 10.07 71.42
CA ILE A 249 -25.37 9.31 70.79
C ILE A 249 -25.98 10.07 69.62
N PRO A 250 -26.41 11.35 69.75
CA PRO A 250 -26.87 12.06 68.55
C PRO A 250 -25.82 12.16 67.48
N LYS A 251 -24.54 12.28 67.84
CA LYS A 251 -23.50 12.39 66.82
C LYS A 251 -23.41 11.12 65.97
N ARG A 252 -23.45 9.94 66.59
CA ARG A 252 -23.40 8.71 65.81
C ARG A 252 -24.69 8.51 65.02
N LEU A 253 -25.85 8.85 65.61
CA LEU A 253 -27.10 8.75 64.87
C LEU A 253 -27.10 9.72 63.69
N TYR A 254 -26.51 10.90 63.89
CA TYR A 254 -26.37 11.89 62.82
C TYR A 254 -25.48 11.41 61.70
N LYS A 255 -24.34 10.82 62.04
CA LYS A 255 -23.46 10.34 60.98
C LYS A 255 -24.08 9.15 60.27
N ALA A 256 -24.78 8.27 61.01
CA ALA A 256 -25.44 7.13 60.37
C ALA A 256 -26.59 7.60 59.47
N LEU A 257 -27.30 8.65 59.87
CA LEU A 257 -28.33 9.21 59.01
C LEU A 257 -27.72 9.85 57.77
N SER A 258 -26.60 10.54 57.92
CA SER A 258 -25.99 11.14 56.74
C SER A 258 -25.47 10.08 55.79
N LEU A 259 -25.00 8.94 56.34
CA LEU A 259 -24.65 7.80 55.49
C LEU A 259 -25.89 7.27 54.78
N LEU A 260 -27.04 7.30 55.46
CA LEU A 260 -28.26 6.80 54.82
C LEU A 260 -28.66 7.70 53.67
N LYS A 261 -28.63 9.01 53.86
CA LYS A 261 -28.94 9.90 52.76
C LYS A 261 -27.89 9.81 51.65
N LYS A 262 -26.62 9.59 51.99
CA LYS A 262 -25.59 9.49 50.96
C LYS A 262 -25.81 8.28 50.05
N GLU A 263 -26.09 7.13 50.66
CA GLU A 263 -26.41 5.96 49.84
C GLU A 263 -27.71 6.18 49.09
N PHE A 264 -28.64 6.93 49.68
CA PHE A 264 -29.89 7.16 48.97
C PHE A 264 -29.67 8.03 47.75
N GLU A 265 -28.72 8.96 47.82
CA GLU A 265 -28.41 9.79 46.66
C GLU A 265 -27.81 8.95 45.54
N LEU A 266 -26.79 8.15 45.89
CA LEU A 266 -26.13 7.36 44.87
C LEU A 266 -27.09 6.35 44.24
N SER A 267 -27.97 5.77 45.05
CA SER A 267 -28.90 4.79 44.52
C SER A 267 -29.94 5.46 43.62
N LYS A 268 -30.59 6.55 44.10
CA LYS A 268 -31.61 7.19 43.28
C LYS A 268 -31.04 7.71 41.98
N LEU A 269 -29.77 8.14 42.00
CA LEU A 269 -29.18 8.59 40.75
C LEU A 269 -29.02 7.43 39.79
N GLN A 270 -28.56 6.27 40.26
CA GLN A 270 -28.43 5.16 39.32
C GLN A 270 -29.78 4.68 38.82
N GLN A 271 -30.84 4.83 39.63
CA GLN A 271 -32.16 4.42 39.14
C GLN A 271 -32.72 5.44 38.15
N ARG A 272 -32.54 6.73 38.42
CA ARG A 272 -32.96 7.75 37.46
C ARG A 272 -32.21 7.56 36.15
N LEU A 273 -30.91 7.25 36.24
CA LEU A 273 -30.11 7.07 35.05
C LEU A 273 -30.55 5.82 34.29
N GLY A 274 -31.05 4.80 34.99
CA GLY A 274 -31.45 3.60 34.30
C GLY A 274 -32.77 3.80 33.59
N ARG A 275 -33.73 4.42 34.27
CA ARG A 275 -35.02 4.70 33.63
C ARG A 275 -34.81 5.64 32.44
N GLU A 276 -33.83 6.55 32.56
CA GLU A 276 -33.54 7.47 31.46
C GLU A 276 -33.04 6.72 30.25
N VAL A 277 -32.03 5.85 30.45
CA VAL A 277 -31.47 5.12 29.32
C VAL A 277 -32.51 4.22 28.68
N GLU A 278 -33.37 3.61 29.50
CA GLU A 278 -34.41 2.76 28.94
C GLU A 278 -35.38 3.58 28.10
N GLU A 279 -35.81 4.72 28.64
CA GLU A 279 -36.68 5.60 27.88
C GLU A 279 -36.02 6.11 26.62
N LYS A 280 -34.71 6.34 26.63
CA LYS A 280 -34.07 6.78 25.41
C LYS A 280 -34.09 5.67 24.37
N ILE A 281 -34.05 4.41 24.81
CA ILE A 281 -34.20 3.32 23.83
C ILE A 281 -35.61 3.33 23.27
N LYS A 282 -36.61 3.58 24.13
CA LYS A 282 -37.98 3.64 23.62
C LYS A 282 -38.19 4.85 22.73
N GLN A 283 -37.64 6.00 23.09
CA GLN A 283 -37.74 7.17 22.22
C GLN A 283 -37.07 6.93 20.87
N THR A 284 -36.10 6.01 20.83
CA THR A 284 -35.48 5.66 19.57
C THR A 284 -36.40 4.72 18.78
N HIS A 285 -36.64 3.51 19.32
CA HIS A 285 -37.34 2.46 18.58
C HIS A 285 -38.82 2.78 18.29
N ARG A 286 -39.50 3.55 19.14
CA ARG A 286 -40.95 3.73 18.91
C ARG A 286 -41.18 4.48 17.62
N LYS A 287 -40.39 5.52 17.36
CA LYS A 287 -40.51 6.19 16.07
C LYS A 287 -40.19 5.23 14.94
N TYR A 288 -39.33 4.23 15.19
CA TYR A 288 -39.12 3.22 14.16
C TYR A 288 -40.40 2.44 13.91
N LEU A 289 -41.14 2.10 14.96
CA LEU A 289 -42.42 1.41 14.71
C LEU A 289 -43.35 2.31 13.90
N LEU A 290 -43.32 3.62 14.17
CA LEU A 290 -44.10 4.54 13.34
C LEU A 290 -43.60 4.57 11.90
N GLN A 291 -42.29 4.48 11.69
CA GLN A 291 -41.79 4.32 10.33
C GLN A 291 -42.19 2.99 9.76
N GLU A 292 -42.26 1.96 10.58
CA GLU A 292 -42.63 0.64 10.09
C GLU A 292 -44.08 0.66 9.63
N GLN A 293 -44.93 1.37 10.35
CA GLN A 293 -46.29 1.55 9.85
C GLN A 293 -46.28 2.35 8.56
N LEU A 294 -45.39 3.35 8.46
CA LEU A 294 -45.34 4.17 7.26
C LEU A 294 -44.98 3.31 6.05
N LYS A 295 -44.07 2.36 6.25
CA LYS A 295 -43.66 1.51 5.14
C LYS A 295 -44.74 0.48 4.83
N ILE A 296 -45.34 -0.13 5.87
CA ILE A 296 -46.34 -1.17 5.60
C ILE A 296 -47.58 -0.57 4.95
N ILE A 297 -47.91 0.70 5.25
CA ILE A 297 -49.04 1.34 4.58
C ILE A 297 -48.62 1.85 3.21
N LYS A 298 -47.38 2.31 3.07
CA LYS A 298 -46.90 2.65 1.73
C LYS A 298 -46.83 1.44 0.83
N LYS A 299 -46.68 0.23 1.39
CA LYS A 299 -46.56 -0.98 0.59
C LYS A 299 -47.90 -1.71 0.42
N GLU A 300 -48.41 -2.33 1.50
CA GLU A 300 -49.61 -3.14 1.37
C GLU A 300 -50.83 -2.32 0.98
N LEU A 301 -50.90 -1.06 1.42
CA LEU A 301 -51.99 -0.16 1.07
C LEU A 301 -51.49 1.03 0.27
N GLY A 302 -50.21 1.05 -0.07
CA GLY A 302 -49.68 2.00 -1.01
C GLY A 302 -49.70 1.28 -2.33
N LEU A 303 -50.89 1.03 -2.86
CA LEU A 303 -51.03 0.27 -4.09
C LEU A 303 -50.28 0.95 -5.22
N GLU A 304 -49.47 0.17 -5.94
CA GLU A 304 -48.70 0.72 -7.03
C GLU A 304 -48.56 -0.27 -8.19
N LYS A 305 -47.44 -1.03 -8.27
CA LYS A 305 -47.28 -1.93 -9.40
C LYS A 305 -46.48 -3.20 -9.07
N ASP A 306 -46.48 -3.64 -7.80
CA ASP A 306 -45.78 -4.85 -7.35
C ASP A 306 -44.31 -4.84 -7.79
N ASP A 307 -43.55 -3.98 -7.11
CA ASP A 307 -42.27 -3.53 -7.64
C ASP A 307 -41.29 -4.66 -7.92
N LYS A 308 -41.23 -5.67 -7.05
CA LYS A 308 -40.26 -6.73 -7.30
C LYS A 308 -40.67 -7.56 -8.50
N ASP A 309 -41.95 -7.92 -8.58
CA ASP A 309 -42.42 -8.65 -9.75
C ASP A 309 -42.30 -7.80 -10.98
N ALA A 310 -42.47 -6.49 -10.85
CA ALA A 310 -42.24 -5.61 -11.99
C ALA A 310 -40.80 -5.70 -12.44
N ILE A 311 -39.86 -5.76 -11.49
CA ILE A 311 -38.45 -5.87 -11.85
C ILE A 311 -38.19 -7.18 -12.55
N GLU A 312 -38.73 -8.26 -11.99
CA GLU A 312 -38.53 -9.58 -12.56
C GLU A 312 -39.05 -9.63 -13.99
N GLU A 313 -40.31 -9.21 -14.19
CA GLU A 313 -40.90 -9.27 -15.52
C GLU A 313 -40.19 -8.34 -16.47
N LYS A 314 -39.73 -7.19 -15.97
CA LYS A 314 -39.04 -6.22 -16.81
C LYS A 314 -37.74 -6.80 -17.33
N PHE A 315 -36.96 -7.42 -16.45
CA PHE A 315 -35.72 -8.02 -16.91
C PHE A 315 -35.98 -9.21 -17.80
N ARG A 316 -37.06 -9.96 -17.58
CA ARG A 316 -37.35 -11.07 -18.48
C ARG A 316 -37.64 -10.56 -19.89
N GLU A 317 -38.54 -9.59 -20.03
CA GLU A 317 -38.82 -9.06 -21.37
C GLU A 317 -37.60 -8.39 -21.98
N ARG A 318 -36.74 -7.81 -21.15
CA ARG A 318 -35.52 -7.20 -21.67
C ARG A 318 -34.60 -8.23 -22.31
N LEU A 319 -34.57 -9.44 -21.79
CA LEU A 319 -33.80 -10.52 -22.40
C LEU A 319 -34.52 -11.22 -23.53
N LYS A 320 -35.76 -10.85 -23.84
CA LYS A 320 -36.65 -11.68 -24.67
C LYS A 320 -36.09 -12.02 -26.05
N GLU A 321 -35.31 -11.13 -26.68
CA GLU A 321 -34.96 -11.29 -28.10
C GLU A 321 -33.49 -11.59 -28.37
N LEU A 322 -32.61 -11.46 -27.38
CA LEU A 322 -31.20 -11.74 -27.61
C LEU A 322 -30.92 -13.24 -27.59
N VAL A 323 -29.89 -13.64 -28.32
CA VAL A 323 -29.44 -15.02 -28.34
C VAL A 323 -28.53 -15.18 -27.13
N VAL A 324 -29.12 -15.48 -25.99
CA VAL A 324 -28.39 -15.50 -24.73
C VAL A 324 -27.58 -16.79 -24.57
N PRO A 325 -26.27 -16.76 -24.36
CA PRO A 325 -25.55 -17.99 -24.03
C PRO A 325 -25.95 -18.57 -22.69
N LYS A 326 -25.84 -19.90 -22.60
CA LYS A 326 -26.35 -20.63 -21.45
C LYS A 326 -25.71 -20.19 -20.14
N HIS A 327 -24.43 -19.81 -20.16
CA HIS A 327 -23.71 -19.44 -18.94
C HIS A 327 -24.41 -18.27 -18.28
N VAL A 328 -24.53 -17.18 -19.03
CA VAL A 328 -25.14 -15.99 -18.50
C VAL A 328 -26.60 -16.25 -18.16
N MET A 329 -27.23 -17.16 -18.89
CA MET A 329 -28.63 -17.44 -18.64
C MET A 329 -28.81 -18.04 -17.25
N ASP A 330 -28.06 -19.10 -16.93
CA ASP A 330 -28.28 -19.72 -15.63
C ASP A 330 -27.85 -18.78 -14.51
N VAL A 331 -26.79 -18.00 -14.74
CA VAL A 331 -26.38 -17.09 -13.68
C VAL A 331 -27.45 -16.04 -13.46
N VAL A 332 -28.09 -15.57 -14.53
CA VAL A 332 -29.14 -14.59 -14.35
C VAL A 332 -30.31 -15.20 -13.60
N ASP A 333 -30.59 -16.48 -13.82
CA ASP A 333 -31.71 -17.09 -13.11
C ASP A 333 -31.40 -17.21 -11.62
N GLU A 334 -30.20 -17.69 -11.29
CA GLU A 334 -29.83 -17.80 -9.90
C GLU A 334 -29.83 -16.43 -9.23
N GLU A 335 -29.36 -15.42 -9.96
CA GLU A 335 -29.38 -14.08 -9.40
C GLU A 335 -30.78 -13.59 -9.21
N LEU A 336 -31.71 -13.99 -10.06
CA LEU A 336 -33.09 -13.56 -9.86
C LEU A 336 -33.67 -14.16 -8.60
N SER A 337 -33.32 -15.41 -8.30
CA SER A 337 -33.76 -15.97 -7.03
C SER A 337 -33.17 -15.19 -5.86
N LYS A 338 -31.88 -14.86 -5.97
CA LYS A 338 -31.21 -14.09 -4.93
C LYS A 338 -31.89 -12.73 -4.77
N LEU A 339 -32.35 -12.16 -5.88
CA LEU A 339 -33.09 -10.92 -5.81
C LEU A 339 -34.39 -11.12 -5.07
N GLY A 340 -35.02 -12.27 -5.27
CA GLY A 340 -36.30 -12.50 -4.63
C GLY A 340 -36.21 -12.58 -3.13
N LEU A 341 -35.13 -13.18 -2.62
CA LEU A 341 -35.07 -13.41 -1.18
C LEU A 341 -34.98 -12.10 -0.39
N LEU A 342 -34.16 -11.16 -0.85
CA LEU A 342 -33.76 -10.05 -0.01
C LEU A 342 -34.84 -8.97 0.10
N ASP A 343 -34.74 -8.19 1.18
CA ASP A 343 -35.59 -7.02 1.41
C ASP A 343 -35.27 -5.91 0.43
N ASN A 344 -36.25 -5.04 0.22
CA ASN A 344 -36.22 -4.12 -0.90
C ASN A 344 -35.28 -2.92 -0.75
N HIS A 345 -34.76 -2.62 0.46
CA HIS A 345 -33.89 -1.45 0.67
C HIS A 345 -32.51 -1.75 1.24
N SER A 346 -32.25 -2.96 1.70
CA SER A 346 -30.91 -3.29 2.17
C SER A 346 -29.91 -3.18 1.03
N SER A 347 -28.67 -2.86 1.39
CA SER A 347 -27.65 -2.57 0.39
C SER A 347 -27.38 -3.76 -0.51
N GLU A 348 -27.48 -4.98 0.02
CA GLU A 348 -27.23 -6.15 -0.80
C GLU A 348 -28.26 -6.27 -1.90
N PHE A 349 -29.51 -5.91 -1.60
CA PHE A 349 -30.52 -5.90 -2.65
C PHE A 349 -30.18 -4.86 -3.71
N ASN A 350 -29.64 -3.73 -3.30
CA ASN A 350 -29.29 -2.74 -4.29
C ASN A 350 -28.13 -3.18 -5.16
N VAL A 351 -27.11 -3.78 -4.54
CA VAL A 351 -25.97 -4.26 -5.33
C VAL A 351 -26.44 -5.30 -6.31
N THR A 352 -27.40 -6.12 -5.90
CA THR A 352 -27.86 -7.16 -6.78
C THR A 352 -28.59 -6.57 -7.96
N ARG A 353 -29.52 -5.63 -7.72
CA ARG A 353 -30.24 -5.05 -8.84
C ARG A 353 -29.29 -4.34 -9.77
N ASN A 354 -28.28 -3.69 -9.22
CA ASN A 354 -27.34 -2.98 -10.07
C ASN A 354 -26.58 -3.96 -10.94
N TYR A 355 -26.13 -5.07 -10.38
CA TYR A 355 -25.40 -6.03 -11.20
C TYR A 355 -26.28 -6.62 -12.26
N LEU A 356 -27.48 -6.96 -11.89
CA LEU A 356 -28.34 -7.62 -12.84
C LEU A 356 -28.73 -6.67 -13.98
N ASP A 357 -28.84 -5.38 -13.68
CA ASP A 357 -29.10 -4.40 -14.72
C ASP A 357 -27.91 -4.30 -15.64
N TRP A 358 -26.72 -4.16 -15.08
CA TRP A 358 -25.55 -4.07 -15.93
C TRP A 358 -25.36 -5.31 -16.78
N LEU A 359 -25.83 -6.46 -16.30
CA LEU A 359 -25.67 -7.70 -17.06
C LEU A 359 -26.64 -7.80 -18.21
N THR A 360 -27.92 -7.56 -17.96
CA THR A 360 -28.85 -7.67 -19.07
C THR A 360 -28.67 -6.59 -20.11
N SER A 361 -28.08 -5.47 -19.76
CA SER A 361 -27.95 -4.38 -20.71
C SER A 361 -27.00 -4.70 -21.85
N ILE A 362 -26.05 -5.61 -21.65
CA ILE A 362 -25.03 -5.89 -22.68
C ILE A 362 -25.73 -6.51 -23.89
N PRO A 363 -25.34 -6.22 -25.12
CA PRO A 363 -25.84 -7.05 -26.21
C PRO A 363 -25.35 -8.46 -26.05
N TRP A 364 -26.19 -9.42 -26.45
CA TRP A 364 -25.88 -10.85 -26.38
C TRP A 364 -26.18 -11.42 -27.74
N GLY A 365 -25.20 -11.40 -28.62
CA GLY A 365 -25.37 -11.94 -29.93
C GLY A 365 -26.02 -11.02 -30.93
N LYS A 366 -26.31 -9.77 -30.59
CA LYS A 366 -26.72 -8.83 -31.60
C LYS A 366 -25.52 -8.46 -32.47
N TYR A 367 -25.76 -8.30 -33.77
CA TYR A 367 -24.71 -8.06 -34.75
C TYR A 367 -25.20 -7.00 -35.70
N SER A 368 -24.67 -5.79 -35.62
CA SER A 368 -25.05 -4.77 -36.58
C SER A 368 -24.69 -5.23 -37.97
N ASN A 369 -25.63 -5.09 -38.90
CA ASN A 369 -25.43 -5.66 -40.22
C ASN A 369 -24.33 -4.89 -40.94
N GLU A 370 -23.45 -5.63 -41.60
CA GLU A 370 -22.32 -5.03 -42.30
C GLU A 370 -22.69 -4.66 -43.73
N ASN A 371 -21.92 -3.74 -44.30
CA ASN A 371 -22.06 -3.42 -45.71
C ASN A 371 -21.45 -4.54 -46.54
N LEU A 372 -21.95 -4.66 -47.76
CA LEU A 372 -21.56 -5.68 -48.71
C LEU A 372 -21.04 -5.12 -50.02
N ASP A 373 -21.66 -4.07 -50.56
CA ASP A 373 -21.25 -3.53 -51.85
C ASP A 373 -19.83 -3.01 -51.78
N LEU A 374 -19.02 -3.38 -52.77
CA LEU A 374 -17.63 -2.94 -52.74
C LEU A 374 -17.46 -1.56 -53.33
N ALA A 375 -18.18 -1.25 -54.41
CA ALA A 375 -18.04 0.08 -55.02
C ALA A 375 -18.41 1.17 -54.04
N ARG A 376 -19.41 0.92 -53.20
CA ARG A 376 -19.79 1.92 -52.23
C ARG A 376 -18.68 2.14 -51.22
N ALA A 377 -18.07 1.05 -50.74
CA ALA A 377 -16.99 1.19 -49.78
C ALA A 377 -15.83 1.93 -50.39
N GLN A 378 -15.56 1.68 -51.67
CA GLN A 378 -14.47 2.38 -52.33
C GLN A 378 -14.78 3.86 -52.42
N ALA A 379 -16.01 4.21 -52.76
CA ALA A 379 -16.35 5.61 -52.91
C ALA A 379 -16.27 6.34 -51.57
N VAL A 380 -16.81 5.74 -50.51
CA VAL A 380 -16.81 6.43 -49.23
C VAL A 380 -15.40 6.56 -48.70
N LEU A 381 -14.56 5.56 -48.91
CA LEU A 381 -13.19 5.68 -48.45
C LEU A 381 -12.44 6.73 -49.24
N GLU A 382 -12.74 6.89 -50.52
CA GLU A 382 -12.03 7.87 -51.32
C GLU A 382 -12.61 9.26 -51.18
N GLU A 383 -13.78 9.40 -50.58
CA GLU A 383 -14.40 10.71 -50.52
C GLU A 383 -13.64 11.67 -49.62
N ASP A 384 -12.90 11.17 -48.62
CA ASP A 384 -12.45 12.00 -47.52
C ASP A 384 -11.00 11.82 -47.13
N HIS A 385 -10.17 11.17 -47.94
CA HIS A 385 -8.77 10.98 -47.61
C HIS A 385 -8.01 10.75 -48.92
N TYR A 386 -7.33 11.78 -49.41
CA TYR A 386 -6.50 11.59 -50.58
C TYR A 386 -5.23 10.85 -50.22
N GLY A 387 -4.76 10.03 -51.13
CA GLY A 387 -3.52 9.30 -50.93
C GLY A 387 -3.68 8.09 -50.04
N MET A 388 -2.55 7.63 -49.51
CA MET A 388 -2.43 6.43 -48.67
C MET A 388 -3.19 5.25 -49.27
N GLU A 389 -2.69 4.82 -50.42
CA GLU A 389 -3.36 3.72 -51.11
C GLU A 389 -3.31 2.42 -50.33
N ASP A 390 -2.27 2.19 -49.53
CA ASP A 390 -2.11 0.86 -48.98
C ASP A 390 -3.22 0.50 -48.00
N VAL A 391 -3.60 1.44 -47.12
CA VAL A 391 -4.63 1.12 -46.15
C VAL A 391 -5.95 0.93 -46.85
N LYS A 392 -6.22 1.71 -47.89
CA LYS A 392 -7.44 1.50 -48.63
C LYS A 392 -7.42 0.13 -49.28
N LYS A 393 -6.26 -0.32 -49.76
CA LYS A 393 -6.23 -1.65 -50.33
C LYS A 393 -6.49 -2.70 -49.27
N ARG A 394 -5.93 -2.54 -48.08
CA ARG A 394 -6.15 -3.56 -47.07
C ARG A 394 -7.60 -3.63 -46.67
N ILE A 395 -8.30 -2.49 -46.61
CA ILE A 395 -9.71 -2.54 -46.21
C ILE A 395 -10.58 -3.05 -47.34
N LEU A 396 -10.29 -2.71 -48.60
CA LEU A 396 -11.03 -3.36 -49.67
C LEU A 396 -10.88 -4.86 -49.58
N GLU A 397 -9.66 -5.32 -49.35
CA GLU A 397 -9.42 -6.74 -49.27
C GLU A 397 -10.13 -7.36 -48.08
N PHE A 398 -10.23 -6.63 -46.98
CA PHE A 398 -10.94 -7.14 -45.83
C PHE A 398 -12.39 -7.34 -46.15
N ILE A 399 -13.02 -6.33 -46.77
CA ILE A 399 -14.44 -6.46 -47.07
C ILE A 399 -14.67 -7.64 -47.97
N ALA A 400 -13.82 -7.81 -48.97
CA ALA A 400 -14.01 -8.90 -49.90
C ALA A 400 -13.91 -10.24 -49.19
N VAL A 401 -12.83 -10.46 -48.45
CA VAL A 401 -12.61 -11.77 -47.87
C VAL A 401 -13.69 -12.08 -46.83
N SER A 402 -14.15 -11.07 -46.11
CA SER A 402 -15.16 -11.34 -45.11
C SER A 402 -16.49 -11.68 -45.74
N GLN A 403 -16.85 -11.00 -46.82
CA GLN A 403 -18.09 -11.36 -47.51
C GLN A 403 -17.98 -12.73 -48.13
N LEU A 404 -16.78 -13.12 -48.55
CA LEU A 404 -16.65 -14.35 -49.30
C LEU A 404 -16.85 -15.57 -48.42
N ARG A 405 -16.42 -15.51 -47.17
CA ARG A 405 -16.52 -16.64 -46.24
C ARG A 405 -17.62 -16.37 -45.21
N GLY A 406 -18.86 -16.28 -45.65
CA GLY A 406 -19.99 -16.21 -44.73
C GLY A 406 -19.95 -15.05 -43.75
N SER A 407 -20.10 -15.37 -42.47
CA SER A 407 -20.27 -14.37 -41.44
C SER A 407 -18.97 -13.59 -41.20
N THR A 408 -19.14 -12.38 -40.67
CA THR A 408 -18.01 -11.49 -40.46
C THR A 408 -17.01 -12.03 -39.44
N GLN A 409 -15.73 -11.72 -39.67
CA GLN A 409 -14.64 -12.03 -38.74
C GLN A 409 -13.77 -10.81 -38.53
N GLY A 410 -13.14 -10.74 -37.35
CA GLY A 410 -12.42 -9.55 -36.92
C GLY A 410 -10.93 -9.69 -36.71
N LYS A 411 -10.12 -8.97 -37.48
CA LYS A 411 -8.68 -9.04 -37.42
C LYS A 411 -8.11 -7.75 -36.86
N ILE A 412 -7.14 -7.88 -35.97
CA ILE A 412 -6.40 -6.74 -35.48
C ILE A 412 -5.56 -6.20 -36.61
N LEU A 413 -5.22 -4.92 -36.55
CA LEU A 413 -4.20 -4.38 -37.43
C LEU A 413 -3.76 -3.06 -36.84
N CYS A 414 -2.54 -2.65 -37.16
CA CYS A 414 -1.84 -1.63 -36.37
C CYS A 414 -1.07 -0.67 -37.28
N PHE A 415 -1.65 0.48 -37.55
CA PHE A 415 -0.96 1.48 -38.36
C PHE A 415 0.21 2.08 -37.59
N TYR A 416 1.20 2.57 -38.34
CA TYR A 416 2.28 3.31 -37.70
C TYR A 416 3.03 4.11 -38.74
N GLY A 417 3.62 5.22 -38.29
CA GLY A 417 4.33 6.12 -39.16
C GLY A 417 4.63 7.47 -38.54
N PRO A 418 5.19 8.38 -39.33
CA PRO A 418 5.53 9.70 -38.81
C PRO A 418 4.29 10.44 -38.36
N PRO A 419 4.39 11.26 -37.32
CA PRO A 419 3.19 11.93 -36.79
C PRO A 419 2.54 12.86 -37.79
N GLY A 420 1.22 12.95 -37.71
CA GLY A 420 0.48 13.86 -38.55
C GLY A 420 0.18 13.37 -39.94
N VAL A 421 0.34 12.08 -40.22
CA VAL A 421 0.08 11.58 -41.55
C VAL A 421 -1.38 11.28 -41.82
N GLY A 422 -2.24 11.31 -40.80
CA GLY A 422 -3.63 10.91 -40.92
C GLY A 422 -3.98 9.59 -40.27
N LYS A 423 -3.12 9.06 -39.41
CA LYS A 423 -3.36 7.75 -38.84
C LYS A 423 -4.62 7.70 -38.00
N THR A 424 -5.01 8.82 -37.37
CA THR A 424 -6.14 8.80 -36.45
C THR A 424 -7.43 9.26 -37.10
N SER A 425 -7.36 10.10 -38.12
CA SER A 425 -8.54 10.64 -38.76
C SER A 425 -9.11 9.74 -39.83
N ILE A 426 -8.51 8.58 -40.06
CA ILE A 426 -9.05 7.62 -41.00
C ILE A 426 -10.02 6.68 -40.36
N ALA A 427 -9.85 6.39 -39.07
CA ALA A 427 -10.69 5.40 -38.39
C ALA A 427 -12.15 5.68 -38.60
N ARG A 428 -12.58 6.92 -38.32
CA ARG A 428 -13.98 7.28 -38.46
C ARG A 428 -14.46 6.95 -39.86
N SER A 429 -13.70 7.35 -40.87
CA SER A 429 -14.15 7.12 -42.23
C SER A 429 -14.29 5.64 -42.52
N ILE A 430 -13.35 4.82 -42.02
CA ILE A 430 -13.46 3.39 -42.20
C ILE A 430 -14.77 2.92 -41.59
N ALA A 431 -15.02 3.33 -40.35
CA ALA A 431 -16.22 2.87 -39.65
C ALA A 431 -17.48 3.30 -40.37
N ARG A 432 -17.42 4.39 -41.13
CA ARG A 432 -18.57 4.81 -41.88
C ARG A 432 -18.79 3.94 -43.10
N ALA A 433 -17.70 3.53 -43.77
CA ALA A 433 -17.90 2.71 -44.96
C ALA A 433 -18.21 1.29 -44.59
N LEU A 434 -17.44 0.73 -43.69
CA LEU A 434 -17.59 -0.65 -43.29
C LEU A 434 -18.86 -0.85 -42.46
N ASN A 435 -19.41 0.22 -41.91
CA ASN A 435 -20.75 0.37 -41.32
C ASN A 435 -20.89 -0.15 -39.89
N ARG A 436 -19.87 -0.71 -39.27
CA ARG A 436 -20.00 -1.04 -37.85
C ARG A 436 -19.79 0.21 -36.99
N GLU A 437 -20.37 0.19 -35.78
CA GLU A 437 -20.32 1.33 -34.86
C GLU A 437 -18.90 1.62 -34.40
N TYR A 438 -18.62 2.90 -34.15
CA TYR A 438 -17.28 3.38 -33.82
C TYR A 438 -17.15 3.75 -32.35
N PHE A 439 -15.95 3.58 -31.79
CA PHE A 439 -15.70 4.01 -30.41
C PHE A 439 -14.20 4.06 -30.21
N ARG A 440 -13.66 5.25 -30.00
CA ARG A 440 -12.24 5.36 -29.70
C ARG A 440 -11.99 5.09 -28.24
N PHE A 441 -10.74 4.86 -27.92
CA PHE A 441 -10.38 4.42 -26.57
C PHE A 441 -8.94 4.85 -26.36
N SER A 442 -8.74 6.01 -25.78
CA SER A 442 -7.37 6.45 -25.55
C SER A 442 -6.74 5.57 -24.50
N VAL A 443 -5.46 5.26 -24.67
CA VAL A 443 -4.70 4.56 -23.64
C VAL A 443 -3.36 5.25 -23.39
N GLY A 444 -3.10 6.40 -24.03
CA GLY A 444 -1.82 7.04 -23.83
C GLY A 444 -1.62 7.45 -22.39
N GLY A 445 -0.53 7.02 -21.78
CA GLY A 445 -0.24 7.42 -20.44
C GLY A 445 -1.02 6.71 -19.38
N MET A 446 -1.90 5.78 -19.76
CA MET A 446 -2.70 5.05 -18.80
C MET A 446 -1.79 4.21 -17.91
N THR A 447 -2.15 4.10 -16.67
CA THR A 447 -1.39 3.33 -15.70
C THR A 447 -2.23 2.37 -14.88
N ASP A 448 -3.41 2.78 -14.46
CA ASP A 448 -4.24 1.94 -13.61
C ASP A 448 -4.90 0.86 -14.44
N VAL A 449 -4.55 -0.40 -14.17
CA VAL A 449 -5.10 -1.50 -14.96
C VAL A 449 -6.60 -1.61 -14.82
N ALA A 450 -7.17 -1.09 -13.73
CA ALA A 450 -8.60 -1.25 -13.47
C ALA A 450 -9.45 -0.69 -14.58
N GLU A 451 -8.93 0.28 -15.33
CA GLU A 451 -9.71 0.88 -16.41
C GLU A 451 -10.06 -0.13 -17.47
N ILE A 452 -9.17 -1.09 -17.75
CA ILE A 452 -9.51 -2.12 -18.72
C ILE A 452 -10.21 -3.31 -18.06
N LYS A 453 -10.21 -3.40 -16.73
CA LYS A 453 -10.72 -4.58 -16.05
C LYS A 453 -11.69 -4.31 -14.91
N GLY A 454 -12.07 -3.07 -14.68
CA GLY A 454 -13.08 -2.84 -13.67
C GLY A 454 -12.59 -3.13 -12.27
N HIS A 455 -13.54 -3.43 -11.39
CA HIS A 455 -13.29 -3.74 -10.01
C HIS A 455 -14.06 -4.99 -9.63
N ARG A 456 -13.97 -5.39 -8.38
CA ARG A 456 -14.45 -6.70 -7.95
C ARG A 456 -15.94 -6.81 -7.73
N ARG A 457 -16.70 -5.72 -7.79
CA ARG A 457 -18.14 -5.59 -7.59
C ARG A 457 -18.53 -5.67 -6.12
N THR A 458 -17.64 -6.07 -5.22
CA THR A 458 -17.93 -6.05 -3.80
C THR A 458 -17.54 -4.74 -3.13
N TYR A 459 -16.58 -4.01 -3.70
CA TYR A 459 -16.23 -2.70 -3.18
C TYR A 459 -17.37 -1.73 -3.38
N VAL A 460 -17.43 -0.72 -2.51
CA VAL A 460 -18.45 0.29 -2.71
C VAL A 460 -18.18 1.02 -4.00
N GLY A 461 -19.23 1.24 -4.78
CA GLY A 461 -19.14 2.04 -5.98
C GLY A 461 -18.45 1.40 -7.16
N ALA A 462 -18.21 0.09 -7.13
CA ALA A 462 -17.47 -0.55 -8.20
C ALA A 462 -18.23 -0.46 -9.52
N MET A 463 -17.49 -0.32 -10.61
CA MET A 463 -18.05 -0.25 -11.95
C MET A 463 -17.23 -1.08 -12.93
N PRO A 464 -17.87 -1.63 -13.96
CA PRO A 464 -17.16 -2.52 -14.88
C PRO A 464 -16.13 -1.78 -15.69
N GLY A 465 -15.12 -2.53 -16.13
CA GLY A 465 -14.07 -1.99 -16.97
C GLY A 465 -14.58 -1.20 -18.16
N LYS A 466 -13.72 -0.44 -18.80
CA LYS A 466 -14.22 0.51 -19.79
C LYS A 466 -14.79 -0.18 -21.04
N ILE A 467 -14.28 -1.34 -21.42
CA ILE A 467 -14.71 -1.96 -22.66
C ILE A 467 -16.18 -2.35 -22.58
N ILE A 468 -16.64 -2.79 -21.42
CA ILE A 468 -18.05 -3.12 -21.31
C ILE A 468 -18.89 -1.88 -21.41
N GLN A 469 -18.39 -0.73 -20.98
CA GLN A 469 -19.14 0.48 -21.26
C GLN A 469 -19.24 0.69 -22.75
N CYS A 470 -18.18 0.37 -23.48
CA CYS A 470 -18.25 0.54 -24.91
C CYS A 470 -19.30 -0.36 -25.53
N LEU A 471 -19.41 -1.58 -25.04
CA LEU A 471 -20.41 -2.47 -25.61
C LEU A 471 -21.80 -1.98 -25.25
N LYS A 472 -22.01 -1.63 -23.98
CA LYS A 472 -23.35 -1.22 -23.58
C LYS A 472 -23.77 0.05 -24.28
N LYS A 473 -22.83 0.92 -24.64
CA LYS A 473 -23.18 2.17 -25.30
C LYS A 473 -23.34 2.01 -26.80
N THR A 474 -22.42 1.29 -27.47
CA THR A 474 -22.60 1.03 -28.89
C THR A 474 -23.75 0.08 -29.14
N LYS A 475 -24.09 -0.74 -28.16
CA LYS A 475 -25.26 -1.61 -28.22
C LYS A 475 -25.13 -2.62 -29.35
N THR A 476 -23.92 -3.07 -29.67
CA THR A 476 -23.69 -4.10 -30.67
C THR A 476 -22.39 -4.79 -30.36
N GLU A 477 -22.29 -6.08 -30.67
CA GLU A 477 -21.11 -6.84 -30.28
C GLU A 477 -19.96 -6.76 -31.27
N ASN A 478 -20.06 -6.00 -32.36
CA ASN A 478 -18.94 -5.88 -33.30
C ASN A 478 -18.64 -4.42 -33.63
N PRO A 479 -18.18 -3.66 -32.66
CA PRO A 479 -17.73 -2.29 -32.92
C PRO A 479 -16.30 -2.24 -33.42
N LEU A 480 -15.92 -1.07 -33.91
CA LEU A 480 -14.58 -0.80 -34.40
C LEU A 480 -13.76 -0.09 -33.33
N ILE A 481 -13.50 -0.79 -32.24
CA ILE A 481 -12.71 -0.19 -31.17
C ILE A 481 -11.40 0.28 -31.74
N LEU A 482 -10.94 1.44 -31.32
CA LEU A 482 -9.72 2.03 -31.84
C LEU A 482 -8.88 2.40 -30.65
N ILE A 483 -8.02 1.49 -30.21
CA ILE A 483 -7.04 1.85 -29.21
C ILE A 483 -6.12 2.87 -29.86
N ASP A 484 -5.52 3.74 -29.07
CA ASP A 484 -4.74 4.84 -29.63
C ASP A 484 -3.46 5.08 -28.84
N GLU A 485 -2.39 5.37 -29.57
CA GLU A 485 -1.07 5.60 -29.00
C GLU A 485 -0.65 4.44 -28.11
N VAL A 486 -0.54 3.26 -28.71
CA VAL A 486 -0.30 2.05 -27.93
C VAL A 486 1.03 2.10 -27.22
N ASP A 487 1.99 2.81 -27.77
CA ASP A 487 3.33 2.67 -27.26
C ASP A 487 3.61 3.45 -25.99
N LYS A 488 2.73 4.33 -25.55
CA LYS A 488 3.00 5.19 -24.42
C LYS A 488 2.55 4.59 -23.10
N ILE A 489 2.14 3.32 -23.06
CA ILE A 489 1.63 2.75 -21.82
C ILE A 489 2.73 2.75 -20.77
N GLY A 490 2.34 3.01 -19.52
CA GLY A 490 3.33 3.19 -18.47
C GLY A 490 3.94 1.93 -17.89
N ARG A 491 3.19 0.82 -17.88
CA ARG A 491 3.58 -0.51 -17.36
C ARG A 491 4.50 -0.49 -16.12
N GLY A 492 3.99 0.11 -15.04
CA GLY A 492 4.70 0.19 -13.75
C GLY A 492 4.01 -0.49 -12.58
N TYR A 493 4.06 0.18 -11.42
CA TYR A 493 3.75 -0.45 -10.15
C TYR A 493 2.33 -0.96 -10.11
N GLN A 494 2.14 -2.14 -9.50
CA GLN A 494 0.82 -2.67 -9.13
C GLN A 494 -0.18 -2.88 -10.27
N GLY A 495 0.18 -2.53 -11.50
CA GLY A 495 -0.63 -2.60 -12.68
C GLY A 495 -0.06 -3.62 -13.65
N ASP A 496 0.71 -3.09 -14.62
CA ASP A 496 1.12 -3.76 -15.83
C ASP A 496 -0.11 -3.84 -16.71
N PRO A 497 -0.70 -2.71 -17.13
CA PRO A 497 -1.80 -2.79 -18.09
C PRO A 497 -1.43 -3.47 -19.36
N SER A 498 -0.16 -3.42 -19.79
CA SER A 498 0.23 -4.11 -21.01
C SER A 498 -0.11 -5.59 -20.96
N SER A 499 -0.07 -6.19 -19.76
CA SER A 499 -0.48 -7.58 -19.62
C SER A 499 -1.95 -7.75 -19.96
N ALA A 500 -2.80 -6.89 -19.39
CA ALA A 500 -4.22 -6.97 -19.71
C ALA A 500 -4.46 -6.70 -21.18
N LEU A 501 -3.65 -5.85 -21.79
CA LEU A 501 -3.85 -5.61 -23.21
C LEU A 501 -3.55 -6.87 -23.99
N LEU A 502 -2.48 -7.59 -23.64
CA LEU A 502 -2.24 -8.85 -24.34
C LEU A 502 -3.36 -9.82 -24.12
N GLU A 503 -3.94 -9.79 -22.93
CA GLU A 503 -5.09 -10.65 -22.70
C GLU A 503 -6.23 -10.26 -23.62
N LEU A 504 -6.31 -8.99 -24.01
CA LEU A 504 -7.40 -8.53 -24.85
C LEU A 504 -7.14 -8.81 -26.34
N LEU A 505 -5.94 -8.53 -26.81
CA LEU A 505 -5.63 -8.63 -28.24
C LEU A 505 -5.18 -10.01 -28.68
N ASP A 506 -5.05 -10.97 -27.79
CA ASP A 506 -4.64 -12.31 -28.19
C ASP A 506 -5.69 -12.91 -29.12
N PRO A 507 -5.33 -13.38 -30.32
CA PRO A 507 -6.39 -13.86 -31.24
C PRO A 507 -7.24 -14.98 -30.71
N GLU A 508 -6.70 -15.87 -29.89
CA GLU A 508 -7.48 -16.99 -29.33
C GLU A 508 -7.87 -16.79 -27.88
N GLN A 509 -6.99 -16.21 -27.05
CA GLN A 509 -7.39 -15.97 -25.67
C GLN A 509 -8.56 -15.02 -25.55
N ASN A 510 -8.64 -14.03 -26.45
CA ASN A 510 -9.69 -13.03 -26.35
C ASN A 510 -11.07 -13.61 -26.50
N ALA A 511 -11.20 -14.80 -27.10
CA ALA A 511 -12.49 -15.40 -27.27
C ALA A 511 -13.21 -15.58 -25.94
N ASN A 512 -12.47 -15.71 -24.83
CA ASN A 512 -13.08 -15.91 -23.52
C ASN A 512 -12.70 -14.79 -22.56
N PHE A 513 -12.75 -13.54 -23.02
CA PHE A 513 -12.44 -12.41 -22.17
C PHE A 513 -13.41 -12.35 -21.00
N LEU A 514 -12.90 -11.96 -19.84
CA LEU A 514 -13.71 -11.77 -18.65
C LEU A 514 -13.10 -10.67 -17.84
N ASP A 515 -13.95 -9.87 -17.22
CA ASP A 515 -13.52 -8.71 -16.44
C ASP A 515 -14.19 -8.74 -15.08
N HIS A 516 -13.45 -8.27 -14.10
CA HIS A 516 -13.71 -8.62 -12.72
C HIS A 516 -15.10 -8.25 -12.25
N TYR A 517 -15.70 -7.21 -12.83
CA TYR A 517 -17.07 -6.89 -12.42
C TYR A 517 -18.03 -7.92 -12.96
N LEU A 518 -18.14 -8.01 -14.27
CA LEU A 518 -18.99 -9.02 -14.90
C LEU A 518 -18.14 -10.26 -15.04
N ASP A 519 -18.18 -11.10 -14.01
CA ASP A 519 -17.30 -12.26 -13.97
C ASP A 519 -17.54 -13.25 -15.10
N VAL A 520 -18.72 -13.25 -15.68
CA VAL A 520 -19.03 -14.22 -16.74
C VAL A 520 -18.22 -13.89 -17.98
N PRO A 521 -17.63 -14.85 -18.70
CA PRO A 521 -16.88 -14.51 -19.91
C PRO A 521 -17.75 -13.93 -21.00
N VAL A 522 -17.16 -13.05 -21.81
CA VAL A 522 -17.85 -12.39 -22.93
C VAL A 522 -17.00 -12.50 -24.19
N ASP A 523 -17.64 -12.84 -25.30
CA ASP A 523 -16.94 -12.93 -26.57
C ASP A 523 -16.57 -11.55 -27.06
N LEU A 524 -15.39 -11.45 -27.68
CA LEU A 524 -14.97 -10.23 -28.35
C LEU A 524 -14.37 -10.49 -29.72
N SER A 525 -14.44 -11.73 -30.23
CA SER A 525 -13.65 -12.08 -31.40
C SER A 525 -14.01 -11.25 -32.63
N LYS A 526 -15.23 -10.74 -32.69
CA LYS A 526 -15.71 -10.10 -33.90
C LYS A 526 -15.25 -8.66 -34.08
N VAL A 527 -14.69 -8.02 -33.05
CA VAL A 527 -14.32 -6.62 -33.16
C VAL A 527 -13.17 -6.48 -34.14
N LEU A 528 -13.08 -5.32 -34.76
CA LEU A 528 -11.98 -4.99 -35.65
C LEU A 528 -11.15 -3.93 -34.97
N PHE A 529 -10.20 -4.35 -34.14
CA PHE A 529 -9.36 -3.40 -33.41
C PHE A 529 -8.56 -2.52 -34.36
N ILE A 530 -7.89 -1.54 -33.81
CA ILE A 530 -6.90 -0.75 -34.54
C ILE A 530 -5.88 -0.39 -33.47
N CYS A 531 -4.75 0.14 -33.87
CA CYS A 531 -3.73 0.63 -32.96
C CYS A 531 -3.02 1.73 -33.71
N THR A 532 -2.16 2.46 -33.01
CA THR A 532 -1.33 3.45 -33.65
C THR A 532 -0.06 3.57 -32.83
N ALA A 533 1.02 3.97 -33.46
CA ALA A 533 2.22 4.28 -32.73
C ALA A 533 3.13 5.04 -33.65
N ASN A 534 3.85 6.02 -33.11
CA ASN A 534 4.73 6.80 -33.96
C ASN A 534 6.05 6.11 -34.26
N VAL A 535 6.39 5.04 -33.54
CA VAL A 535 7.57 4.26 -33.85
C VAL A 535 7.38 2.87 -33.28
N THR A 536 7.78 1.87 -34.04
CA THR A 536 7.46 0.50 -33.68
C THR A 536 8.39 -0.07 -32.62
N ASP A 537 9.42 0.64 -32.21
CA ASP A 537 10.39 0.02 -31.33
C ASP A 537 9.87 -0.07 -29.91
N THR A 538 9.37 1.02 -29.36
CA THR A 538 9.01 1.07 -27.95
C THR A 538 7.78 0.24 -27.62
N ILE A 539 6.94 -0.08 -28.60
CA ILE A 539 5.73 -0.85 -28.30
C ILE A 539 6.16 -2.22 -27.77
N PRO A 540 5.51 -2.80 -26.75
CA PRO A 540 6.07 -3.99 -26.10
C PRO A 540 6.19 -5.18 -27.03
N GLU A 541 7.24 -5.96 -26.84
CA GLU A 541 7.50 -7.09 -27.74
C GLU A 541 6.37 -8.13 -27.79
N PRO A 542 5.84 -8.65 -26.68
CA PRO A 542 4.82 -9.70 -26.78
C PRO A 542 3.64 -9.26 -27.58
N LEU A 543 3.29 -7.99 -27.47
CA LEU A 543 2.22 -7.43 -28.26
C LEU A 543 2.66 -7.24 -29.69
N ARG A 544 3.93 -6.84 -29.89
CA ARG A 544 4.41 -6.56 -31.23
C ARG A 544 4.38 -7.78 -32.12
N ASP A 545 4.54 -8.98 -31.56
CA ASP A 545 4.54 -10.15 -32.43
C ASP A 545 3.17 -10.42 -33.04
N ARG A 546 2.12 -10.00 -32.37
CA ARG A 546 0.81 -10.58 -32.50
C ARG A 546 -0.03 -10.01 -33.63
N MET A 547 0.35 -8.88 -34.22
CA MET A 547 -0.56 -8.12 -35.07
C MET A 547 0.18 -7.45 -36.21
N GLU A 548 -0.33 -7.65 -37.41
CA GLU A 548 0.34 -7.10 -38.58
C GLU A 548 0.31 -5.58 -38.57
N MET A 549 1.32 -4.98 -39.20
CA MET A 549 1.61 -3.57 -39.07
C MET A 549 1.73 -2.89 -40.43
N ILE A 550 0.61 -2.43 -40.95
CA ILE A 550 0.62 -1.63 -42.16
C ILE A 550 1.37 -0.36 -41.87
N ASN A 551 2.24 0.05 -42.78
CA ASN A 551 3.14 1.17 -42.53
C ASN A 551 2.63 2.35 -43.36
N VAL A 552 1.68 3.08 -42.81
CA VAL A 552 1.34 4.38 -43.37
C VAL A 552 2.53 5.29 -43.20
N SER A 553 2.86 6.04 -44.25
CA SER A 553 4.00 6.97 -44.14
C SER A 553 4.14 7.77 -45.42
N GLY A 554 4.78 8.92 -45.27
CA GLY A 554 5.32 9.64 -46.40
C GLY A 554 4.28 10.42 -47.17
N TYR A 555 4.78 11.38 -47.95
CA TYR A 555 3.94 12.19 -48.83
C TYR A 555 4.82 12.87 -49.85
N VAL A 556 4.62 12.53 -51.12
CA VAL A 556 5.28 13.23 -52.21
C VAL A 556 4.64 14.61 -52.35
N ALA A 557 5.42 15.57 -52.85
CA ALA A 557 4.93 16.94 -52.97
C ALA A 557 3.69 17.05 -53.83
N GLN A 558 3.55 16.18 -54.81
CA GLN A 558 2.35 16.20 -55.65
C GLN A 558 1.10 15.87 -54.84
N GLU A 559 1.18 14.84 -54.00
CA GLU A 559 0.05 14.50 -53.15
C GLU A 559 -0.25 15.64 -52.20
N LYS A 560 0.79 16.29 -51.69
CA LYS A 560 0.55 17.38 -50.77
C LYS A 560 -0.14 18.53 -51.47
N LEU A 561 0.19 18.78 -52.73
CA LEU A 561 -0.52 19.85 -53.41
C LEU A 561 -1.97 19.49 -53.64
N ALA A 562 -2.26 18.25 -54.06
CA ALA A 562 -3.64 17.89 -54.30
C ALA A 562 -4.46 17.96 -53.02
N ILE A 563 -3.90 17.46 -51.92
CA ILE A 563 -4.63 17.49 -50.66
C ILE A 563 -4.86 18.92 -50.23
N ALA A 564 -3.84 19.77 -50.34
CA ALA A 564 -4.03 21.14 -49.91
C ALA A 564 -5.06 21.85 -50.75
N GLU A 565 -5.20 21.47 -52.01
CA GLU A 565 -6.14 22.21 -52.83
C GLU A 565 -7.56 21.77 -52.62
N ARG A 566 -7.80 20.49 -52.31
CA ARG A 566 -9.19 20.01 -52.20
C ARG A 566 -9.70 19.74 -50.80
N TYR A 567 -8.86 19.74 -49.76
CA TYR A 567 -9.29 19.48 -48.39
C TYR A 567 -8.95 20.63 -47.46
N LEU A 568 -7.68 21.04 -47.37
CA LEU A 568 -7.28 21.99 -46.35
C LEU A 568 -7.86 23.36 -46.63
N VAL A 569 -7.52 23.96 -47.78
CA VAL A 569 -7.88 25.35 -48.04
C VAL A 569 -9.37 25.62 -47.87
N PRO A 570 -10.29 24.85 -48.47
CA PRO A 570 -11.71 25.11 -48.20
C PRO A 570 -12.06 24.99 -46.75
N GLN A 571 -11.43 24.07 -46.04
CA GLN A 571 -11.81 23.84 -44.66
C GLN A 571 -11.34 24.98 -43.77
N ALA A 572 -10.08 25.38 -43.91
CA ALA A 572 -9.60 26.52 -43.16
C ALA A 572 -10.33 27.79 -43.55
N ARG A 573 -10.74 27.90 -44.80
CA ARG A 573 -11.48 29.07 -45.22
C ARG A 573 -12.82 29.13 -44.52
N ALA A 574 -13.52 28.01 -44.43
CA ALA A 574 -14.77 28.03 -43.68
C ALA A 574 -14.52 28.28 -42.20
N LEU A 575 -13.39 27.81 -41.67
CA LEU A 575 -13.10 28.01 -40.25
C LEU A 575 -12.86 29.48 -39.94
N CYS A 576 -12.28 30.23 -40.88
CA CYS A 576 -12.03 31.64 -40.67
C CYS A 576 -13.09 32.53 -41.28
N GLY A 577 -14.02 31.99 -42.04
CA GLY A 577 -15.19 32.72 -42.45
C GLY A 577 -15.01 33.63 -43.64
N LEU A 578 -13.80 33.74 -44.19
CA LEU A 578 -13.60 34.61 -45.34
C LEU A 578 -14.35 34.10 -46.55
N ASP A 579 -15.00 35.01 -47.24
CA ASP A 579 -15.64 34.64 -48.50
C ASP A 579 -14.55 34.27 -49.49
N GLU A 580 -14.84 33.27 -50.31
CA GLU A 580 -13.87 32.77 -51.28
C GLU A 580 -13.41 33.85 -52.25
N SER A 581 -14.29 34.78 -52.61
CA SER A 581 -13.86 35.84 -53.52
C SER A 581 -12.83 36.77 -52.88
N LYS A 582 -12.86 36.94 -51.57
CA LYS A 582 -12.12 37.99 -50.91
C LYS A 582 -10.64 37.70 -50.74
N ALA A 583 -10.17 36.47 -50.95
CA ALA A 583 -8.78 36.17 -50.70
C ALA A 583 -8.39 34.98 -51.58
N LYS A 584 -8.10 35.28 -52.85
CA LYS A 584 -7.64 34.26 -53.76
C LYS A 584 -6.31 33.67 -53.31
N LEU A 585 -6.13 32.37 -53.54
CA LEU A 585 -4.87 31.69 -53.32
C LEU A 585 -4.57 30.85 -54.55
N SER A 586 -3.72 31.40 -55.40
CA SER A 586 -3.33 30.72 -56.63
C SER A 586 -2.60 29.43 -56.32
N SER A 587 -2.84 28.42 -57.14
CA SER A 587 -2.18 27.14 -56.96
C SER A 587 -0.67 27.26 -57.08
N ASP A 588 -0.20 28.24 -57.85
CA ASP A 588 1.23 28.50 -57.91
C ASP A 588 1.77 28.88 -56.54
N VAL A 589 0.99 29.65 -55.78
CA VAL A 589 1.44 30.01 -54.44
C VAL A 589 1.50 28.79 -53.57
N LEU A 590 0.56 27.87 -53.71
CA LEU A 590 0.61 26.67 -52.92
C LEU A 590 1.83 25.85 -53.30
N THR A 591 2.20 25.85 -54.58
CA THR A 591 3.41 25.13 -54.95
C THR A 591 4.61 25.76 -54.29
N LEU A 592 4.67 27.09 -54.28
CA LEU A 592 5.80 27.75 -53.65
C LEU A 592 5.86 27.44 -52.17
N LEU A 593 4.69 27.37 -51.52
CA LEU A 593 4.70 27.10 -50.09
C LEU A 593 5.11 25.68 -49.80
N ILE A 594 4.64 24.73 -50.60
CA ILE A 594 5.05 23.35 -50.36
C ILE A 594 6.54 23.19 -50.59
N LYS A 595 7.11 23.95 -51.53
CA LYS A 595 8.50 23.69 -51.87
C LYS A 595 9.46 24.37 -50.92
N GLN A 596 9.21 25.62 -50.54
CA GLN A 596 10.22 26.32 -49.75
C GLN A 596 10.04 26.16 -48.25
N TYR A 597 8.87 26.46 -47.71
CA TYR A 597 8.73 26.59 -46.27
C TYR A 597 8.35 25.28 -45.61
N CYS A 598 7.22 24.71 -46.00
CA CYS A 598 6.71 23.49 -45.40
C CYS A 598 7.19 22.30 -46.20
N ARG A 599 8.24 21.64 -45.73
CA ARG A 599 8.83 20.50 -46.43
C ARG A 599 9.19 19.43 -45.41
N GLU A 600 8.22 18.59 -45.09
CA GLU A 600 8.45 17.52 -44.14
C GLU A 600 7.33 16.50 -44.30
N SER A 601 7.56 15.31 -43.73
CA SER A 601 6.72 14.16 -43.99
C SER A 601 5.28 14.35 -43.52
N GLY A 602 5.05 15.20 -42.56
CA GLY A 602 3.72 15.41 -42.06
C GLY A 602 2.93 16.36 -42.94
N VAL A 603 1.70 16.60 -42.54
CA VAL A 603 0.82 17.55 -43.20
C VAL A 603 0.42 18.70 -42.32
N ARG A 604 0.53 18.56 -40.99
CA ARG A 604 0.08 19.59 -40.06
C ARG A 604 0.74 20.93 -40.34
N ASN A 605 2.05 20.92 -40.56
CA ASN A 605 2.77 22.17 -40.68
C ASN A 605 2.28 22.98 -41.87
N LEU A 606 1.93 22.30 -42.96
CA LEU A 606 1.35 23.01 -44.09
C LEU A 606 0.03 23.64 -43.70
N GLN A 607 -0.74 22.96 -42.86
CA GLN A 607 -1.99 23.56 -42.44
C GLN A 607 -1.74 24.82 -41.67
N LYS A 608 -0.75 24.81 -40.77
CA LYS A 608 -0.49 26.03 -40.02
C LYS A 608 -0.07 27.15 -40.95
N GLN A 609 0.68 26.84 -42.01
CA GLN A 609 1.13 27.90 -42.90
C GLN A 609 -0.05 28.55 -43.62
N VAL A 610 -0.89 27.72 -44.24
CA VAL A 610 -1.99 28.32 -45.00
C VAL A 610 -2.93 29.04 -44.06
N GLU A 611 -3.09 28.50 -42.85
CA GLU A 611 -3.92 29.18 -41.87
C GLU A 611 -3.34 30.53 -41.53
N LYS A 612 -2.01 30.64 -41.50
CA LYS A 612 -1.39 31.91 -41.17
C LYS A 612 -1.70 32.95 -42.23
N VAL A 613 -1.56 32.60 -43.50
CA VAL A 613 -1.79 33.61 -44.52
C VAL A 613 -3.24 34.06 -44.48
N LEU A 614 -4.17 33.13 -44.23
CA LEU A 614 -5.57 33.55 -44.20
C LEU A 614 -5.84 34.46 -43.02
N ARG A 615 -5.20 34.21 -41.88
CA ARG A 615 -5.40 35.10 -40.74
C ARG A 615 -4.93 36.50 -41.04
N LYS A 616 -3.74 36.62 -41.64
CA LYS A 616 -3.22 37.96 -41.89
C LYS A 616 -4.12 38.70 -42.85
N SER A 617 -4.67 37.99 -43.84
CA SER A 617 -5.60 38.64 -44.75
C SER A 617 -6.84 39.09 -44.01
N ALA A 618 -7.28 38.29 -43.04
CA ALA A 618 -8.48 38.66 -42.30
C ALA A 618 -8.28 39.96 -41.56
N TYR A 619 -7.18 40.05 -40.83
CA TYR A 619 -6.96 41.27 -40.08
C TYR A 619 -6.80 42.44 -41.03
N LYS A 620 -6.21 42.21 -42.19
CA LYS A 620 -6.07 43.31 -43.13
C LYS A 620 -7.41 43.78 -43.65
N ILE A 621 -8.37 42.88 -43.81
CA ILE A 621 -9.64 43.33 -44.41
C ILE A 621 -10.54 43.95 -43.37
N VAL A 622 -10.67 43.31 -42.19
CA VAL A 622 -11.72 43.73 -41.27
C VAL A 622 -11.52 45.14 -40.78
N SER A 623 -10.28 45.59 -40.70
CA SER A 623 -9.95 46.89 -40.13
C SER A 623 -9.10 47.74 -41.03
N GLY A 624 -8.37 47.14 -41.95
CA GLY A 624 -7.45 47.92 -42.74
C GLY A 624 -8.14 48.60 -43.90
N GLU A 625 -7.68 48.29 -45.10
CA GLU A 625 -8.00 49.07 -46.27
C GLU A 625 -8.47 48.21 -47.44
N ALA A 626 -7.65 47.26 -47.87
CA ALA A 626 -7.91 46.52 -49.10
C ALA A 626 -9.22 45.77 -49.00
N GLU A 627 -10.02 45.84 -50.05
CA GLU A 627 -11.25 45.08 -50.13
C GLU A 627 -11.05 43.71 -50.74
N SER A 628 -9.85 43.39 -51.22
CA SER A 628 -9.55 42.03 -51.66
C SER A 628 -8.05 41.85 -51.54
N VAL A 629 -7.61 41.15 -50.49
CA VAL A 629 -6.24 40.72 -50.48
C VAL A 629 -6.05 39.79 -51.65
N GLU A 630 -4.88 39.85 -52.27
CA GLU A 630 -4.57 39.03 -53.44
C GLU A 630 -3.15 38.52 -53.21
N VAL A 631 -3.04 37.33 -52.65
CA VAL A 631 -1.73 36.75 -52.43
C VAL A 631 -1.07 36.56 -53.77
N THR A 632 0.18 36.97 -53.86
CA THR A 632 1.03 36.76 -55.02
C THR A 632 2.40 36.40 -54.50
N PRO A 633 3.18 35.60 -55.24
CA PRO A 633 4.51 35.22 -54.73
C PRO A 633 5.38 36.40 -54.39
N GLU A 634 5.27 37.48 -55.18
CA GLU A 634 6.11 38.65 -54.98
C GLU A 634 5.87 39.25 -53.60
N ASN A 635 4.62 39.28 -53.18
CA ASN A 635 4.27 39.83 -51.89
C ASN A 635 4.39 38.81 -50.78
N LEU A 636 4.52 37.50 -51.11
CA LEU A 636 4.35 36.44 -50.12
C LEU A 636 5.31 36.55 -48.96
N GLN A 637 6.47 37.17 -49.18
CA GLN A 637 7.50 37.26 -48.16
C GLN A 637 7.00 37.96 -46.92
N ASP A 638 6.13 38.95 -47.09
CA ASP A 638 5.63 39.69 -45.93
C ASP A 638 4.48 39.00 -45.21
N PHE A 639 3.90 37.95 -45.81
CA PHE A 639 2.80 37.23 -45.18
C PHE A 639 3.29 36.05 -44.35
N VAL A 640 4.32 35.35 -44.80
CA VAL A 640 4.84 34.15 -44.16
C VAL A 640 6.25 34.38 -43.60
N GLY A 641 6.76 35.59 -43.66
CA GLY A 641 8.06 35.82 -43.05
C GLY A 641 9.22 35.27 -43.85
N LYS A 642 10.34 35.11 -43.17
CA LYS A 642 11.57 34.70 -43.81
C LYS A 642 11.52 33.24 -44.26
N PRO A 643 11.76 32.92 -45.53
CA PRO A 643 11.82 31.50 -45.92
C PRO A 643 12.97 30.77 -45.28
N VAL A 644 12.75 29.49 -45.01
CA VAL A 644 13.75 28.67 -44.36
C VAL A 644 14.67 28.06 -45.40
N PHE A 645 14.12 27.22 -46.28
CA PHE A 645 14.94 26.45 -47.21
C PHE A 645 15.25 27.29 -48.43
N THR A 646 16.52 27.62 -48.61
CA THR A 646 16.95 28.36 -49.78
C THR A 646 16.82 27.51 -51.04
N VAL A 647 16.38 28.13 -52.13
CA VAL A 647 16.33 27.46 -53.41
C VAL A 647 17.75 27.21 -53.89
N GLU A 648 17.96 26.07 -54.53
CA GLU A 648 19.25 25.74 -55.11
C GLU A 648 19.57 26.71 -56.25
N ARG A 649 20.84 27.06 -56.40
CA ARG A 649 21.21 27.97 -57.48
C ARG A 649 20.94 27.27 -58.81
N MET A 650 20.53 28.05 -59.80
CA MET A 650 20.24 27.54 -61.14
C MET A 650 21.25 28.12 -62.12
N TYR A 651 22.14 27.28 -62.62
CA TYR A 651 22.98 27.66 -63.74
C TYR A 651 22.23 27.51 -65.05
N ASP A 652 22.58 28.38 -66.00
CA ASP A 652 21.92 28.44 -67.29
C ASP A 652 22.69 27.72 -68.40
N VAL A 653 24.00 27.56 -68.27
CA VAL A 653 24.83 27.05 -69.36
C VAL A 653 25.83 25.99 -68.91
N THR A 654 25.79 25.58 -67.64
CA THR A 654 26.66 24.53 -67.11
C THR A 654 28.13 24.87 -67.33
N PRO A 655 28.70 25.82 -66.60
CA PRO A 655 30.12 26.10 -66.74
C PRO A 655 30.93 24.88 -66.34
N PRO A 656 32.11 24.66 -66.94
CA PRO A 656 32.84 23.41 -66.67
C PRO A 656 33.14 23.27 -65.19
N GLY A 657 33.06 22.03 -64.72
CA GLY A 657 33.15 21.77 -63.30
C GLY A 657 31.83 21.71 -62.56
N VAL A 658 30.70 21.66 -63.26
CA VAL A 658 29.42 21.44 -62.61
C VAL A 658 28.66 20.53 -63.54
N VAL A 659 27.82 19.65 -62.99
CA VAL A 659 27.06 18.73 -63.83
C VAL A 659 25.75 18.49 -63.10
N MET A 660 24.71 18.25 -63.88
CA MET A 660 23.38 18.08 -63.33
C MET A 660 23.15 16.62 -63.01
N GLY A 661 22.26 16.35 -62.08
CA GLY A 661 22.01 14.99 -61.67
C GLY A 661 20.70 14.82 -60.95
N LEU A 662 19.98 13.76 -61.29
CA LEU A 662 18.68 13.47 -60.67
C LEU A 662 18.90 12.94 -59.27
N ALA A 663 17.92 13.20 -58.39
CA ALA A 663 18.01 12.73 -57.02
C ALA A 663 16.62 12.45 -56.48
N TRP A 664 16.49 11.34 -55.78
CA TRP A 664 15.23 10.97 -55.14
C TRP A 664 15.31 11.46 -53.71
N THR A 665 14.90 12.71 -53.51
CA THR A 665 14.80 13.26 -52.18
C THR A 665 13.60 12.63 -51.49
N ALA A 666 13.62 12.69 -50.14
CA ALA A 666 12.67 11.95 -49.32
C ALA A 666 11.22 12.27 -49.65
N MET A 667 10.94 13.44 -50.22
CA MET A 667 9.62 13.78 -50.75
C MET A 667 9.81 14.19 -52.21
N GLY A 668 9.54 13.28 -53.12
CA GLY A 668 9.57 13.60 -54.53
C GLY A 668 10.95 13.49 -55.13
N GLY A 669 11.01 13.68 -56.46
CA GLY A 669 12.26 13.78 -57.16
C GLY A 669 12.79 15.20 -57.15
N SER A 670 14.00 15.36 -57.69
CA SER A 670 14.59 16.69 -57.75
C SER A 670 15.79 16.64 -58.68
N THR A 671 16.22 17.82 -59.11
CA THR A 671 17.37 18.00 -59.99
C THR A 671 18.47 18.78 -59.26
N LEU A 672 19.50 18.07 -58.81
CA LEU A 672 20.70 18.69 -58.27
C LEU A 672 21.57 19.21 -59.39
N PHE A 673 22.35 20.24 -59.11
CA PHE A 673 23.50 20.61 -59.92
C PHE A 673 24.72 20.46 -59.03
N VAL A 674 25.40 19.31 -59.09
CA VAL A 674 26.56 19.13 -58.24
C VAL A 674 27.67 20.04 -58.72
N GLU A 675 28.35 20.68 -57.75
CA GLU A 675 29.39 21.68 -57.95
C GLU A 675 30.73 21.05 -57.66
N THR A 676 31.74 21.34 -58.49
CA THR A 676 33.11 20.88 -58.21
C THR A 676 34.08 21.93 -58.70
N SER A 677 34.91 22.46 -57.82
CA SER A 677 35.83 23.50 -58.21
C SER A 677 37.00 23.54 -57.25
N LEU A 678 38.08 24.16 -57.73
CA LEU A 678 39.29 24.29 -56.94
C LEU A 678 39.02 25.13 -55.71
N ARG A 679 39.61 24.72 -54.59
CA ARG A 679 39.48 25.45 -53.34
C ARG A 679 40.71 26.23 -52.95
N ARG A 680 41.87 25.93 -53.53
CA ARG A 680 43.10 26.58 -53.11
C ARG A 680 44.12 26.38 -54.21
N PRO A 681 44.98 27.36 -54.52
CA PRO A 681 45.85 27.21 -55.69
C PRO A 681 46.78 26.02 -55.59
N GLN A 682 47.00 25.39 -56.74
CA GLN A 682 47.77 24.17 -56.80
C GLN A 682 49.21 24.37 -56.33
N ASP A 683 49.74 25.58 -56.49
CA ASP A 683 51.17 25.82 -56.42
C ASP A 683 51.61 25.97 -54.96
N LYS A 684 51.58 24.84 -54.24
CA LYS A 684 52.38 24.77 -53.02
C LYS A 684 53.85 24.90 -53.38
N ASP A 685 54.22 24.30 -54.50
CA ASP A 685 55.48 24.44 -55.21
C ASP A 685 55.27 23.70 -56.52
N ALA A 686 55.84 24.22 -57.61
CA ALA A 686 55.62 23.60 -58.91
C ALA A 686 56.11 22.15 -58.95
N LYS A 687 57.11 21.82 -58.13
CA LYS A 687 57.66 20.48 -58.02
C LYS A 687 56.88 19.60 -57.05
N GLY A 688 55.92 20.14 -56.30
CA GLY A 688 55.26 19.44 -55.21
C GLY A 688 54.54 18.16 -55.61
N ASP A 689 54.88 17.06 -54.94
CA ASP A 689 54.20 15.78 -55.11
C ASP A 689 53.04 15.54 -54.15
N LYS A 690 52.76 16.46 -53.23
CA LYS A 690 51.71 16.24 -52.25
C LYS A 690 50.36 16.11 -52.93
N ASP A 691 49.59 15.13 -52.48
CA ASP A 691 48.34 14.80 -53.16
C ASP A 691 47.26 15.84 -52.89
N GLY A 692 46.39 16.01 -53.87
CA GLY A 692 45.26 16.89 -53.73
C GLY A 692 44.09 16.19 -53.07
N SER A 693 44.17 16.01 -51.76
CA SER A 693 43.08 15.36 -51.06
C SER A 693 41.80 16.16 -51.22
N LEU A 694 40.71 15.47 -51.51
CA LEU A 694 39.42 16.10 -51.69
C LEU A 694 38.81 16.43 -50.33
N GLU A 695 37.95 17.45 -50.30
CA GLU A 695 37.26 17.88 -49.08
C GLU A 695 35.81 18.19 -49.40
N VAL A 696 34.96 17.19 -49.28
CA VAL A 696 33.55 17.30 -49.61
C VAL A 696 32.85 18.24 -48.63
N THR A 697 31.77 18.86 -49.08
CA THR A 697 30.88 19.64 -48.23
C THR A 697 29.46 19.43 -48.70
N GLY A 698 28.52 19.78 -47.83
CA GLY A 698 27.11 19.53 -48.07
C GLY A 698 26.52 18.48 -47.15
N GLN A 699 26.95 18.49 -45.89
CA GLN A 699 26.42 17.64 -44.80
C GLN A 699 26.46 16.16 -45.18
N LEU A 700 27.66 15.69 -45.46
CA LEU A 700 27.88 14.28 -45.70
C LEU A 700 27.51 13.46 -44.47
N GLY A 701 26.93 12.30 -44.70
CA GLY A 701 26.66 11.35 -43.65
C GLY A 701 27.85 10.44 -43.46
N GLU A 702 27.62 9.13 -43.64
CA GLU A 702 28.65 8.10 -43.61
C GLU A 702 28.82 7.47 -45.00
N VAL A 703 27.75 6.90 -45.55
CA VAL A 703 27.83 6.24 -46.85
C VAL A 703 28.25 7.23 -47.92
N MET A 704 27.86 8.49 -47.78
CA MET A 704 28.26 9.50 -48.74
C MET A 704 29.78 9.70 -48.73
N LYS A 705 30.40 9.61 -47.56
CA LYS A 705 31.85 9.77 -47.48
C LYS A 705 32.56 8.66 -48.25
N GLU A 706 32.23 7.41 -47.95
CA GLU A 706 32.89 6.31 -48.64
C GLU A 706 32.57 6.34 -50.13
N SER A 707 31.35 6.75 -50.50
CA SER A 707 30.98 6.74 -51.91
C SER A 707 31.76 7.79 -52.67
N ALA A 708 31.85 8.99 -52.12
CA ALA A 708 32.63 10.02 -52.77
C ALA A 708 34.09 9.65 -52.87
N ARG A 709 34.62 8.95 -51.84
CA ARG A 709 36.03 8.61 -51.90
C ARG A 709 36.30 7.55 -52.95
N ILE A 710 35.40 6.58 -53.08
CA ILE A 710 35.55 5.57 -54.12
C ILE A 710 35.52 6.23 -55.48
N ALA A 711 34.55 7.12 -55.70
CA ALA A 711 34.45 7.78 -56.98
C ALA A 711 35.70 8.59 -57.28
N TYR A 712 36.28 9.19 -56.25
CA TYR A 712 37.46 10.02 -56.46
C TYR A 712 38.62 9.18 -56.93
N THR A 713 38.87 8.06 -56.24
CA THR A 713 39.98 7.22 -56.66
C THR A 713 39.76 6.68 -58.06
N PHE A 714 38.51 6.38 -58.42
CA PHE A 714 38.30 5.83 -59.76
C PHE A 714 38.55 6.87 -60.82
N ALA A 715 38.09 8.10 -60.59
CA ALA A 715 38.34 9.15 -61.57
C ALA A 715 39.83 9.40 -61.71
N ARG A 716 40.56 9.28 -60.60
CA ARG A 716 42.00 9.46 -60.69
C ARG A 716 42.60 8.37 -61.58
N ALA A 717 42.18 7.13 -61.36
CA ALA A 717 42.70 6.05 -62.17
C ALA A 717 42.33 6.20 -63.63
N PHE A 718 41.15 6.72 -63.92
CA PHE A 718 40.73 6.81 -65.31
C PHE A 718 41.56 7.84 -66.05
N LEU A 719 41.67 9.03 -65.47
CA LEU A 719 42.46 10.05 -66.14
C LEU A 719 43.91 9.63 -66.23
N MET A 720 44.39 8.82 -65.29
CA MET A 720 45.72 8.26 -65.40
C MET A 720 45.84 7.40 -66.66
N GLN A 721 44.96 6.42 -66.77
CA GLN A 721 45.09 5.43 -67.84
C GLN A 721 44.86 6.02 -69.23
N HIS A 722 44.01 7.04 -69.36
CA HIS A 722 43.60 7.51 -70.68
C HIS A 722 44.37 8.73 -71.17
N ALA A 723 44.68 9.68 -70.30
CA ALA A 723 45.25 10.98 -70.68
C ALA A 723 46.49 11.22 -69.84
N PRO A 724 47.64 10.60 -70.17
CA PRO A 724 48.82 10.72 -69.30
C PRO A 724 49.30 12.14 -69.09
N ALA A 725 49.15 13.01 -70.10
CA ALA A 725 49.73 14.35 -70.02
C ALA A 725 49.12 15.17 -68.90
N ASN A 726 47.82 15.01 -68.65
CA ASN A 726 47.17 15.83 -67.64
C ASN A 726 47.54 15.29 -66.27
N ASP A 727 47.62 16.21 -65.30
CA ASP A 727 47.81 15.86 -63.91
C ASP A 727 47.00 16.70 -62.93
N TYR A 728 46.12 17.58 -63.43
CA TYR A 728 45.48 18.56 -62.57
C TYR A 728 44.65 17.91 -61.48
N LEU A 729 44.14 16.71 -61.74
CA LEU A 729 43.34 16.01 -60.76
C LEU A 729 44.19 15.30 -59.73
N VAL A 730 45.50 15.19 -59.93
CA VAL A 730 46.33 14.37 -59.04
C VAL A 730 46.87 15.17 -57.86
N THR A 731 47.08 16.49 -58.02
CA THR A 731 47.84 17.29 -57.05
C THR A 731 47.18 18.62 -56.77
N SER A 732 45.86 18.66 -56.59
CA SER A 732 45.19 19.92 -56.27
C SER A 732 43.95 19.65 -55.47
N HIS A 733 43.81 20.34 -54.35
CA HIS A 733 42.62 20.19 -53.52
C HIS A 733 41.40 20.64 -54.29
N ILE A 734 40.28 19.97 -54.05
CA ILE A 734 39.07 20.15 -54.85
C ILE A 734 37.87 20.21 -53.92
N HIS A 735 37.32 21.40 -53.72
CA HIS A 735 36.05 21.52 -53.02
C HIS A 735 34.95 21.04 -53.94
N LEU A 736 33.93 20.40 -53.36
CA LEU A 736 32.74 20.09 -54.13
C LEU A 736 31.56 20.12 -53.19
N HIS A 737 30.41 20.39 -53.78
CA HIS A 737 29.19 20.68 -53.04
C HIS A 737 28.06 19.98 -53.76
N VAL A 738 27.48 18.98 -53.11
CA VAL A 738 26.32 18.26 -53.59
C VAL A 738 25.13 18.69 -52.73
N PRO A 739 24.12 19.37 -53.28
CA PRO A 739 23.04 19.89 -52.41
C PRO A 739 22.30 18.80 -51.67
N GLU A 740 21.93 19.09 -50.44
CA GLU A 740 21.24 18.10 -49.62
C GLU A 740 19.83 17.89 -50.10
N GLY A 741 19.29 16.76 -49.68
CA GLY A 741 17.92 16.41 -49.97
C GLY A 741 17.76 14.93 -50.22
N ALA A 742 18.77 14.26 -50.78
CA ALA A 742 18.65 12.83 -50.99
C ALA A 742 18.55 12.09 -49.68
N THR A 743 17.64 11.12 -49.63
CA THR A 743 17.54 10.24 -48.48
C THR A 743 18.81 9.39 -48.44
N PRO A 744 19.28 8.97 -47.26
CA PRO A 744 20.59 8.30 -47.20
C PRO A 744 20.71 7.06 -48.06
N LYS A 745 19.64 6.28 -48.20
CA LYS A 745 19.72 5.08 -49.03
C LYS A 745 20.02 5.41 -50.48
N ASP A 746 19.65 6.59 -50.94
CA ASP A 746 19.91 7.06 -52.28
C ASP A 746 21.23 7.80 -52.42
N GLY A 747 21.98 7.96 -51.32
CA GLY A 747 23.20 8.74 -51.39
C GLY A 747 24.25 8.22 -52.34
N PRO A 748 24.45 6.90 -52.46
CA PRO A 748 25.41 6.40 -53.45
C PRO A 748 25.10 6.80 -54.88
N SER A 749 23.82 6.99 -55.22
CA SER A 749 23.41 7.11 -56.63
C SER A 749 24.12 8.26 -57.32
N ALA A 750 24.40 9.32 -56.61
CA ALA A 750 24.96 10.49 -57.26
C ALA A 750 26.41 10.28 -57.67
N GLY A 751 27.07 9.20 -57.24
CA GLY A 751 28.51 9.06 -57.45
C GLY A 751 28.90 9.08 -58.91
N CYS A 752 28.05 8.55 -59.80
CA CYS A 752 28.29 8.62 -61.23
C CYS A 752 28.47 10.07 -61.67
N THR A 753 27.52 10.93 -61.29
CA THR A 753 27.59 12.37 -61.55
C THR A 753 28.91 12.93 -61.06
N ILE A 754 29.26 12.59 -59.81
CA ILE A 754 30.46 13.12 -59.17
C ILE A 754 31.67 12.86 -60.05
N VAL A 755 31.79 11.64 -60.55
CA VAL A 755 32.97 11.28 -61.34
C VAL A 755 33.08 12.19 -62.55
N THR A 756 32.00 12.32 -63.32
CA THR A 756 32.10 13.12 -64.54
C THR A 756 32.38 14.56 -64.21
N ALA A 757 31.83 15.06 -63.09
CA ALA A 757 32.13 16.41 -62.64
C ALA A 757 33.63 16.59 -62.53
N LEU A 758 34.29 15.69 -61.81
CA LEU A 758 35.74 15.78 -61.62
C LEU A 758 36.44 15.80 -62.96
N LEU A 759 36.04 14.92 -63.87
CA LEU A 759 36.72 14.83 -65.15
C LEU A 759 36.56 16.13 -65.92
N SER A 760 35.39 16.76 -65.82
CA SER A 760 35.20 18.03 -66.49
C SER A 760 36.16 19.07 -65.94
N LEU A 761 36.33 19.08 -64.62
CA LEU A 761 37.25 20.03 -63.99
C LEU A 761 38.67 19.75 -64.43
N ALA A 762 38.99 18.50 -64.72
CA ALA A 762 40.34 18.19 -65.15
C ALA A 762 40.65 18.73 -66.52
N MET A 763 39.65 18.94 -67.37
CA MET A 763 39.88 19.33 -68.75
C MET A 763 39.25 20.65 -69.14
N GLY A 764 38.17 21.06 -68.49
CA GLY A 764 37.51 22.31 -68.78
C GLY A 764 36.47 22.26 -69.87
N ARG A 765 36.26 21.14 -70.52
CA ARG A 765 35.19 21.08 -71.50
C ARG A 765 33.88 20.99 -70.74
N PRO A 766 32.91 21.90 -70.96
CA PRO A 766 31.61 21.71 -70.31
C PRO A 766 30.96 20.43 -70.79
N VAL A 767 30.25 19.77 -69.89
CA VAL A 767 29.42 18.65 -70.31
C VAL A 767 28.32 19.22 -71.19
N ARG A 768 27.85 18.41 -72.16
CA ARG A 768 26.81 18.85 -73.06
C ARG A 768 25.57 19.21 -72.26
N GLN A 769 24.87 20.25 -72.70
CA GLN A 769 23.78 20.81 -71.90
C GLN A 769 22.66 19.78 -71.73
N ASN A 770 21.97 19.88 -70.58
CA ASN A 770 20.75 19.13 -70.24
C ASN A 770 20.91 17.63 -70.52
N LEU A 771 21.74 17.01 -69.69
CA LEU A 771 22.03 15.58 -69.76
C LEU A 771 21.97 14.97 -68.36
N ALA A 772 20.85 14.38 -68.00
CA ALA A 772 20.72 13.74 -66.70
C ALA A 772 21.47 12.43 -66.64
N MET A 773 21.89 12.05 -65.43
CA MET A 773 22.53 10.76 -65.21
C MET A 773 22.37 10.35 -63.76
N THR A 774 22.41 9.05 -63.50
CA THR A 774 22.32 8.56 -62.14
C THR A 774 22.85 7.14 -62.07
N GLY A 775 23.52 6.82 -60.96
CA GLY A 775 24.04 5.48 -60.76
C GLY A 775 25.19 5.38 -59.78
N GLU A 776 25.29 4.21 -59.14
CA GLU A 776 26.41 3.89 -58.27
C GLU A 776 27.64 3.54 -59.09
N VAL A 777 28.82 3.77 -58.51
CA VAL A 777 30.07 3.35 -59.09
C VAL A 777 30.80 2.57 -58.02
N SER A 778 31.64 1.63 -58.45
CA SER A 778 32.23 0.64 -57.57
C SER A 778 33.70 0.44 -57.89
N LEU A 779 34.46 1.52 -57.98
CA LEU A 779 35.93 1.49 -58.03
C LEU A 779 36.53 0.74 -59.22
N THR A 780 35.71 0.22 -60.13
CA THR A 780 36.17 -0.47 -61.32
C THR A 780 35.29 -0.09 -62.50
N GLY A 781 34.46 0.94 -62.38
CA GLY A 781 33.72 1.36 -63.52
C GLY A 781 32.63 0.42 -64.00
N LYS A 782 31.93 -0.23 -63.09
CA LYS A 782 30.72 -0.99 -63.43
C LYS A 782 29.55 -0.42 -62.66
N ILE A 783 28.68 0.30 -63.39
CA ILE A 783 27.54 0.96 -62.76
C ILE A 783 26.56 -0.10 -62.29
N LEU A 784 25.79 0.24 -61.27
CA LEU A 784 24.92 -0.68 -60.54
C LEU A 784 23.48 -0.17 -60.52
N PRO A 785 22.49 -1.06 -60.37
CA PRO A 785 21.10 -0.61 -60.38
C PRO A 785 20.76 0.33 -59.24
N VAL A 786 19.85 1.26 -59.52
CA VAL A 786 19.32 2.17 -58.51
C VAL A 786 17.82 2.30 -58.71
N GLY A 787 17.10 2.45 -57.60
CA GLY A 787 15.66 2.40 -57.60
C GLY A 787 14.99 3.74 -57.77
N GLY A 788 13.68 3.75 -57.50
CA GLY A 788 12.91 4.98 -57.56
C GLY A 788 12.89 5.63 -58.92
N ILE A 789 13.03 4.83 -59.98
CA ILE A 789 13.30 5.41 -61.29
C ILE A 789 12.12 6.23 -61.82
N LYS A 790 10.88 5.91 -61.44
CA LYS A 790 9.75 6.68 -61.92
C LYS A 790 9.86 8.13 -61.48
N GLU A 791 10.33 8.33 -60.26
CA GLU A 791 10.40 9.66 -59.68
C GLU A 791 11.43 10.51 -60.40
N LYS A 792 12.63 9.97 -60.57
CA LYS A 792 13.64 10.69 -61.29
C LYS A 792 13.22 10.94 -62.73
N THR A 793 12.47 10.01 -63.31
CA THR A 793 12.07 10.18 -64.70
C THR A 793 11.10 11.34 -64.84
N ILE A 794 10.06 11.40 -63.99
CA ILE A 794 9.11 12.50 -64.09
C ILE A 794 9.79 13.82 -63.77
N ALA A 795 10.74 13.81 -62.85
CA ALA A 795 11.45 15.04 -62.55
C ALA A 795 12.27 15.49 -63.74
N ALA A 796 12.88 14.54 -64.44
CA ALA A 796 13.66 14.88 -65.61
C ALA A 796 12.80 15.44 -66.71
N LYS A 797 11.59 14.89 -66.88
CA LYS A 797 10.69 15.45 -67.88
C LYS A 797 10.25 16.86 -67.47
N ARG A 798 9.99 17.06 -66.18
CA ARG A 798 9.55 18.36 -65.71
C ARG A 798 10.64 19.41 -65.83
N ALA A 799 11.90 19.02 -65.69
CA ALA A 799 13.00 19.96 -65.83
C ALA A 799 13.36 20.19 -67.29
N GLY A 800 12.79 19.42 -68.22
CA GLY A 800 13.02 19.61 -69.63
C GLY A 800 14.24 18.92 -70.19
N VAL A 801 15.00 18.20 -69.36
CA VAL A 801 16.17 17.50 -69.86
C VAL A 801 15.75 16.44 -70.86
N THR A 802 16.55 16.30 -71.92
CA THR A 802 16.18 15.52 -73.09
C THR A 802 16.92 14.21 -73.25
N CYS A 803 17.94 13.91 -72.41
CA CYS A 803 18.77 12.70 -72.61
C CYS A 803 19.13 12.11 -71.25
N ILE A 804 18.21 11.36 -70.66
CA ILE A 804 18.54 10.66 -69.44
C ILE A 804 19.49 9.52 -69.76
N VAL A 805 20.29 9.13 -68.78
CA VAL A 805 21.27 8.04 -68.91
C VAL A 805 21.20 7.22 -67.64
N LEU A 806 21.00 5.92 -67.77
CA LEU A 806 20.57 5.07 -66.67
C LEU A 806 21.43 3.82 -66.58
N PRO A 807 21.53 3.20 -65.39
CA PRO A 807 22.15 1.88 -65.33
C PRO A 807 21.35 0.88 -66.13
N ALA A 808 22.03 -0.06 -66.77
CA ALA A 808 21.33 -0.98 -67.64
C ALA A 808 20.36 -1.87 -66.87
N GLU A 809 20.70 -2.23 -65.65
CA GLU A 809 19.95 -3.27 -64.95
C GLU A 809 18.54 -2.85 -64.59
N ASN A 810 18.25 -1.57 -64.48
CA ASN A 810 16.91 -1.10 -64.16
C ASN A 810 15.99 -1.00 -65.36
N LYS A 811 16.50 -1.32 -66.57
CA LYS A 811 15.86 -0.94 -67.84
C LYS A 811 14.40 -1.33 -67.89
N LYS A 812 14.08 -2.56 -67.50
CA LYS A 812 12.73 -3.08 -67.69
C LYS A 812 11.70 -2.24 -66.95
N ASP A 813 12.05 -1.77 -65.75
CA ASP A 813 11.10 -0.95 -65.00
C ASP A 813 10.82 0.34 -65.74
N PHE A 814 11.84 0.91 -66.39
CA PHE A 814 11.64 2.12 -67.16
C PHE A 814 10.71 1.85 -68.34
N TYR A 815 10.80 0.65 -68.92
CA TYR A 815 9.87 0.30 -69.98
C TYR A 815 8.48 0.07 -69.41
N ASP A 816 8.38 -0.35 -68.16
CA ASP A 816 7.07 -0.64 -67.60
C ASP A 816 6.32 0.61 -67.18
N LEU A 817 6.97 1.77 -67.13
CA LEU A 817 6.23 2.99 -66.81
C LEU A 817 5.34 3.35 -67.97
N ALA A 818 4.27 4.09 -67.65
CA ALA A 818 3.31 4.51 -68.66
C ALA A 818 4.03 5.29 -69.75
N ALA A 819 3.71 4.95 -71.00
CA ALA A 819 4.50 5.38 -72.15
C ALA A 819 4.58 6.89 -72.29
N PHE A 820 3.56 7.61 -71.80
CA PHE A 820 3.47 9.05 -72.04
C PHE A 820 4.64 9.82 -71.45
N ILE A 821 5.23 9.34 -70.35
CA ILE A 821 6.35 10.06 -69.76
C ILE A 821 7.59 9.96 -70.64
N THR A 822 7.69 8.90 -71.47
CA THR A 822 8.93 8.62 -72.19
C THR A 822 9.10 9.41 -73.48
N GLU A 823 8.07 10.09 -74.00
CA GLU A 823 8.23 10.74 -75.29
C GLU A 823 9.21 11.90 -75.20
N GLY A 824 10.04 12.02 -76.23
CA GLY A 824 10.92 13.15 -76.41
C GLY A 824 12.24 13.10 -75.67
N LEU A 825 12.49 12.07 -74.86
CA LEU A 825 13.76 11.89 -74.18
C LEU A 825 14.48 10.68 -74.75
N GLU A 826 15.77 10.85 -75.01
CA GLU A 826 16.62 9.83 -75.61
C GLU A 826 17.28 9.06 -74.48
N VAL A 827 16.86 7.83 -74.26
CA VAL A 827 17.44 7.01 -73.21
C VAL A 827 18.78 6.44 -73.70
N HIS A 828 19.65 6.12 -72.75
CA HIS A 828 20.90 5.44 -73.05
C HIS A 828 21.25 4.57 -71.86
N PHE A 829 21.17 3.26 -72.04
CA PHE A 829 21.51 2.30 -71.01
C PHE A 829 22.95 1.85 -71.18
N VAL A 830 23.67 1.78 -70.06
CA VAL A 830 25.07 1.38 -70.03
C VAL A 830 25.33 0.78 -68.67
N GLU A 831 26.34 -0.10 -68.60
CA GLU A 831 26.80 -0.67 -67.35
C GLU A 831 28.23 -0.27 -67.02
N HIS A 832 29.18 -0.50 -67.93
CA HIS A 832 30.54 -0.05 -67.68
C HIS A 832 30.57 1.46 -67.79
N TYR A 833 31.32 2.12 -66.90
CA TYR A 833 31.35 3.57 -66.95
C TYR A 833 31.94 4.09 -68.25
N ARG A 834 32.78 3.31 -68.91
CA ARG A 834 33.55 3.80 -70.06
C ARG A 834 32.64 4.36 -71.14
N GLU A 835 31.49 3.72 -71.35
CA GLU A 835 30.59 4.18 -72.40
C GLU A 835 30.07 5.58 -72.11
N ILE A 836 29.85 5.91 -70.84
CA ILE A 836 29.33 7.23 -70.53
C ILE A 836 30.32 8.30 -70.92
N PHE A 837 31.61 7.98 -70.93
CA PHE A 837 32.59 8.96 -71.39
C PHE A 837 32.38 9.30 -72.86
N ASP A 838 31.77 8.41 -73.64
CA ASP A 838 31.45 8.68 -75.03
C ASP A 838 30.22 9.56 -75.20
N ILE A 839 29.40 9.73 -74.16
CA ILE A 839 28.15 10.47 -74.25
C ILE A 839 28.30 11.88 -73.72
N ALA A 840 28.79 12.00 -72.49
CA ALA A 840 28.91 13.32 -71.89
C ALA A 840 29.85 14.24 -72.64
N PHE A 841 30.87 13.70 -73.31
CA PHE A 841 31.94 14.49 -73.93
C PHE A 841 32.05 14.03 -75.38
N PRO A 842 31.09 14.39 -76.22
CA PRO A 842 31.16 13.91 -77.61
C PRO A 842 32.28 14.54 -78.39
N HIS B 17 -95.22 -6.72 58.48
CA HIS B 17 -95.73 -5.42 58.90
C HIS B 17 -94.60 -4.39 58.85
N LEU B 18 -93.98 -4.28 57.68
CA LEU B 18 -92.87 -3.38 57.40
C LEU B 18 -93.29 -2.51 56.21
N PRO B 19 -92.83 -1.26 56.13
CA PRO B 19 -93.29 -0.40 55.03
C PRO B 19 -92.83 -0.93 53.68
N LEU B 20 -93.67 -0.70 52.67
CA LEU B 20 -93.34 -1.13 51.32
C LEU B 20 -92.05 -0.47 50.87
N ILE B 21 -91.20 -1.26 50.22
CA ILE B 21 -89.91 -0.77 49.75
C ILE B 21 -90.13 0.13 48.54
N ALA B 22 -89.20 1.05 48.33
CA ALA B 22 -89.18 1.90 47.13
C ALA B 22 -88.34 1.14 46.11
N ILE B 23 -89.03 0.47 45.18
CA ILE B 23 -88.37 -0.28 44.12
C ILE B 23 -87.54 0.65 43.25
N THR B 24 -88.06 1.84 42.95
CA THR B 24 -87.38 2.89 42.18
C THR B 24 -86.77 2.31 40.89
N ARG B 25 -87.63 1.63 40.11
CA ARG B 25 -87.26 1.10 38.79
C ARG B 25 -86.13 0.08 38.88
N ASN B 26 -86.46 -1.08 39.46
CA ASN B 26 -85.48 -2.16 39.64
C ASN B 26 -86.18 -3.51 39.62
N PRO B 27 -86.44 -4.09 38.44
CA PRO B 27 -87.02 -5.44 38.42
C PRO B 27 -86.06 -6.44 39.04
N VAL B 28 -86.60 -7.43 39.74
CA VAL B 28 -85.81 -8.51 40.34
C VAL B 28 -86.50 -9.82 39.94
N PHE B 29 -86.05 -10.40 38.84
CA PHE B 29 -86.64 -11.62 38.36
C PHE B 29 -86.33 -12.76 39.36
N PRO B 30 -87.19 -13.79 39.46
CA PRO B 30 -86.94 -14.85 40.44
C PRO B 30 -85.61 -15.56 40.19
N ARG B 31 -84.95 -15.95 41.29
CA ARG B 31 -83.66 -16.62 41.29
C ARG B 31 -82.65 -15.86 40.42
N PHE B 32 -82.61 -14.54 40.64
CA PHE B 32 -81.73 -13.63 39.90
C PHE B 32 -81.23 -12.60 40.89
N ILE B 33 -79.92 -12.61 41.15
CA ILE B 33 -79.32 -11.64 42.06
C ILE B 33 -79.47 -10.23 41.48
N LYS B 34 -79.70 -9.27 42.35
CA LYS B 34 -79.92 -7.89 41.92
C LYS B 34 -79.54 -6.96 43.05
N ILE B 35 -79.23 -5.72 42.70
CA ILE B 35 -78.74 -4.70 43.63
C ILE B 35 -79.80 -3.61 43.68
N ILE B 36 -80.00 -3.02 44.88
CA ILE B 36 -80.91 -1.90 45.07
C ILE B 36 -80.09 -0.73 45.60
N GLU B 37 -80.38 0.47 45.02
CA GLU B 37 -79.77 1.77 45.30
C GLU B 37 -80.83 2.88 45.16
N VAL B 38 -81.73 2.97 46.16
CA VAL B 38 -82.72 4.04 46.23
C VAL B 38 -82.02 5.37 46.56
N LYS B 39 -82.58 6.48 46.03
CA LYS B 39 -81.95 7.78 46.26
C LYS B 39 -82.32 8.40 47.60
N ASN B 40 -83.49 8.09 48.15
CA ASN B 40 -83.83 8.61 49.48
C ASN B 40 -82.95 7.95 50.54
N LYS B 41 -82.49 8.75 51.50
CA LYS B 41 -81.65 8.26 52.60
C LYS B 41 -82.47 7.77 53.80
N LYS B 42 -83.79 7.96 53.79
CA LYS B 42 -84.63 7.53 54.89
C LYS B 42 -84.65 6.01 55.06
N LEU B 43 -84.51 5.28 53.96
CA LEU B 43 -84.51 3.82 53.99
C LEU B 43 -83.32 3.24 54.75
N VAL B 44 -82.20 3.96 54.83
CA VAL B 44 -81.05 3.42 55.55
C VAL B 44 -81.39 3.25 57.02
N GLU B 45 -82.29 4.10 57.56
CA GLU B 45 -82.70 3.91 58.95
C GLU B 45 -83.49 2.62 59.13
N LEU B 46 -84.26 2.24 58.11
CA LEU B 46 -84.93 0.95 58.13
C LEU B 46 -83.89 -0.16 58.02
N LEU B 47 -82.85 0.07 57.22
CA LEU B 47 -81.78 -0.92 57.10
C LEU B 47 -81.08 -1.12 58.43
N ARG B 48 -80.94 -0.05 59.21
CA ARG B 48 -80.31 -0.22 60.50
C ARG B 48 -81.25 -0.79 61.53
N ARG B 49 -82.56 -0.76 61.26
CA ARG B 49 -83.50 -1.38 62.18
C ARG B 49 -83.68 -2.87 61.88
N LYS B 50 -83.27 -3.36 60.69
CA LYS B 50 -83.35 -4.81 60.42
C LYS B 50 -82.10 -5.61 60.80
N VAL B 51 -80.96 -4.96 61.10
CA VAL B 51 -79.76 -5.70 61.48
C VAL B 51 -79.95 -6.46 62.79
N ARG B 52 -80.72 -5.87 63.71
CA ARG B 52 -81.01 -6.50 65.00
C ARG B 52 -82.02 -7.63 64.92
N LEU B 53 -82.75 -7.78 63.81
CA LEU B 53 -83.74 -8.83 63.71
C LEU B 53 -83.09 -10.21 63.61
N ALA B 54 -83.79 -11.21 64.15
CA ALA B 54 -83.25 -12.58 64.22
C ALA B 54 -83.01 -13.15 62.84
N GLN B 55 -83.98 -13.01 61.94
CA GLN B 55 -83.90 -13.49 60.56
C GLN B 55 -83.77 -12.23 59.70
N PRO B 56 -82.67 -12.01 58.96
CA PRO B 56 -82.62 -10.82 58.10
C PRO B 56 -83.31 -11.11 56.77
N TYR B 57 -84.25 -10.24 56.39
CA TYR B 57 -85.01 -10.43 55.18
C TYR B 57 -85.53 -9.09 54.69
N VAL B 58 -85.81 -9.07 53.40
CA VAL B 58 -86.33 -7.90 52.70
C VAL B 58 -87.25 -8.43 51.62
N GLY B 59 -88.38 -7.76 51.44
CA GLY B 59 -89.30 -8.17 50.41
C GLY B 59 -88.99 -7.53 49.10
N VAL B 60 -89.60 -8.08 48.05
CA VAL B 60 -89.56 -7.46 46.74
C VAL B 60 -90.97 -7.52 46.19
N PHE B 61 -91.47 -6.36 45.78
CA PHE B 61 -92.79 -6.19 45.20
C PHE B 61 -92.63 -5.43 43.90
N LEU B 62 -93.72 -5.29 43.15
CA LEU B 62 -93.73 -4.53 41.90
C LEU B 62 -94.73 -3.39 42.02
N LYS B 63 -94.36 -2.25 41.45
CA LYS B 63 -95.20 -1.06 41.36
C LYS B 63 -96.21 -1.22 40.24
N ARG B 64 -97.31 -0.46 40.32
CA ARG B 64 -98.34 -0.51 39.30
C ARG B 64 -98.06 0.52 38.21
N ASP B 65 -99.00 0.66 37.28
CA ASP B 65 -98.86 1.54 36.15
C ASP B 65 -98.84 3.00 36.61
N ASP B 66 -98.18 3.85 35.82
CA ASP B 66 -97.98 5.26 36.15
C ASP B 66 -97.22 5.37 37.47
N SER B 67 -95.91 5.11 37.43
CA SER B 67 -95.10 5.17 38.64
C SER B 67 -95.05 6.57 39.22
N ASN B 68 -95.06 6.65 40.55
CA ASN B 68 -95.02 7.94 41.22
C ASN B 68 -94.47 7.71 42.62
N GLU B 69 -93.25 8.20 42.89
CA GLU B 69 -92.65 8.03 44.21
C GLU B 69 -93.44 8.76 45.29
N SER B 70 -94.06 9.89 44.94
CA SER B 70 -94.86 10.59 45.95
C SER B 70 -96.07 9.74 46.33
N ASP B 71 -96.67 9.03 45.36
CA ASP B 71 -97.76 8.15 45.75
C ASP B 71 -97.22 6.98 46.56
N VAL B 72 -95.96 6.57 46.30
CA VAL B 72 -95.39 5.43 47.01
C VAL B 72 -95.30 5.76 48.49
N VAL B 73 -95.02 7.03 48.81
CA VAL B 73 -94.96 7.45 50.22
C VAL B 73 -96.30 7.92 50.75
N GLU B 74 -97.28 8.22 49.87
CA GLU B 74 -98.61 8.59 50.34
C GLU B 74 -99.47 7.35 50.59
N SER B 75 -99.74 6.58 49.53
CA SER B 75 -100.59 5.40 49.57
C SER B 75 -99.76 4.13 49.43
N LEU B 76 -100.33 3.04 49.94
CA LEU B 76 -99.74 1.71 49.85
C LEU B 76 -100.41 0.82 48.80
N ASP B 77 -101.43 1.33 48.08
CA ASP B 77 -102.10 0.55 47.05
C ASP B 77 -101.38 0.59 45.70
N GLU B 78 -100.39 1.47 45.52
CA GLU B 78 -99.67 1.55 44.25
C GLU B 78 -98.86 0.30 43.97
N ILE B 79 -98.37 -0.36 44.99
CA ILE B 79 -97.63 -1.59 44.83
C ILE B 79 -98.57 -2.75 44.55
N TYR B 80 -98.10 -3.70 43.75
CA TYR B 80 -98.89 -4.89 43.45
C TYR B 80 -98.88 -5.83 44.64
N HIS B 81 -99.94 -6.61 44.75
CA HIS B 81 -100.09 -7.51 45.89
C HIS B 81 -99.11 -8.67 45.86
N THR B 82 -98.56 -9.01 44.71
CA THR B 82 -97.50 -10.01 44.68
C THR B 82 -96.26 -9.49 45.39
N GLY B 83 -95.58 -10.40 46.10
CA GLY B 83 -94.33 -10.08 46.75
C GLY B 83 -93.37 -11.25 46.63
N THR B 84 -92.09 -10.98 46.88
CA THR B 84 -91.06 -12.01 46.85
C THR B 84 -90.10 -11.74 48.01
N PHE B 85 -90.33 -12.41 49.13
CA PHE B 85 -89.45 -12.33 50.29
C PHE B 85 -88.19 -13.16 50.08
N ALA B 86 -87.10 -12.71 50.70
CA ALA B 86 -85.81 -13.39 50.59
C ALA B 86 -84.90 -12.86 51.68
N GLN B 87 -83.93 -13.67 52.06
CA GLN B 87 -82.94 -13.26 53.05
C GLN B 87 -81.87 -12.33 52.48
N ILE B 88 -81.40 -11.43 53.34
CA ILE B 88 -80.32 -10.52 53.01
C ILE B 88 -79.01 -11.28 53.01
N HIS B 89 -78.05 -10.82 52.19
CA HIS B 89 -76.72 -11.43 52.13
C HIS B 89 -75.73 -10.64 52.96
N GLU B 90 -75.24 -9.50 52.46
CA GLU B 90 -74.27 -8.70 53.17
C GLU B 90 -74.32 -7.29 52.63
N MET B 91 -74.20 -6.30 53.52
CA MET B 91 -74.14 -4.91 53.10
C MET B 91 -72.74 -4.58 52.60
N GLN B 92 -72.68 -3.59 51.68
CA GLN B 92 -71.42 -3.08 51.14
C GLN B 92 -71.39 -1.55 51.19
N ASP B 93 -72.30 -0.92 50.44
CA ASP B 93 -72.42 0.55 50.35
C ASP B 93 -71.12 1.15 49.83
N LEU B 94 -70.64 0.60 48.71
CA LEU B 94 -69.35 1.01 48.15
C LEU B 94 -69.35 2.50 47.80
N GLY B 95 -70.29 2.94 46.97
CA GLY B 95 -70.39 4.33 46.56
C GLY B 95 -71.60 5.00 47.17
N ASP B 96 -72.78 4.53 46.79
CA ASP B 96 -74.01 4.96 47.44
C ASP B 96 -74.10 4.32 48.81
N LYS B 97 -74.91 4.95 49.65
CA LYS B 97 -75.04 4.57 51.05
C LYS B 97 -76.08 3.48 51.29
N LEU B 98 -76.71 2.94 50.23
CA LEU B 98 -77.77 1.95 50.30
C LEU B 98 -77.60 1.00 49.12
N ARG B 99 -76.60 0.13 49.17
CA ARG B 99 -76.30 -0.84 48.10
C ARG B 99 -76.64 -2.23 48.60
N MET B 100 -77.93 -2.49 48.82
CA MET B 100 -78.33 -3.82 49.23
C MET B 100 -78.39 -4.79 48.05
N ILE B 101 -78.23 -6.08 48.35
CA ILE B 101 -78.41 -7.14 47.38
C ILE B 101 -79.71 -7.86 47.72
N VAL B 102 -80.50 -8.18 46.69
CA VAL B 102 -81.81 -8.80 46.79
C VAL B 102 -81.81 -10.01 45.86
N MET B 103 -82.67 -10.97 46.21
CA MET B 103 -82.79 -12.23 45.50
C MET B 103 -84.24 -12.69 45.59
N GLY B 104 -84.60 -13.58 44.68
CA GLY B 104 -85.92 -14.18 44.64
C GLY B 104 -85.88 -15.60 45.15
N HIS B 105 -86.39 -15.82 46.37
CA HIS B 105 -86.39 -17.12 47.04
C HIS B 105 -87.80 -17.59 47.36
N ARG B 106 -88.60 -16.79 48.07
CA ARG B 106 -89.96 -17.16 48.46
C ARG B 106 -90.94 -16.19 47.79
N ARG B 107 -91.68 -16.67 46.79
CA ARG B 107 -92.80 -15.93 46.24
C ARG B 107 -94.01 -16.00 47.16
N VAL B 108 -94.87 -14.98 47.09
CA VAL B 108 -96.10 -14.94 47.85
C VAL B 108 -97.03 -13.95 47.18
N HIS B 109 -98.33 -14.14 47.36
CA HIS B 109 -99.35 -13.21 46.86
C HIS B 109 -100.31 -12.94 48.02
N ILE B 110 -100.06 -11.83 48.73
CA ILE B 110 -100.95 -11.43 49.81
C ILE B 110 -102.32 -11.10 49.23
N SER B 111 -103.38 -11.52 49.93
CA SER B 111 -104.74 -11.22 49.47
C SER B 111 -105.05 -9.73 49.51
N ARG B 112 -104.52 -9.02 50.51
CA ARG B 112 -104.78 -7.59 50.68
C ARG B 112 -103.61 -6.96 51.44
N GLN B 113 -102.78 -6.20 50.72
CA GLN B 113 -101.67 -5.46 51.34
C GLN B 113 -102.14 -4.32 52.24
N LEU B 114 -103.34 -3.77 51.99
CA LEU B 114 -103.84 -2.69 52.84
C LEU B 114 -104.02 -3.14 54.29
N GLU B 115 -104.35 -4.40 54.52
CA GLU B 115 -104.55 -4.89 55.90
C GLU B 115 -103.19 -5.29 56.44
N MET B 166 -99.60 -8.25 58.28
CA MET B 166 -100.39 -8.50 57.07
C MET B 166 -100.58 -10.00 56.89
N VAL B 167 -101.81 -10.44 56.61
CA VAL B 167 -102.07 -11.86 56.44
C VAL B 167 -101.32 -12.37 55.23
N GLU B 168 -100.74 -13.57 55.33
CA GLU B 168 -99.95 -14.11 54.24
C GLU B 168 -99.96 -15.62 54.33
N VAL B 169 -99.71 -16.27 53.19
CA VAL B 169 -99.73 -17.72 53.12
C VAL B 169 -98.82 -18.14 51.97
N GLU B 170 -98.16 -19.28 52.16
CA GLU B 170 -97.26 -19.84 51.14
C GLU B 170 -98.09 -20.56 50.09
N ASN B 171 -98.78 -19.77 49.26
CA ASN B 171 -99.50 -20.30 48.10
C ASN B 171 -98.54 -20.38 46.90
N VAL B 172 -97.49 -21.17 47.09
CA VAL B 172 -96.53 -21.49 46.01
C VAL B 172 -97.10 -22.74 45.33
N VAL B 173 -98.11 -22.54 44.50
CA VAL B 173 -98.71 -23.64 43.78
C VAL B 173 -97.70 -24.23 42.80
N HIS B 174 -97.72 -25.56 42.65
CA HIS B 174 -96.81 -26.26 41.75
C HIS B 174 -97.45 -27.56 41.25
N GLU B 175 -98.74 -27.50 40.90
CA GLU B 175 -99.45 -28.69 40.43
C GLU B 175 -98.78 -29.24 39.18
N ASP B 176 -98.77 -30.57 39.04
CA ASP B 176 -98.20 -31.24 37.87
C ASP B 176 -98.83 -32.62 37.70
N PHE B 177 -99.05 -33.01 36.45
CA PHE B 177 -99.71 -34.26 36.12
C PHE B 177 -98.86 -35.47 36.54
N GLN B 178 -99.54 -36.57 36.86
CA GLN B 178 -98.85 -37.79 37.26
C GLN B 178 -97.96 -38.35 36.15
N VAL B 179 -98.30 -38.09 34.89
CA VAL B 179 -97.54 -38.61 33.75
C VAL B 179 -96.48 -37.57 33.39
N THR B 180 -95.22 -37.87 33.73
CA THR B 180 -94.08 -37.00 33.48
C THR B 180 -93.13 -37.69 32.49
N GLU B 181 -93.57 -37.81 31.24
CA GLU B 181 -92.77 -38.37 30.16
C GLU B 181 -92.66 -37.37 29.02
N GLU B 182 -93.74 -37.09 28.30
CA GLU B 182 -93.75 -36.10 27.23
C GLU B 182 -93.76 -34.66 27.71
N VAL B 183 -94.13 -34.40 28.96
CA VAL B 183 -94.20 -33.02 29.45
C VAL B 183 -92.85 -32.34 29.47
N LYS B 184 -91.75 -33.10 29.65
CA LYS B 184 -90.43 -32.46 29.62
C LYS B 184 -89.95 -32.13 28.22
N ALA B 185 -90.65 -32.59 27.16
CA ALA B 185 -90.22 -32.29 25.82
C ALA B 185 -90.25 -30.80 25.53
N LEU B 186 -91.22 -30.08 26.12
CA LEU B 186 -91.32 -28.65 25.86
C LEU B 186 -90.10 -27.92 26.39
N THR B 187 -89.51 -28.44 27.48
CA THR B 187 -88.37 -27.78 28.09
C THR B 187 -87.21 -27.76 27.12
N ALA B 188 -87.07 -28.83 26.32
CA ALA B 188 -86.01 -28.88 25.31
C ALA B 188 -86.18 -27.79 24.29
N GLU B 189 -87.41 -27.44 23.95
CA GLU B 189 -87.63 -26.33 23.03
C GLU B 189 -87.32 -24.99 23.69
N ILE B 190 -87.67 -24.84 24.99
CA ILE B 190 -87.45 -23.57 25.69
C ILE B 190 -85.96 -23.24 25.79
N VAL B 191 -85.15 -24.20 26.24
CA VAL B 191 -83.72 -23.96 26.32
C VAL B 191 -83.15 -23.81 24.91
N LYS B 192 -83.72 -24.51 23.93
CA LYS B 192 -83.27 -24.34 22.55
C LYS B 192 -83.58 -22.94 22.04
N THR B 193 -84.71 -22.38 22.46
CA THR B 193 -84.99 -20.99 22.12
C THR B 193 -84.00 -20.08 22.82
N ILE B 194 -83.75 -20.33 24.11
CA ILE B 194 -82.77 -19.53 24.84
C ILE B 194 -81.39 -19.67 24.19
N ARG B 195 -81.08 -20.86 23.65
CA ARG B 195 -79.84 -21.02 22.88
C ARG B 195 -79.83 -20.18 21.63
N ASP B 196 -80.96 -20.11 20.92
CA ASP B 196 -81.01 -19.20 19.79
C ASP B 196 -80.93 -17.74 20.21
N ILE B 197 -81.59 -17.39 21.32
CA ILE B 197 -81.61 -15.99 21.75
C ILE B 197 -80.24 -15.52 22.20
N ILE B 198 -79.51 -16.34 22.96
CA ILE B 198 -78.19 -15.89 23.37
C ILE B 198 -77.23 -15.94 22.19
N ALA B 199 -77.52 -16.75 21.15
CA ALA B 199 -76.59 -16.79 20.02
C ALA B 199 -76.76 -15.58 19.11
N LEU B 200 -77.98 -15.30 18.68
CA LEU B 200 -78.23 -14.15 17.81
C LEU B 200 -78.29 -12.83 18.59
N ASN B 201 -78.70 -12.88 19.86
CA ASN B 201 -78.83 -11.70 20.72
C ASN B 201 -78.19 -11.98 22.08
N PRO B 202 -76.86 -12.06 22.14
CA PRO B 202 -76.19 -12.27 23.44
C PRO B 202 -76.43 -11.12 24.43
N LEU B 203 -76.52 -11.49 25.71
CA LEU B 203 -76.70 -10.52 26.80
C LEU B 203 -75.80 -10.85 27.99
N TYR B 204 -75.88 -12.07 28.52
CA TYR B 204 -75.01 -12.53 29.60
C TYR B 204 -74.05 -13.61 29.10
N ARG B 205 -73.19 -14.05 30.00
CA ARG B 205 -72.22 -15.11 29.75
C ARG B 205 -72.91 -16.47 29.65
N GLU B 206 -72.32 -17.34 28.83
CA GLU B 206 -72.84 -18.69 28.61
C GLU B 206 -72.37 -19.74 29.62
N SER B 207 -71.39 -19.42 30.49
CA SER B 207 -70.89 -20.43 31.42
C SER B 207 -71.97 -20.87 32.39
N VAL B 208 -72.93 -20.00 32.70
CA VAL B 208 -74.04 -20.40 33.54
C VAL B 208 -74.87 -21.46 32.84
N LEU B 209 -75.03 -21.32 31.51
CA LEU B 209 -75.73 -22.35 30.74
C LEU B 209 -74.97 -23.67 30.78
N GLN B 210 -73.64 -23.61 30.74
CA GLN B 210 -72.83 -24.81 30.89
C GLN B 210 -72.91 -25.37 32.31
N MET B 211 -73.18 -24.51 33.29
CA MET B 211 -73.20 -24.95 34.69
C MET B 211 -74.45 -25.77 34.97
N MET B 212 -75.61 -25.31 34.50
CA MET B 212 -76.90 -25.96 34.76
C MET B 212 -77.31 -26.69 33.50
N GLN B 213 -76.83 -27.93 33.35
CA GLN B 213 -77.13 -28.78 32.21
C GLN B 213 -78.26 -29.74 32.50
N ALA B 214 -79.07 -30.01 31.47
CA ALA B 214 -80.17 -30.95 31.63
C ALA B 214 -79.68 -32.37 31.90
N GLY B 215 -78.48 -32.72 31.42
CA GLY B 215 -77.97 -34.07 31.55
C GLY B 215 -77.36 -34.44 32.88
N GLN B 216 -77.28 -33.50 33.82
CA GLN B 216 -76.76 -33.75 35.16
C GLN B 216 -77.85 -34.25 36.12
N ARG B 217 -79.13 -34.16 35.74
CA ARG B 217 -80.28 -34.57 36.56
C ARG B 217 -80.36 -33.79 37.88
N VAL B 218 -79.82 -32.56 37.89
CA VAL B 218 -79.78 -31.71 39.08
C VAL B 218 -80.92 -30.69 39.13
N VAL B 219 -81.78 -30.63 38.13
CA VAL B 219 -82.85 -29.62 38.07
C VAL B 219 -84.02 -30.16 38.89
N ASP B 220 -83.88 -30.05 40.21
CA ASP B 220 -84.93 -30.44 41.14
C ASP B 220 -86.15 -29.53 41.09
N ASN B 221 -86.02 -28.33 40.50
CA ASN B 221 -87.09 -27.34 40.41
C ASN B 221 -87.22 -26.82 38.98
N PRO B 222 -87.88 -27.57 38.09
CA PRO B 222 -88.04 -27.07 36.70
C PRO B 222 -88.78 -25.74 36.60
N ILE B 223 -89.75 -25.45 37.46
CA ILE B 223 -90.46 -24.17 37.37
C ILE B 223 -89.50 -23.01 37.66
N TYR B 224 -88.56 -23.22 38.59
CA TYR B 224 -87.57 -22.18 38.83
C TYR B 224 -86.64 -22.02 37.63
N LEU B 225 -86.30 -23.10 36.93
CA LEU B 225 -85.46 -22.95 35.74
C LEU B 225 -86.23 -22.26 34.62
N SER B 226 -87.53 -22.52 34.50
CA SER B 226 -88.30 -21.81 33.49
C SER B 226 -88.40 -20.34 33.83
N ASP B 227 -88.53 -20.02 35.13
CA ASP B 227 -88.52 -18.61 35.52
C ASP B 227 -87.17 -17.97 35.25
N MET B 228 -86.08 -18.69 35.51
CA MET B 228 -84.75 -18.13 35.23
C MET B 228 -84.54 -17.93 33.74
N GLY B 229 -85.13 -18.79 32.90
CA GLY B 229 -85.03 -18.59 31.46
C GLY B 229 -85.92 -17.47 30.98
N ALA B 230 -87.09 -17.30 31.60
CA ALA B 230 -87.98 -16.20 31.26
C ALA B 230 -87.46 -14.87 31.78
N ALA B 231 -86.57 -14.90 32.78
CA ALA B 231 -86.00 -13.66 33.29
C ALA B 231 -85.16 -12.95 32.25
N LEU B 232 -84.54 -13.71 31.34
CA LEU B 232 -83.75 -13.11 30.27
C LEU B 232 -84.60 -12.28 29.32
N THR B 233 -85.90 -12.57 29.21
CA THR B 233 -86.79 -11.92 28.27
C THR B 233 -86.87 -10.42 28.52
N GLY B 234 -86.96 -9.66 27.43
CA GLY B 234 -87.07 -8.22 27.46
C GLY B 234 -88.47 -7.68 27.65
N ALA B 235 -89.46 -8.56 27.84
CA ALA B 235 -90.85 -8.15 27.94
C ALA B 235 -91.05 -7.22 29.12
N GLU B 236 -92.03 -6.32 28.98
CA GLU B 236 -92.29 -5.31 29.99
C GLU B 236 -92.68 -5.95 31.32
N SER B 237 -92.39 -5.23 32.41
CA SER B 237 -92.72 -5.75 33.73
C SER B 237 -94.23 -6.03 33.84
N HIS B 238 -95.04 -5.22 33.16
CA HIS B 238 -96.48 -5.42 33.14
C HIS B 238 -96.80 -6.76 32.49
N GLU B 239 -96.05 -7.12 31.44
CA GLU B 239 -96.20 -8.43 30.84
C GLU B 239 -95.80 -9.53 31.81
N LEU B 240 -94.79 -9.29 32.65
CA LEU B 240 -94.40 -10.30 33.64
C LEU B 240 -95.54 -10.53 34.62
N GLN B 241 -96.15 -9.45 35.11
CA GLN B 241 -97.31 -9.60 35.98
C GLN B 241 -98.47 -10.25 35.25
N ASP B 242 -98.62 -9.98 33.95
CA ASP B 242 -99.69 -10.61 33.19
C ASP B 242 -99.46 -12.11 33.08
N VAL B 243 -98.19 -12.52 32.98
CA VAL B 243 -97.89 -13.94 32.99
C VAL B 243 -98.17 -14.52 34.38
N LEU B 244 -97.88 -13.74 35.42
CA LEU B 244 -98.06 -14.19 36.81
C LEU B 244 -99.53 -14.32 37.19
N GLU B 245 -100.43 -13.57 36.54
CA GLU B 245 -101.85 -13.70 36.88
C GLU B 245 -102.36 -15.09 36.51
N GLU B 246 -101.79 -15.71 35.49
CA GLU B 246 -102.19 -17.05 35.07
C GLU B 246 -101.84 -18.05 36.18
N THR B 247 -102.72 -19.01 36.39
CA THR B 247 -102.53 -20.05 37.40
C THR B 247 -102.09 -21.38 36.80
N ASN B 248 -102.74 -21.83 35.73
CA ASN B 248 -102.41 -23.12 35.15
C ASN B 248 -101.00 -23.10 34.56
N ILE B 249 -100.24 -24.18 34.83
CA ILE B 249 -98.87 -24.27 34.31
C ILE B 249 -98.82 -24.22 32.79
N PRO B 250 -99.59 -25.04 32.03
CA PRO B 250 -99.49 -24.94 30.55
C PRO B 250 -99.84 -23.57 30.01
N LYS B 251 -100.80 -22.87 30.63
CA LYS B 251 -101.16 -21.54 30.16
C LYS B 251 -100.00 -20.58 30.31
N ARG B 252 -99.37 -20.54 31.49
CA ARG B 252 -98.24 -19.61 31.68
C ARG B 252 -97.07 -20.01 30.78
N LEU B 253 -96.89 -21.30 30.53
CA LEU B 253 -95.82 -21.73 29.63
C LEU B 253 -96.11 -21.27 28.21
N TYR B 254 -97.37 -21.31 27.81
CA TYR B 254 -97.73 -20.89 26.46
C TYR B 254 -97.61 -19.38 26.33
N LYS B 255 -98.03 -18.64 27.35
CA LYS B 255 -97.87 -17.20 27.30
C LYS B 255 -96.40 -16.80 27.30
N ALA B 256 -95.56 -17.53 28.03
CA ALA B 256 -94.12 -17.26 28.01
C ALA B 256 -93.51 -17.62 26.66
N LEU B 257 -94.08 -18.61 25.98
CA LEU B 257 -93.60 -18.95 24.65
C LEU B 257 -94.03 -17.88 23.66
N SER B 258 -95.29 -17.46 23.72
CA SER B 258 -95.77 -16.46 22.78
C SER B 258 -95.06 -15.13 23.01
N LEU B 259 -94.71 -14.81 24.26
CA LEU B 259 -93.89 -13.63 24.52
C LEU B 259 -92.48 -13.82 23.97
N LEU B 260 -91.98 -15.06 23.97
CA LEU B 260 -90.67 -15.28 23.34
C LEU B 260 -90.75 -15.16 21.83
N LYS B 261 -91.88 -15.54 21.24
CA LYS B 261 -92.05 -15.40 19.79
C LYS B 261 -92.17 -13.93 19.40
N LYS B 262 -92.99 -13.16 20.11
CA LYS B 262 -93.15 -11.75 19.79
C LYS B 262 -91.84 -10.99 20.01
N GLU B 263 -91.18 -11.20 21.15
CA GLU B 263 -89.93 -10.50 21.42
C GLU B 263 -88.84 -10.93 20.43
N PHE B 264 -88.81 -12.21 20.06
CA PHE B 264 -87.86 -12.67 19.05
C PHE B 264 -88.18 -12.09 17.69
N GLU B 265 -89.46 -11.92 17.35
CA GLU B 265 -89.77 -11.29 16.08
C GLU B 265 -89.36 -9.83 16.08
N LEU B 266 -89.42 -9.17 17.25
CA LEU B 266 -88.96 -7.79 17.32
C LEU B 266 -87.45 -7.70 17.16
N SER B 267 -86.70 -8.57 17.84
CA SER B 267 -85.24 -8.59 17.68
C SER B 267 -84.81 -9.09 16.31
N LYS B 268 -85.62 -9.94 15.66
CA LYS B 268 -85.29 -10.42 14.32
C LYS B 268 -85.51 -9.35 13.28
N LEU B 269 -86.69 -8.70 13.32
CA LEU B 269 -86.94 -7.60 12.41
C LEU B 269 -86.00 -6.45 12.67
N GLN B 270 -85.59 -6.24 13.93
CA GLN B 270 -84.64 -5.18 14.24
C GLN B 270 -83.25 -5.50 13.67
N GLN B 271 -82.79 -6.75 13.81
CA GLN B 271 -81.49 -7.09 13.24
C GLN B 271 -81.53 -7.04 11.72
N ARG B 272 -82.68 -7.32 11.10
CA ARG B 272 -82.75 -7.29 9.65
C ARG B 272 -82.83 -5.84 9.15
N LEU B 273 -83.61 -4.99 9.84
CA LEU B 273 -83.65 -3.57 9.48
C LEU B 273 -82.28 -2.95 9.65
N GLY B 274 -81.59 -3.32 10.73
CA GLY B 274 -80.26 -2.76 10.95
C GLY B 274 -79.26 -3.25 9.93
N ARG B 275 -79.38 -4.51 9.50
CA ARG B 275 -78.51 -5.01 8.43
C ARG B 275 -78.76 -4.27 7.13
N GLU B 276 -80.03 -3.94 6.84
CA GLU B 276 -80.32 -3.17 5.65
C GLU B 276 -79.80 -1.73 5.77
N VAL B 277 -79.89 -1.14 6.96
CA VAL B 277 -79.32 0.20 7.15
C VAL B 277 -77.80 0.14 7.02
N GLU B 278 -77.20 -0.96 7.48
CA GLU B 278 -75.75 -1.11 7.35
C GLU B 278 -75.38 -1.27 5.90
N GLU B 279 -76.18 -2.01 5.13
CA GLU B 279 -75.87 -2.19 3.71
C GLU B 279 -76.02 -0.88 2.96
N LYS B 280 -77.01 -0.06 3.35
CA LYS B 280 -77.19 1.24 2.72
C LYS B 280 -76.10 2.22 3.13
N ILE B 281 -75.41 1.96 4.25
CA ILE B 281 -74.19 2.71 4.50
C ILE B 281 -73.03 2.10 3.69
N LYS B 282 -73.02 0.77 3.52
CA LYS B 282 -72.04 0.13 2.66
C LYS B 282 -72.22 0.44 1.18
N GLN B 283 -73.40 0.93 0.76
CA GLN B 283 -73.55 1.36 -0.63
C GLN B 283 -72.57 2.48 -0.99
N THR B 284 -72.10 3.22 0.00
CA THR B 284 -71.05 4.20 -0.22
C THR B 284 -69.81 3.49 -0.75
N HIS B 285 -69.22 4.06 -1.78
CA HIS B 285 -68.22 3.37 -2.58
C HIS B 285 -66.94 3.13 -1.79
N ARG B 286 -66.18 2.15 -2.27
CA ARG B 286 -64.86 1.84 -1.72
C ARG B 286 -63.86 2.98 -1.95
N LYS B 287 -64.16 3.88 -2.88
CA LYS B 287 -63.37 5.10 -3.03
C LYS B 287 -63.39 5.92 -1.75
N TYR B 288 -64.52 5.93 -1.03
CA TYR B 288 -64.59 6.69 0.21
C TYR B 288 -63.67 6.09 1.26
N LEU B 289 -63.52 4.76 1.24
CA LEU B 289 -62.61 4.11 2.18
C LEU B 289 -61.16 4.36 1.80
N LEU B 290 -60.83 4.24 0.51
CA LEU B 290 -59.46 4.53 0.11
C LEU B 290 -59.12 6.02 0.27
N GLN B 291 -60.08 6.93 0.07
CA GLN B 291 -59.83 8.34 0.33
C GLN B 291 -59.62 8.57 1.82
N GLU B 292 -60.32 7.79 2.66
CA GLU B 292 -60.05 7.86 4.10
C GLU B 292 -58.63 7.40 4.40
N GLN B 293 -58.15 6.38 3.69
CA GLN B 293 -56.75 6.01 3.88
C GLN B 293 -55.81 7.08 3.35
N LEU B 294 -56.22 7.81 2.32
CA LEU B 294 -55.35 8.85 1.79
C LEU B 294 -55.20 10.00 2.78
N LYS B 295 -56.30 10.42 3.41
CA LYS B 295 -56.17 11.40 4.49
C LYS B 295 -55.45 10.83 5.70
N ILE B 296 -55.54 9.51 5.94
CA ILE B 296 -54.79 8.94 7.06
C ILE B 296 -53.29 9.04 6.77
N ILE B 297 -52.93 8.86 5.49
CA ILE B 297 -51.53 9.02 5.09
C ILE B 297 -51.12 10.47 5.24
N LYS B 298 -51.95 11.42 4.82
CA LYS B 298 -51.57 12.83 4.94
C LYS B 298 -51.52 13.26 6.40
N LYS B 299 -52.44 12.74 7.22
CA LYS B 299 -52.47 13.06 8.65
C LYS B 299 -51.21 12.57 9.33
N GLU B 300 -50.63 11.50 8.81
CA GLU B 300 -49.39 10.97 9.35
C GLU B 300 -48.19 11.38 8.52
N LEU B 301 -48.42 12.16 7.45
CA LEU B 301 -47.42 12.85 6.64
C LEU B 301 -46.96 14.17 7.24
N GLY B 302 -47.64 14.69 8.26
CA GLY B 302 -47.24 15.97 8.78
C GLY B 302 -46.20 15.91 9.89
N LEU B 303 -45.04 15.34 9.58
CA LEU B 303 -43.93 15.34 10.52
C LEU B 303 -42.64 15.10 9.74
N GLU B 304 -42.75 14.40 8.62
CA GLU B 304 -41.61 14.12 7.77
C GLU B 304 -41.50 15.13 6.64
N LYS B 305 -40.27 15.37 6.21
CA LYS B 305 -39.93 16.28 5.11
C LYS B 305 -39.73 15.49 3.82
N ASP B 306 -38.77 15.92 2.98
CA ASP B 306 -38.50 15.33 1.67
C ASP B 306 -37.11 15.68 1.14
N ASP B 307 -36.07 15.39 1.95
CA ASP B 307 -34.69 15.72 1.58
C ASP B 307 -34.33 15.18 0.21
N LYS B 308 -34.69 13.91 -0.05
CA LYS B 308 -34.38 13.32 -1.34
C LYS B 308 -34.96 14.19 -2.45
N ASP B 309 -36.23 14.59 -2.31
CA ASP B 309 -36.79 15.51 -3.29
C ASP B 309 -36.09 16.85 -3.25
N ALA B 310 -35.58 17.27 -2.08
CA ALA B 310 -34.88 18.56 -1.99
C ALA B 310 -33.69 18.56 -2.92
N ILE B 311 -32.81 17.57 -2.77
CA ILE B 311 -31.63 17.51 -3.62
C ILE B 311 -32.03 17.20 -5.06
N GLU B 312 -33.02 16.32 -5.26
CA GLU B 312 -33.43 15.96 -6.61
C GLU B 312 -34.02 17.13 -7.37
N GLU B 313 -34.46 18.16 -6.68
CA GLU B 313 -34.94 19.37 -7.33
C GLU B 313 -33.84 20.42 -7.42
N LYS B 314 -33.04 20.59 -6.38
CA LYS B 314 -32.04 21.65 -6.40
C LYS B 314 -30.99 21.40 -7.46
N PHE B 315 -30.61 20.15 -7.67
CA PHE B 315 -29.75 19.84 -8.81
C PHE B 315 -30.43 20.21 -10.10
N ARG B 316 -31.71 19.89 -10.21
CA ARG B 316 -32.47 20.18 -11.42
C ARG B 316 -32.49 21.69 -11.66
N GLU B 317 -32.64 22.45 -10.59
CA GLU B 317 -32.76 23.89 -10.72
C GLU B 317 -31.45 24.52 -11.16
N ARG B 318 -30.34 24.07 -10.58
CA ARG B 318 -29.06 24.58 -11.07
C ARG B 318 -28.81 24.18 -12.51
N LEU B 319 -29.33 23.06 -12.93
CA LEU B 319 -29.08 22.64 -14.30
C LEU B 319 -30.02 23.28 -15.30
N LYS B 320 -31.03 24.03 -14.86
CA LYS B 320 -32.02 24.59 -15.78
C LYS B 320 -31.39 25.49 -16.82
N GLU B 321 -30.67 26.52 -16.37
CA GLU B 321 -30.29 27.58 -17.30
C GLU B 321 -29.23 27.14 -18.33
N LEU B 322 -28.40 26.16 -18.01
CA LEU B 322 -27.37 25.72 -18.94
C LEU B 322 -27.99 25.01 -20.13
N VAL B 323 -27.29 25.06 -21.27
CA VAL B 323 -27.68 24.29 -22.45
C VAL B 323 -26.94 22.95 -22.38
N VAL B 324 -27.57 21.99 -21.71
CA VAL B 324 -26.91 20.72 -21.39
C VAL B 324 -26.86 19.78 -22.60
N PRO B 325 -25.70 19.31 -23.04
CA PRO B 325 -25.66 18.39 -24.18
C PRO B 325 -26.32 17.06 -23.91
N LYS B 326 -26.87 16.47 -24.97
CA LYS B 326 -27.62 15.24 -24.87
C LYS B 326 -26.78 14.10 -24.31
N HIS B 327 -25.46 14.12 -24.52
CA HIS B 327 -24.62 13.08 -23.94
C HIS B 327 -24.78 13.05 -22.45
N VAL B 328 -24.95 14.22 -21.84
CA VAL B 328 -24.99 14.27 -20.41
C VAL B 328 -26.37 13.96 -19.90
N MET B 329 -27.42 14.53 -20.51
CA MET B 329 -28.74 14.57 -19.87
C MET B 329 -29.24 13.19 -19.49
N ASP B 330 -29.00 12.20 -20.34
CA ASP B 330 -29.43 10.85 -20.01
C ASP B 330 -28.64 10.30 -18.83
N VAL B 331 -27.31 10.51 -18.81
CA VAL B 331 -26.51 9.98 -17.72
C VAL B 331 -26.90 10.64 -16.41
N VAL B 332 -27.03 11.96 -16.43
CA VAL B 332 -27.41 12.66 -15.20
C VAL B 332 -28.78 12.22 -14.78
N ASP B 333 -29.65 11.88 -15.71
CA ASP B 333 -30.99 11.51 -15.30
C ASP B 333 -30.99 10.13 -14.64
N GLU B 334 -30.32 9.14 -15.26
CA GLU B 334 -30.30 7.82 -14.66
C GLU B 334 -29.56 7.83 -13.33
N GLU B 335 -28.49 8.63 -13.24
CA GLU B 335 -27.82 8.76 -11.96
C GLU B 335 -28.72 9.41 -10.94
N LEU B 336 -29.52 10.37 -11.36
CA LEU B 336 -30.38 11.04 -10.39
C LEU B 336 -31.43 10.09 -9.86
N SER B 337 -31.91 9.17 -10.69
CA SER B 337 -32.85 8.17 -10.19
C SER B 337 -32.16 7.23 -9.22
N LYS B 338 -30.97 6.75 -9.58
CA LYS B 338 -30.23 5.84 -8.70
C LYS B 338 -29.94 6.50 -7.38
N LEU B 339 -29.70 7.80 -7.38
CA LEU B 339 -29.56 8.54 -6.15
C LEU B 339 -30.85 8.59 -5.38
N GLY B 340 -31.97 8.62 -6.10
CA GLY B 340 -33.24 8.72 -5.41
C GLY B 340 -33.67 7.46 -4.71
N LEU B 341 -33.13 6.30 -5.10
CA LEU B 341 -33.61 5.08 -4.45
C LEU B 341 -33.05 4.89 -3.04
N LEU B 342 -31.74 5.02 -2.86
CA LEU B 342 -31.11 4.41 -1.70
C LEU B 342 -31.34 5.20 -0.41
N ASP B 343 -31.21 4.49 0.71
CA ASP B 343 -31.37 5.09 2.04
C ASP B 343 -30.26 6.10 2.27
N ASN B 344 -30.61 7.20 2.96
CA ASN B 344 -29.78 8.40 2.99
C ASN B 344 -28.41 8.15 3.59
N HIS B 345 -28.32 7.30 4.61
CA HIS B 345 -27.04 7.11 5.25
C HIS B 345 -26.16 6.09 4.53
N SER B 346 -26.68 5.37 3.55
CA SER B 346 -25.94 4.27 2.94
C SER B 346 -24.64 4.78 2.35
N SER B 347 -23.57 4.05 2.61
CA SER B 347 -22.24 4.56 2.30
C SER B 347 -22.05 4.80 0.83
N GLU B 348 -22.70 4.03 -0.03
CA GLU B 348 -22.56 4.33 -1.44
C GLU B 348 -23.19 5.67 -1.75
N PHE B 349 -24.28 6.04 -1.07
CA PHE B 349 -25.09 7.17 -1.52
C PHE B 349 -24.27 8.44 -1.58
N ASN B 350 -23.34 8.60 -0.65
CA ASN B 350 -22.52 9.79 -0.67
C ASN B 350 -21.79 9.94 -1.99
N VAL B 351 -21.22 8.84 -2.52
CA VAL B 351 -20.43 8.98 -3.73
C VAL B 351 -21.30 9.54 -4.85
N THR B 352 -22.55 9.11 -4.91
CA THR B 352 -23.40 9.64 -5.96
C THR B 352 -23.79 11.08 -5.69
N ARG B 353 -24.09 11.44 -4.44
CA ARG B 353 -24.36 12.87 -4.19
C ARG B 353 -23.16 13.73 -4.51
N ASN B 354 -21.97 13.16 -4.45
CA ASN B 354 -20.81 13.90 -4.87
C ASN B 354 -20.75 13.95 -6.37
N TYR B 355 -21.03 12.82 -7.02
CA TYR B 355 -20.86 12.75 -8.47
C TYR B 355 -21.72 13.81 -9.09
N LEU B 356 -22.99 13.83 -8.71
CA LEU B 356 -23.85 14.84 -9.28
C LEU B 356 -23.36 16.22 -8.92
N ASP B 357 -22.77 16.39 -7.74
CA ASP B 357 -22.32 17.72 -7.34
C ASP B 357 -21.24 18.24 -8.27
N TRP B 358 -20.45 17.34 -8.87
CA TRP B 358 -19.54 17.78 -9.93
C TRP B 358 -20.22 17.88 -11.27
N LEU B 359 -21.04 16.90 -11.62
CA LEU B 359 -21.56 16.83 -12.98
C LEU B 359 -22.50 17.98 -13.30
N THR B 360 -23.24 18.47 -12.34
CA THR B 360 -24.10 19.60 -12.56
C THR B 360 -23.41 20.93 -12.35
N SER B 361 -22.20 20.93 -11.83
CA SER B 361 -21.52 22.18 -11.54
C SER B 361 -20.80 22.73 -12.74
N ILE B 362 -20.10 21.89 -13.50
CA ILE B 362 -19.24 22.41 -14.57
C ILE B 362 -20.10 23.05 -15.64
N PRO B 363 -19.82 24.26 -16.09
CA PRO B 363 -20.69 24.92 -17.05
C PRO B 363 -20.77 24.16 -18.35
N TRP B 364 -21.94 24.17 -18.98
CA TRP B 364 -22.19 23.48 -20.23
C TRP B 364 -22.66 24.52 -21.20
N GLY B 365 -21.72 25.21 -21.82
CA GLY B 365 -22.04 26.21 -22.81
C GLY B 365 -22.20 27.62 -22.29
N LYS B 366 -22.18 27.83 -20.99
CA LYS B 366 -22.12 29.20 -20.50
C LYS B 366 -20.82 29.81 -20.99
N TYR B 367 -20.88 31.00 -21.58
CA TYR B 367 -19.74 31.59 -22.29
C TYR B 367 -19.50 33.00 -21.81
N SER B 368 -18.33 33.23 -21.25
CA SER B 368 -17.95 34.57 -20.89
C SER B 368 -17.76 35.37 -22.16
N ASN B 369 -18.70 36.29 -22.43
CA ASN B 369 -18.64 37.02 -23.69
C ASN B 369 -17.33 37.78 -23.76
N GLU B 370 -16.68 37.70 -24.91
CA GLU B 370 -15.38 38.30 -25.11
C GLU B 370 -15.56 39.53 -25.96
N ASN B 371 -14.82 40.57 -25.60
CA ASN B 371 -14.83 41.81 -26.36
C ASN B 371 -14.39 41.47 -27.78
N LEU B 372 -14.92 42.22 -28.73
CA LEU B 372 -14.65 41.98 -30.15
C LEU B 372 -13.89 43.11 -30.83
N ASP B 373 -14.24 44.38 -30.61
CA ASP B 373 -13.58 45.45 -31.36
C ASP B 373 -12.11 45.54 -31.01
N LEU B 374 -11.27 45.67 -32.01
CA LEU B 374 -9.84 45.64 -31.76
C LEU B 374 -9.27 46.99 -31.38
N ALA B 375 -9.96 48.08 -31.72
CA ALA B 375 -9.42 49.41 -31.48
C ALA B 375 -9.17 49.64 -30.00
N ARG B 376 -10.17 49.35 -29.18
CA ARG B 376 -9.99 49.51 -27.75
C ARG B 376 -9.00 48.50 -27.21
N ALA B 377 -8.94 47.31 -27.81
CA ALA B 377 -8.05 46.27 -27.30
C ALA B 377 -6.59 46.66 -27.44
N GLN B 378 -6.26 47.44 -28.47
CA GLN B 378 -4.88 47.88 -28.64
C GLN B 378 -4.33 48.56 -27.40
N ALA B 379 -5.11 49.49 -26.83
CA ALA B 379 -4.59 50.31 -25.76
C ALA B 379 -4.27 49.47 -24.55
N VAL B 380 -5.19 48.61 -24.14
CA VAL B 380 -4.92 47.80 -22.98
C VAL B 380 -3.81 46.82 -23.26
N LEU B 381 -3.59 46.45 -24.51
CA LEU B 381 -2.50 45.51 -24.75
C LEU B 381 -1.15 46.20 -24.60
N GLU B 382 -1.02 47.42 -25.10
CA GLU B 382 0.26 48.13 -25.05
C GLU B 382 0.53 48.83 -23.74
N GLU B 383 -0.44 48.92 -22.84
CA GLU B 383 -0.29 49.85 -21.72
C GLU B 383 0.78 49.43 -20.74
N ASP B 384 1.09 48.14 -20.61
CA ASP B 384 2.09 47.70 -19.62
C ASP B 384 3.06 46.67 -20.18
N HIS B 385 3.49 46.83 -21.43
CA HIS B 385 4.59 46.07 -22.00
C HIS B 385 5.11 46.89 -23.16
N TYR B 386 6.21 46.46 -23.74
CA TYR B 386 6.80 47.22 -24.83
C TYR B 386 7.50 46.26 -25.77
N GLY B 387 7.55 46.62 -27.04
CA GLY B 387 8.12 45.70 -27.99
C GLY B 387 7.25 44.47 -28.12
N MET B 388 7.89 43.35 -28.46
CA MET B 388 7.21 42.08 -28.60
C MET B 388 6.12 42.18 -29.65
N GLU B 389 6.42 42.90 -30.73
CA GLU B 389 5.38 43.26 -31.69
C GLU B 389 4.77 42.04 -32.34
N ASP B 390 5.53 40.98 -32.53
CA ASP B 390 4.99 39.81 -33.22
C ASP B 390 3.88 39.14 -32.39
N VAL B 391 4.05 39.07 -31.08
CA VAL B 391 3.02 38.46 -30.26
C VAL B 391 1.76 39.31 -30.28
N LYS B 392 1.91 40.61 -30.16
CA LYS B 392 0.74 41.47 -30.20
C LYS B 392 0.08 41.40 -31.57
N LYS B 393 0.86 41.24 -32.63
CA LYS B 393 0.22 41.08 -33.93
C LYS B 393 -0.57 39.80 -33.98
N ARG B 394 -0.09 38.73 -33.34
CA ARG B 394 -0.89 37.52 -33.37
C ARG B 394 -2.19 37.71 -32.65
N ILE B 395 -2.16 38.32 -31.47
CA ILE B 395 -3.41 38.48 -30.73
C ILE B 395 -4.35 39.42 -31.46
N LEU B 396 -3.82 40.39 -32.19
CA LEU B 396 -4.73 41.22 -32.96
C LEU B 396 -5.36 40.43 -34.09
N GLU B 397 -4.59 39.57 -34.77
CA GLU B 397 -5.17 38.70 -35.78
C GLU B 397 -6.30 37.88 -35.20
N PHE B 398 -6.09 37.37 -34.00
CA PHE B 398 -7.05 36.47 -33.40
C PHE B 398 -8.35 37.19 -33.09
N ILE B 399 -8.25 38.35 -32.45
CA ILE B 399 -9.47 39.08 -32.12
C ILE B 399 -10.19 39.48 -33.39
N ALA B 400 -9.45 39.80 -34.44
CA ALA B 400 -10.10 40.19 -35.69
C ALA B 400 -10.91 39.05 -36.27
N VAL B 401 -10.29 37.88 -36.40
CA VAL B 401 -11.00 36.74 -36.98
C VAL B 401 -12.19 36.35 -36.11
N SER B 402 -12.05 36.48 -34.79
CA SER B 402 -13.19 36.17 -33.96
C SER B 402 -14.32 37.12 -34.22
N GLN B 403 -14.01 38.37 -34.54
CA GLN B 403 -15.10 39.29 -34.87
C GLN B 403 -15.72 38.94 -36.20
N LEU B 404 -14.96 38.29 -37.08
CA LEU B 404 -15.47 38.07 -38.44
C LEU B 404 -16.38 36.86 -38.51
N ARG B 405 -16.03 35.77 -37.85
CA ARG B 405 -16.80 34.54 -38.04
C ARG B 405 -17.97 34.40 -37.08
N GLY B 406 -18.13 35.29 -36.11
CA GLY B 406 -19.22 35.22 -35.15
C GLY B 406 -18.85 34.53 -33.86
N SER B 407 -19.17 33.25 -33.74
CA SER B 407 -18.99 32.53 -32.49
C SER B 407 -17.53 32.50 -32.06
N THR B 408 -17.31 32.56 -30.77
CA THR B 408 -15.95 32.55 -30.21
C THR B 408 -15.27 31.21 -30.49
N GLN B 409 -13.96 31.24 -30.71
CA GLN B 409 -13.24 30.01 -30.99
C GLN B 409 -11.77 30.12 -30.68
N GLY B 410 -11.21 29.00 -30.20
CA GLY B 410 -9.88 28.98 -29.63
C GLY B 410 -8.80 28.46 -30.56
N LYS B 411 -7.65 28.17 -29.96
CA LYS B 411 -6.43 27.87 -30.70
C LYS B 411 -5.50 27.17 -29.72
N ILE B 412 -4.23 27.04 -30.08
CA ILE B 412 -3.15 26.65 -29.18
C ILE B 412 -1.93 27.48 -29.59
N LEU B 413 -1.17 27.95 -28.60
CA LEU B 413 0.02 28.73 -28.86
C LEU B 413 1.14 28.26 -27.96
N CYS B 414 2.37 28.58 -28.33
CA CYS B 414 3.54 28.19 -27.54
C CYS B 414 4.64 29.21 -27.79
N PHE B 415 4.81 30.12 -26.85
CA PHE B 415 5.92 31.05 -26.89
C PHE B 415 7.20 30.35 -26.46
N TYR B 416 8.35 30.87 -26.88
CA TYR B 416 9.61 30.35 -26.38
C TYR B 416 10.71 31.34 -26.66
N GLY B 417 11.68 31.41 -25.75
CA GLY B 417 12.76 32.33 -25.89
C GLY B 417 13.67 32.41 -24.67
N PRO B 418 14.68 33.27 -24.73
CA PRO B 418 15.63 33.38 -23.63
C PRO B 418 14.93 33.83 -22.36
N PRO B 419 15.39 33.39 -21.20
CA PRO B 419 14.65 33.66 -19.97
C PRO B 419 14.57 35.14 -19.66
N GLY B 420 13.44 35.53 -19.06
CA GLY B 420 13.26 36.90 -18.65
C GLY B 420 12.81 37.84 -19.73
N VAL B 421 12.41 37.33 -20.88
CA VAL B 421 11.97 38.21 -21.95
C VAL B 421 10.57 38.74 -21.71
N GLY B 422 9.80 38.15 -20.81
CA GLY B 422 8.42 38.51 -20.58
C GLY B 422 7.36 37.53 -21.00
N LYS B 423 7.74 36.27 -21.20
CA LYS B 423 6.77 35.30 -21.69
C LYS B 423 5.63 35.10 -20.72
N THR B 424 5.87 35.21 -19.42
CA THR B 424 4.86 34.82 -18.44
C THR B 424 4.02 35.98 -17.93
N SER B 425 4.52 37.20 -17.97
CA SER B 425 3.72 38.31 -17.53
C SER B 425 2.75 38.80 -18.57
N ILE B 426 2.87 38.35 -19.83
CA ILE B 426 1.95 38.84 -20.85
C ILE B 426 0.66 38.09 -20.83
N ALA B 427 0.66 36.85 -20.38
CA ALA B 427 -0.56 36.07 -20.42
C ALA B 427 -1.67 36.76 -19.67
N ARG B 428 -1.36 37.33 -18.50
CA ARG B 428 -2.38 38.00 -17.73
C ARG B 428 -2.92 39.20 -18.49
N SER B 429 -2.04 39.91 -19.19
CA SER B 429 -2.51 41.05 -19.96
C SER B 429 -3.39 40.61 -21.11
N ILE B 430 -3.07 39.48 -21.74
CA ILE B 430 -3.93 39.00 -22.81
C ILE B 430 -5.30 38.67 -22.27
N ALA B 431 -5.35 38.06 -21.10
CA ALA B 431 -6.65 37.74 -20.53
C ALA B 431 -7.44 39.00 -20.24
N ARG B 432 -6.76 40.06 -19.85
CA ARG B 432 -7.48 41.31 -19.65
C ARG B 432 -7.92 41.92 -20.96
N ALA B 433 -7.23 41.63 -22.05
CA ALA B 433 -7.60 42.26 -23.31
C ALA B 433 -8.77 41.56 -23.97
N LEU B 434 -8.63 40.28 -24.26
CA LEU B 434 -9.75 39.54 -24.85
C LEU B 434 -10.93 39.48 -23.92
N ASN B 435 -10.71 39.57 -22.61
CA ASN B 435 -11.68 39.61 -21.53
C ASN B 435 -12.10 38.24 -21.07
N ARG B 436 -11.61 37.14 -21.62
CA ARG B 436 -11.92 35.85 -21.04
C ARG B 436 -11.10 35.61 -19.78
N GLU B 437 -11.68 34.85 -18.86
CA GLU B 437 -11.13 34.67 -17.51
C GLU B 437 -9.86 33.85 -17.49
N TYR B 438 -9.00 34.16 -16.53
CA TYR B 438 -7.63 33.67 -16.46
C TYR B 438 -7.52 32.45 -15.55
N PHE B 439 -6.41 31.73 -15.67
CA PHE B 439 -6.03 30.61 -14.83
C PHE B 439 -4.51 30.51 -14.96
N ARG B 440 -3.89 29.61 -14.23
CA ARG B 440 -2.49 29.31 -14.42
C ARG B 440 -2.26 27.93 -13.88
N PHE B 441 -1.32 27.23 -14.48
CA PHE B 441 -1.16 25.79 -14.30
C PHE B 441 0.30 25.46 -14.55
N SER B 442 1.11 25.54 -13.52
CA SER B 442 2.49 25.13 -13.66
C SER B 442 2.56 23.63 -13.80
N VAL B 443 3.40 23.17 -14.70
CA VAL B 443 3.64 21.75 -14.92
C VAL B 443 5.13 21.51 -14.76
N GLY B 444 5.79 22.32 -13.94
CA GLY B 444 7.20 22.11 -13.70
C GLY B 444 7.40 20.82 -12.93
N GLY B 445 8.18 19.90 -13.48
CA GLY B 445 8.63 18.80 -12.68
C GLY B 445 7.61 17.78 -12.30
N MET B 446 6.36 17.92 -12.73
CA MET B 446 5.32 16.99 -12.34
C MET B 446 5.64 15.59 -12.85
N THR B 447 5.20 14.59 -12.09
CA THR B 447 5.45 13.20 -12.46
C THR B 447 4.25 12.32 -12.15
N ASP B 448 3.04 12.84 -12.24
CA ASP B 448 1.86 12.07 -11.88
C ASP B 448 0.78 12.41 -12.89
N VAL B 449 0.39 11.46 -13.73
CA VAL B 449 -0.63 11.71 -14.74
C VAL B 449 -1.97 12.06 -14.16
N ALA B 450 -2.24 11.72 -12.90
CA ALA B 450 -3.56 11.93 -12.35
C ALA B 450 -3.99 13.38 -12.42
N GLU B 451 -3.04 14.31 -12.36
CA GLU B 451 -3.38 15.72 -12.41
C GLU B 451 -4.04 16.11 -13.71
N ILE B 452 -3.68 15.47 -14.81
CA ILE B 452 -4.36 15.76 -16.06
C ILE B 452 -5.55 14.85 -16.30
N LYS B 453 -5.74 13.78 -15.50
CA LYS B 453 -6.75 12.77 -15.79
C LYS B 453 -7.53 12.26 -14.60
N GLY B 454 -7.34 12.77 -13.40
CA GLY B 454 -8.22 12.41 -12.31
C GLY B 454 -8.09 10.95 -11.88
N HIS B 455 -9.15 10.45 -11.25
CA HIS B 455 -9.18 9.10 -10.72
C HIS B 455 -10.57 8.52 -10.84
N ARG B 456 -10.65 7.21 -10.68
CA ARG B 456 -11.76 6.46 -11.23
C ARG B 456 -13.03 6.49 -10.38
N ARG B 457 -13.06 7.13 -9.22
CA ARG B 457 -14.21 7.37 -8.34
C ARG B 457 -14.60 6.20 -7.46
N THR B 458 -14.08 5.00 -7.67
CA THR B 458 -14.25 4.00 -6.62
C THR B 458 -13.18 4.15 -5.57
N TYR B 459 -12.08 4.80 -5.89
CA TYR B 459 -11.08 5.11 -4.89
C TYR B 459 -11.62 6.20 -3.99
N VAL B 460 -11.34 6.10 -2.70
CA VAL B 460 -11.83 7.11 -1.78
C VAL B 460 -11.21 8.44 -2.09
N GLY B 461 -12.03 9.49 -2.08
CA GLY B 461 -11.48 10.82 -2.23
C GLY B 461 -10.98 11.15 -3.62
N ALA B 462 -11.42 10.44 -4.64
CA ALA B 462 -10.98 10.78 -5.98
C ALA B 462 -11.54 12.12 -6.37
N MET B 463 -10.75 12.88 -7.12
CA MET B 463 -11.17 14.17 -7.66
C MET B 463 -10.76 14.26 -9.12
N PRO B 464 -11.52 14.98 -9.94
CA PRO B 464 -11.17 15.08 -11.35
C PRO B 464 -9.87 15.81 -11.52
N GLY B 465 -9.18 15.50 -12.60
CA GLY B 465 -7.91 16.12 -12.97
C GLY B 465 -7.94 17.63 -12.90
N LYS B 466 -6.80 18.30 -12.81
CA LYS B 466 -6.80 19.72 -12.48
C LYS B 466 -7.52 20.59 -13.50
N ILE B 467 -7.65 20.13 -14.74
CA ILE B 467 -8.32 20.96 -15.74
C ILE B 467 -9.79 21.16 -15.38
N ILE B 468 -10.48 20.12 -14.93
CA ILE B 468 -11.89 20.31 -14.60
C ILE B 468 -12.03 21.20 -13.39
N GLN B 469 -11.12 21.11 -12.43
CA GLN B 469 -11.21 22.02 -11.31
C GLN B 469 -11.07 23.45 -11.79
N CYS B 470 -10.23 23.67 -12.79
CA CYS B 470 -10.15 25.01 -13.33
C CYS B 470 -11.48 25.42 -13.93
N LEU B 471 -12.00 24.55 -14.77
CA LEU B 471 -13.20 24.87 -15.53
C LEU B 471 -14.40 25.07 -14.64
N LYS B 472 -14.37 24.58 -13.41
CA LYS B 472 -15.41 24.88 -12.44
C LYS B 472 -15.11 26.17 -11.68
N LYS B 473 -13.85 26.40 -11.30
CA LYS B 473 -13.53 27.56 -10.47
C LYS B 473 -13.88 28.86 -11.14
N THR B 474 -13.70 28.91 -12.45
CA THR B 474 -14.13 30.03 -13.26
C THR B 474 -15.40 29.56 -13.96
N LYS B 475 -16.51 30.24 -13.70
CA LYS B 475 -17.79 29.74 -14.18
C LYS B 475 -17.84 29.60 -15.69
N THR B 476 -17.06 30.35 -16.42
CA THR B 476 -17.10 30.34 -17.86
C THR B 476 -16.69 28.99 -18.42
N GLU B 477 -16.92 28.80 -19.72
CA GLU B 477 -16.53 27.59 -20.41
C GLU B 477 -15.23 27.73 -21.18
N ASN B 478 -14.75 28.94 -21.46
CA ASN B 478 -13.57 29.13 -22.31
C ASN B 478 -12.57 30.05 -21.63
N PRO B 479 -11.95 29.60 -20.56
CA PRO B 479 -10.89 30.34 -19.93
C PRO B 479 -9.61 30.21 -20.69
N LEU B 480 -8.69 31.11 -20.40
CA LEU B 480 -7.34 31.09 -20.95
C LEU B 480 -6.45 30.26 -20.05
N ILE B 481 -6.46 28.95 -20.25
CA ILE B 481 -5.51 28.10 -19.54
C ILE B 481 -4.13 28.58 -19.91
N LEU B 482 -3.19 28.46 -19.00
CA LEU B 482 -1.81 28.82 -19.25
C LEU B 482 -0.94 27.71 -18.69
N ILE B 483 -0.68 26.69 -19.50
CA ILE B 483 0.32 25.71 -19.09
C ILE B 483 1.62 26.47 -19.04
N ASP B 484 2.56 26.03 -18.22
CA ASP B 484 3.77 26.78 -18.02
C ASP B 484 4.97 25.85 -17.92
N GLU B 485 6.09 26.27 -18.46
CA GLU B 485 7.33 25.49 -18.44
C GLU B 485 7.14 24.09 -18.99
N VAL B 486 6.52 23.98 -20.16
CA VAL B 486 6.16 22.67 -20.69
C VAL B 486 7.39 21.83 -20.91
N ASP B 487 8.53 22.44 -21.23
CA ASP B 487 9.65 21.62 -21.64
C ASP B 487 10.39 20.99 -20.48
N LYS B 488 10.16 21.43 -19.26
CA LYS B 488 10.75 20.83 -18.06
C LYS B 488 9.87 19.79 -17.43
N ILE B 489 8.77 19.41 -18.07
CA ILE B 489 7.96 18.34 -17.56
C ILE B 489 8.82 17.09 -17.48
N GLY B 490 8.73 16.39 -16.38
CA GLY B 490 9.66 15.30 -16.14
C GLY B 490 9.21 14.00 -16.73
N ARG B 491 10.14 13.06 -16.77
CA ARG B 491 9.86 11.68 -17.12
C ARG B 491 9.71 10.97 -15.79
N GLY B 492 8.50 10.57 -15.49
CA GLY B 492 8.13 10.15 -14.16
C GLY B 492 8.27 8.69 -13.85
N TYR B 493 8.99 7.91 -14.66
CA TYR B 493 9.33 6.49 -14.47
C TYR B 493 8.10 5.57 -14.32
N GLN B 494 6.90 6.08 -14.58
CA GLN B 494 5.68 5.32 -14.68
C GLN B 494 4.62 6.28 -15.20
N GLY B 495 4.15 6.04 -16.43
CA GLY B 495 3.21 6.93 -17.10
C GLY B 495 3.66 8.36 -17.01
N ASP B 496 4.75 8.67 -17.70
CA ASP B 496 5.25 10.03 -17.66
C ASP B 496 4.19 10.95 -18.24
N PRO B 497 3.91 12.11 -17.61
CA PRO B 497 2.77 12.93 -18.01
C PRO B 497 2.80 13.40 -19.43
N SER B 498 3.97 13.55 -20.03
CA SER B 498 4.07 14.12 -21.38
C SER B 498 3.25 13.36 -22.39
N SER B 499 3.00 12.08 -22.15
CA SER B 499 2.12 11.34 -23.03
C SER B 499 0.68 11.81 -22.92
N ALA B 500 0.19 11.99 -21.69
CA ALA B 500 -1.22 12.32 -21.49
C ALA B 500 -1.58 13.63 -22.14
N LEU B 501 -0.65 14.58 -22.18
CA LEU B 501 -0.94 15.89 -22.76
C LEU B 501 -1.29 15.76 -24.23
N LEU B 502 -0.78 14.74 -24.90
CA LEU B 502 -1.08 14.58 -26.32
C LEU B 502 -2.55 14.42 -26.57
N GLU B 503 -3.27 13.77 -25.66
CA GLU B 503 -4.71 13.67 -25.88
C GLU B 503 -5.39 15.02 -25.75
N LEU B 504 -4.81 15.92 -24.99
CA LEU B 504 -5.46 17.17 -24.66
C LEU B 504 -5.28 18.23 -25.72
N LEU B 505 -4.18 18.21 -26.46
CA LEU B 505 -3.79 19.30 -27.34
C LEU B 505 -4.02 19.04 -28.82
N ASP B 506 -4.66 17.95 -29.21
CA ASP B 506 -4.93 17.73 -30.63
C ASP B 506 -5.84 18.85 -31.12
N PRO B 507 -5.51 19.55 -32.21
CA PRO B 507 -6.37 20.67 -32.60
C PRO B 507 -7.80 20.29 -32.86
N GLU B 508 -8.05 19.07 -33.34
CA GLU B 508 -9.39 18.59 -33.70
C GLU B 508 -9.96 17.57 -32.76
N GLN B 509 -9.18 16.59 -32.31
CA GLN B 509 -9.67 15.60 -31.38
C GLN B 509 -9.96 16.15 -30.00
N ASN B 510 -9.42 17.35 -29.67
CA ASN B 510 -9.56 17.92 -28.34
C ASN B 510 -11.01 18.00 -27.91
N ALA B 511 -11.95 18.10 -28.85
CA ALA B 511 -13.34 18.29 -28.54
C ALA B 511 -13.97 17.13 -27.77
N ASN B 512 -13.25 16.03 -27.50
CA ASN B 512 -13.77 14.86 -26.78
C ASN B 512 -12.80 14.40 -25.70
N PHE B 513 -12.29 15.32 -24.89
CA PHE B 513 -11.47 14.97 -23.74
C PHE B 513 -12.26 14.08 -22.80
N LEU B 514 -11.58 13.13 -22.15
CA LEU B 514 -12.21 12.02 -21.44
C LEU B 514 -11.56 11.75 -20.08
N ASP B 515 -11.42 12.79 -19.26
CA ASP B 515 -10.85 12.59 -17.93
C ASP B 515 -11.69 11.62 -17.12
N HIS B 516 -11.03 10.83 -16.27
CA HIS B 516 -11.67 9.64 -15.74
C HIS B 516 -12.86 9.94 -14.85
N TYR B 517 -12.72 10.89 -13.92
CA TYR B 517 -13.67 10.98 -12.79
C TYR B 517 -15.09 11.14 -13.30
N LEU B 518 -15.43 12.29 -13.86
CA LEU B 518 -16.72 12.41 -14.52
C LEU B 518 -16.48 11.87 -15.90
N ASP B 519 -17.13 10.77 -16.21
CA ASP B 519 -16.69 9.98 -17.33
C ASP B 519 -17.28 10.48 -18.64
N VAL B 520 -18.25 11.38 -18.61
CA VAL B 520 -18.83 11.88 -19.86
C VAL B 520 -17.81 12.74 -20.59
N PRO B 521 -17.58 12.59 -21.89
CA PRO B 521 -16.59 13.46 -22.55
C PRO B 521 -17.02 14.91 -22.50
N VAL B 522 -16.03 15.80 -22.37
CA VAL B 522 -16.25 17.24 -22.30
C VAL B 522 -15.54 17.87 -23.48
N ASP B 523 -16.20 18.82 -24.16
CA ASP B 523 -15.51 19.56 -25.21
C ASP B 523 -14.61 20.62 -24.62
N LEU B 524 -13.57 20.96 -25.35
CA LEU B 524 -12.62 21.94 -24.87
C LEU B 524 -12.15 22.85 -25.99
N SER B 525 -12.71 22.75 -27.19
CA SER B 525 -12.15 23.46 -28.34
C SER B 525 -12.10 24.96 -28.14
N LYS B 526 -13.02 25.51 -27.36
CA LYS B 526 -13.03 26.94 -27.16
C LYS B 526 -11.85 27.44 -26.35
N VAL B 527 -11.26 26.59 -25.50
CA VAL B 527 -10.20 27.02 -24.59
C VAL B 527 -9.03 27.51 -25.40
N LEU B 528 -8.29 28.46 -24.84
CA LEU B 528 -7.15 29.07 -25.51
C LEU B 528 -5.89 28.72 -24.73
N PHE B 529 -5.31 27.58 -24.99
CA PHE B 529 -4.11 27.18 -24.28
C PHE B 529 -2.98 28.08 -24.66
N ILE B 530 -1.98 28.18 -23.79
CA ILE B 530 -0.72 28.85 -24.08
C ILE B 530 0.30 28.05 -23.31
N CYS B 531 1.54 28.05 -23.78
CA CYS B 531 2.62 27.35 -23.11
C CYS B 531 3.78 28.30 -22.98
N THR B 532 4.90 27.80 -22.47
CA THR B 532 6.15 28.53 -22.46
C THR B 532 7.26 27.50 -22.41
N ALA B 533 8.41 27.83 -22.96
CA ALA B 533 9.48 26.85 -23.04
C ALA B 533 10.80 27.58 -23.21
N ASN B 534 11.70 27.41 -22.25
CA ASN B 534 12.99 28.10 -22.34
C ASN B 534 13.80 27.68 -23.55
N VAL B 535 13.65 26.43 -23.98
CA VAL B 535 14.34 25.93 -25.15
C VAL B 535 13.50 24.82 -25.73
N THR B 536 13.46 24.73 -27.05
CA THR B 536 12.46 23.90 -27.73
C THR B 536 13.04 22.61 -28.28
N ASP B 537 13.92 21.95 -27.55
CA ASP B 537 14.49 20.67 -27.92
C ASP B 537 13.97 19.52 -27.08
N THR B 538 13.78 19.75 -25.78
CA THR B 538 13.36 18.67 -24.91
C THR B 538 11.98 18.14 -25.27
N ILE B 539 11.13 18.93 -25.89
CA ILE B 539 9.72 18.56 -26.04
C ILE B 539 9.62 17.32 -26.94
N PRO B 540 8.83 16.30 -26.61
CA PRO B 540 8.70 15.16 -27.53
C PRO B 540 8.09 15.58 -28.85
N GLU B 541 8.51 14.89 -29.90
CA GLU B 541 8.24 15.35 -31.27
C GLU B 541 6.76 15.58 -31.58
N PRO B 542 5.84 14.63 -31.35
CA PRO B 542 4.44 14.93 -31.67
C PRO B 542 3.93 16.12 -30.91
N LEU B 543 4.33 16.27 -29.66
CA LEU B 543 3.87 17.42 -28.90
C LEU B 543 4.49 18.71 -29.43
N ARG B 544 5.70 18.64 -29.96
CA ARG B 544 6.24 19.81 -30.65
C ARG B 544 5.42 20.15 -31.87
N ASP B 545 4.80 19.16 -32.49
CA ASP B 545 4.11 19.41 -33.74
C ASP B 545 2.71 19.96 -33.55
N ARG B 546 2.04 19.68 -32.44
CA ARG B 546 0.63 20.09 -32.29
C ARG B 546 0.47 21.60 -32.32
N MET B 547 1.46 22.34 -31.86
CA MET B 547 1.27 23.72 -31.44
C MET B 547 2.08 24.68 -32.30
N GLU B 548 1.53 25.87 -32.51
CA GLU B 548 2.26 26.91 -33.19
C GLU B 548 3.39 27.38 -32.30
N MET B 549 4.46 27.90 -32.91
CA MET B 549 5.67 28.30 -32.18
C MET B 549 6.00 29.75 -32.49
N ILE B 550 5.32 30.67 -31.82
CA ILE B 550 5.77 32.05 -31.85
C ILE B 550 7.10 32.11 -31.16
N ASN B 551 7.95 33.08 -31.52
CA ASN B 551 9.29 33.20 -30.98
C ASN B 551 9.50 34.63 -30.50
N VAL B 552 9.35 34.88 -29.20
CA VAL B 552 9.86 36.13 -28.64
C VAL B 552 11.37 36.06 -28.62
N SER B 553 12.04 37.21 -28.65
CA SER B 553 13.51 37.26 -28.73
C SER B 553 14.03 38.40 -27.86
N GLY B 554 15.34 38.57 -27.85
CA GLY B 554 15.98 39.53 -26.96
C GLY B 554 15.82 40.97 -27.41
N TYR B 555 16.23 41.88 -26.53
CA TYR B 555 16.03 43.32 -26.70
C TYR B 555 17.30 44.04 -27.09
N VAL B 556 17.16 45.03 -27.97
CA VAL B 556 18.24 45.94 -28.29
C VAL B 556 18.37 46.99 -27.19
N ALA B 557 19.57 47.56 -27.05
CA ALA B 557 19.87 48.42 -25.90
C ALA B 557 18.97 49.63 -25.83
N GLN B 558 18.61 50.19 -26.98
CA GLN B 558 17.64 51.29 -26.99
C GLN B 558 16.31 50.83 -26.43
N GLU B 559 15.94 49.59 -26.70
CA GLU B 559 14.71 49.04 -26.16
C GLU B 559 14.79 48.96 -24.65
N LYS B 560 15.92 48.47 -24.13
CA LYS B 560 16.09 48.40 -22.67
C LYS B 560 16.01 49.79 -22.07
N LEU B 561 16.52 50.78 -22.80
CA LEU B 561 16.46 52.14 -22.28
C LEU B 561 15.02 52.57 -22.12
N ALA B 562 14.21 52.39 -23.16
CA ALA B 562 12.84 52.87 -23.09
C ALA B 562 12.06 52.14 -22.03
N ILE B 563 12.34 50.85 -21.84
CA ILE B 563 11.68 50.13 -20.76
C ILE B 563 12.17 50.66 -19.41
N ALA B 564 13.38 51.21 -19.36
CA ALA B 564 13.84 51.74 -18.09
C ALA B 564 13.11 53.01 -17.72
N GLU B 565 12.94 53.95 -18.67
CA GLU B 565 12.19 55.15 -18.29
C GLU B 565 10.73 54.83 -18.00
N ARG B 566 10.08 54.07 -18.89
CA ARG B 566 8.63 54.01 -18.82
C ARG B 566 8.15 53.21 -17.62
N TYR B 567 8.70 52.01 -17.42
CA TYR B 567 8.07 51.00 -16.59
C TYR B 567 8.88 50.65 -15.37
N LEU B 568 10.16 50.30 -15.55
CA LEU B 568 10.94 49.72 -14.46
C LEU B 568 11.22 50.72 -13.37
N VAL B 569 11.76 51.88 -13.73
CA VAL B 569 12.09 52.88 -12.72
C VAL B 569 10.88 53.31 -11.94
N PRO B 570 9.77 53.73 -12.55
CA PRO B 570 8.60 54.07 -11.74
C PRO B 570 8.11 52.92 -10.90
N GLN B 571 8.22 51.71 -11.41
CA GLN B 571 7.72 50.57 -10.66
C GLN B 571 8.54 50.36 -9.42
N ALA B 572 9.86 50.30 -9.58
CA ALA B 572 10.73 50.12 -8.43
C ALA B 572 10.65 51.30 -7.49
N ARG B 573 10.45 52.50 -8.00
CA ARG B 573 10.35 53.65 -7.12
C ARG B 573 9.11 53.55 -6.26
N ALA B 574 8.02 53.05 -6.82
CA ALA B 574 6.88 52.76 -5.97
C ALA B 574 7.17 51.62 -5.02
N LEU B 575 8.00 50.67 -5.44
CA LEU B 575 8.31 49.54 -4.59
C LEU B 575 9.12 49.95 -3.37
N CYS B 576 9.97 50.96 -3.50
CA CYS B 576 10.78 51.44 -2.38
C CYS B 576 10.12 52.57 -1.62
N GLY B 577 9.09 53.20 -2.18
CA GLY B 577 8.46 54.29 -1.51
C GLY B 577 9.15 55.63 -1.63
N LEU B 578 10.25 55.71 -2.39
CA LEU B 578 10.87 57.00 -2.64
C LEU B 578 9.94 57.84 -3.50
N ASP B 579 10.39 59.04 -3.83
CA ASP B 579 9.62 59.98 -4.63
C ASP B 579 10.50 60.57 -5.70
N GLU B 580 9.85 61.00 -6.78
CA GLU B 580 10.56 61.83 -7.74
C GLU B 580 11.00 63.08 -6.99
N SER B 581 12.17 63.59 -7.34
CA SER B 581 12.84 64.77 -6.79
C SER B 581 13.65 64.45 -5.55
N LYS B 582 13.48 63.26 -4.95
CA LYS B 582 14.36 62.79 -3.90
C LYS B 582 15.43 61.84 -4.41
N ALA B 583 15.13 61.08 -5.45
CA ALA B 583 16.05 60.09 -6.00
C ALA B 583 16.03 60.11 -7.53
N LYS B 584 16.11 61.30 -8.12
CA LYS B 584 16.05 61.42 -9.56
C LYS B 584 17.19 60.66 -10.24
N LEU B 585 16.91 60.13 -11.42
CA LEU B 585 17.91 59.50 -12.28
C LEU B 585 17.84 60.15 -13.65
N SER B 586 18.92 60.83 -14.02
CA SER B 586 19.04 61.34 -15.38
C SER B 586 19.10 60.16 -16.34
N SER B 587 18.48 60.31 -17.51
CA SER B 587 18.42 59.23 -18.49
C SER B 587 19.80 58.77 -18.92
N ASP B 588 20.78 59.67 -18.93
CA ASP B 588 22.14 59.26 -19.22
C ASP B 588 22.66 58.30 -18.18
N VAL B 589 22.17 58.38 -16.95
CA VAL B 589 22.54 57.40 -15.94
C VAL B 589 22.14 56.03 -16.43
N LEU B 590 20.93 55.91 -16.96
CA LEU B 590 20.48 54.61 -17.43
C LEU B 590 21.25 54.18 -18.66
N THR B 591 21.52 55.11 -19.58
CA THR B 591 22.26 54.73 -20.77
C THR B 591 23.64 54.22 -20.41
N LEU B 592 24.27 54.84 -19.41
CA LEU B 592 25.57 54.37 -18.96
C LEU B 592 25.44 53.03 -18.29
N LEU B 593 24.44 52.88 -17.44
CA LEU B 593 24.28 51.66 -16.69
C LEU B 593 24.03 50.48 -17.60
N ILE B 594 23.37 50.70 -18.74
CA ILE B 594 23.12 49.59 -19.66
C ILE B 594 24.33 49.37 -20.56
N LYS B 595 25.00 50.45 -20.95
CA LYS B 595 26.17 50.28 -21.80
C LYS B 595 27.28 49.52 -21.11
N GLN B 596 27.39 49.66 -19.80
CA GLN B 596 28.51 49.04 -19.07
C GLN B 596 28.12 47.75 -18.35
N TYR B 597 27.12 47.82 -17.47
CA TYR B 597 27.05 46.83 -16.40
C TYR B 597 26.12 45.67 -16.72
N CYS B 598 25.24 45.78 -17.72
CA CYS B 598 24.28 44.74 -18.07
C CYS B 598 24.10 44.70 -19.57
N ARG B 599 24.36 43.56 -20.18
CA ARG B 599 24.41 43.42 -21.63
C ARG B 599 23.84 42.09 -22.09
N GLU B 600 22.67 41.72 -21.57
CA GLU B 600 22.10 40.38 -21.77
C GLU B 600 20.67 40.50 -22.26
N SER B 601 20.17 39.37 -22.79
CA SER B 601 18.91 39.38 -23.51
C SER B 601 17.72 39.71 -22.62
N GLY B 602 17.77 39.36 -21.35
CA GLY B 602 16.64 39.56 -20.48
C GLY B 602 16.57 40.98 -19.98
N VAL B 603 15.51 41.27 -19.24
CA VAL B 603 15.32 42.57 -18.62
C VAL B 603 15.19 42.32 -17.13
N ARG B 604 15.91 41.33 -16.61
CA ARG B 604 15.97 41.09 -15.17
C ARG B 604 17.21 41.68 -14.56
N ASN B 605 18.38 41.33 -15.09
CA ASN B 605 19.64 41.82 -14.52
C ASN B 605 19.62 43.33 -14.36
N LEU B 606 19.16 44.03 -15.39
CA LEU B 606 18.98 45.46 -15.27
C LEU B 606 17.99 45.81 -14.20
N GLN B 607 16.99 44.97 -13.98
CA GLN B 607 16.01 45.25 -12.93
C GLN B 607 16.69 45.31 -11.60
N LYS B 608 17.61 44.39 -11.35
CA LYS B 608 18.28 44.40 -10.07
C LYS B 608 19.23 45.57 -9.95
N GLN B 609 19.94 45.95 -11.02
CA GLN B 609 20.81 47.12 -10.90
C GLN B 609 20.02 48.38 -10.61
N VAL B 610 18.90 48.58 -11.32
CA VAL B 610 18.18 49.82 -11.15
C VAL B 610 17.35 49.82 -9.89
N GLU B 611 17.16 48.67 -9.28
CA GLU B 611 16.58 48.65 -7.95
C GLU B 611 17.64 48.91 -6.90
N LYS B 612 18.85 48.41 -7.12
CA LYS B 612 19.92 48.64 -6.17
C LYS B 612 20.29 50.11 -6.07
N VAL B 613 20.36 50.78 -7.22
CA VAL B 613 20.71 52.19 -7.22
C VAL B 613 19.72 53.01 -6.42
N LEU B 614 18.48 52.56 -6.33
CA LEU B 614 17.51 53.28 -5.51
C LEU B 614 17.68 52.91 -4.05
N ARG B 615 17.76 51.62 -3.75
CA ARG B 615 17.71 51.22 -2.35
C ARG B 615 18.92 51.73 -1.58
N LYS B 616 20.08 51.80 -2.23
CA LYS B 616 21.23 52.35 -1.53
C LYS B 616 20.97 53.79 -1.18
N SER B 617 20.35 54.52 -2.10
CA SER B 617 20.02 55.90 -1.80
C SER B 617 19.01 55.99 -0.67
N ALA B 618 18.09 55.04 -0.59
CA ALA B 618 17.09 55.10 0.46
C ALA B 618 17.74 54.96 1.81
N TYR B 619 18.65 54.01 1.93
CA TYR B 619 19.35 53.88 3.19
C TYR B 619 20.19 55.09 3.48
N LYS B 620 20.72 55.71 2.44
CA LYS B 620 21.49 56.92 2.65
C LYS B 620 20.63 58.06 3.16
N ILE B 621 19.34 58.06 2.85
CA ILE B 621 18.49 59.18 3.22
C ILE B 621 17.83 58.96 4.57
N VAL B 622 17.18 57.83 4.77
CA VAL B 622 16.34 57.66 5.96
C VAL B 622 17.14 57.78 7.24
N SER B 623 18.42 57.42 7.19
CA SER B 623 19.24 57.48 8.39
C SER B 623 20.72 57.68 8.10
N GLY B 624 21.07 58.15 6.92
CA GLY B 624 22.39 58.64 6.59
C GLY B 624 22.44 60.13 6.77
N GLU B 625 23.09 60.80 5.81
CA GLU B 625 23.35 62.23 5.90
C GLU B 625 22.60 63.06 4.88
N ALA B 626 22.71 62.77 3.58
CA ALA B 626 22.22 63.68 2.55
C ALA B 626 20.71 63.86 2.64
N GLU B 627 20.26 65.11 2.55
CA GLU B 627 18.83 65.35 2.56
C GLU B 627 18.16 64.77 1.32
N SER B 628 18.88 64.72 0.20
CA SER B 628 18.31 64.21 -1.04
C SER B 628 19.44 63.82 -1.97
N VAL B 629 19.61 62.53 -2.20
CA VAL B 629 20.64 62.05 -3.10
C VAL B 629 20.29 62.50 -4.50
N GLU B 630 21.32 62.67 -5.33
CA GLU B 630 21.12 62.97 -6.74
C GLU B 630 22.26 62.31 -7.50
N VAL B 631 22.00 61.11 -8.02
CA VAL B 631 23.04 60.37 -8.70
C VAL B 631 23.45 61.12 -9.95
N THR B 632 24.73 61.07 -10.27
CA THR B 632 25.31 61.54 -11.51
C THR B 632 26.25 60.43 -11.94
N PRO B 633 26.58 60.33 -13.23
CA PRO B 633 27.35 59.16 -13.70
C PRO B 633 28.67 58.97 -12.99
N GLU B 634 29.29 60.06 -12.55
CA GLU B 634 30.59 60.00 -11.90
C GLU B 634 30.55 59.19 -10.61
N ASN B 635 29.41 59.17 -9.92
CA ASN B 635 29.29 58.40 -8.69
C ASN B 635 29.24 56.90 -8.92
N LEU B 636 28.79 56.46 -10.11
CA LEU B 636 28.26 55.11 -10.27
C LEU B 636 29.22 54.00 -9.85
N GLN B 637 30.50 54.11 -10.22
CA GLN B 637 31.43 53.00 -10.01
C GLN B 637 31.53 52.66 -8.54
N ASP B 638 31.44 53.66 -7.66
CA ASP B 638 31.44 53.32 -6.23
C ASP B 638 30.04 53.01 -5.75
N PHE B 639 29.06 53.67 -6.35
CA PHE B 639 27.71 53.64 -5.81
C PHE B 639 26.93 52.41 -6.29
N VAL B 640 27.45 51.66 -7.27
CA VAL B 640 26.86 50.43 -7.81
C VAL B 640 27.81 49.26 -7.71
N GLY B 641 29.11 49.52 -7.73
CA GLY B 641 30.14 48.50 -7.74
C GLY B 641 31.06 48.65 -8.94
N LYS B 642 32.02 47.73 -9.02
CA LYS B 642 32.99 47.79 -10.10
C LYS B 642 32.33 47.43 -11.43
N PRO B 643 32.71 48.07 -12.55
CA PRO B 643 32.14 47.68 -13.84
C PRO B 643 32.47 46.24 -14.17
N VAL B 644 31.54 45.59 -14.84
CA VAL B 644 31.79 44.23 -15.33
C VAL B 644 32.57 44.28 -16.63
N PHE B 645 31.97 44.85 -17.66
CA PHE B 645 32.70 45.11 -18.89
C PHE B 645 33.54 46.36 -18.73
N THR B 646 34.60 46.44 -19.54
CA THR B 646 35.41 47.64 -19.67
C THR B 646 35.05 48.36 -20.97
N VAL B 647 35.47 49.62 -21.07
CA VAL B 647 35.47 50.33 -22.35
C VAL B 647 36.71 49.87 -23.10
N GLU B 648 36.51 48.95 -24.04
CA GLU B 648 37.61 48.18 -24.60
C GLU B 648 38.35 48.98 -25.66
N ARG B 649 39.19 49.93 -25.20
CA ARG B 649 40.01 50.75 -26.08
C ARG B 649 41.46 50.30 -25.92
N MET B 650 41.95 49.51 -26.87
CA MET B 650 43.31 48.99 -26.83
C MET B 650 44.32 49.79 -27.65
N TYR B 651 43.87 50.63 -28.57
CA TYR B 651 44.74 51.52 -29.33
C TYR B 651 43.94 52.71 -29.84
N ASP B 652 44.62 53.84 -29.93
CA ASP B 652 44.15 55.00 -30.67
C ASP B 652 45.08 55.41 -31.80
N VAL B 653 46.30 54.84 -31.88
CA VAL B 653 47.22 55.12 -32.97
C VAL B 653 47.23 54.03 -34.03
N THR B 654 46.79 52.81 -33.69
CA THR B 654 46.86 51.64 -34.58
C THR B 654 48.28 51.48 -35.12
N PRO B 655 49.23 50.97 -34.33
CA PRO B 655 50.61 50.79 -34.83
C PRO B 655 50.61 49.78 -35.96
N PRO B 656 51.62 49.84 -36.86
CA PRO B 656 51.48 49.17 -38.16
C PRO B 656 51.24 47.69 -38.03
N GLY B 657 50.38 47.18 -38.90
CA GLY B 657 50.00 45.81 -38.91
C GLY B 657 48.80 45.49 -38.03
N VAL B 658 48.47 46.35 -37.07
CA VAL B 658 47.26 46.12 -36.32
C VAL B 658 46.09 46.42 -37.24
N VAL B 659 45.00 45.68 -37.07
CA VAL B 659 43.82 45.94 -37.89
C VAL B 659 42.57 45.62 -37.07
N MET B 660 41.56 46.46 -37.23
CA MET B 660 40.28 46.25 -36.61
C MET B 660 39.57 45.08 -37.29
N GLY B 661 38.67 44.44 -36.57
CA GLY B 661 37.77 43.54 -37.23
C GLY B 661 36.63 43.13 -36.33
N LEU B 662 35.40 43.28 -36.79
CA LEU B 662 34.24 42.80 -36.06
C LEU B 662 34.08 41.31 -36.23
N ALA B 663 33.47 40.67 -35.24
CA ALA B 663 33.24 39.24 -35.36
C ALA B 663 32.08 38.86 -34.47
N TRP B 664 31.37 37.80 -34.88
CA TRP B 664 30.15 37.38 -34.18
C TRP B 664 30.52 36.36 -33.11
N THR B 665 30.61 36.80 -31.86
CA THR B 665 30.67 35.90 -30.70
C THR B 665 29.29 35.32 -30.44
N ALA B 666 29.24 34.15 -29.80
CA ALA B 666 27.96 33.48 -29.57
C ALA B 666 26.96 34.34 -28.79
N MET B 667 27.44 35.26 -27.94
CA MET B 667 26.59 36.24 -27.25
C MET B 667 27.09 37.62 -27.66
N GLY B 668 26.48 38.18 -28.70
CA GLY B 668 26.85 39.51 -29.16
C GLY B 668 28.07 39.47 -30.07
N GLY B 669 28.40 40.62 -30.62
CA GLY B 669 29.61 40.76 -31.40
C GLY B 669 30.78 41.14 -30.53
N SER B 670 31.94 41.29 -31.18
CA SER B 670 33.14 41.72 -30.49
C SER B 670 34.12 42.31 -31.49
N THR B 671 34.84 43.32 -31.02
CA THR B 671 35.75 44.12 -31.84
C THR B 671 37.17 43.61 -31.65
N LEU B 672 37.47 42.51 -32.32
CA LEU B 672 38.78 41.90 -32.21
C LEU B 672 39.80 42.71 -33.00
N PHE B 673 41.06 42.65 -32.58
CA PHE B 673 42.17 43.24 -33.32
C PHE B 673 43.03 42.09 -33.83
N VAL B 674 43.08 41.91 -35.13
CA VAL B 674 44.06 41.00 -35.70
C VAL B 674 45.40 41.72 -35.74
N GLU B 675 46.48 40.94 -35.61
CA GLU B 675 47.82 41.49 -35.46
C GLU B 675 48.85 40.57 -36.08
N THR B 676 50.00 41.13 -36.44
CA THR B 676 51.08 40.33 -37.00
C THR B 676 52.38 41.12 -37.00
N SER B 677 53.49 40.39 -37.01
CA SER B 677 54.80 41.02 -37.03
C SER B 677 55.85 40.01 -37.45
N LEU B 678 56.99 40.52 -37.93
CA LEU B 678 58.09 39.66 -38.33
C LEU B 678 58.72 38.98 -37.12
N ARG B 679 59.19 37.75 -37.31
CA ARG B 679 59.60 36.90 -36.18
C ARG B 679 61.09 36.99 -35.87
N ARG B 680 61.96 36.54 -36.79
CA ARG B 680 63.41 36.65 -36.63
C ARG B 680 63.88 37.63 -37.70
N PRO B 681 65.18 38.00 -37.80
CA PRO B 681 65.53 39.10 -38.70
C PRO B 681 65.21 38.79 -40.14
N GLN B 682 64.81 39.82 -40.88
CA GLN B 682 64.64 39.67 -42.32
C GLN B 682 65.97 39.77 -43.05
N ASP B 683 67.03 40.19 -42.34
CA ASP B 683 68.38 40.15 -42.86
C ASP B 683 69.06 38.80 -42.60
N LYS B 684 68.28 37.75 -42.26
CA LYS B 684 68.81 36.41 -41.99
C LYS B 684 69.72 35.92 -43.10
N ASP B 685 69.38 36.24 -44.35
CA ASP B 685 70.19 36.01 -45.52
C ASP B 685 69.60 36.82 -46.66
N ALA B 686 70.11 38.04 -46.87
CA ALA B 686 69.57 38.92 -47.90
C ALA B 686 69.74 38.33 -49.29
N LYS B 687 70.81 37.57 -49.52
CA LYS B 687 70.99 36.89 -50.78
C LYS B 687 70.08 35.68 -50.92
N GLY B 688 69.75 35.02 -49.81
CA GLY B 688 68.89 33.84 -49.84
C GLY B 688 67.49 34.13 -50.35
N ASP B 689 67.01 33.30 -51.28
CA ASP B 689 65.69 33.46 -51.87
C ASP B 689 64.62 32.68 -51.11
N LYS B 690 64.79 32.52 -49.80
CA LYS B 690 63.88 31.72 -49.00
C LYS B 690 62.46 32.28 -49.04
N ASP B 691 61.48 31.38 -49.15
CA ASP B 691 60.09 31.79 -49.06
C ASP B 691 59.80 32.38 -47.69
N GLY B 692 59.00 33.44 -47.66
CA GLY B 692 58.48 33.91 -46.40
C GLY B 692 57.48 32.96 -45.80
N SER B 693 57.87 32.25 -44.77
CA SER B 693 56.94 31.33 -44.12
C SER B 693 55.87 32.10 -43.35
N LEU B 694 54.64 31.61 -43.40
CA LEU B 694 53.55 32.15 -42.60
C LEU B 694 53.28 31.18 -41.48
N GLU B 695 53.09 31.72 -40.29
CA GLU B 695 52.84 30.93 -39.09
C GLU B 695 51.71 31.62 -38.35
N VAL B 696 50.50 31.21 -38.70
CA VAL B 696 49.31 31.75 -38.07
C VAL B 696 49.21 31.20 -36.65
N THR B 697 48.54 31.96 -35.78
CA THR B 697 48.34 31.59 -34.39
C THR B 697 46.97 32.12 -34.03
N GLY B 698 46.41 31.66 -32.91
CA GLY B 698 45.11 32.15 -32.46
C GLY B 698 43.93 31.24 -32.67
N GLN B 699 44.08 29.96 -32.35
CA GLN B 699 43.00 28.97 -32.39
C GLN B 699 42.35 28.95 -33.76
N LEU B 700 43.19 28.86 -34.78
CA LEU B 700 42.70 28.84 -36.13
C LEU B 700 41.78 27.64 -36.35
N GLY B 701 40.68 27.90 -37.04
CA GLY B 701 39.88 26.85 -37.61
C GLY B 701 40.58 26.23 -38.81
N GLU B 702 40.25 24.98 -39.10
CA GLU B 702 40.87 24.32 -40.25
C GLU B 702 40.58 25.09 -41.53
N VAL B 703 39.38 25.66 -41.63
CA VAL B 703 39.08 26.57 -42.73
C VAL B 703 39.84 27.88 -42.61
N MET B 704 40.17 28.30 -41.39
CA MET B 704 40.88 29.56 -41.23
C MET B 704 42.26 29.50 -41.85
N LYS B 705 42.94 28.36 -41.76
CA LYS B 705 44.26 28.27 -42.40
C LYS B 705 44.12 28.34 -43.91
N GLU B 706 43.05 27.78 -44.47
CA GLU B 706 42.86 27.91 -45.90
C GLU B 706 42.62 29.35 -46.27
N SER B 707 41.80 30.06 -45.49
CA SER B 707 41.60 31.47 -45.72
C SER B 707 42.91 32.24 -45.58
N ALA B 708 43.77 31.79 -44.66
CA ALA B 708 45.00 32.50 -44.40
C ALA B 708 46.01 32.30 -45.52
N ARG B 709 46.16 31.06 -46.00
CA ARG B 709 47.07 30.84 -47.11
C ARG B 709 46.56 31.53 -48.36
N ILE B 710 45.24 31.53 -48.57
CA ILE B 710 44.68 32.29 -49.68
C ILE B 710 44.97 33.78 -49.49
N ALA B 711 44.92 34.23 -48.24
CA ALA B 711 45.19 35.63 -47.97
C ALA B 711 46.63 35.97 -48.26
N TYR B 712 47.54 35.09 -47.86
CA TYR B 712 48.94 35.32 -48.11
C TYR B 712 49.23 35.34 -49.60
N THR B 713 48.60 34.44 -50.35
CA THR B 713 48.86 34.37 -51.76
C THR B 713 48.36 35.62 -52.46
N PHE B 714 47.11 36.00 -52.18
CA PHE B 714 46.57 37.18 -52.82
C PHE B 714 47.31 38.43 -52.35
N ALA B 715 47.84 38.42 -51.13
CA ALA B 715 48.61 39.57 -50.69
C ALA B 715 49.89 39.71 -51.49
N ARG B 716 50.58 38.58 -51.73
CA ARG B 716 51.79 38.65 -52.53
C ARG B 716 51.48 39.10 -53.95
N ALA B 717 50.42 38.54 -54.53
CA ALA B 717 50.08 38.89 -55.90
C ALA B 717 49.66 40.35 -56.02
N PHE B 718 48.85 40.83 -55.06
CA PHE B 718 48.40 42.20 -55.12
C PHE B 718 49.55 43.17 -54.90
N LEU B 719 50.49 42.81 -54.03
CA LEU B 719 51.64 43.66 -53.83
C LEU B 719 52.50 43.71 -55.08
N MET B 720 52.58 42.60 -55.82
CA MET B 720 53.29 42.63 -57.10
C MET B 720 52.55 43.52 -58.10
N GLN B 721 51.21 43.48 -58.07
CA GLN B 721 50.45 44.33 -58.99
C GLN B 721 50.56 45.80 -58.66
N HIS B 722 50.74 46.16 -57.40
CA HIS B 722 50.60 47.53 -56.93
C HIS B 722 51.93 48.19 -56.56
N ALA B 723 52.80 47.47 -55.88
CA ALA B 723 54.12 47.97 -55.46
C ALA B 723 55.16 46.95 -55.85
N PRO B 724 55.55 46.88 -57.14
CA PRO B 724 56.49 45.83 -57.56
C PRO B 724 57.82 45.86 -56.82
N ALA B 725 58.29 47.05 -56.42
CA ALA B 725 59.57 47.13 -55.74
C ALA B 725 59.53 46.46 -54.37
N ASN B 726 58.38 46.44 -53.71
CA ASN B 726 58.31 45.88 -52.36
C ASN B 726 58.59 44.38 -52.41
N ASP B 727 59.31 43.89 -51.38
CA ASP B 727 59.81 42.52 -51.37
C ASP B 727 59.62 41.83 -50.03
N TYR B 728 58.79 42.34 -49.14
CA TYR B 728 58.67 41.68 -47.84
C TYR B 728 57.98 40.35 -47.99
N LEU B 729 56.72 40.35 -48.42
CA LEU B 729 55.89 39.16 -48.34
C LEU B 729 56.44 38.02 -49.18
N VAL B 730 57.11 38.34 -50.29
CA VAL B 730 57.64 37.27 -51.13
C VAL B 730 58.77 36.54 -50.43
N THR B 731 59.58 37.24 -49.64
CA THR B 731 60.79 36.67 -49.04
C THR B 731 60.96 37.09 -47.58
N SER B 732 59.88 37.05 -46.81
CA SER B 732 59.98 37.38 -45.39
C SER B 732 58.96 36.57 -44.63
N HIS B 733 59.47 35.77 -43.71
CA HIS B 733 58.66 35.11 -42.71
C HIS B 733 57.88 36.14 -41.88
N ILE B 734 56.66 35.76 -41.49
CA ILE B 734 55.76 36.69 -40.79
C ILE B 734 54.89 35.95 -39.79
N HIS B 735 55.11 36.18 -38.50
CA HIS B 735 54.17 35.69 -37.50
C HIS B 735 52.89 36.50 -37.59
N LEU B 736 51.76 35.82 -37.34
CA LEU B 736 50.45 36.46 -37.30
C LEU B 736 49.66 35.86 -36.16
N HIS B 737 48.69 36.63 -35.67
CA HIS B 737 47.79 36.22 -34.60
C HIS B 737 46.41 36.81 -34.84
N VAL B 738 45.40 35.95 -34.78
CA VAL B 738 43.99 36.30 -34.89
C VAL B 738 43.33 36.03 -33.53
N PRO B 739 42.78 37.04 -32.83
CA PRO B 739 42.11 36.72 -31.57
C PRO B 739 40.94 35.79 -31.78
N GLU B 740 40.75 34.91 -30.81
CA GLU B 740 39.74 33.87 -30.88
C GLU B 740 38.42 34.39 -30.31
N GLY B 741 37.36 33.63 -30.55
CA GLY B 741 36.04 33.92 -30.00
C GLY B 741 34.93 33.66 -31.00
N ALA B 742 35.19 33.96 -32.26
CA ALA B 742 34.20 33.80 -33.32
C ALA B 742 33.95 32.33 -33.62
N THR B 743 32.71 32.03 -34.02
CA THR B 743 32.39 30.65 -34.39
C THR B 743 33.06 30.29 -35.71
N PRO B 744 33.57 29.05 -35.87
CA PRO B 744 34.34 28.72 -37.08
C PRO B 744 33.58 28.89 -38.37
N LYS B 745 32.26 28.65 -38.37
CA LYS B 745 31.50 28.77 -39.60
C LYS B 745 31.51 30.19 -40.14
N ASP B 746 31.55 31.20 -39.26
CA ASP B 746 31.71 32.59 -39.68
C ASP B 746 33.17 33.02 -39.71
N GLY B 747 34.10 32.11 -39.37
CA GLY B 747 35.48 32.47 -39.12
C GLY B 747 36.20 33.11 -40.30
N PRO B 748 35.93 32.70 -41.54
CA PRO B 748 36.52 33.42 -42.68
C PRO B 748 36.06 34.87 -42.82
N SER B 749 35.10 35.34 -42.01
CA SER B 749 34.60 36.71 -42.10
C SER B 749 35.73 37.71 -41.94
N ALA B 750 36.75 37.38 -41.17
CA ALA B 750 37.87 38.25 -40.95
C ALA B 750 38.91 38.15 -42.06
N GLY B 751 38.72 37.26 -43.04
CA GLY B 751 39.78 37.01 -44.01
C GLY B 751 40.12 38.24 -44.83
N CYS B 752 39.12 39.03 -45.20
CA CYS B 752 39.40 40.26 -45.91
C CYS B 752 40.21 41.20 -45.05
N THR B 753 39.99 41.16 -43.74
CA THR B 753 40.81 41.93 -42.83
C THR B 753 42.26 41.47 -42.85
N ILE B 754 42.47 40.15 -43.02
CA ILE B 754 43.81 39.57 -42.87
C ILE B 754 44.76 40.17 -43.90
N VAL B 755 44.34 40.19 -45.17
CA VAL B 755 45.19 40.75 -46.21
C VAL B 755 45.46 42.21 -45.91
N THR B 756 44.44 42.92 -45.40
CA THR B 756 44.58 44.34 -45.08
C THR B 756 45.66 44.52 -44.02
N ALA B 757 45.80 43.56 -43.13
CA ALA B 757 46.88 43.64 -42.15
C ALA B 757 48.22 43.53 -42.82
N LEU B 758 48.40 42.52 -43.66
CA LEU B 758 49.71 42.22 -44.23
C LEU B 758 50.24 43.41 -45.00
N LEU B 759 49.43 43.94 -45.92
CA LEU B 759 49.87 45.07 -46.71
C LEU B 759 50.17 46.27 -45.83
N SER B 760 49.43 46.42 -44.73
CA SER B 760 49.70 47.53 -43.83
C SER B 760 51.10 47.40 -43.28
N LEU B 761 51.46 46.21 -42.82
CA LEU B 761 52.84 46.03 -42.40
C LEU B 761 53.78 46.11 -43.58
N ALA B 762 53.32 45.75 -44.78
CA ALA B 762 54.20 45.73 -45.94
C ALA B 762 54.74 47.12 -46.22
N MET B 763 53.85 48.04 -46.59
CA MET B 763 54.29 49.41 -46.81
C MET B 763 54.75 50.08 -45.51
N GLY B 764 54.24 49.63 -44.37
CA GLY B 764 54.46 50.31 -43.13
C GLY B 764 53.50 51.44 -42.86
N ARG B 765 52.55 51.70 -43.75
CA ARG B 765 51.55 52.73 -43.52
C ARG B 765 50.49 52.21 -42.54
N PRO B 766 50.22 52.90 -41.43
CA PRO B 766 49.06 52.49 -40.61
C PRO B 766 47.76 52.67 -41.38
N VAL B 767 46.80 51.78 -41.09
CA VAL B 767 45.47 51.90 -41.68
C VAL B 767 44.84 53.18 -41.15
N ARG B 768 43.97 53.78 -41.98
CA ARG B 768 43.34 55.05 -41.61
C ARG B 768 42.53 54.83 -40.35
N GLN B 769 42.54 55.84 -39.48
CA GLN B 769 42.03 55.68 -38.13
C GLN B 769 40.56 55.33 -38.11
N ASN B 770 40.21 54.47 -37.16
CA ASN B 770 38.83 54.11 -36.83
C ASN B 770 38.08 53.61 -38.06
N LEU B 771 38.50 52.44 -38.54
CA LEU B 771 37.75 51.74 -39.57
C LEU B 771 37.98 50.26 -39.42
N ALA B 772 37.10 49.49 -40.05
CA ALA B 772 37.13 48.04 -39.97
C ALA B 772 36.52 47.48 -41.23
N MET B 773 36.69 46.19 -41.42
CA MET B 773 36.06 45.50 -42.54
C MET B 773 35.91 44.04 -42.19
N THR B 774 34.79 43.45 -42.61
CA THR B 774 34.45 42.07 -42.28
C THR B 774 33.93 41.38 -43.52
N GLY B 775 34.67 40.37 -43.98
CA GLY B 775 34.28 39.58 -45.14
C GLY B 775 35.30 38.53 -45.57
N GLU B 776 34.83 37.45 -46.19
CA GLU B 776 35.71 36.47 -46.81
C GLU B 776 36.20 36.95 -48.16
N VAL B 777 37.37 36.44 -48.57
CA VAL B 777 37.92 36.70 -49.90
C VAL B 777 38.22 35.36 -50.56
N SER B 778 38.11 35.33 -51.89
CA SER B 778 38.14 34.10 -52.68
C SER B 778 39.23 34.13 -53.74
N LEU B 779 40.47 34.41 -53.32
CA LEU B 779 41.68 34.42 -54.17
C LEU B 779 41.55 35.22 -55.48
N THR B 780 40.63 36.18 -55.54
CA THR B 780 40.56 37.15 -56.63
C THR B 780 40.15 38.53 -56.16
N GLY B 781 39.95 38.76 -54.86
CA GLY B 781 39.49 40.01 -54.33
C GLY B 781 37.99 40.18 -54.28
N LYS B 782 37.21 39.21 -54.75
CA LYS B 782 35.79 39.29 -54.53
C LYS B 782 35.51 39.10 -53.04
N ILE B 783 34.62 39.92 -52.51
CA ILE B 783 34.11 39.75 -51.16
C ILE B 783 32.92 38.82 -51.27
N LEU B 784 32.64 38.06 -50.21
CA LEU B 784 31.59 37.05 -50.16
C LEU B 784 30.69 37.26 -48.93
N PRO B 785 29.43 36.84 -49.00
CA PRO B 785 28.50 37.12 -47.90
C PRO B 785 28.89 36.40 -46.61
N VAL B 786 28.55 37.03 -45.48
CA VAL B 786 28.75 36.45 -44.15
C VAL B 786 27.55 36.80 -43.27
N GLY B 787 27.22 35.88 -42.36
CA GLY B 787 26.07 36.01 -41.50
C GLY B 787 26.35 36.79 -40.23
N GLY B 788 25.33 36.85 -39.37
CA GLY B 788 25.46 37.49 -38.07
C GLY B 788 25.41 39.00 -38.10
N ILE B 789 24.87 39.60 -39.16
CA ILE B 789 24.96 41.06 -39.34
C ILE B 789 24.28 41.82 -38.21
N LYS B 790 23.20 41.27 -37.66
CA LYS B 790 22.43 42.00 -36.65
C LYS B 790 23.24 42.24 -35.40
N GLU B 791 24.13 41.33 -35.04
CA GLU B 791 24.99 41.52 -33.88
C GLU B 791 26.25 42.31 -34.22
N LYS B 792 26.83 42.07 -35.40
CA LYS B 792 28.03 42.78 -35.78
C LYS B 792 27.79 44.28 -35.85
N THR B 793 26.60 44.68 -36.26
CA THR B 793 26.30 46.10 -36.37
C THR B 793 26.33 46.78 -35.00
N ILE B 794 25.59 46.23 -34.03
CA ILE B 794 25.57 46.86 -32.70
C ILE B 794 26.93 46.81 -32.06
N ALA B 795 27.69 45.73 -32.30
CA ALA B 795 29.00 45.65 -31.69
C ALA B 795 29.93 46.70 -32.24
N ALA B 796 29.81 46.98 -33.54
CA ALA B 796 30.58 48.08 -34.10
C ALA B 796 30.11 49.41 -33.54
N LYS B 797 28.80 49.56 -33.33
CA LYS B 797 28.28 50.82 -32.83
C LYS B 797 28.79 51.11 -31.43
N ARG B 798 28.94 50.07 -30.61
CA ARG B 798 29.37 50.31 -29.24
C ARG B 798 30.81 50.81 -29.17
N ALA B 799 31.66 50.39 -30.09
CA ALA B 799 33.08 50.70 -30.00
C ALA B 799 33.41 52.09 -30.50
N GLY B 800 32.44 52.82 -31.04
CA GLY B 800 32.70 54.14 -31.58
C GLY B 800 33.21 54.15 -33.00
N VAL B 801 33.39 53.00 -33.64
CA VAL B 801 33.75 53.00 -35.04
C VAL B 801 32.63 53.63 -35.83
N THR B 802 32.99 54.40 -36.84
CA THR B 802 32.03 55.08 -37.71
C THR B 802 32.21 54.77 -39.18
N CYS B 803 33.23 54.00 -39.57
CA CYS B 803 33.51 53.66 -40.97
C CYS B 803 33.36 52.17 -41.21
N ILE B 804 32.31 51.56 -40.63
CA ILE B 804 32.06 50.14 -40.81
C ILE B 804 31.82 49.86 -42.29
N VAL B 805 32.27 48.70 -42.75
CA VAL B 805 32.15 48.28 -44.14
C VAL B 805 31.70 46.83 -44.13
N LEU B 806 30.78 46.51 -45.03
CA LEU B 806 30.21 45.18 -45.21
C LEU B 806 30.17 44.87 -46.69
N PRO B 807 30.08 43.60 -47.06
CA PRO B 807 29.89 43.28 -48.48
C PRO B 807 28.59 43.91 -48.97
N ALA B 808 28.61 44.42 -50.18
CA ALA B 808 27.38 44.96 -50.75
C ALA B 808 26.33 43.89 -50.99
N GLU B 809 26.76 42.63 -51.17
CA GLU B 809 25.85 41.57 -51.59
C GLU B 809 24.76 41.26 -50.58
N ASN B 810 24.97 41.57 -49.30
CA ASN B 810 23.97 41.35 -48.27
C ASN B 810 23.46 42.67 -47.66
N LYS B 811 23.55 43.78 -48.44
CA LYS B 811 23.02 45.05 -47.93
C LYS B 811 21.53 44.98 -47.71
N LYS B 812 20.84 44.09 -48.43
CA LYS B 812 19.39 44.00 -48.33
C LYS B 812 18.99 43.63 -46.90
N ASP B 813 19.82 42.84 -46.22
CA ASP B 813 19.56 42.47 -44.84
C ASP B 813 20.09 43.50 -43.84
N PHE B 814 20.76 44.56 -44.30
CA PHE B 814 21.27 45.60 -43.43
C PHE B 814 20.26 46.73 -43.25
N TYR B 815 19.85 47.36 -44.36
CA TYR B 815 19.00 48.55 -44.31
C TYR B 815 17.64 48.28 -43.68
N ASP B 816 17.15 47.04 -43.74
CA ASP B 816 15.86 46.73 -43.13
C ASP B 816 15.87 46.93 -41.61
N LEU B 817 17.05 46.94 -40.98
CA LEU B 817 17.17 47.12 -39.55
C LEU B 817 16.67 48.50 -39.12
N ALA B 818 16.21 48.57 -37.88
CA ALA B 818 15.68 49.80 -37.31
C ALA B 818 16.73 50.90 -37.37
N ALA B 819 16.26 52.12 -37.61
CA ALA B 819 17.14 53.23 -37.93
C ALA B 819 18.16 53.52 -36.84
N PHE B 820 17.77 53.35 -35.58
CA PHE B 820 18.61 53.76 -34.46
C PHE B 820 19.95 53.03 -34.43
N ILE B 821 20.01 51.82 -35.00
CA ILE B 821 21.27 51.11 -35.07
C ILE B 821 22.18 51.76 -36.11
N THR B 822 21.66 52.03 -37.30
CA THR B 822 22.53 52.34 -38.42
C THR B 822 23.03 53.78 -38.47
N GLU B 823 22.46 54.70 -37.70
CA GLU B 823 22.85 56.10 -37.80
C GLU B 823 24.26 56.32 -37.28
N GLY B 824 24.89 57.36 -37.81
CA GLY B 824 26.16 57.81 -37.29
C GLY B 824 27.36 57.08 -37.83
N LEU B 825 27.21 56.28 -38.89
CA LEU B 825 28.36 55.63 -39.52
C LEU B 825 28.17 55.57 -41.03
N GLU B 826 29.25 55.84 -41.75
CA GLU B 826 29.22 55.90 -43.21
C GLU B 826 29.53 54.51 -43.75
N VAL B 827 28.48 53.72 -43.97
CA VAL B 827 28.69 52.45 -44.64
C VAL B 827 29.21 52.70 -46.04
N HIS B 828 30.23 51.94 -46.45
CA HIS B 828 30.78 52.00 -47.80
C HIS B 828 30.71 50.56 -48.34
N PHE B 829 29.56 50.21 -48.91
CA PHE B 829 29.36 48.87 -49.43
C PHE B 829 30.28 48.59 -50.59
N VAL B 830 30.75 47.34 -50.68
CA VAL B 830 31.81 46.95 -51.60
C VAL B 830 31.53 45.57 -52.19
N GLU B 831 32.15 45.31 -53.34
CA GLU B 831 32.03 44.05 -54.07
C GLU B 831 33.37 43.50 -54.56
N HIS B 832 34.48 44.23 -54.43
CA HIS B 832 35.78 43.74 -54.84
C HIS B 832 36.83 44.38 -53.95
N TYR B 833 37.90 43.63 -53.68
CA TYR B 833 38.86 44.04 -52.66
C TYR B 833 39.61 45.31 -53.03
N ARG B 834 39.74 45.64 -54.32
CA ARG B 834 40.50 46.83 -54.70
C ARG B 834 39.91 48.08 -54.08
N GLU B 835 38.58 48.16 -54.04
CA GLU B 835 37.94 49.30 -53.39
C GLU B 835 38.24 49.30 -51.89
N ILE B 836 38.42 48.12 -51.30
CA ILE B 836 38.78 48.07 -49.88
C ILE B 836 40.19 48.62 -49.71
N PHE B 837 41.09 48.31 -50.65
CA PHE B 837 42.42 48.88 -50.57
C PHE B 837 42.36 50.38 -50.74
N ASP B 838 41.40 50.87 -51.53
CA ASP B 838 41.29 52.32 -51.72
C ASP B 838 40.77 53.00 -50.46
N ILE B 839 39.72 52.46 -49.85
CA ILE B 839 39.16 53.11 -48.66
C ILE B 839 40.13 53.01 -47.49
N ALA B 840 40.78 51.86 -47.32
CA ALA B 840 41.67 51.71 -46.18
C ALA B 840 42.91 52.56 -46.29
N PHE B 841 43.39 52.85 -47.50
CA PHE B 841 44.69 53.48 -47.73
C PHE B 841 44.49 54.67 -48.65
N PRO B 842 44.01 55.81 -48.11
CA PRO B 842 44.00 57.01 -48.95
C PRO B 842 45.39 57.63 -49.04
N HIS C 17 -66.47 -60.13 6.74
CA HIS C 17 -66.43 -60.00 5.29
C HIS C 17 -66.72 -58.60 4.76
N LEU C 18 -65.82 -57.65 5.07
CA LEU C 18 -65.90 -56.29 4.57
C LEU C 18 -64.56 -55.89 3.96
N PRO C 19 -64.55 -55.05 2.91
CA PRO C 19 -63.27 -54.72 2.26
C PRO C 19 -62.39 -53.95 3.23
N LEU C 20 -61.07 -54.10 3.11
CA LEU C 20 -60.19 -53.40 4.03
C LEU C 20 -60.35 -51.90 3.85
N ILE C 21 -60.37 -51.19 4.95
CA ILE C 21 -60.47 -49.74 4.92
C ILE C 21 -59.13 -49.16 4.51
N ALA C 22 -59.18 -48.03 3.80
CA ALA C 22 -58.00 -47.29 3.39
C ALA C 22 -57.73 -46.33 4.54
N ILE C 23 -56.83 -46.72 5.45
CA ILE C 23 -56.59 -45.92 6.66
C ILE C 23 -56.08 -44.53 6.29
N THR C 24 -55.24 -44.44 5.25
CA THR C 24 -54.68 -43.20 4.72
C THR C 24 -54.19 -42.27 5.83
N ARG C 25 -53.13 -42.69 6.51
CA ARG C 25 -52.41 -41.91 7.52
C ARG C 25 -53.37 -41.37 8.60
N ASN C 26 -53.92 -42.32 9.36
CA ASN C 26 -54.87 -42.01 10.43
C ASN C 26 -54.68 -43.03 11.55
N PRO C 27 -53.80 -42.74 12.52
CA PRO C 27 -53.75 -43.63 13.69
C PRO C 27 -55.05 -43.56 14.48
N VAL C 28 -55.44 -44.70 15.05
CA VAL C 28 -56.60 -44.78 15.94
C VAL C 28 -56.14 -45.55 17.18
N PHE C 29 -55.65 -44.82 18.17
CA PHE C 29 -55.16 -45.46 19.38
C PHE C 29 -56.30 -46.16 20.14
N PRO C 30 -56.04 -47.28 20.84
CA PRO C 30 -57.12 -47.93 21.61
C PRO C 30 -57.71 -47.01 22.68
N ARG C 31 -59.03 -47.10 22.86
CA ARG C 31 -59.79 -46.34 23.88
C ARG C 31 -59.43 -44.86 23.86
N PHE C 32 -59.54 -44.27 22.69
CA PHE C 32 -59.21 -42.87 22.50
C PHE C 32 -60.01 -42.43 21.29
N ILE C 33 -60.92 -41.46 21.45
CA ILE C 33 -61.78 -41.05 20.33
C ILE C 33 -60.88 -40.52 19.22
N LYS C 34 -61.28 -40.81 17.98
CA LYS C 34 -60.53 -40.33 16.83
C LYS C 34 -61.46 -40.16 15.65
N ILE C 35 -61.01 -39.33 14.71
CA ILE C 35 -61.75 -38.97 13.51
C ILE C 35 -60.97 -39.51 12.32
N ILE C 36 -61.67 -39.78 11.22
CA ILE C 36 -61.05 -40.26 9.98
C ILE C 36 -61.70 -39.52 8.82
N GLU C 37 -60.83 -39.10 7.87
CA GLU C 37 -61.17 -38.31 6.70
C GLU C 37 -60.30 -38.72 5.51
N VAL C 38 -60.62 -39.87 4.92
CA VAL C 38 -60.00 -40.28 3.68
C VAL C 38 -60.47 -39.36 2.56
N LYS C 39 -59.55 -38.94 1.67
CA LYS C 39 -60.00 -38.09 0.56
C LYS C 39 -60.88 -38.85 -0.43
N ASN C 40 -60.67 -40.15 -0.60
CA ASN C 40 -61.50 -40.94 -1.49
C ASN C 40 -62.93 -41.01 -0.97
N LYS C 41 -63.89 -40.91 -1.88
CA LYS C 41 -65.31 -41.02 -1.58
C LYS C 41 -65.83 -42.45 -1.58
N LYS C 42 -65.08 -43.42 -2.13
CA LYS C 42 -65.59 -44.78 -2.29
C LYS C 42 -65.97 -45.42 -0.97
N LEU C 43 -65.28 -45.05 0.12
CA LEU C 43 -65.65 -45.61 1.41
C LEU C 43 -67.05 -45.18 1.84
N VAL C 44 -67.51 -44.01 1.37
CA VAL C 44 -68.85 -43.53 1.74
C VAL C 44 -69.93 -44.46 1.20
N GLU C 45 -69.69 -45.14 0.08
CA GLU C 45 -70.68 -46.10 -0.41
C GLU C 45 -70.76 -47.31 0.51
N LEU C 46 -69.65 -47.70 1.15
CA LEU C 46 -69.71 -48.76 2.14
C LEU C 46 -70.37 -48.27 3.43
N LEU C 47 -70.07 -47.03 3.83
CA LEU C 47 -70.70 -46.48 5.03
C LEU C 47 -72.20 -46.35 4.85
N ARG C 48 -72.64 -45.98 3.64
CA ARG C 48 -74.06 -45.89 3.35
C ARG C 48 -74.68 -47.27 3.19
N ARG C 49 -73.88 -48.28 2.82
CA ARG C 49 -74.42 -49.63 2.72
C ARG C 49 -74.68 -50.24 4.10
N LYS C 50 -73.95 -49.79 5.15
CA LYS C 50 -74.14 -50.32 6.49
C LYS C 50 -75.19 -49.58 7.32
N VAL C 51 -75.76 -48.47 6.82
CA VAL C 51 -76.81 -47.80 7.58
C VAL C 51 -78.06 -48.66 7.66
N ARG C 52 -78.34 -49.48 6.64
CA ARG C 52 -79.52 -50.34 6.68
C ARG C 52 -79.40 -51.43 7.72
N LEU C 53 -78.17 -51.78 8.12
CA LEU C 53 -77.97 -52.80 9.14
C LEU C 53 -78.49 -52.27 10.47
N ALA C 54 -79.14 -53.16 11.22
CA ALA C 54 -79.60 -52.77 12.54
C ALA C 54 -78.44 -52.48 13.49
N GLN C 55 -77.29 -53.09 13.24
CA GLN C 55 -76.14 -53.06 14.14
C GLN C 55 -74.97 -52.62 13.27
N PRO C 56 -74.88 -51.33 12.91
CA PRO C 56 -73.74 -50.89 12.09
C PRO C 56 -72.44 -51.04 12.86
N TYR C 57 -71.37 -51.28 12.11
CA TYR C 57 -70.06 -51.42 12.70
C TYR C 57 -69.02 -51.00 11.68
N VAL C 58 -67.82 -50.73 12.18
CA VAL C 58 -66.69 -50.39 11.33
C VAL C 58 -65.48 -50.98 12.01
N GLY C 59 -64.53 -51.45 11.20
CA GLY C 59 -63.29 -51.95 11.70
C GLY C 59 -62.24 -50.87 11.59
N VAL C 60 -61.20 -51.05 12.37
CA VAL C 60 -60.03 -50.19 12.35
C VAL C 60 -58.81 -51.07 12.30
N PHE C 61 -57.90 -50.78 11.38
CA PHE C 61 -56.63 -51.47 11.26
C PHE C 61 -55.53 -50.41 11.20
N LEU C 62 -54.29 -50.87 11.16
CA LEU C 62 -53.11 -50.02 11.02
C LEU C 62 -52.34 -50.39 9.74
N LYS C 63 -51.78 -49.35 9.10
CA LYS C 63 -50.99 -49.47 7.89
C LYS C 63 -49.54 -49.86 8.22
N ARG C 64 -48.86 -50.46 7.23
CA ARG C 64 -47.47 -50.88 7.38
C ARG C 64 -46.49 -49.84 6.84
N ASP C 65 -45.20 -50.16 6.94
CA ASP C 65 -44.14 -49.26 6.52
C ASP C 65 -44.24 -49.01 5.03
N ASP C 66 -43.85 -47.82 4.58
CA ASP C 66 -43.87 -47.43 3.18
C ASP C 66 -45.30 -47.58 2.65
N SER C 67 -46.17 -46.71 3.16
CA SER C 67 -47.60 -46.80 2.81
C SER C 67 -47.84 -46.54 1.33
N ASN C 68 -48.85 -47.22 0.80
CA ASN C 68 -49.17 -47.10 -0.62
C ASN C 68 -50.64 -47.51 -0.81
N GLU C 69 -51.51 -46.56 -1.15
CA GLU C 69 -52.92 -46.86 -1.34
C GLU C 69 -53.13 -47.86 -2.48
N SER C 70 -52.30 -47.75 -3.53
CA SER C 70 -52.46 -48.66 -4.65
C SER C 70 -52.17 -50.08 -4.18
N ASP C 71 -51.26 -50.24 -3.22
CA ASP C 71 -51.00 -51.58 -2.75
C ASP C 71 -52.14 -52.04 -1.86
N VAL C 72 -52.83 -51.09 -1.21
CA VAL C 72 -53.95 -51.47 -0.35
C VAL C 72 -55.05 -52.07 -1.20
N VAL C 73 -55.24 -51.55 -2.42
CA VAL C 73 -56.25 -52.08 -3.33
C VAL C 73 -55.74 -53.23 -4.21
N GLU C 74 -54.43 -53.46 -4.27
CA GLU C 74 -53.82 -54.52 -5.10
C GLU C 74 -53.53 -55.78 -4.29
N SER C 75 -52.97 -55.64 -3.09
CA SER C 75 -52.66 -56.73 -2.19
C SER C 75 -53.29 -56.46 -0.84
N LEU C 76 -53.72 -57.51 -0.16
CA LEU C 76 -54.41 -57.38 1.12
C LEU C 76 -53.50 -57.62 2.32
N ASP C 77 -52.21 -57.94 2.11
CA ASP C 77 -51.26 -58.13 3.20
C ASP C 77 -50.63 -56.84 3.72
N GLU C 78 -50.80 -55.71 3.03
CA GLU C 78 -50.19 -54.47 3.49
C GLU C 78 -50.75 -54.00 4.82
N ILE C 79 -52.03 -54.24 5.07
CA ILE C 79 -52.63 -53.93 6.36
C ILE C 79 -52.18 -54.94 7.41
N TYR C 80 -52.00 -54.47 8.65
CA TYR C 80 -51.59 -55.37 9.73
C TYR C 80 -52.72 -56.32 10.10
N HIS C 81 -52.34 -57.52 10.56
CA HIS C 81 -53.32 -58.50 11.00
C HIS C 81 -54.17 -57.98 12.13
N THR C 82 -53.60 -57.15 13.01
CA THR C 82 -54.34 -56.61 14.13
C THR C 82 -55.43 -55.67 13.63
N GLY C 83 -56.56 -55.70 14.31
CA GLY C 83 -57.70 -54.89 13.96
C GLY C 83 -58.47 -54.56 15.20
N THR C 84 -59.17 -53.43 15.18
CA THR C 84 -59.85 -52.90 16.38
C THR C 84 -61.29 -52.61 15.99
N PHE C 85 -62.15 -53.62 16.07
CA PHE C 85 -63.57 -53.44 15.78
C PHE C 85 -64.20 -52.51 16.80
N ALA C 86 -65.13 -51.69 16.34
CA ALA C 86 -65.82 -50.74 17.22
C ALA C 86 -67.15 -50.35 16.59
N GLN C 87 -68.02 -49.79 17.42
CA GLN C 87 -69.34 -49.33 16.98
C GLN C 87 -69.30 -47.86 16.58
N ILE C 88 -69.99 -47.55 15.46
CA ILE C 88 -70.04 -46.20 14.89
C ILE C 88 -70.89 -45.28 15.79
N HIS C 89 -70.55 -43.98 15.79
CA HIS C 89 -71.22 -43.01 16.66
C HIS C 89 -72.28 -42.24 15.86
N GLU C 90 -71.85 -41.34 14.99
CA GLU C 90 -72.75 -40.58 14.13
C GLU C 90 -71.95 -39.96 13.01
N MET C 91 -72.51 -39.96 11.80
CA MET C 91 -71.88 -39.27 10.68
C MET C 91 -72.16 -37.78 10.78
N GLN C 92 -71.24 -36.96 10.26
CA GLN C 92 -71.42 -35.50 10.28
C GLN C 92 -71.28 -34.93 8.88
N ASP C 93 -70.07 -34.97 8.33
CA ASP C 93 -69.76 -34.41 7.02
C ASP C 93 -70.13 -32.93 6.97
N LEU C 94 -69.51 -32.16 7.87
CA LEU C 94 -69.74 -30.73 7.92
C LEU C 94 -69.10 -30.01 6.74
N GLY C 95 -67.86 -30.36 6.39
CA GLY C 95 -67.16 -29.83 5.23
C GLY C 95 -66.81 -30.90 4.21
N ASP C 96 -66.16 -31.97 4.66
CA ASP C 96 -65.86 -33.11 3.81
C ASP C 96 -67.07 -34.05 3.77
N LYS C 97 -67.11 -34.89 2.74
CA LYS C 97 -68.19 -35.86 2.60
C LYS C 97 -67.91 -37.18 3.34
N LEU C 98 -66.80 -37.26 4.08
CA LEU C 98 -66.37 -38.49 4.76
C LEU C 98 -65.64 -38.10 6.05
N ARG C 99 -66.42 -37.84 7.11
CA ARG C 99 -65.87 -37.45 8.41
C ARG C 99 -66.37 -38.45 9.44
N MET C 100 -65.97 -39.71 9.30
CA MET C 100 -66.40 -40.71 10.26
C MET C 100 -65.63 -40.59 11.57
N ILE C 101 -66.30 -40.97 12.67
CA ILE C 101 -65.68 -41.07 13.99
C ILE C 101 -65.38 -42.55 14.25
N VAL C 102 -64.27 -42.80 14.94
CA VAL C 102 -63.80 -44.13 15.27
C VAL C 102 -63.37 -44.13 16.74
N MET C 103 -63.37 -45.34 17.31
CA MET C 103 -63.03 -45.60 18.69
C MET C 103 -62.38 -46.97 18.75
N GLY C 104 -61.59 -47.18 19.80
CA GLY C 104 -60.87 -48.43 19.97
C GLY C 104 -61.49 -49.28 21.06
N HIS C 105 -62.31 -50.27 20.66
CA HIS C 105 -63.14 -51.04 21.58
C HIS C 105 -62.72 -52.50 21.66
N ARG C 106 -62.83 -53.28 20.58
CA ARG C 106 -62.55 -54.73 20.56
C ARG C 106 -61.33 -55.01 19.70
N ARG C 107 -60.18 -55.26 20.33
CA ARG C 107 -59.00 -55.66 19.58
C ARG C 107 -59.14 -57.11 19.14
N VAL C 108 -58.45 -57.44 18.04
CA VAL C 108 -58.46 -58.79 17.49
C VAL C 108 -57.22 -58.96 16.63
N HIS C 109 -56.78 -60.21 16.46
CA HIS C 109 -55.60 -60.58 15.68
C HIS C 109 -56.08 -61.72 14.78
N ILE C 110 -56.49 -61.36 13.55
CA ILE C 110 -57.02 -62.37 12.64
C ILE C 110 -55.93 -63.35 12.29
N SER C 111 -56.28 -64.64 12.25
CA SER C 111 -55.27 -65.65 11.98
C SER C 111 -54.71 -65.55 10.57
N ARG C 112 -55.52 -65.11 9.61
CA ARG C 112 -55.06 -64.98 8.23
C ARG C 112 -55.99 -64.00 7.52
N GLN C 113 -55.47 -62.81 7.18
CA GLN C 113 -56.26 -61.85 6.43
C GLN C 113 -56.41 -62.17 4.95
N LEU C 114 -55.54 -63.03 4.38
CA LEU C 114 -55.71 -63.40 2.98
C LEU C 114 -56.97 -64.25 2.78
N GLU C 115 -57.39 -65.01 3.79
CA GLU C 115 -58.54 -65.91 3.63
C GLU C 115 -59.81 -65.16 4.02
N MET C 166 -64.99 -63.86 6.96
CA MET C 166 -63.62 -64.19 7.36
C MET C 166 -63.62 -64.68 8.79
N VAL C 167 -62.89 -65.77 9.05
CA VAL C 167 -62.84 -66.35 10.39
C VAL C 167 -62.17 -65.36 11.34
N GLU C 168 -62.66 -65.29 12.58
CA GLU C 168 -62.10 -64.40 13.57
C GLU C 168 -62.46 -64.94 14.95
N VAL C 169 -61.73 -64.48 15.97
CA VAL C 169 -62.00 -64.87 17.35
C VAL C 169 -61.55 -63.73 18.24
N GLU C 170 -62.29 -63.53 19.35
CA GLU C 170 -62.02 -62.44 20.29
C GLU C 170 -60.97 -62.88 21.31
N ASN C 171 -59.76 -63.08 20.79
CA ASN C 171 -58.62 -63.53 21.59
C ASN C 171 -57.99 -62.35 22.36
N VAL C 172 -58.80 -61.78 23.25
CA VAL C 172 -58.37 -60.63 24.09
C VAL C 172 -57.76 -61.23 25.35
N VAL C 173 -56.53 -61.74 25.21
CA VAL C 173 -55.80 -62.35 26.31
C VAL C 173 -55.56 -61.32 27.41
N HIS C 174 -55.68 -61.75 28.68
CA HIS C 174 -55.53 -60.85 29.82
C HIS C 174 -55.02 -61.56 31.08
N GLU C 175 -53.94 -62.36 30.94
CA GLU C 175 -53.41 -63.11 32.07
C GLU C 175 -52.94 -62.16 33.19
N ASP C 176 -53.11 -62.60 34.44
CA ASP C 176 -52.77 -61.77 35.60
C ASP C 176 -52.35 -62.65 36.79
N PHE C 177 -51.34 -62.20 37.53
CA PHE C 177 -50.90 -62.94 38.72
C PHE C 177 -51.96 -62.91 39.83
N GLN C 178 -52.01 -64.01 40.59
CA GLN C 178 -53.01 -64.13 41.64
C GLN C 178 -52.82 -63.10 42.74
N VAL C 179 -51.58 -62.67 42.98
CA VAL C 179 -51.26 -61.72 44.05
C VAL C 179 -51.38 -60.31 43.46
N THR C 180 -52.50 -59.66 43.73
CA THR C 180 -52.76 -58.30 43.22
C THR C 180 -52.53 -57.29 44.34
N GLU C 181 -51.25 -57.06 44.64
CA GLU C 181 -50.87 -56.14 45.71
C GLU C 181 -49.77 -55.17 45.26
N GLU C 182 -48.56 -55.67 45.02
CA GLU C 182 -47.43 -54.88 44.53
C GLU C 182 -47.40 -54.68 43.02
N VAL C 183 -48.27 -55.37 42.26
CA VAL C 183 -48.29 -55.14 40.81
C VAL C 183 -48.79 -53.74 40.46
N LYS C 184 -49.61 -53.14 41.32
CA LYS C 184 -50.12 -51.78 41.10
C LYS C 184 -49.18 -50.69 41.59
N ALA C 185 -48.10 -51.03 42.30
CA ALA C 185 -47.16 -49.99 42.72
C ALA C 185 -46.47 -49.34 41.53
N LEU C 186 -46.25 -50.09 40.45
CA LEU C 186 -45.71 -49.50 39.23
C LEU C 186 -46.68 -48.51 38.60
N THR C 187 -47.99 -48.72 38.81
CA THR C 187 -49.00 -47.86 38.18
C THR C 187 -48.83 -46.43 38.64
N ALA C 188 -48.44 -46.22 39.90
CA ALA C 188 -48.28 -44.86 40.39
C ALA C 188 -47.15 -44.18 39.65
N GLU C 189 -46.08 -44.92 39.35
CA GLU C 189 -44.99 -44.37 38.58
C GLU C 189 -45.39 -44.15 37.12
N ILE C 190 -46.36 -44.93 36.62
CA ILE C 190 -46.79 -44.77 35.22
C ILE C 190 -47.62 -43.51 35.05
N VAL C 191 -48.60 -43.30 35.93
CA VAL C 191 -49.35 -42.05 35.90
C VAL C 191 -48.44 -40.86 36.21
N LYS C 192 -47.49 -41.04 37.13
CA LYS C 192 -46.51 -40.00 37.45
C LYS C 192 -45.61 -39.69 36.26
N THR C 193 -45.30 -40.70 35.44
CA THR C 193 -44.58 -40.47 34.20
C THR C 193 -45.43 -39.67 33.23
N ILE C 194 -46.71 -40.05 33.08
CA ILE C 194 -47.56 -39.29 32.15
C ILE C 194 -47.70 -37.85 32.66
N ARG C 195 -47.73 -37.67 33.99
CA ARG C 195 -47.77 -36.34 34.58
C ARG C 195 -46.48 -35.58 34.31
N ASP C 196 -45.36 -36.28 34.16
CA ASP C 196 -44.14 -35.56 33.84
C ASP C 196 -44.08 -35.20 32.37
N ILE C 197 -44.73 -35.99 31.51
CA ILE C 197 -44.71 -35.66 30.09
C ILE C 197 -45.65 -34.49 29.83
N ILE C 198 -46.82 -34.46 30.49
CA ILE C 198 -47.75 -33.33 30.29
C ILE C 198 -47.34 -32.09 31.07
N ALA C 199 -46.49 -32.22 32.11
CA ALA C 199 -46.04 -31.04 32.82
C ALA C 199 -44.84 -30.39 32.14
N LEU C 200 -43.88 -31.21 31.67
CA LEU C 200 -42.75 -30.68 30.92
C LEU C 200 -43.06 -30.50 29.44
N ASN C 201 -44.02 -31.26 28.90
CA ASN C 201 -44.48 -31.15 27.52
C ASN C 201 -46.01 -31.18 27.51
N PRO C 202 -46.68 -30.08 27.89
CA PRO C 202 -48.14 -30.09 27.79
C PRO C 202 -48.61 -30.34 26.36
N LEU C 203 -49.68 -31.11 26.26
CA LEU C 203 -50.36 -31.40 25.00
C LEU C 203 -51.86 -31.28 25.12
N TYR C 204 -52.45 -32.10 25.99
CA TYR C 204 -53.87 -32.15 26.24
C TYR C 204 -54.19 -31.50 27.58
N ARG C 205 -55.49 -31.36 27.82
CA ARG C 205 -55.98 -30.82 29.08
C ARG C 205 -55.70 -31.79 30.22
N GLU C 206 -55.45 -31.24 31.41
CA GLU C 206 -55.24 -32.03 32.61
C GLU C 206 -56.56 -32.47 33.25
N SER C 207 -57.70 -31.94 32.79
CA SER C 207 -59.00 -32.28 33.35
C SER C 207 -59.32 -33.76 33.21
N VAL C 208 -58.89 -34.40 32.12
CA VAL C 208 -59.11 -35.83 31.95
C VAL C 208 -58.40 -36.61 33.04
N LEU C 209 -57.18 -36.19 33.40
CA LEU C 209 -56.46 -36.87 34.48
C LEU C 209 -57.24 -36.72 35.79
N GLN C 210 -57.89 -35.57 35.97
CA GLN C 210 -58.76 -35.40 37.14
C GLN C 210 -59.98 -36.30 37.05
N MET C 211 -60.45 -36.63 35.83
CA MET C 211 -61.65 -37.46 35.71
C MET C 211 -61.35 -38.91 36.08
N MET C 212 -60.17 -39.42 35.71
CA MET C 212 -59.76 -40.80 35.97
C MET C 212 -58.63 -40.73 37.00
N GLN C 213 -59.03 -40.82 38.27
CA GLN C 213 -58.14 -40.82 39.41
C GLN C 213 -57.88 -42.24 39.88
N ALA C 214 -56.72 -42.46 40.51
CA ALA C 214 -56.42 -43.76 41.09
C ALA C 214 -57.16 -44.05 42.39
N GLY C 215 -57.60 -43.02 43.11
CA GLY C 215 -58.28 -43.18 44.39
C GLY C 215 -59.76 -43.52 44.35
N GLN C 216 -60.40 -43.47 43.18
CA GLN C 216 -61.84 -43.72 43.07
C GLN C 216 -62.23 -45.19 43.06
N ARG C 217 -61.29 -46.12 42.86
CA ARG C 217 -61.58 -47.56 42.73
C ARG C 217 -62.59 -47.81 41.59
N VAL C 218 -62.53 -46.97 40.56
CA VAL C 218 -63.34 -47.08 39.34
C VAL C 218 -62.57 -47.65 38.16
N VAL C 219 -61.27 -47.93 38.32
CA VAL C 219 -60.46 -48.43 37.20
C VAL C 219 -60.75 -49.91 36.97
N ASP C 220 -61.94 -50.18 36.41
CA ASP C 220 -62.37 -51.54 36.14
C ASP C 220 -61.51 -52.24 35.09
N ASN C 221 -60.81 -51.48 34.24
CA ASN C 221 -60.05 -52.00 33.10
C ASN C 221 -58.63 -51.46 33.06
N PRO C 222 -57.71 -51.96 33.92
CA PRO C 222 -56.36 -51.38 33.95
C PRO C 222 -55.65 -51.44 32.59
N ILE C 223 -55.90 -52.49 31.82
CA ILE C 223 -55.27 -52.64 30.50
C ILE C 223 -55.67 -51.49 29.59
N TYR C 224 -56.92 -51.05 29.71
CA TYR C 224 -57.39 -49.91 28.93
C TYR C 224 -56.74 -48.63 29.40
N LEU C 225 -56.46 -48.51 30.71
CA LEU C 225 -55.76 -47.34 31.21
C LEU C 225 -54.32 -47.31 30.71
N SER C 226 -53.67 -48.48 30.60
CA SER C 226 -52.34 -48.51 30.02
C SER C 226 -52.38 -48.18 28.54
N ASP C 227 -53.44 -48.59 27.85
CA ASP C 227 -53.56 -48.25 26.44
C ASP C 227 -53.79 -46.76 26.26
N MET C 228 -54.63 -46.16 27.11
CA MET C 228 -54.88 -44.73 27.04
C MET C 228 -53.62 -43.94 27.35
N GLY C 229 -52.78 -44.45 28.26
CA GLY C 229 -51.53 -43.75 28.53
C GLY C 229 -50.51 -43.95 27.44
N ALA C 230 -50.47 -45.13 26.81
CA ALA C 230 -49.62 -45.32 25.64
C ALA C 230 -50.11 -44.54 24.44
N ALA C 231 -51.39 -44.16 24.43
CA ALA C 231 -51.90 -43.27 23.39
C ALA C 231 -51.28 -41.88 23.47
N LEU C 232 -50.70 -41.49 24.60
CA LEU C 232 -50.03 -40.20 24.74
C LEU C 232 -48.58 -40.22 24.27
N THR C 233 -48.03 -41.39 23.94
CA THR C 233 -46.68 -41.47 23.39
C THR C 233 -46.64 -40.96 21.94
N GLY C 234 -45.52 -40.35 21.57
CA GLY C 234 -45.20 -39.92 20.23
C GLY C 234 -44.39 -40.92 19.41
N ALA C 235 -44.22 -42.15 19.89
CA ALA C 235 -43.50 -43.18 19.16
C ALA C 235 -44.25 -43.61 17.89
N GLU C 236 -43.49 -44.09 16.91
CA GLU C 236 -44.02 -44.43 15.60
C GLU C 236 -44.98 -45.62 15.69
N SER C 237 -45.94 -45.68 14.77
CA SER C 237 -46.96 -46.72 14.75
C SER C 237 -46.40 -48.13 14.56
N HIS C 238 -45.29 -48.26 13.82
CA HIS C 238 -44.59 -49.54 13.76
C HIS C 238 -44.22 -50.02 15.17
N GLU C 239 -43.72 -49.09 15.99
CA GLU C 239 -43.33 -49.47 17.35
C GLU C 239 -44.55 -49.80 18.20
N LEU C 240 -45.70 -49.15 17.93
CA LEU C 240 -46.92 -49.53 18.63
C LEU C 240 -47.41 -50.91 18.20
N GLN C 241 -47.16 -51.29 16.94
CA GLN C 241 -47.45 -52.65 16.52
C GLN C 241 -46.55 -53.64 17.25
N ASP C 242 -45.28 -53.25 17.44
CA ASP C 242 -44.36 -54.11 18.17
C ASP C 242 -44.75 -54.21 19.63
N VAL C 243 -45.38 -53.18 20.18
CA VAL C 243 -45.96 -53.28 21.52
C VAL C 243 -47.18 -54.21 21.51
N LEU C 244 -47.96 -54.19 20.42
CA LEU C 244 -49.12 -55.07 20.33
C LEU C 244 -48.70 -56.52 20.21
N GLU C 245 -47.51 -56.79 19.67
CA GLU C 245 -47.02 -58.17 19.62
C GLU C 245 -46.85 -58.78 20.99
N GLU C 246 -46.58 -57.96 22.02
CA GLU C 246 -46.43 -58.50 23.37
C GLU C 246 -47.73 -59.11 23.86
N THR C 247 -47.62 -60.30 24.46
CA THR C 247 -48.74 -61.02 25.06
C THR C 247 -48.72 -60.93 26.59
N ASN C 248 -47.54 -60.97 27.18
CA ASN C 248 -47.37 -60.85 28.62
C ASN C 248 -47.66 -59.43 29.08
N ILE C 249 -48.03 -59.29 30.34
CA ILE C 249 -48.39 -57.99 30.93
C ILE C 249 -47.12 -57.21 31.30
N PRO C 250 -46.16 -57.77 32.06
CA PRO C 250 -44.93 -56.99 32.34
C PRO C 250 -44.17 -56.56 31.11
N LYS C 251 -44.14 -57.37 30.05
CA LYS C 251 -43.37 -57.00 28.87
C LYS C 251 -43.95 -55.77 28.18
N ARG C 252 -45.27 -55.76 27.94
CA ARG C 252 -45.90 -54.57 27.35
C ARG C 252 -45.79 -53.37 28.27
N LEU C 253 -45.93 -53.56 29.58
CA LEU C 253 -45.79 -52.44 30.49
C LEU C 253 -44.37 -51.87 30.46
N TYR C 254 -43.37 -52.74 30.42
CA TYR C 254 -41.98 -52.29 30.30
C TYR C 254 -41.75 -51.60 28.96
N LYS C 255 -42.47 -52.02 27.92
CA LYS C 255 -42.25 -51.40 26.63
C LYS C 255 -42.95 -50.06 26.53
N ALA C 256 -44.16 -49.95 27.09
CA ALA C 256 -44.86 -48.66 27.08
C ALA C 256 -44.14 -47.64 27.95
N LEU C 257 -43.47 -48.08 29.01
CA LEU C 257 -42.66 -47.15 29.79
C LEU C 257 -41.40 -46.79 29.05
N SER C 258 -40.76 -47.76 28.38
CA SER C 258 -39.55 -47.44 27.65
C SER C 258 -39.85 -46.45 26.52
N LEU C 259 -41.03 -46.58 25.91
CA LEU C 259 -41.44 -45.59 24.91
C LEU C 259 -41.58 -44.22 25.54
N LEU C 260 -42.25 -44.17 26.70
CA LEU C 260 -42.49 -42.89 27.35
C LEU C 260 -41.18 -42.22 27.71
N LYS C 261 -40.19 -43.01 28.11
CA LYS C 261 -38.86 -42.45 28.36
C LYS C 261 -38.23 -42.01 27.04
N LYS C 262 -38.51 -42.72 25.95
CA LYS C 262 -37.89 -42.39 24.67
C LYS C 262 -38.38 -41.03 24.18
N GLU C 263 -39.66 -40.74 24.40
CA GLU C 263 -40.18 -39.40 24.15
C GLU C 263 -39.69 -38.40 25.18
N PHE C 264 -39.44 -38.86 26.41
CA PHE C 264 -38.99 -37.97 27.49
C PHE C 264 -37.60 -37.41 27.22
N GLU C 265 -36.71 -38.22 26.67
CA GLU C 265 -35.35 -37.76 26.42
C GLU C 265 -35.32 -36.65 25.38
N LEU C 266 -36.02 -36.85 24.26
CA LEU C 266 -36.07 -35.82 23.22
C LEU C 266 -36.80 -34.56 23.69
N SER C 267 -37.84 -34.71 24.52
CA SER C 267 -38.54 -33.53 25.00
C SER C 267 -37.64 -32.69 25.89
N LYS C 268 -37.08 -33.33 26.92
CA LYS C 268 -36.23 -32.61 27.86
C LYS C 268 -35.00 -32.04 27.16
N LEU C 269 -34.53 -32.71 26.09
CA LEU C 269 -33.42 -32.15 25.34
C LEU C 269 -33.81 -30.86 24.64
N GLN C 270 -35.02 -30.81 24.09
CA GLN C 270 -35.43 -29.59 23.42
C GLN C 270 -35.60 -28.46 24.42
N GLN C 271 -36.13 -28.76 25.61
CA GLN C 271 -36.35 -27.69 26.58
C GLN C 271 -35.04 -27.17 27.15
N ARG C 272 -34.12 -28.07 27.52
CA ARG C 272 -32.81 -27.63 28.00
C ARG C 272 -32.09 -26.81 26.95
N LEU C 273 -32.23 -27.21 25.67
CA LEU C 273 -31.56 -26.47 24.62
C LEU C 273 -32.16 -25.08 24.47
N GLY C 274 -33.50 -24.98 24.51
CA GLY C 274 -34.13 -23.70 24.29
C GLY C 274 -33.82 -22.71 25.39
N ARG C 275 -33.77 -23.19 26.64
CA ARG C 275 -33.39 -22.30 27.74
C ARG C 275 -31.93 -21.89 27.62
N GLU C 276 -31.05 -22.81 27.19
CA GLU C 276 -29.64 -22.46 26.97
C GLU C 276 -29.51 -21.43 25.84
N VAL C 277 -30.36 -21.52 24.82
CA VAL C 277 -30.31 -20.59 23.71
C VAL C 277 -30.75 -19.21 24.19
N GLU C 278 -31.81 -19.16 25.01
CA GLU C 278 -32.31 -17.86 25.41
C GLU C 278 -31.34 -17.18 26.36
N GLU C 279 -30.71 -17.94 27.26
CA GLU C 279 -29.73 -17.31 28.15
C GLU C 279 -28.58 -16.76 27.33
N LYS C 280 -28.20 -17.45 26.23
CA LYS C 280 -27.12 -16.90 25.42
C LYS C 280 -27.54 -15.58 24.77
N ILE C 281 -28.83 -15.43 24.43
CA ILE C 281 -29.31 -14.13 23.96
C ILE C 281 -29.18 -13.09 25.06
N LYS C 282 -29.51 -13.46 26.30
CA LYS C 282 -29.41 -12.47 27.37
C LYS C 282 -27.96 -12.12 27.66
N GLN C 283 -27.07 -13.12 27.69
CA GLN C 283 -25.65 -12.83 27.87
C GLN C 283 -25.12 -11.95 26.74
N THR C 284 -25.72 -12.05 25.55
CA THR C 284 -25.36 -11.13 24.49
C THR C 284 -25.81 -9.73 24.88
N HIS C 285 -27.13 -9.49 24.86
CA HIS C 285 -27.62 -8.12 24.96
C HIS C 285 -27.34 -7.43 26.28
N ARG C 286 -27.33 -8.14 27.40
CA ARG C 286 -27.18 -7.49 28.70
C ARG C 286 -25.82 -6.82 28.82
N LYS C 287 -24.76 -7.50 28.36
CA LYS C 287 -23.46 -6.86 28.38
C LYS C 287 -23.47 -5.61 27.52
N TYR C 288 -24.21 -5.62 26.41
CA TYR C 288 -24.39 -4.37 25.69
C TYR C 288 -25.12 -3.34 26.54
N LEU C 289 -26.08 -3.78 27.37
CA LEU C 289 -26.72 -2.80 28.25
C LEU C 289 -25.73 -2.21 29.24
N LEU C 290 -24.76 -2.99 29.70
CA LEU C 290 -23.71 -2.41 30.54
C LEU C 290 -22.84 -1.46 29.73
N GLN C 291 -22.53 -1.83 28.49
CA GLN C 291 -21.77 -0.94 27.63
C GLN C 291 -22.55 0.30 27.26
N GLU C 292 -23.87 0.18 27.13
CA GLU C 292 -24.72 1.33 26.89
C GLU C 292 -24.74 2.26 28.08
N GLN C 293 -24.78 1.70 29.30
CA GLN C 293 -24.69 2.53 30.47
C GLN C 293 -23.34 3.25 30.51
N LEU C 294 -22.27 2.52 30.13
CA LEU C 294 -20.94 3.12 30.03
C LEU C 294 -20.98 4.32 29.09
N LYS C 295 -21.60 4.14 27.91
CA LYS C 295 -21.64 5.21 26.91
C LYS C 295 -22.38 6.42 27.46
N ILE C 296 -23.50 6.19 28.15
CA ILE C 296 -24.30 7.30 28.64
C ILE C 296 -23.54 8.05 29.72
N ILE C 297 -22.91 7.34 30.66
CA ILE C 297 -22.19 8.03 31.73
C ILE C 297 -21.02 8.81 31.13
N LYS C 298 -20.42 8.29 30.08
CA LYS C 298 -19.36 9.04 29.40
C LYS C 298 -19.93 10.28 28.72
N LYS C 299 -21.08 10.13 28.06
CA LYS C 299 -21.77 11.21 27.36
C LYS C 299 -22.26 12.29 28.29
N GLU C 300 -22.59 11.94 29.52
CA GLU C 300 -23.09 12.89 30.51
C GLU C 300 -21.94 13.74 31.02
N LEU C 301 -20.86 13.09 31.44
CA LEU C 301 -19.67 13.75 31.96
C LEU C 301 -18.47 13.13 31.26
N GLY C 302 -17.62 13.98 30.69
CA GLY C 302 -16.45 13.46 30.02
C GLY C 302 -16.54 13.17 28.54
N LEU C 303 -16.94 14.14 27.73
CA LEU C 303 -17.03 13.90 26.28
C LEU C 303 -15.63 14.03 25.70
N GLU C 304 -14.89 12.92 25.77
CA GLU C 304 -13.52 12.87 25.28
C GLU C 304 -13.42 12.73 23.76
N LYS C 305 -14.46 12.24 23.10
CA LYS C 305 -14.46 12.07 21.65
C LYS C 305 -15.58 12.92 21.07
N ASP C 306 -15.25 13.79 20.14
CA ASP C 306 -16.24 14.65 19.50
C ASP C 306 -16.83 13.92 18.28
N ASP C 307 -17.89 14.51 17.68
CA ASP C 307 -18.51 13.87 16.51
C ASP C 307 -18.79 14.79 15.31
N LYS C 308 -19.72 15.75 15.45
CA LYS C 308 -20.09 16.63 14.34
C LYS C 308 -20.18 18.08 14.72
N ASP C 309 -21.05 18.35 15.69
CA ASP C 309 -21.29 19.71 16.16
C ASP C 309 -19.98 20.35 16.61
N ALA C 310 -19.36 19.82 17.66
CA ALA C 310 -18.24 20.50 18.27
C ALA C 310 -17.04 20.55 17.34
N ILE C 311 -16.87 19.55 16.46
CA ILE C 311 -15.71 19.56 15.58
C ILE C 311 -15.80 20.75 14.63
N GLU C 312 -16.96 20.93 13.97
CA GLU C 312 -17.14 22.10 13.14
C GLU C 312 -17.02 23.35 13.96
N GLU C 313 -17.50 23.31 15.21
CA GLU C 313 -17.52 24.52 15.99
C GLU C 313 -16.09 24.97 16.26
N LYS C 314 -15.25 24.04 16.71
CA LYS C 314 -13.88 24.41 17.04
C LYS C 314 -13.13 24.85 15.79
N PHE C 315 -13.43 24.26 14.62
CA PHE C 315 -12.78 24.76 13.42
C PHE C 315 -13.22 26.18 13.13
N ARG C 316 -14.54 26.41 13.07
CA ARG C 316 -15.03 27.74 12.68
C ARG C 316 -14.58 28.82 13.63
N GLU C 317 -14.42 28.52 14.91
CA GLU C 317 -13.92 29.52 15.84
C GLU C 317 -12.42 29.70 15.74
N ARG C 318 -11.68 28.63 15.40
CA ARG C 318 -10.24 28.78 15.24
C ARG C 318 -9.90 29.75 14.12
N LEU C 319 -10.78 29.91 13.14
CA LEU C 319 -10.49 30.85 12.08
C LEU C 319 -10.42 32.30 12.55
N LYS C 320 -11.01 32.64 13.70
CA LYS C 320 -11.43 34.02 13.97
C LYS C 320 -10.29 35.02 13.88
N GLU C 321 -9.21 34.82 14.63
CA GLU C 321 -8.18 35.86 14.70
C GLU C 321 -7.50 36.04 13.34
N LEU C 322 -7.46 34.99 12.54
CA LEU C 322 -6.89 35.08 11.22
C LEU C 322 -7.78 35.93 10.33
N VAL C 323 -7.18 36.57 9.35
CA VAL C 323 -7.90 37.31 8.32
C VAL C 323 -7.73 36.55 7.02
N VAL C 324 -8.65 35.64 6.76
CA VAL C 324 -8.49 34.74 5.61
C VAL C 324 -8.76 35.50 4.32
N PRO C 325 -8.03 35.24 3.23
CA PRO C 325 -8.42 35.84 1.96
C PRO C 325 -9.80 35.34 1.60
N LYS C 326 -10.60 36.20 0.97
CA LYS C 326 -12.00 35.88 0.72
C LYS C 326 -12.18 34.64 -0.13
N HIS C 327 -11.15 34.26 -0.89
CA HIS C 327 -11.22 33.10 -1.75
C HIS C 327 -11.58 31.85 -0.94
N VAL C 328 -10.78 31.51 0.06
CA VAL C 328 -10.87 30.18 0.63
C VAL C 328 -12.09 29.97 1.50
N MET C 329 -12.81 31.02 1.88
CA MET C 329 -14.00 30.79 2.69
C MET C 329 -15.03 30.00 1.95
N ASP C 330 -15.14 30.19 0.64
CA ASP C 330 -16.03 29.31 -0.10
C ASP C 330 -15.60 27.86 0.08
N VAL C 331 -14.31 27.55 -0.21
CA VAL C 331 -13.83 26.17 -0.15
C VAL C 331 -14.08 25.58 1.22
N VAL C 332 -13.76 26.33 2.26
CA VAL C 332 -13.98 25.81 3.60
C VAL C 332 -15.46 25.62 3.85
N ASP C 333 -16.31 26.44 3.24
CA ASP C 333 -17.73 26.26 3.48
C ASP C 333 -18.24 24.97 2.83
N GLU C 334 -17.84 24.68 1.59
CA GLU C 334 -18.31 23.42 1.02
C GLU C 334 -17.77 22.24 1.79
N GLU C 335 -16.52 22.30 2.23
CA GLU C 335 -16.01 21.17 2.99
C GLU C 335 -16.77 21.03 4.30
N LEU C 336 -17.13 22.13 4.95
CA LEU C 336 -17.85 22.00 6.20
C LEU C 336 -19.23 21.39 6.01
N SER C 337 -19.99 21.92 5.04
CA SER C 337 -21.33 21.38 4.85
C SER C 337 -21.27 19.92 4.42
N LYS C 338 -20.29 19.58 3.57
CA LYS C 338 -20.16 18.20 3.16
C LYS C 338 -19.78 17.33 4.35
N LEU C 339 -18.99 17.86 5.27
CA LEU C 339 -18.69 17.11 6.48
C LEU C 339 -19.94 16.95 7.32
N GLY C 340 -20.82 17.94 7.29
CA GLY C 340 -22.02 17.84 8.10
C GLY C 340 -22.94 16.75 7.60
N LEU C 341 -23.04 16.56 6.28
CA LEU C 341 -23.89 15.50 5.76
C LEU C 341 -23.23 14.13 5.78
N LEU C 342 -21.92 14.04 5.96
CA LEU C 342 -21.21 12.79 5.91
C LEU C 342 -21.38 12.02 7.22
N ASP C 343 -21.25 10.71 7.16
CA ASP C 343 -21.34 9.85 8.33
C ASP C 343 -20.10 9.88 9.20
N ASN C 344 -20.28 9.60 10.49
CA ASN C 344 -19.15 9.68 11.41
C ASN C 344 -18.14 8.55 11.20
N HIS C 345 -18.56 7.41 10.66
CA HIS C 345 -17.67 6.30 10.35
C HIS C 345 -17.69 6.04 8.86
N SER C 346 -16.63 6.46 8.19
CA SER C 346 -16.35 6.03 6.83
C SER C 346 -14.99 6.58 6.48
N SER C 347 -14.35 5.93 5.53
CA SER C 347 -13.05 6.40 5.12
C SER C 347 -13.11 7.80 4.53
N GLU C 348 -14.26 8.23 4.01
CA GLU C 348 -14.36 9.59 3.49
C GLU C 348 -14.24 10.62 4.60
N PHE C 349 -14.83 10.33 5.76
CA PHE C 349 -14.94 11.35 6.78
C PHE C 349 -13.59 11.71 7.33
N ASN C 350 -12.79 10.72 7.70
CA ASN C 350 -11.52 11.07 8.30
C ASN C 350 -10.61 11.79 7.33
N VAL C 351 -10.69 11.48 6.04
CA VAL C 351 -9.86 12.17 5.08
C VAL C 351 -10.29 13.63 4.98
N THR C 352 -11.58 13.88 4.84
CA THR C 352 -12.01 15.26 4.76
C THR C 352 -11.71 16.01 6.05
N ARG C 353 -11.79 15.36 7.19
CA ARG C 353 -11.51 16.08 8.41
C ARG C 353 -10.04 16.43 8.51
N ASN C 354 -9.17 15.50 8.14
CA ASN C 354 -7.74 15.79 8.18
C ASN C 354 -7.42 16.95 7.25
N TYR C 355 -7.98 16.95 6.05
CA TYR C 355 -7.68 18.04 5.13
C TYR C 355 -8.20 19.37 5.64
N LEU C 356 -9.35 19.36 6.27
CA LEU C 356 -9.87 20.62 6.79
C LEU C 356 -8.97 21.16 7.87
N ASP C 357 -8.42 20.27 8.68
CA ASP C 357 -7.50 20.73 9.71
C ASP C 357 -6.26 21.34 9.10
N TRP C 358 -5.74 20.74 8.03
CA TRP C 358 -4.58 21.33 7.41
C TRP C 358 -4.89 22.69 6.81
N LEU C 359 -6.12 22.93 6.33
CA LEU C 359 -6.42 24.29 5.87
C LEU C 359 -6.42 25.27 7.02
N THR C 360 -7.17 24.99 8.08
CA THR C 360 -7.30 26.03 9.09
C THR C 360 -6.01 26.24 9.88
N SER C 361 -5.10 25.28 9.93
CA SER C 361 -3.89 25.49 10.70
C SER C 361 -3.00 26.57 10.11
N ILE C 362 -3.00 26.74 8.79
CA ILE C 362 -2.07 27.66 8.13
C ILE C 362 -2.38 29.08 8.56
N PRO C 363 -1.44 29.87 9.05
CA PRO C 363 -1.74 31.27 9.34
C PRO C 363 -2.10 31.99 8.07
N TRP C 364 -3.05 32.90 8.15
CA TRP C 364 -3.46 33.70 7.01
C TRP C 364 -3.45 35.13 7.50
N GLY C 365 -2.38 35.83 7.24
CA GLY C 365 -2.28 37.20 7.65
C GLY C 365 -1.79 37.44 9.06
N LYS C 366 -1.51 36.41 9.83
CA LYS C 366 -0.72 36.66 11.01
C LYS C 366 0.68 37.02 10.57
N TYR C 367 1.27 38.01 11.23
CA TYR C 367 2.55 38.58 10.81
C TYR C 367 3.43 38.75 12.02
N SER C 368 4.59 38.11 12.01
CA SER C 368 5.56 38.32 13.09
C SER C 368 5.95 39.77 13.14
N ASN C 369 5.93 40.34 14.35
CA ASN C 369 6.32 41.72 14.52
C ASN C 369 7.76 41.83 14.06
N GLU C 370 8.05 42.83 13.26
CA GLU C 370 9.38 43.04 12.72
C GLU C 370 10.02 44.22 13.43
N ASN C 371 11.32 44.13 13.65
CA ASN C 371 12.06 45.26 14.17
C ASN C 371 12.29 46.25 13.03
N LEU C 372 12.38 47.53 13.39
CA LEU C 372 12.62 48.61 12.46
C LEU C 372 13.72 49.56 12.90
N ASP C 373 14.09 49.55 14.17
CA ASP C 373 15.18 50.37 14.65
C ASP C 373 16.46 49.91 13.96
N LEU C 374 17.30 50.86 13.58
CA LEU C 374 18.52 50.51 12.88
C LEU C 374 19.64 50.08 13.82
N ALA C 375 20.16 51.04 14.61
CA ALA C 375 21.41 50.80 15.33
C ALA C 375 21.29 49.62 16.28
N ARG C 376 20.12 49.48 16.89
CA ARG C 376 19.87 48.32 17.72
C ARG C 376 19.91 47.04 16.88
N ALA C 377 19.56 47.14 15.60
CA ALA C 377 19.67 45.98 14.73
C ALA C 377 21.11 45.76 14.30
N GLN C 378 21.81 46.83 13.96
CA GLN C 378 23.18 46.69 13.47
C GLN C 378 24.06 46.08 14.55
N ALA C 379 23.82 46.41 15.81
CA ALA C 379 24.61 45.84 16.87
C ALA C 379 24.52 44.33 16.87
N VAL C 380 23.31 43.79 16.92
CA VAL C 380 23.18 42.35 16.98
C VAL C 380 23.62 41.69 15.69
N LEU C 381 23.50 42.39 14.55
CA LEU C 381 24.09 41.82 13.34
C LEU C 381 25.58 41.71 13.46
N GLU C 382 26.20 42.59 14.24
CA GLU C 382 27.65 42.62 14.26
C GLU C 382 28.24 41.75 15.33
N GLU C 383 27.57 41.56 16.45
CA GLU C 383 28.28 41.14 17.65
C GLU C 383 28.86 39.75 17.58
N ASP C 384 28.33 38.86 16.74
CA ASP C 384 28.80 37.48 16.71
C ASP C 384 29.55 37.11 15.42
N HIS C 385 29.94 38.08 14.59
CA HIS C 385 30.79 37.80 13.44
C HIS C 385 31.58 39.05 13.15
N TYR C 386 32.74 38.88 12.54
CA TYR C 386 33.59 39.99 12.17
C TYR C 386 33.53 40.18 10.68
N GLY C 387 33.58 41.44 10.28
CA GLY C 387 33.70 41.78 8.88
C GLY C 387 32.54 41.24 8.08
N MET C 388 32.89 40.51 7.02
CA MET C 388 31.99 40.11 5.96
C MET C 388 31.05 41.25 5.66
N GLU C 389 31.67 42.36 5.28
CA GLU C 389 30.99 43.65 5.24
C GLU C 389 29.80 43.64 4.29
N ASP C 390 29.86 42.85 3.23
CA ASP C 390 28.83 42.94 2.20
C ASP C 390 27.47 42.59 2.75
N VAL C 391 27.37 41.46 3.44
CA VAL C 391 26.06 41.01 3.86
C VAL C 391 25.53 41.92 4.96
N LYS C 392 26.40 42.33 5.87
CA LYS C 392 25.95 43.22 6.92
C LYS C 392 25.57 44.59 6.38
N LYS C 393 26.07 44.97 5.22
CA LYS C 393 25.62 46.20 4.61
C LYS C 393 24.28 46.01 3.92
N ARG C 394 24.11 44.90 3.20
CA ARG C 394 22.88 44.70 2.45
C ARG C 394 21.69 44.56 3.37
N ILE C 395 21.79 43.71 4.39
CA ILE C 395 20.65 43.51 5.28
C ILE C 395 20.30 44.78 6.01
N LEU C 396 21.29 45.59 6.31
CA LEU C 396 20.96 46.84 6.97
C LEU C 396 20.16 47.73 6.04
N GLU C 397 20.54 47.80 4.77
CA GLU C 397 19.73 48.57 3.81
C GLU C 397 18.33 48.01 3.70
N PHE C 398 18.21 46.71 3.82
CA PHE C 398 16.90 46.11 3.71
C PHE C 398 16.02 46.57 4.84
N ILE C 399 16.52 46.52 6.08
CA ILE C 399 15.66 46.98 7.17
C ILE C 399 15.36 48.46 7.04
N ALA C 400 16.25 49.22 6.43
CA ALA C 400 15.94 50.63 6.24
C ALA C 400 14.78 50.82 5.28
N VAL C 401 14.83 50.15 4.13
CA VAL C 401 13.76 50.31 3.16
C VAL C 401 12.46 49.81 3.75
N SER C 402 12.53 48.75 4.54
CA SER C 402 11.30 48.23 5.11
C SER C 402 10.71 49.23 6.09
N GLN C 403 11.56 49.96 6.81
CA GLN C 403 11.07 50.95 7.75
C GLN C 403 10.40 52.08 7.02
N LEU C 404 10.84 52.38 5.80
CA LEU C 404 10.25 53.52 5.11
C LEU C 404 8.83 53.24 4.65
N ARG C 405 8.63 52.12 3.94
CA ARG C 405 7.33 51.81 3.33
C ARG C 405 6.49 50.89 4.18
N GLY C 406 6.26 51.24 5.45
CA GLY C 406 5.23 50.59 6.24
C GLY C 406 5.35 49.08 6.34
N SER C 407 4.49 48.37 5.63
CA SER C 407 4.32 46.94 5.83
C SER C 407 5.57 46.15 5.49
N THR C 408 5.72 45.00 6.12
CA THR C 408 6.89 44.16 5.91
C THR C 408 6.92 43.63 4.49
N GLN C 409 8.13 43.35 4.02
CA GLN C 409 8.35 42.89 2.65
C GLN C 409 9.46 41.86 2.60
N GLY C 410 9.46 41.11 1.51
CA GLY C 410 10.42 40.04 1.33
C GLY C 410 11.08 40.09 -0.03
N LYS C 411 12.31 39.61 -0.07
CA LYS C 411 13.09 39.50 -1.29
C LYS C 411 13.87 38.22 -1.19
N ILE C 412 14.45 37.83 -2.30
CA ILE C 412 15.13 36.56 -2.47
C ILE C 412 16.57 36.82 -2.86
N LEU C 413 17.52 36.15 -2.20
CA LEU C 413 18.93 36.47 -2.40
C LEU C 413 19.77 35.27 -2.02
N CYS C 414 21.06 35.36 -2.34
CA CYS C 414 21.96 34.21 -2.27
C CYS C 414 23.34 34.68 -1.88
N PHE C 415 24.19 33.74 -1.49
CA PHE C 415 25.57 33.99 -1.10
C PHE C 415 26.48 33.00 -1.79
N TYR C 416 27.77 33.30 -1.90
CA TYR C 416 28.63 32.30 -2.50
C TYR C 416 30.08 32.68 -2.23
N GLY C 417 30.89 31.73 -1.79
CA GLY C 417 32.28 32.01 -1.53
C GLY C 417 33.02 30.76 -1.11
N PRO C 418 34.31 30.90 -0.81
CA PRO C 418 35.11 29.73 -0.47
C PRO C 418 34.56 29.07 0.79
N PRO C 419 34.64 27.74 0.87
CA PRO C 419 33.95 27.05 1.97
C PRO C 419 34.49 27.45 3.33
N GLY C 420 33.59 27.49 4.31
CA GLY C 420 33.96 27.84 5.66
C GLY C 420 34.11 29.31 5.95
N VAL C 421 33.60 30.18 5.09
CA VAL C 421 33.68 31.61 5.38
C VAL C 421 32.60 32.08 6.34
N GLY C 422 31.64 31.24 6.69
CA GLY C 422 30.53 31.65 7.52
C GLY C 422 29.25 31.87 6.76
N LYS C 423 29.10 31.29 5.58
CA LYS C 423 27.91 31.53 4.80
C LYS C 423 26.66 31.06 5.52
N THR C 424 26.77 30.02 6.35
CA THR C 424 25.57 29.49 7.00
C THR C 424 25.40 29.98 8.42
N SER C 425 26.47 30.36 9.09
CA SER C 425 26.31 30.85 10.44
C SER C 425 25.55 32.13 10.50
N ILE C 426 25.71 33.00 9.51
CA ILE C 426 25.12 34.32 9.60
C ILE C 426 23.62 34.28 9.57
N ALA C 427 23.04 33.24 8.99
CA ALA C 427 21.59 33.23 8.81
C ALA C 427 20.87 33.32 10.14
N ARG C 428 21.26 32.52 11.12
CA ARG C 428 20.58 32.58 12.39
C ARG C 428 20.75 33.94 13.03
N SER C 429 21.90 34.56 12.84
CA SER C 429 22.08 35.88 13.40
C SER C 429 21.14 36.87 12.77
N ILE C 430 20.88 36.73 11.47
CA ILE C 430 19.94 37.64 10.84
C ILE C 430 18.55 37.39 11.41
N ALA C 431 18.18 36.13 11.58
CA ALA C 431 16.84 35.82 12.06
C ALA C 431 16.61 36.33 13.47
N ARG C 432 17.67 36.43 14.27
CA ARG C 432 17.54 37.07 15.57
C ARG C 432 17.66 38.59 15.47
N ALA C 433 18.13 39.12 14.34
CA ALA C 433 18.23 40.56 14.21
C ALA C 433 16.94 41.18 13.69
N LEU C 434 16.50 40.79 12.51
CA LEU C 434 15.25 41.33 11.98
C LEU C 434 14.04 40.95 12.79
N ASN C 435 14.10 39.90 13.60
CA ASN C 435 13.07 39.30 14.42
C ASN C 435 12.15 38.36 13.68
N ARG C 436 12.34 38.11 12.39
CA ARG C 436 11.61 37.05 11.71
C ARG C 436 11.93 35.70 12.34
N GLU C 437 10.96 34.80 12.32
CA GLU C 437 11.20 33.43 12.77
C GLU C 437 12.10 32.65 11.81
N TYR C 438 13.01 31.85 12.35
CA TYR C 438 13.97 31.09 11.56
C TYR C 438 13.40 29.74 11.17
N PHE C 439 13.88 29.22 10.05
CA PHE C 439 13.67 27.81 9.70
C PHE C 439 14.62 27.50 8.57
N ARG C 440 15.07 26.25 8.53
CA ARG C 440 16.05 25.79 7.57
C ARG C 440 15.59 24.44 7.05
N PHE C 441 15.94 24.15 5.81
CA PHE C 441 15.79 22.78 5.36
C PHE C 441 16.80 22.57 4.26
N SER C 442 17.81 21.78 4.56
CA SER C 442 18.81 21.51 3.57
C SER C 442 18.18 20.78 2.43
N VAL C 443 18.49 21.22 1.22
CA VAL C 443 18.00 20.58 0.02
C VAL C 443 19.05 19.72 -0.64
N GLY C 444 20.33 19.97 -0.38
CA GLY C 444 21.42 19.31 -1.09
C GLY C 444 21.33 17.81 -1.02
N GLY C 445 21.36 17.15 -2.17
CA GLY C 445 21.22 15.72 -2.21
C GLY C 445 19.80 15.21 -2.23
N MET C 446 18.81 16.09 -2.18
CA MET C 446 17.42 15.68 -2.34
C MET C 446 17.19 15.29 -3.79
N THR C 447 16.21 14.43 -4.01
CA THR C 447 15.83 14.05 -5.37
C THR C 447 14.33 13.97 -5.61
N ASP C 448 13.50 13.96 -4.59
CA ASP C 448 12.06 13.78 -4.78
C ASP C 448 11.41 15.14 -4.96
N VAL C 449 10.90 15.40 -6.16
CA VAL C 449 10.18 16.64 -6.39
C VAL C 449 8.98 16.74 -5.47
N ALA C 450 8.35 15.60 -5.16
CA ALA C 450 7.18 15.60 -4.30
C ALA C 450 7.45 16.20 -2.93
N GLU C 451 8.72 16.21 -2.53
CA GLU C 451 9.09 16.69 -1.21
C GLU C 451 8.71 18.13 -1.04
N ILE C 452 8.75 18.93 -2.11
CA ILE C 452 8.45 20.36 -2.02
C ILE C 452 7.09 20.69 -2.59
N LYS C 453 6.27 19.69 -2.93
CA LYS C 453 4.93 19.94 -3.41
C LYS C 453 3.89 18.95 -2.91
N GLY C 454 4.23 17.99 -2.09
CA GLY C 454 3.22 17.13 -1.53
C GLY C 454 2.64 16.20 -2.55
N HIS C 455 1.60 15.50 -2.16
CA HIS C 455 0.86 14.60 -3.02
C HIS C 455 -0.59 15.05 -3.13
N ARG C 456 -1.35 14.26 -3.85
CA ARG C 456 -2.63 14.62 -4.40
C ARG C 456 -3.80 14.60 -3.43
N ARG C 457 -3.64 14.06 -2.23
CA ARG C 457 -4.59 13.95 -1.12
C ARG C 457 -5.57 12.82 -1.29
N THR C 458 -5.70 12.23 -2.46
CA THR C 458 -6.52 11.04 -2.57
C THR C 458 -5.73 9.78 -2.34
N TYR C 459 -4.42 9.87 -2.09
CA TYR C 459 -3.60 8.71 -1.80
C TYR C 459 -3.83 8.37 -0.33
N VAL C 460 -2.98 7.52 0.27
CA VAL C 460 -3.17 7.17 1.67
C VAL C 460 -2.53 8.21 2.59
N GLY C 461 -1.23 8.41 2.49
CA GLY C 461 -0.49 9.18 3.46
C GLY C 461 -0.16 10.59 3.07
N ALA C 462 -0.90 11.16 2.12
CA ALA C 462 -0.50 12.42 1.52
C ALA C 462 -0.35 13.51 2.57
N MET C 463 0.74 14.27 2.45
CA MET C 463 0.97 15.42 3.29
C MET C 463 1.49 16.55 2.40
N PRO C 464 1.19 17.80 2.74
CA PRO C 464 1.64 18.90 1.90
C PRO C 464 3.13 19.00 1.92
N GLY C 465 3.68 19.55 0.86
CA GLY C 465 5.12 19.70 0.70
C GLY C 465 5.83 20.35 1.87
N LYS C 466 7.16 20.31 1.89
CA LYS C 466 7.90 20.71 3.08
C LYS C 466 7.62 22.15 3.48
N ILE C 467 7.40 23.03 2.51
CA ILE C 467 7.31 24.44 2.85
C ILE C 467 6.06 24.71 3.66
N ILE C 468 4.96 24.04 3.35
CA ILE C 468 3.76 24.29 4.13
C ILE C 468 3.92 23.75 5.53
N GLN C 469 4.69 22.67 5.73
CA GLN C 469 4.96 22.26 7.09
C GLN C 469 5.74 23.34 7.80
N CYS C 470 6.67 23.98 7.11
CA CYS C 470 7.37 25.09 7.72
C CYS C 470 6.46 26.23 8.07
N LEU C 471 5.50 26.47 7.22
CA LEU C 471 4.68 27.64 7.39
C LEU C 471 3.58 27.40 8.40
N LYS C 472 3.33 26.16 8.79
CA LYS C 472 2.47 25.87 9.93
C LYS C 472 3.25 25.82 11.22
N LYS C 473 4.45 25.26 11.20
CA LYS C 473 5.21 25.09 12.43
C LYS C 473 5.59 26.42 13.07
N THR C 474 5.77 27.47 12.28
CA THR C 474 6.10 28.81 12.75
C THR C 474 4.96 29.72 12.37
N LYS C 475 4.22 30.18 13.37
CA LYS C 475 2.90 30.77 13.14
C LYS C 475 2.93 31.96 12.20
N THR C 476 4.04 32.66 12.12
CA THR C 476 4.12 33.81 11.25
C THR C 476 4.05 33.40 9.79
N GLU C 477 3.58 34.31 8.95
CA GLU C 477 3.57 34.07 7.51
C GLU C 477 4.90 34.39 6.86
N ASN C 478 5.86 35.00 7.55
CA ASN C 478 7.11 35.42 6.93
C ASN C 478 8.30 34.89 7.72
N PRO C 479 8.48 33.59 7.71
CA PRO C 479 9.72 33.03 8.22
C PRO C 479 10.84 33.28 7.26
N LEU C 480 12.06 33.25 7.79
CA LEU C 480 13.28 33.35 7.00
C LEU C 480 13.75 31.96 6.57
N ILE C 481 13.02 31.36 5.63
CA ILE C 481 13.42 30.04 5.15
C ILE C 481 14.82 30.15 4.62
N LEU C 482 15.61 29.13 4.83
CA LEU C 482 17.02 29.14 4.44
C LEU C 482 17.27 27.86 3.68
N ILE C 483 16.89 27.84 2.41
CA ILE C 483 17.31 26.74 1.56
C ILE C 483 18.82 26.74 1.60
N ASP C 484 19.42 25.56 1.58
CA ASP C 484 20.84 25.43 1.83
C ASP C 484 21.49 24.56 0.78
N GLU C 485 22.72 24.89 0.40
CA GLU C 485 23.48 24.10 -0.56
C GLU C 485 22.69 23.85 -1.84
N VAL C 486 22.25 24.94 -2.47
CA VAL C 486 21.47 24.85 -3.69
C VAL C 486 22.23 24.15 -4.81
N ASP C 487 23.55 24.19 -4.77
CA ASP C 487 24.33 23.65 -5.89
C ASP C 487 24.12 22.16 -6.08
N LYS C 488 23.84 21.44 -5.02
CA LYS C 488 23.93 19.98 -5.02
C LYS C 488 22.57 19.31 -4.89
N ILE C 489 21.54 19.91 -5.49
CA ILE C 489 20.26 19.22 -5.64
C ILE C 489 20.42 18.09 -6.64
N GLY C 490 19.63 17.05 -6.46
CA GLY C 490 19.74 15.90 -7.33
C GLY C 490 19.21 16.20 -8.72
N ARG C 491 19.58 15.37 -9.69
CA ARG C 491 19.16 15.62 -11.05
C ARG C 491 19.33 14.34 -11.86
N GLY C 492 18.55 14.23 -12.92
CA GLY C 492 18.85 13.33 -14.01
C GLY C 492 18.47 11.86 -13.84
N TYR C 493 17.70 11.50 -12.82
CA TYR C 493 17.15 10.14 -12.68
C TYR C 493 15.65 10.12 -12.49
N GLN C 494 15.06 11.19 -11.98
CA GLN C 494 13.63 11.42 -12.02
C GLN C 494 13.48 12.88 -12.44
N GLY C 495 12.25 13.39 -12.36
CA GLY C 495 12.03 14.79 -12.66
C GLY C 495 12.87 15.67 -11.76
N ASP C 496 13.46 16.69 -12.38
CA ASP C 496 14.38 17.54 -11.67
C ASP C 496 13.65 18.26 -10.54
N PRO C 497 14.13 18.20 -9.29
CA PRO C 497 13.56 19.09 -8.28
C PRO C 497 13.70 20.52 -8.66
N SER C 498 14.75 20.89 -9.41
CA SER C 498 14.96 22.28 -9.80
C SER C 498 13.76 22.81 -10.54
N SER C 499 13.11 21.99 -11.34
CA SER C 499 11.95 22.42 -12.10
C SER C 499 10.78 22.81 -11.22
N ALA C 500 10.73 22.30 -9.99
CA ALA C 500 9.75 22.77 -9.02
C ALA C 500 10.19 24.04 -8.32
N LEU C 501 11.49 24.16 -8.06
CA LEU C 501 12.00 25.28 -7.27
C LEU C 501 11.68 26.61 -7.90
N LEU C 502 11.63 26.67 -9.24
CA LEU C 502 11.38 27.95 -9.90
C LEU C 502 10.07 28.53 -9.43
N GLU C 503 9.06 27.67 -9.24
CA GLU C 503 7.74 28.16 -8.88
C GLU C 503 7.79 28.87 -7.54
N LEU C 504 8.70 28.48 -6.65
CA LEU C 504 8.85 29.22 -5.41
C LEU C 504 9.52 30.56 -5.66
N LEU C 505 10.63 30.53 -6.35
CA LEU C 505 11.58 31.62 -6.27
C LEU C 505 11.31 32.75 -7.23
N ASP C 506 10.32 32.65 -8.11
CA ASP C 506 10.03 33.75 -9.00
C ASP C 506 9.60 34.91 -8.11
N PRO C 507 10.23 36.09 -8.21
CA PRO C 507 9.96 37.16 -7.23
C PRO C 507 8.54 37.60 -7.16
N GLU C 508 7.80 37.59 -8.27
CA GLU C 508 6.42 38.02 -8.29
C GLU C 508 5.44 36.86 -8.35
N GLN C 509 5.74 35.85 -9.17
CA GLN C 509 4.75 34.82 -9.45
C GLN C 509 4.46 33.96 -8.24
N ASN C 510 5.40 33.88 -7.30
CA ASN C 510 5.22 33.03 -6.14
C ASN C 510 3.99 33.41 -5.34
N ALA C 511 3.51 34.65 -5.47
CA ALA C 511 2.31 35.11 -4.77
C ALA C 511 1.07 34.25 -5.04
N ASN C 512 1.10 33.29 -5.96
CA ASN C 512 0.05 32.30 -6.15
C ASN C 512 0.66 30.91 -6.18
N PHE C 513 1.47 30.60 -5.19
CA PHE C 513 1.99 29.25 -5.03
C PHE C 513 0.83 28.32 -4.77
N LEU C 514 0.88 27.11 -5.33
CA LEU C 514 -0.25 26.18 -5.35
C LEU C 514 0.22 24.80 -4.95
N ASP C 515 0.24 24.52 -3.65
CA ASP C 515 0.63 23.21 -3.18
C ASP C 515 -0.43 22.19 -3.52
N HIS C 516 0.01 21.01 -3.94
CA HIS C 516 -0.95 20.04 -4.45
C HIS C 516 -1.91 19.56 -3.39
N TYR C 517 -1.47 19.41 -2.14
CA TYR C 517 -2.35 18.85 -1.13
C TYR C 517 -3.53 19.79 -0.96
N LEU C 518 -3.28 20.98 -0.46
CA LEU C 518 -4.33 21.99 -0.29
C LEU C 518 -4.28 22.85 -1.53
N ASP C 519 -5.12 22.53 -2.49
CA ASP C 519 -4.97 23.12 -3.82
C ASP C 519 -5.18 24.62 -3.83
N VAL C 520 -5.86 25.18 -2.85
CA VAL C 520 -6.14 26.62 -2.87
C VAL C 520 -4.83 27.38 -2.85
N PRO C 521 -4.63 28.41 -3.68
CA PRO C 521 -3.32 29.06 -3.72
C PRO C 521 -2.93 29.66 -2.39
N VAL C 522 -1.65 29.58 -2.07
CA VAL C 522 -1.10 30.06 -0.81
C VAL C 522 -0.23 31.26 -1.15
N ASP C 523 -0.67 32.46 -0.83
CA ASP C 523 0.21 33.60 -0.98
C ASP C 523 1.38 33.41 -0.04
N LEU C 524 2.59 33.64 -0.53
CA LEU C 524 3.74 33.67 0.36
C LEU C 524 4.76 34.69 -0.08
N SER C 525 4.35 35.78 -0.70
CA SER C 525 5.31 36.73 -1.23
C SER C 525 6.16 37.38 -0.16
N LYS C 526 5.67 37.46 1.08
CA LYS C 526 6.42 38.15 2.11
C LYS C 526 7.63 37.39 2.63
N VAL C 527 7.75 36.09 2.35
CA VAL C 527 8.85 35.30 2.87
C VAL C 527 10.17 35.90 2.42
N LEU C 528 11.23 35.61 3.15
CA LEU C 528 12.58 36.08 2.86
C LEU C 528 13.48 34.88 2.66
N PHE C 529 13.58 34.37 1.45
CA PHE C 529 14.43 33.23 1.21
C PHE C 529 15.86 33.66 1.30
N ILE C 530 16.76 32.71 1.54
CA ILE C 530 18.18 32.91 1.40
C ILE C 530 18.68 31.59 0.84
N CYS C 531 19.84 31.61 0.18
CA CYS C 531 20.42 30.41 -0.38
C CYS C 531 21.92 30.53 -0.29
N THR C 532 22.61 29.39 -0.19
CA THR C 532 24.04 29.37 0.11
C THR C 532 24.71 28.23 -0.64
N ALA C 533 25.31 28.53 -1.78
CA ALA C 533 26.08 27.57 -2.55
C ALA C 533 27.49 28.11 -2.76
N ASN C 534 28.47 27.22 -2.74
CA ASN C 534 29.87 27.65 -2.74
C ASN C 534 30.49 27.85 -4.11
N VAL C 535 29.79 27.52 -5.19
CA VAL C 535 30.31 27.82 -6.53
C VAL C 535 29.13 28.09 -7.46
N THR C 536 29.14 29.26 -8.09
CA THR C 536 27.97 29.74 -8.82
C THR C 536 28.06 29.49 -10.30
N ASP C 537 28.29 28.25 -10.69
CA ASP C 537 28.30 27.84 -12.09
C ASP C 537 27.32 26.71 -12.38
N THR C 538 27.21 25.77 -11.46
CA THR C 538 26.41 24.59 -11.71
C THR C 538 24.93 24.89 -11.76
N ILE C 539 24.49 25.98 -11.16
CA ILE C 539 23.05 26.24 -11.07
C ILE C 539 22.51 26.48 -12.47
N PRO C 540 21.41 25.84 -12.88
CA PRO C 540 20.91 26.06 -14.24
C PRO C 540 20.50 27.51 -14.46
N GLU C 541 20.69 27.98 -15.67
CA GLU C 541 20.50 29.39 -16.00
C GLU C 541 19.14 29.96 -15.60
N PRO C 542 18.00 29.35 -15.92
CA PRO C 542 16.71 29.98 -15.57
C PRO C 542 16.56 30.22 -14.11
N LEU C 543 17.09 29.33 -13.29
CA LEU C 543 17.03 29.52 -11.85
C LEU C 543 18.04 30.54 -11.38
N ARG C 544 19.24 30.54 -11.97
CA ARG C 544 20.24 31.50 -11.54
C ARG C 544 19.80 32.93 -11.77
N ASP C 545 18.95 33.16 -12.75
CA ASP C 545 18.53 34.51 -13.02
C ASP C 545 17.69 35.08 -11.88
N ARG C 546 16.85 34.25 -11.24
CA ARG C 546 15.86 34.79 -10.29
C ARG C 546 16.48 35.48 -9.10
N MET C 547 17.62 35.02 -8.63
CA MET C 547 18.10 35.31 -7.29
C MET C 547 19.41 36.06 -7.33
N GLU C 548 19.42 37.27 -6.78
CA GLU C 548 20.62 38.08 -6.83
C GLU C 548 21.74 37.46 -6.03
N MET C 549 22.96 37.61 -6.52
CA MET C 549 24.15 37.12 -5.84
C MET C 549 24.73 38.17 -4.92
N ILE C 550 25.43 37.72 -3.89
CA ILE C 550 26.19 38.58 -2.98
C ILE C 550 27.41 37.81 -2.53
N ASN C 551 28.58 38.32 -2.83
CA ASN C 551 29.81 37.56 -2.71
C ASN C 551 30.43 37.87 -1.36
N VAL C 552 30.42 36.89 -0.46
CA VAL C 552 31.33 36.93 0.68
C VAL C 552 32.72 36.59 0.18
N SER C 553 33.75 37.15 0.82
CA SER C 553 35.12 37.05 0.35
C SER C 553 36.05 36.53 1.43
N GLY C 554 37.08 35.81 0.99
CA GLY C 554 37.98 35.18 1.93
C GLY C 554 38.81 36.18 2.71
N TYR C 555 39.14 35.81 3.95
CA TYR C 555 39.81 36.71 4.87
C TYR C 555 41.30 36.75 4.63
N VAL C 556 41.88 37.87 4.95
CA VAL C 556 43.32 38.05 4.93
C VAL C 556 43.84 37.89 6.34
N ALA C 557 45.11 37.49 6.46
CA ALA C 557 45.64 37.04 7.75
C ALA C 557 45.63 38.12 8.82
N GLN C 558 45.90 39.37 8.44
CA GLN C 558 46.10 40.43 9.43
C GLN C 558 44.90 40.63 10.31
N GLU C 559 43.71 40.35 9.78
CA GLU C 559 42.47 40.39 10.51
C GLU C 559 41.91 39.02 10.75
N LYS C 560 42.46 37.97 10.13
CA LYS C 560 42.12 36.65 10.65
C LYS C 560 42.60 36.52 12.09
N LEU C 561 43.68 37.20 12.43
CA LEU C 561 44.10 37.30 13.82
C LEU C 561 43.00 37.92 14.66
N ALA C 562 42.46 39.04 14.21
CA ALA C 562 41.54 39.78 15.06
C ALA C 562 40.19 39.14 15.15
N ILE C 563 39.86 38.21 14.26
CA ILE C 563 38.68 37.38 14.51
C ILE C 563 39.06 36.28 15.49
N ALA C 564 40.18 35.60 15.26
CA ALA C 564 40.49 34.46 16.11
C ALA C 564 40.79 34.86 17.53
N GLU C 565 41.27 36.06 17.75
CA GLU C 565 41.62 36.50 19.08
C GLU C 565 40.43 37.02 19.87
N ARG C 566 39.28 37.22 19.23
CA ARG C 566 38.09 37.74 19.89
C ARG C 566 36.98 36.72 20.03
N TYR C 567 36.73 35.90 19.02
CA TYR C 567 35.63 34.95 19.05
C TYR C 567 36.10 33.51 19.21
N LEU C 568 36.96 33.02 18.32
CA LEU C 568 37.30 31.60 18.29
C LEU C 568 37.89 31.14 19.60
N VAL C 569 38.91 31.84 20.10
CA VAL C 569 39.55 31.42 21.33
C VAL C 569 38.55 31.38 22.48
N PRO C 570 37.78 32.43 22.76
CA PRO C 570 36.76 32.30 23.81
C PRO C 570 35.78 31.20 23.57
N GLN C 571 35.39 30.94 22.33
CA GLN C 571 34.46 29.86 22.08
C GLN C 571 35.06 28.53 22.48
N ALA C 572 36.25 28.23 21.97
CA ALA C 572 36.87 26.95 22.28
C ALA C 572 37.15 26.83 23.77
N ARG C 573 37.52 27.94 24.41
CA ARG C 573 37.83 27.86 25.81
C ARG C 573 36.60 27.58 26.63
N ALA C 574 35.50 28.23 26.31
CA ALA C 574 34.26 27.92 27.01
C ALA C 574 33.80 26.51 26.72
N LEU C 575 34.13 25.99 25.54
CA LEU C 575 33.75 24.62 25.23
C LEU C 575 34.51 23.64 26.08
N CYS C 576 35.82 23.84 26.25
CA CYS C 576 36.66 22.90 26.98
C CYS C 576 36.71 23.17 28.49
N GLY C 577 36.06 24.22 28.97
CA GLY C 577 35.96 24.45 30.40
C GLY C 577 37.17 25.05 31.09
N LEU C 578 38.16 25.53 30.36
CA LEU C 578 39.36 26.06 30.98
C LEU C 578 39.10 27.48 31.47
N ASP C 579 40.17 28.15 31.91
CA ASP C 579 40.16 29.49 32.47
C ASP C 579 41.26 30.27 31.78
N GLU C 580 41.10 31.60 31.83
CA GLU C 580 42.12 32.49 31.30
C GLU C 580 43.44 32.31 32.01
N SER C 581 43.43 31.85 33.26
CA SER C 581 44.67 31.65 33.98
C SER C 581 45.38 30.37 33.57
N LYS C 582 44.66 29.27 33.49
CA LYS C 582 45.31 27.98 33.31
C LYS C 582 45.96 27.81 31.95
N ALA C 583 45.43 28.46 30.91
CA ALA C 583 45.80 28.16 29.52
C ALA C 583 45.97 29.44 28.73
N LYS C 584 46.73 30.35 29.29
CA LYS C 584 46.95 31.63 28.63
C LYS C 584 47.72 31.43 27.34
N LEU C 585 47.35 32.21 26.31
CA LEU C 585 48.16 32.25 25.10
C LEU C 585 48.20 33.66 24.55
N SER C 586 49.41 34.12 24.28
CA SER C 586 49.66 35.46 23.81
C SER C 586 49.23 35.61 22.37
N SER C 587 49.01 36.85 21.96
CA SER C 587 48.70 37.11 20.55
C SER C 587 49.84 36.66 19.64
N ASP C 588 51.09 36.76 20.11
CA ASP C 588 52.22 36.45 19.22
C ASP C 588 52.19 35.01 18.76
N VAL C 589 51.81 34.09 19.65
CA VAL C 589 51.74 32.71 19.19
C VAL C 589 50.63 32.57 18.16
N LEU C 590 49.56 33.34 18.28
CA LEU C 590 48.55 33.29 17.24
C LEU C 590 49.08 33.83 15.92
N THR C 591 49.97 34.82 15.95
CA THR C 591 50.53 35.28 14.70
C THR C 591 51.36 34.18 14.06
N LEU C 592 52.19 33.51 14.86
CA LEU C 592 52.95 32.38 14.34
C LEU C 592 52.03 31.35 13.75
N LEU C 593 51.01 30.96 14.49
CA LEU C 593 50.17 29.88 14.04
C LEU C 593 49.46 30.24 12.76
N ILE C 594 49.01 31.48 12.63
CA ILE C 594 48.27 31.88 11.45
C ILE C 594 49.18 31.87 10.24
N LYS C 595 50.34 32.49 10.36
CA LYS C 595 51.18 32.61 9.18
C LYS C 595 51.98 31.37 8.90
N GLN C 596 51.96 30.36 9.77
CA GLN C 596 52.67 29.11 9.52
C GLN C 596 51.73 27.99 9.14
N TYR C 597 50.87 27.55 10.04
CA TYR C 597 50.25 26.25 9.88
C TYR C 597 48.94 26.28 9.11
N CYS C 598 48.42 27.44 8.75
CA CYS C 598 47.13 27.49 8.05
C CYS C 598 47.09 28.76 7.19
N ARG C 599 47.29 28.60 5.88
CA ARG C 599 47.02 29.65 4.90
C ARG C 599 45.90 29.19 4.00
N GLU C 600 44.72 29.76 4.17
CA GLU C 600 43.61 29.52 3.26
C GLU C 600 42.47 30.45 3.62
N SER C 601 41.59 30.66 2.64
CA SER C 601 40.50 31.60 2.79
C SER C 601 39.54 31.19 3.89
N GLY C 602 39.44 29.92 4.17
CA GLY C 602 38.50 29.45 5.17
C GLY C 602 39.00 29.75 6.56
N VAL C 603 38.24 29.31 7.54
CA VAL C 603 38.56 29.55 8.94
C VAL C 603 38.44 28.27 9.75
N ARG C 604 37.91 27.19 9.17
CA ARG C 604 37.81 25.95 9.93
C ARG C 604 39.16 25.45 10.38
N ASN C 605 40.18 25.64 9.55
CA ASN C 605 41.47 25.05 9.87
C ASN C 605 42.11 25.70 11.09
N LEU C 606 42.07 27.03 11.16
CA LEU C 606 42.58 27.69 12.35
C LEU C 606 41.78 27.30 13.56
N GLN C 607 40.49 27.03 13.39
CA GLN C 607 39.72 26.56 14.52
C GLN C 607 40.27 25.24 15.01
N LYS C 608 40.60 24.33 14.10
CA LYS C 608 41.12 23.05 14.53
C LYS C 608 42.44 23.20 15.27
N GLN C 609 43.31 24.09 14.79
CA GLN C 609 44.59 24.26 15.49
C GLN C 609 44.39 24.83 16.88
N VAL C 610 43.53 25.83 17.03
CA VAL C 610 43.34 26.43 18.33
C VAL C 610 42.79 25.41 19.30
N GLU C 611 41.77 24.67 18.88
CA GLU C 611 41.23 23.70 19.83
C GLU C 611 42.23 22.61 20.14
N LYS C 612 43.13 22.27 19.21
CA LYS C 612 44.14 21.29 19.54
C LYS C 612 45.05 21.80 20.63
N VAL C 613 45.50 23.06 20.52
CA VAL C 613 46.41 23.57 21.55
C VAL C 613 45.72 23.56 22.90
N LEU C 614 44.46 23.99 22.94
CA LEU C 614 43.79 24.06 24.23
C LEU C 614 43.63 22.68 24.83
N ARG C 615 43.20 21.70 24.03
CA ARG C 615 42.95 20.39 24.60
C ARG C 615 44.24 19.72 25.04
N LYS C 616 45.37 19.97 24.38
CA LYS C 616 46.61 19.42 24.93
C LYS C 616 46.94 20.05 26.26
N SER C 617 46.65 21.34 26.43
CA SER C 617 46.83 21.90 27.77
C SER C 617 45.91 21.21 28.77
N ALA C 618 44.70 20.84 28.34
CA ALA C 618 43.77 20.22 29.27
C ALA C 618 44.29 18.87 29.74
N TYR C 619 44.85 18.09 28.83
CA TYR C 619 45.41 16.82 29.26
C TYR C 619 46.63 17.02 30.13
N LYS C 620 47.40 18.07 29.90
CA LYS C 620 48.50 18.30 30.83
C LYS C 620 47.99 18.67 32.20
N ILE C 621 46.81 19.27 32.31
CA ILE C 621 46.33 19.72 33.62
C ILE C 621 45.69 18.57 34.37
N VAL C 622 44.60 17.99 33.84
CA VAL C 622 43.73 17.13 34.65
C VAL C 622 44.48 15.91 35.15
N SER C 623 45.40 15.40 34.38
CA SER C 623 46.16 14.21 34.71
C SER C 623 47.63 14.45 34.84
N GLY C 624 48.17 15.42 34.11
CA GLY C 624 49.59 15.60 34.11
C GLY C 624 50.10 16.21 35.39
N GLU C 625 51.07 17.09 35.20
CA GLU C 625 51.89 17.61 36.28
C GLU C 625 51.75 19.10 36.46
N ALA C 626 51.84 19.88 35.40
CA ALA C 626 51.84 21.32 35.52
C ALA C 626 50.50 21.82 36.02
N GLU C 627 50.55 22.80 36.91
CA GLU C 627 49.35 23.51 37.34
C GLU C 627 49.05 24.73 36.47
N SER C 628 49.96 25.14 35.60
CA SER C 628 49.76 26.33 34.77
C SER C 628 50.55 26.15 33.49
N VAL C 629 49.88 25.76 32.41
CA VAL C 629 50.57 25.68 31.13
C VAL C 629 50.86 27.10 30.68
N GLU C 630 51.95 27.28 29.93
CA GLU C 630 52.34 28.61 29.46
C GLU C 630 52.82 28.49 28.02
N VAL C 631 51.89 28.58 27.07
CA VAL C 631 52.28 28.54 25.68
C VAL C 631 53.17 29.73 25.39
N THR C 632 54.27 29.46 24.71
CA THR C 632 55.23 30.42 24.20
C THR C 632 55.64 29.90 22.85
N PRO C 633 56.18 30.74 21.95
CA PRO C 633 56.60 30.22 20.64
C PRO C 633 57.56 29.05 20.72
N GLU C 634 58.47 29.06 21.70
CA GLU C 634 59.42 27.96 21.86
C GLU C 634 58.70 26.65 22.17
N ASN C 635 57.63 26.70 22.94
CA ASN C 635 56.92 25.49 23.25
C ASN C 635 56.11 24.97 22.09
N LEU C 636 55.84 25.80 21.09
CA LEU C 636 54.73 25.53 20.18
C LEU C 636 54.93 24.23 19.41
N GLN C 637 56.16 23.90 19.05
CA GLN C 637 56.40 22.68 18.27
C GLN C 637 55.96 21.45 19.04
N ASP C 638 56.11 21.46 20.35
CA ASP C 638 55.71 20.32 21.16
C ASP C 638 54.22 20.11 21.06
N PHE C 639 53.45 21.20 20.99
CA PHE C 639 52.01 21.10 21.10
C PHE C 639 51.40 20.76 19.76
N VAL C 640 51.60 21.64 18.78
CA VAL C 640 50.90 21.47 17.54
C VAL C 640 51.59 20.49 16.63
N GLY C 641 52.93 20.40 16.70
CA GLY C 641 53.70 19.55 15.81
C GLY C 641 54.83 20.27 15.12
N LYS C 642 54.80 20.35 13.80
CA LYS C 642 55.90 20.87 12.99
C LYS C 642 55.43 21.94 12.02
N PRO C 643 56.28 22.88 11.61
CA PRO C 643 55.87 23.82 10.57
C PRO C 643 55.57 23.07 9.30
N VAL C 644 54.56 23.54 8.59
CA VAL C 644 54.14 22.93 7.35
C VAL C 644 54.54 23.80 6.18
N PHE C 645 54.03 25.02 6.13
CA PHE C 645 54.54 26.01 5.18
C PHE C 645 55.77 26.64 5.79
N THR C 646 56.69 27.10 4.92
CA THR C 646 57.93 27.74 5.35
C THR C 646 58.11 29.02 4.55
N VAL C 647 59.26 29.68 4.69
CA VAL C 647 59.57 30.84 3.87
C VAL C 647 60.08 30.32 2.55
N GLU C 648 59.16 29.94 1.67
CA GLU C 648 59.52 29.31 0.41
C GLU C 648 60.18 30.34 -0.50
N ARG C 649 61.41 30.05 -0.91
CA ARG C 649 62.15 30.85 -1.88
C ARG C 649 63.13 29.90 -2.57
N MET C 650 62.79 29.45 -3.77
CA MET C 650 63.62 28.48 -4.47
C MET C 650 65.01 29.03 -4.71
N TYR C 651 65.11 30.33 -4.97
CA TYR C 651 66.36 30.99 -5.28
C TYR C 651 66.33 32.36 -4.65
N ASP C 652 67.22 32.58 -3.70
CA ASP C 652 67.25 33.86 -3.03
C ASP C 652 68.00 34.93 -3.81
N VAL C 653 68.71 34.55 -4.88
CA VAL C 653 69.52 35.48 -5.65
C VAL C 653 69.31 35.39 -7.15
N THR C 654 68.47 34.47 -7.63
CA THR C 654 68.07 34.38 -9.03
C THR C 654 69.24 34.30 -10.01
N PRO C 655 69.90 33.15 -10.15
CA PRO C 655 70.91 33.02 -11.19
C PRO C 655 70.27 33.19 -12.55
N PRO C 656 71.02 33.68 -13.54
CA PRO C 656 70.40 34.30 -14.72
C PRO C 656 69.49 33.37 -15.47
N GLY C 657 68.39 33.93 -15.99
CA GLY C 657 67.38 33.11 -16.59
C GLY C 657 66.27 32.68 -15.65
N VAL C 658 66.11 33.32 -14.50
CA VAL C 658 64.98 33.03 -13.61
C VAL C 658 64.47 34.36 -13.08
N VAL C 659 63.16 34.50 -13.05
CA VAL C 659 62.56 35.72 -12.52
C VAL C 659 61.22 35.42 -11.89
N MET C 660 61.11 35.66 -10.58
CA MET C 660 59.94 35.22 -9.85
C MET C 660 58.71 35.95 -10.33
N GLY C 661 57.58 35.25 -10.31
CA GLY C 661 56.34 35.81 -10.81
C GLY C 661 55.12 35.42 -10.02
N LEU C 662 54.21 36.37 -9.85
CA LEU C 662 52.97 36.13 -9.13
C LEU C 662 52.00 35.35 -10.00
N ALA C 663 51.09 34.63 -9.35
CA ALA C 663 50.02 33.97 -10.08
C ALA C 663 48.89 33.66 -9.13
N TRP C 664 47.67 33.72 -9.66
CA TRP C 664 46.46 33.61 -8.85
C TRP C 664 45.98 32.17 -8.94
N THR C 665 46.55 31.31 -8.10
CA THR C 665 46.03 29.97 -7.96
C THR C 665 44.68 30.05 -7.24
N ALA C 666 43.86 29.01 -7.42
CA ALA C 666 42.51 29.05 -6.87
C ALA C 666 42.50 29.24 -5.36
N MET C 667 43.52 28.71 -4.67
CA MET C 667 43.64 28.87 -3.22
C MET C 667 44.54 30.06 -2.89
N GLY C 668 44.04 31.24 -3.20
CA GLY C 668 44.77 32.46 -2.91
C GLY C 668 45.88 32.71 -3.92
N GLY C 669 46.72 33.66 -3.59
CA GLY C 669 47.84 33.94 -4.46
C GLY C 669 48.98 32.97 -4.26
N SER C 670 49.96 33.05 -5.14
CA SER C 670 51.18 32.30 -4.94
C SER C 670 52.27 32.91 -5.78
N THR C 671 53.50 32.64 -5.38
CA THR C 671 54.70 33.15 -6.03
C THR C 671 55.45 32.01 -6.71
N LEU C 672 55.15 31.78 -7.98
CA LEU C 672 55.79 30.73 -8.75
C LEU C 672 56.94 31.30 -9.54
N PHE C 673 58.01 30.53 -9.67
CA PHE C 673 59.19 30.93 -10.42
C PHE C 673 59.03 30.48 -11.84
N VAL C 674 59.88 30.97 -12.74
CA VAL C 674 59.90 30.53 -14.12
C VAL C 674 61.36 30.37 -14.50
N GLU C 675 61.71 29.27 -15.17
CA GLU C 675 63.11 28.97 -15.44
C GLU C 675 63.34 28.69 -16.90
N THR C 676 64.57 28.90 -17.33
CA THR C 676 64.96 28.61 -18.70
C THR C 676 66.43 28.24 -18.75
N SER C 677 66.80 27.48 -19.76
CA SER C 677 68.20 27.10 -19.88
C SER C 677 68.47 26.52 -21.25
N LEU C 678 69.74 26.57 -21.63
CA LEU C 678 70.15 26.06 -22.93
C LEU C 678 69.97 24.55 -23.00
N ARG C 679 69.55 24.08 -24.17
CA ARG C 679 69.25 22.69 -24.43
C ARG C 679 70.24 22.00 -25.34
N ARG C 680 71.16 22.71 -25.97
CA ARG C 680 72.10 22.09 -26.91
C ARG C 680 73.15 23.13 -27.27
N PRO C 681 74.45 22.81 -27.35
CA PRO C 681 75.46 23.87 -27.47
C PRO C 681 75.29 24.71 -28.72
N GLN C 682 75.55 26.01 -28.60
CA GLN C 682 75.19 26.93 -29.67
C GLN C 682 76.30 27.18 -30.70
N ASP C 683 77.51 26.71 -30.48
CA ASP C 683 78.57 26.96 -31.45
C ASP C 683 78.58 25.94 -32.58
N LYS C 684 77.64 24.96 -32.58
CA LYS C 684 77.67 23.92 -33.60
C LYS C 684 77.55 24.49 -35.00
N ASP C 685 76.81 25.58 -35.15
CA ASP C 685 76.77 26.41 -36.37
C ASP C 685 76.50 27.83 -35.87
N ALA C 686 77.58 28.59 -35.68
CA ALA C 686 77.42 29.94 -35.16
C ALA C 686 76.60 30.81 -36.10
N LYS C 687 76.73 30.58 -37.41
CA LYS C 687 75.97 31.29 -38.44
C LYS C 687 74.80 30.48 -38.99
N GLY C 688 74.69 29.19 -38.64
CA GLY C 688 73.61 28.36 -39.15
C GLY C 688 72.28 28.96 -38.75
N ASP C 689 71.62 29.54 -39.73
CA ASP C 689 70.43 30.35 -39.48
C ASP C 689 69.22 29.44 -39.30
N LYS C 690 68.95 29.07 -38.04
CA LYS C 690 67.82 28.24 -37.67
C LYS C 690 67.29 28.70 -36.32
N ASP C 691 65.97 28.65 -36.17
CA ASP C 691 65.34 29.18 -34.98
C ASP C 691 65.75 28.40 -33.74
N GLY C 692 65.90 29.11 -32.64
CA GLY C 692 66.04 28.46 -31.36
C GLY C 692 64.71 28.12 -30.77
N SER C 693 64.06 27.07 -31.27
CA SER C 693 62.72 26.74 -30.82
C SER C 693 62.71 26.42 -29.33
N LEU C 694 61.63 26.80 -28.67
CA LEU C 694 61.44 26.57 -27.24
C LEU C 694 60.24 25.68 -27.01
N GLU C 695 60.33 24.86 -25.98
CA GLU C 695 59.30 23.87 -25.67
C GLU C 695 58.74 24.26 -24.32
N VAL C 696 57.60 24.92 -24.33
CA VAL C 696 56.96 25.22 -23.07
C VAL C 696 56.46 23.93 -22.45
N THR C 697 56.50 23.85 -21.11
CA THR C 697 56.04 22.68 -20.37
C THR C 697 55.05 23.07 -19.29
N GLY C 698 54.65 22.12 -18.46
CA GLY C 698 53.75 22.43 -17.37
C GLY C 698 52.29 22.48 -17.78
N GLN C 699 51.71 21.33 -18.15
CA GLN C 699 50.28 21.13 -18.49
C GLN C 699 49.68 22.30 -19.26
N LEU C 700 50.41 22.71 -20.27
CA LEU C 700 49.93 23.72 -21.18
C LEU C 700 48.61 23.25 -21.80
N GLY C 701 47.64 24.15 -21.83
CA GLY C 701 46.47 24.03 -22.66
C GLY C 701 46.84 24.62 -23.99
N GLU C 702 45.83 25.12 -24.70
CA GLU C 702 46.11 25.73 -25.99
C GLU C 702 46.43 27.22 -25.84
N VAL C 703 45.68 27.94 -25.00
CA VAL C 703 45.78 29.40 -24.98
C VAL C 703 47.13 29.86 -24.42
N MET C 704 47.56 29.31 -23.29
CA MET C 704 48.82 29.74 -22.71
C MET C 704 50.00 29.36 -23.58
N LYS C 705 49.93 28.26 -24.31
CA LYS C 705 51.03 27.95 -25.21
C LYS C 705 51.11 28.96 -26.34
N GLU C 706 49.95 29.44 -26.81
CA GLU C 706 49.98 30.56 -27.72
C GLU C 706 50.63 31.76 -27.06
N SER C 707 50.32 32.00 -25.79
CA SER C 707 50.90 33.16 -25.12
C SER C 707 52.39 33.03 -25.04
N ALA C 708 52.87 31.81 -24.87
CA ALA C 708 54.30 31.61 -24.78
C ALA C 708 54.97 31.89 -26.11
N ARG C 709 54.41 31.34 -27.19
CA ARG C 709 55.00 31.61 -28.49
C ARG C 709 54.92 33.08 -28.85
N ILE C 710 53.87 33.77 -28.39
CA ILE C 710 53.74 35.19 -28.67
C ILE C 710 54.82 35.96 -27.95
N ALA C 711 55.07 35.59 -26.70
CA ALA C 711 56.14 36.21 -25.96
C ALA C 711 57.47 35.93 -26.63
N TYR C 712 57.61 34.74 -27.21
CA TYR C 712 58.85 34.43 -27.90
C TYR C 712 59.04 35.33 -29.11
N THR C 713 57.98 35.53 -29.88
CA THR C 713 58.08 36.38 -31.06
C THR C 713 58.44 37.80 -30.69
N PHE C 714 57.73 38.35 -29.71
CA PHE C 714 58.00 39.71 -29.32
C PHE C 714 59.42 39.82 -28.76
N ALA C 715 59.90 38.79 -28.07
CA ALA C 715 61.26 38.88 -27.55
C ALA C 715 62.27 38.88 -28.67
N ARG C 716 62.05 38.05 -29.69
CA ARG C 716 62.97 38.02 -30.81
C ARG C 716 63.01 39.36 -31.50
N ALA C 717 61.88 40.06 -31.57
CA ALA C 717 61.88 41.37 -32.20
C ALA C 717 62.56 42.40 -31.31
N PHE C 718 62.25 42.36 -30.03
CA PHE C 718 62.69 43.42 -29.14
C PHE C 718 64.19 43.39 -28.97
N LEU C 719 64.77 42.21 -28.77
CA LEU C 719 66.20 42.17 -28.53
C LEU C 719 66.95 42.68 -29.73
N MET C 720 66.43 42.44 -30.93
CA MET C 720 66.98 43.10 -32.11
C MET C 720 66.93 44.60 -31.96
N GLN C 721 65.74 45.12 -31.68
CA GLN C 721 65.54 46.57 -31.74
C GLN C 721 66.36 47.32 -30.70
N HIS C 722 66.67 46.68 -29.57
CA HIS C 722 67.44 47.38 -28.54
C HIS C 722 68.92 47.35 -28.85
N ALA C 723 69.49 46.15 -28.93
CA ALA C 723 70.91 45.93 -29.20
C ALA C 723 71.05 44.90 -30.31
N PRO C 724 70.87 45.30 -31.58
CA PRO C 724 70.80 44.33 -32.67
C PRO C 724 72.02 43.42 -32.78
N ALA C 725 73.20 43.93 -32.42
CA ALA C 725 74.45 43.20 -32.63
C ALA C 725 74.45 41.84 -31.95
N ASN C 726 73.73 41.72 -30.83
CA ASN C 726 73.59 40.43 -30.18
C ASN C 726 72.64 39.57 -31.01
N ASP C 727 72.82 38.25 -30.91
CA ASP C 727 71.93 37.33 -31.59
C ASP C 727 71.70 36.01 -30.87
N TYR C 728 72.20 35.84 -29.62
CA TYR C 728 72.13 34.60 -28.87
C TYR C 728 70.75 33.96 -28.97
N LEU C 729 69.74 34.67 -28.49
CA LEU C 729 68.38 34.16 -28.56
C LEU C 729 67.94 33.98 -30.01
N VAL C 730 68.51 34.74 -30.93
CA VAL C 730 68.05 34.68 -32.31
C VAL C 730 68.35 33.33 -32.91
N THR C 731 69.41 32.64 -32.45
CA THR C 731 69.68 31.29 -32.92
C THR C 731 70.30 30.50 -31.76
N SER C 732 69.46 29.88 -30.94
CA SER C 732 69.88 28.89 -29.98
C SER C 732 68.68 28.27 -29.31
N HIS C 733 68.58 26.95 -29.27
CA HIS C 733 67.43 26.31 -28.65
C HIS C 733 67.41 26.58 -27.16
N ILE C 734 66.22 26.69 -26.59
CA ILE C 734 66.05 27.12 -25.19
C ILE C 734 64.89 26.36 -24.58
N HIS C 735 65.14 25.55 -23.56
CA HIS C 735 64.06 24.98 -22.79
C HIS C 735 63.54 26.03 -21.81
N LEU C 736 62.24 25.97 -21.53
CA LEU C 736 61.57 26.90 -20.64
C LEU C 736 60.52 26.15 -19.85
N HIS C 737 60.25 26.60 -18.62
CA HIS C 737 59.34 25.89 -17.73
C HIS C 737 58.62 26.84 -16.82
N VAL C 738 57.29 26.70 -16.75
CA VAL C 738 56.42 27.47 -15.87
C VAL C 738 55.64 26.51 -14.98
N PRO C 739 55.81 26.53 -13.64
CA PRO C 739 55.13 25.54 -12.80
C PRO C 739 53.63 25.65 -12.87
N GLU C 740 52.98 24.50 -12.75
CA GLU C 740 51.54 24.46 -12.72
C GLU C 740 51.03 25.00 -11.39
N GLY C 741 49.79 25.47 -11.44
CA GLY C 741 49.12 26.02 -10.28
C GLY C 741 48.20 27.15 -10.66
N ALA C 742 48.46 27.83 -11.77
CA ALA C 742 47.57 28.88 -12.21
C ALA C 742 46.23 28.29 -12.63
N THR C 743 45.15 29.00 -12.30
CA THR C 743 43.84 28.66 -12.84
C THR C 743 43.82 29.03 -14.32
N PRO C 744 43.05 28.31 -15.16
CA PRO C 744 43.22 28.45 -16.61
C PRO C 744 43.04 29.86 -17.14
N LYS C 745 42.13 30.64 -16.57
CA LYS C 745 41.90 31.99 -17.08
C LYS C 745 43.13 32.86 -16.89
N ASP C 746 43.95 32.54 -15.89
CA ASP C 746 45.16 33.29 -15.61
C ASP C 746 46.30 32.92 -16.52
N GLY C 747 46.18 31.83 -17.30
CA GLY C 747 47.23 31.34 -18.18
C GLY C 747 48.00 32.43 -18.89
N PRO C 748 47.30 33.26 -19.68
CA PRO C 748 47.99 34.37 -20.34
C PRO C 748 48.65 35.32 -19.36
N SER C 749 48.08 35.49 -18.16
CA SER C 749 48.51 36.56 -17.25
C SER C 749 49.96 36.46 -16.86
N ALA C 750 50.54 35.29 -16.91
CA ALA C 750 51.95 35.18 -16.59
C ALA C 750 52.86 35.81 -17.62
N GLY C 751 52.37 36.11 -18.81
CA GLY C 751 53.23 36.24 -19.98
C GLY C 751 54.32 37.28 -19.86
N CYS C 752 54.08 38.35 -19.11
CA CYS C 752 55.06 39.41 -19.06
C CYS C 752 56.33 38.94 -18.39
N THR C 753 56.24 37.97 -17.47
CA THR C 753 57.45 37.49 -16.81
C THR C 753 58.29 36.67 -17.77
N ILE C 754 57.66 35.97 -18.72
CA ILE C 754 58.39 35.08 -19.62
C ILE C 754 59.35 35.87 -20.46
N VAL C 755 58.92 37.03 -20.92
CA VAL C 755 59.79 37.81 -21.78
C VAL C 755 61.00 38.29 -21.02
N THR C 756 60.81 38.69 -19.76
CA THR C 756 61.97 39.09 -18.98
C THR C 756 62.89 37.93 -18.74
N ALA C 757 62.34 36.72 -18.61
CA ALA C 757 63.19 35.56 -18.42
C ALA C 757 64.08 35.37 -19.62
N LEU C 758 63.49 35.41 -20.82
CA LEU C 758 64.27 35.22 -22.03
C LEU C 758 65.33 36.30 -22.12
N LEU C 759 64.92 37.55 -21.90
CA LEU C 759 65.87 38.64 -22.03
C LEU C 759 66.96 38.50 -20.99
N SER C 760 66.58 38.07 -19.79
CA SER C 760 67.58 37.92 -18.76
C SER C 760 68.56 36.85 -19.14
N LEU C 761 68.09 35.79 -19.77
CA LEU C 761 69.01 34.78 -20.26
C LEU C 761 69.95 35.33 -21.31
N ALA C 762 69.46 36.23 -22.16
CA ALA C 762 70.29 36.75 -23.23
C ALA C 762 71.48 37.52 -22.71
N MET C 763 71.25 38.66 -22.06
CA MET C 763 72.37 39.47 -21.60
C MET C 763 73.22 38.73 -20.57
N GLY C 764 72.63 37.81 -19.82
CA GLY C 764 73.30 37.19 -18.70
C GLY C 764 73.21 37.98 -17.42
N ARG C 765 72.61 39.16 -17.43
CA ARG C 765 72.41 39.90 -16.20
C ARG C 765 71.27 39.26 -15.41
N PRO C 766 71.43 38.98 -14.11
CA PRO C 766 70.28 38.58 -13.33
C PRO C 766 69.28 39.70 -13.28
N VAL C 767 67.99 39.33 -13.27
CA VAL C 767 66.96 40.34 -13.04
C VAL C 767 67.18 40.91 -11.65
N ARG C 768 66.79 42.16 -11.45
CA ARG C 768 67.04 42.84 -10.18
C ARG C 768 66.46 42.04 -9.03
N GLN C 769 67.21 41.98 -7.94
CA GLN C 769 66.83 41.12 -6.83
C GLN C 769 65.52 41.58 -6.21
N ASN C 770 64.68 40.62 -5.85
CA ASN C 770 63.45 40.88 -5.14
C ASN C 770 62.56 41.85 -5.92
N LEU C 771 62.12 41.39 -7.09
CA LEU C 771 61.29 42.22 -7.97
C LEU C 771 60.35 41.31 -8.75
N ALA C 772 59.15 41.10 -8.21
CA ALA C 772 58.16 40.31 -8.89
C ALA C 772 57.62 41.11 -10.04
N MET C 773 56.85 40.49 -10.92
CA MET C 773 56.19 41.28 -11.94
C MET C 773 55.17 40.41 -12.63
N THR C 774 54.20 41.06 -13.28
CA THR C 774 53.09 40.32 -13.87
C THR C 774 52.49 41.12 -15.01
N GLY C 775 51.31 40.71 -15.45
CA GLY C 775 50.65 41.30 -16.59
C GLY C 775 50.83 40.46 -17.83
N GLU C 776 49.94 40.64 -18.79
CA GLU C 776 49.95 39.90 -20.05
C GLU C 776 50.52 40.80 -21.15
N VAL C 777 51.05 40.18 -22.21
CA VAL C 777 51.65 40.90 -23.33
C VAL C 777 51.14 40.32 -24.64
N SER C 778 50.84 41.20 -25.60
CA SER C 778 50.12 40.85 -26.83
C SER C 778 50.90 41.27 -28.08
N LEU C 779 52.08 40.70 -28.25
CA LEU C 779 52.76 40.56 -29.52
C LEU C 779 53.37 41.85 -30.04
N THR C 780 53.18 42.98 -29.36
CA THR C 780 53.82 44.22 -29.79
C THR C 780 54.20 45.12 -28.63
N GLY C 781 54.37 44.58 -27.44
CA GLY C 781 54.75 45.33 -26.27
C GLY C 781 53.62 45.97 -25.51
N LYS C 782 52.39 45.83 -25.99
CA LYS C 782 51.26 46.32 -25.22
C LYS C 782 51.06 45.46 -23.99
N ILE C 783 50.74 46.10 -22.87
CA ILE C 783 50.41 45.44 -21.62
C ILE C 783 48.91 45.41 -21.55
N LEU C 784 48.34 44.46 -20.79
CA LEU C 784 46.90 44.28 -20.68
C LEU C 784 46.44 44.15 -19.23
N PRO C 785 45.18 44.49 -18.92
CA PRO C 785 44.67 44.30 -17.56
C PRO C 785 44.50 42.84 -17.19
N VAL C 786 44.58 42.57 -15.89
CA VAL C 786 44.34 41.23 -15.36
C VAL C 786 43.61 41.35 -14.03
N GLY C 787 42.77 40.36 -13.75
CA GLY C 787 41.97 40.35 -12.53
C GLY C 787 42.67 39.70 -11.34
N GLY C 788 41.98 39.72 -10.22
CA GLY C 788 42.48 39.06 -9.03
C GLY C 788 43.60 39.74 -8.33
N ILE C 789 43.75 41.06 -8.51
CA ILE C 789 44.98 41.74 -8.12
C ILE C 789 45.27 41.63 -6.63
N LYS C 790 44.23 41.53 -5.80
CA LYS C 790 44.48 41.49 -4.36
C LYS C 790 45.23 40.23 -3.97
N GLU C 791 44.94 39.11 -4.62
CA GLU C 791 45.54 37.85 -4.22
C GLU C 791 47.02 37.87 -4.49
N LYS C 792 47.38 38.32 -5.68
CA LYS C 792 48.77 38.47 -5.99
C LYS C 792 49.43 39.48 -5.08
N THR C 793 48.70 40.53 -4.68
CA THR C 793 49.33 41.53 -3.82
C THR C 793 49.69 40.95 -2.48
N ILE C 794 48.75 40.27 -1.85
CA ILE C 794 49.04 39.70 -0.53
C ILE C 794 50.11 38.63 -0.65
N ALA C 795 50.12 37.87 -1.74
CA ALA C 795 51.13 36.83 -1.88
C ALA C 795 52.52 37.43 -2.01
N ALA C 796 52.66 38.47 -2.80
CA ALA C 796 53.94 39.11 -2.93
C ALA C 796 54.40 39.69 -1.61
N LYS C 797 53.48 40.23 -0.82
CA LYS C 797 53.88 40.74 0.48
C LYS C 797 54.38 39.61 1.36
N ARG C 798 53.72 38.46 1.27
CA ARG C 798 54.13 37.33 2.10
C ARG C 798 55.49 36.80 1.72
N ALA C 799 55.86 36.87 0.46
CA ALA C 799 57.14 36.33 0.04
C ALA C 799 58.30 37.28 0.27
N GLY C 800 58.04 38.52 0.64
CA GLY C 800 59.10 39.48 0.89
C GLY C 800 59.58 40.23 -0.32
N VAL C 801 59.03 39.95 -1.51
CA VAL C 801 59.38 40.73 -2.69
C VAL C 801 58.79 42.11 -2.51
N THR C 802 59.45 43.14 -3.07
CA THR C 802 59.15 44.51 -2.71
C THR C 802 59.20 45.52 -3.85
N CYS C 803 59.03 45.12 -5.10
CA CYS C 803 58.89 46.12 -6.16
C CYS C 803 57.91 45.70 -7.24
N ILE C 804 56.75 45.21 -6.84
CA ILE C 804 55.77 44.67 -7.79
C ILE C 804 55.41 45.71 -8.83
N VAL C 805 55.25 45.28 -10.08
CA VAL C 805 54.89 46.13 -11.21
C VAL C 805 53.66 45.54 -11.87
N LEU C 806 52.71 46.39 -12.26
CA LEU C 806 51.39 45.98 -12.68
C LEU C 806 50.97 46.71 -13.94
N PRO C 807 49.98 46.18 -14.68
CA PRO C 807 49.45 46.94 -15.80
C PRO C 807 48.86 48.25 -15.31
N ALA C 808 49.02 49.31 -16.11
CA ALA C 808 48.48 50.60 -15.70
C ALA C 808 46.97 50.57 -15.59
N GLU C 809 46.31 49.73 -16.38
CA GLU C 809 44.86 49.76 -16.47
C GLU C 809 44.19 49.36 -15.17
N ASN C 810 44.85 48.59 -14.32
CA ASN C 810 44.32 48.16 -13.05
C ASN C 810 44.56 49.15 -11.93
N LYS C 811 45.06 50.37 -12.26
CA LYS C 811 45.42 51.39 -11.27
C LYS C 811 44.32 51.57 -10.23
N LYS C 812 43.09 51.78 -10.70
CA LYS C 812 41.92 51.97 -9.84
C LYS C 812 41.83 50.85 -8.84
N ASP C 813 41.81 49.62 -9.35
CA ASP C 813 41.56 48.49 -8.48
C ASP C 813 42.69 48.29 -7.49
N PHE C 814 43.91 48.71 -7.82
CA PHE C 814 44.95 48.52 -6.83
C PHE C 814 44.77 49.43 -5.64
N TYR C 815 44.17 50.59 -5.82
CA TYR C 815 44.03 51.54 -4.73
C TYR C 815 42.78 51.35 -3.91
N ASP C 816 41.85 50.50 -4.33
CA ASP C 816 40.67 50.25 -3.53
C ASP C 816 40.94 49.34 -2.35
N LEU C 817 42.08 48.67 -2.30
CA LEU C 817 42.40 47.81 -1.19
C LEU C 817 42.78 48.62 0.04
N ALA C 818 42.56 48.01 1.20
CA ALA C 818 42.88 48.64 2.47
C ALA C 818 44.35 49.01 2.50
N ALA C 819 44.65 50.17 3.08
CA ALA C 819 45.99 50.73 2.99
C ALA C 819 47.05 49.85 3.63
N PHE C 820 46.69 49.10 4.67
CA PHE C 820 47.68 48.28 5.36
C PHE C 820 48.20 47.13 4.50
N ILE C 821 47.37 46.58 3.61
CA ILE C 821 47.87 45.52 2.74
C ILE C 821 48.90 46.07 1.77
N THR C 822 48.67 47.27 1.27
CA THR C 822 49.51 47.88 0.26
C THR C 822 50.67 48.68 0.82
N GLU C 823 50.87 48.70 2.13
CA GLU C 823 51.93 49.50 2.68
C GLU C 823 53.29 48.91 2.32
N GLY C 824 54.24 49.79 1.99
CA GLY C 824 55.65 49.46 1.95
C GLY C 824 56.23 48.86 0.69
N LEU C 825 55.46 48.72 -0.41
CA LEU C 825 55.98 48.17 -1.66
C LEU C 825 55.70 49.15 -2.79
N GLU C 826 56.73 49.51 -3.54
CA GLU C 826 56.70 50.60 -4.51
C GLU C 826 56.17 50.12 -5.84
N VAL C 827 54.87 50.29 -6.07
CA VAL C 827 54.32 49.94 -7.37
C VAL C 827 54.88 50.88 -8.43
N HIS C 828 55.06 50.35 -9.63
CA HIS C 828 55.45 51.13 -10.81
C HIS C 828 54.49 50.73 -11.91
N PHE C 829 53.41 51.48 -12.10
CA PHE C 829 52.50 51.15 -13.18
C PHE C 829 53.14 51.44 -14.53
N VAL C 830 52.74 50.66 -15.53
CA VAL C 830 53.28 50.77 -16.88
C VAL C 830 52.23 50.22 -17.84
N GLU C 831 52.25 50.73 -19.09
CA GLU C 831 51.30 50.36 -20.14
C GLU C 831 51.94 49.79 -21.39
N HIS C 832 53.05 50.33 -21.85
CA HIS C 832 53.82 49.79 -22.96
C HIS C 832 55.04 49.10 -22.37
N TYR C 833 55.34 47.90 -22.87
CA TYR C 833 56.27 47.01 -22.18
C TYR C 833 57.65 47.61 -21.97
N ARG C 834 58.05 48.57 -22.81
CA ARG C 834 59.43 49.04 -22.81
C ARG C 834 59.86 49.55 -21.45
N GLU C 835 58.94 50.15 -20.71
CA GLU C 835 59.27 50.72 -19.41
C GLU C 835 59.73 49.64 -18.44
N ILE C 836 59.12 48.44 -18.49
CA ILE C 836 59.54 47.38 -17.58
C ILE C 836 60.96 46.98 -17.89
N PHE C 837 61.35 47.01 -19.17
CA PHE C 837 62.72 46.72 -19.49
C PHE C 837 63.64 47.77 -18.92
N ASP C 838 63.16 49.00 -18.78
CA ASP C 838 63.95 50.02 -18.11
C ASP C 838 64.07 49.70 -16.62
N ILE C 839 63.01 49.16 -16.02
CA ILE C 839 62.97 49.05 -14.57
C ILE C 839 63.71 47.81 -14.10
N ALA C 840 63.47 46.68 -14.75
CA ALA C 840 64.04 45.42 -14.29
C ALA C 840 65.56 45.42 -14.35
N PHE C 841 66.14 46.17 -15.28
CA PHE C 841 67.58 46.14 -15.57
C PHE C 841 68.09 47.56 -15.43
N PRO C 842 68.31 48.03 -14.20
CA PRO C 842 68.93 49.35 -14.07
C PRO C 842 70.38 49.33 -14.52
N HIS D 17 -68.02 -14.36 80.98
CA HIS D 17 -67.18 -15.14 81.88
C HIS D 17 -66.15 -15.94 81.08
N LEU D 18 -65.13 -15.24 80.59
CA LEU D 18 -64.00 -15.79 79.88
C LEU D 18 -62.72 -15.17 80.43
N PRO D 19 -61.58 -15.87 80.38
CA PRO D 19 -60.34 -15.26 80.88
C PRO D 19 -59.89 -14.07 80.04
N LEU D 20 -59.23 -13.14 80.71
CA LEU D 20 -58.73 -11.93 80.05
C LEU D 20 -57.70 -12.27 78.97
N ILE D 21 -57.77 -11.53 77.86
CA ILE D 21 -56.81 -11.70 76.77
C ILE D 21 -55.50 -11.02 77.17
N ALA D 22 -54.40 -11.56 76.62
CA ALA D 22 -53.05 -11.00 76.76
C ALA D 22 -52.89 -10.02 75.62
N ILE D 23 -53.10 -8.72 75.91
CA ILE D 23 -53.03 -7.70 74.86
C ILE D 23 -51.65 -7.69 74.20
N THR D 24 -50.60 -7.77 75.01
CA THR D 24 -49.20 -7.82 74.56
C THR D 24 -48.90 -6.75 73.49
N ARG D 25 -48.93 -5.49 73.93
CA ARG D 25 -48.52 -4.33 73.15
C ARG D 25 -49.19 -4.30 71.77
N ASN D 26 -50.53 -4.19 71.79
CA ASN D 26 -51.33 -4.23 70.57
C ASN D 26 -52.54 -3.30 70.73
N PRO D 27 -52.35 -1.99 70.53
CA PRO D 27 -53.48 -1.06 70.70
C PRO D 27 -54.59 -1.31 69.69
N VAL D 28 -55.82 -1.08 70.14
CA VAL D 28 -57.02 -1.21 69.31
C VAL D 28 -57.86 0.03 69.58
N PHE D 29 -57.68 1.06 68.78
CA PHE D 29 -58.41 2.30 68.94
C PHE D 29 -59.91 2.05 68.63
N PRO D 30 -60.83 2.85 69.20
CA PRO D 30 -62.26 2.61 68.90
C PRO D 30 -62.53 2.72 67.40
N ARG D 31 -63.41 1.85 66.89
CA ARG D 31 -63.78 1.86 65.47
C ARG D 31 -62.58 1.77 64.53
N PHE D 32 -61.60 0.95 64.91
CA PHE D 32 -60.37 0.82 64.14
C PHE D 32 -60.04 -0.66 64.08
N ILE D 33 -60.04 -1.21 62.86
CA ILE D 33 -59.71 -2.61 62.67
C ILE D 33 -58.25 -2.81 63.07
N LYS D 34 -57.98 -3.94 63.72
CA LYS D 34 -56.62 -4.21 64.19
C LYS D 34 -56.43 -5.71 64.31
N ILE D 35 -55.19 -6.12 64.26
CA ILE D 35 -54.79 -7.51 64.29
C ILE D 35 -54.08 -7.71 65.61
N ILE D 36 -54.21 -8.91 66.18
CA ILE D 36 -53.52 -9.27 67.41
C ILE D 36 -52.86 -10.60 67.13
N GLU D 37 -51.55 -10.67 67.49
CA GLU D 37 -50.71 -11.82 67.25
C GLU D 37 -49.88 -12.14 68.49
N VAL D 38 -50.55 -12.69 69.50
CA VAL D 38 -49.87 -13.16 70.69
C VAL D 38 -49.08 -14.43 70.34
N LYS D 39 -47.85 -14.54 70.84
CA LYS D 39 -47.02 -15.69 70.51
C LYS D 39 -47.51 -16.97 71.20
N ASN D 40 -48.16 -16.85 72.35
CA ASN D 40 -48.67 -18.00 73.09
C ASN D 40 -49.80 -18.70 72.33
N LYS D 41 -49.89 -20.02 72.55
CA LYS D 41 -50.92 -20.87 71.94
C LYS D 41 -52.12 -21.14 72.85
N LYS D 42 -52.06 -20.78 74.14
CA LYS D 42 -53.20 -21.04 75.02
C LYS D 42 -54.46 -20.30 74.57
N LEU D 43 -54.28 -19.12 73.96
CA LEU D 43 -55.44 -18.38 73.46
C LEU D 43 -56.12 -19.14 72.33
N VAL D 44 -55.37 -19.92 71.55
CA VAL D 44 -55.98 -20.66 70.44
C VAL D 44 -56.98 -21.67 70.97
N GLU D 45 -56.74 -22.24 72.16
CA GLU D 45 -57.71 -23.16 72.73
C GLU D 45 -59.03 -22.45 73.02
N LEU D 46 -58.94 -21.18 73.43
CA LEU D 46 -60.15 -20.39 73.61
C LEU D 46 -60.81 -20.06 72.29
N LEU D 47 -60.01 -19.84 71.23
CA LEU D 47 -60.61 -19.55 69.93
C LEU D 47 -61.32 -20.77 69.36
N ARG D 48 -60.74 -21.95 69.55
CA ARG D 48 -61.41 -23.15 69.05
C ARG D 48 -62.59 -23.52 69.94
N ARG D 49 -62.61 -23.08 71.21
CA ARG D 49 -63.76 -23.33 72.05
C ARG D 49 -64.93 -22.39 71.77
N LYS D 50 -64.70 -21.19 71.17
CA LYS D 50 -65.80 -20.26 70.92
C LYS D 50 -66.52 -20.50 69.59
N VAL D 51 -65.99 -21.37 68.72
CA VAL D 51 -66.68 -21.69 67.47
C VAL D 51 -67.98 -22.46 67.74
N ARG D 52 -68.00 -23.31 68.78
CA ARG D 52 -69.23 -24.04 69.10
C ARG D 52 -70.28 -23.12 69.71
N LEU D 53 -69.88 -21.98 70.28
CA LEU D 53 -70.83 -21.06 70.87
C LEU D 53 -71.70 -20.47 69.78
N ALA D 54 -72.97 -20.21 70.11
CA ALA D 54 -73.92 -19.69 69.14
C ALA D 54 -73.47 -18.37 68.52
N GLN D 55 -73.19 -17.38 69.37
CA GLN D 55 -72.75 -16.05 68.93
C GLN D 55 -71.25 -15.93 69.12
N PRO D 56 -70.42 -15.69 68.09
CA PRO D 56 -69.01 -15.36 68.35
C PRO D 56 -68.81 -13.88 68.68
N TYR D 57 -67.94 -13.61 69.63
CA TYR D 57 -67.61 -12.24 69.97
C TYR D 57 -66.28 -12.25 70.71
N VAL D 58 -65.66 -11.06 70.80
CA VAL D 58 -64.39 -10.93 71.51
C VAL D 58 -64.32 -9.54 72.12
N GLY D 59 -63.77 -9.49 73.34
CA GLY D 59 -63.55 -8.25 74.04
C GLY D 59 -62.12 -7.78 73.90
N VAL D 60 -61.96 -6.47 74.08
CA VAL D 60 -60.67 -5.80 74.06
C VAL D 60 -60.58 -5.00 75.34
N PHE D 61 -59.45 -5.08 76.04
CA PHE D 61 -59.19 -4.32 77.25
C PHE D 61 -57.82 -3.66 77.10
N LEU D 62 -57.46 -2.81 78.06
CA LEU D 62 -56.19 -2.10 78.04
C LEU D 62 -55.36 -2.46 79.27
N LYS D 63 -54.07 -2.74 79.04
CA LYS D 63 -53.12 -3.02 80.11
C LYS D 63 -52.67 -1.75 80.81
N ARG D 64 -52.27 -1.87 82.09
CA ARG D 64 -51.79 -0.72 82.84
C ARG D 64 -50.28 -0.57 82.69
N ASP D 65 -49.73 0.40 83.40
CA ASP D 65 -48.30 0.71 83.33
C ASP D 65 -47.46 -0.45 83.87
N ASP D 66 -46.23 -0.54 83.36
CA ASP D 66 -45.28 -1.59 83.70
C ASP D 66 -45.84 -2.97 83.32
N SER D 67 -45.91 -3.20 82.02
CA SER D 67 -46.41 -4.48 81.54
C SER D 67 -45.46 -5.60 81.96
N ASN D 68 -46.04 -6.73 82.34
CA ASN D 68 -45.27 -7.88 82.83
C ASN D 68 -46.15 -9.10 82.57
N GLU D 69 -45.70 -9.98 81.67
CA GLU D 69 -46.52 -11.13 81.28
C GLU D 69 -46.73 -12.08 82.45
N SER D 70 -45.70 -12.24 83.29
CA SER D 70 -45.89 -13.09 84.46
C SER D 70 -46.94 -12.47 85.37
N ASP D 71 -46.98 -11.14 85.44
CA ASP D 71 -48.03 -10.54 86.27
C ASP D 71 -49.38 -10.80 85.61
N VAL D 72 -49.42 -10.86 84.27
CA VAL D 72 -50.68 -11.03 83.57
C VAL D 72 -51.30 -12.35 83.94
N VAL D 73 -50.45 -13.38 84.13
CA VAL D 73 -50.94 -14.69 84.60
C VAL D 73 -50.99 -14.82 86.12
N GLU D 74 -50.46 -13.86 86.88
CA GLU D 74 -50.50 -13.90 88.34
C GLU D 74 -51.66 -13.14 88.95
N SER D 75 -51.88 -11.89 88.52
CA SER D 75 -52.97 -11.02 88.99
C SER D 75 -53.86 -10.58 87.84
N LEU D 76 -55.09 -10.20 88.20
CA LEU D 76 -56.07 -9.64 87.26
C LEU D 76 -56.25 -8.13 87.40
N ASP D 77 -55.50 -7.46 88.29
CA ASP D 77 -55.60 -6.01 88.42
C ASP D 77 -54.73 -5.25 87.43
N GLU D 78 -53.89 -5.93 86.64
CA GLU D 78 -53.12 -5.24 85.62
C GLU D 78 -54.00 -4.64 84.54
N ILE D 79 -55.08 -5.33 84.18
CA ILE D 79 -55.97 -4.83 83.13
C ILE D 79 -56.85 -3.71 83.66
N TYR D 80 -57.12 -2.73 82.80
CA TYR D 80 -58.00 -1.63 83.14
C TYR D 80 -59.45 -2.09 83.08
N HIS D 81 -60.27 -1.49 83.95
CA HIS D 81 -61.68 -1.87 84.01
C HIS D 81 -62.42 -1.61 82.70
N THR D 82 -61.95 -0.67 81.89
CA THR D 82 -62.56 -0.43 80.58
C THR D 82 -62.31 -1.57 79.62
N GLY D 83 -63.27 -1.80 78.75
CA GLY D 83 -63.19 -2.77 77.68
C GLY D 83 -63.95 -2.27 76.48
N THR D 84 -63.96 -3.08 75.41
CA THR D 84 -64.65 -2.70 74.18
C THR D 84 -65.10 -3.97 73.44
N PHE D 85 -66.26 -4.49 73.82
CA PHE D 85 -66.77 -5.70 73.18
C PHE D 85 -67.21 -5.43 71.73
N ALA D 86 -67.05 -6.46 70.89
CA ALA D 86 -67.35 -6.41 69.47
C ALA D 86 -67.47 -7.85 68.98
N GLN D 87 -67.89 -8.02 67.73
CA GLN D 87 -67.98 -9.34 67.09
C GLN D 87 -66.78 -9.66 66.22
N ILE D 88 -66.35 -10.94 66.29
CA ILE D 88 -65.22 -11.47 65.53
C ILE D 88 -65.57 -11.48 64.03
N HIS D 89 -64.53 -11.43 63.19
CA HIS D 89 -64.67 -11.52 61.74
C HIS D 89 -64.26 -12.88 61.17
N GLU D 90 -62.97 -13.10 60.88
CA GLU D 90 -62.50 -14.35 60.28
C GLU D 90 -61.05 -14.65 60.64
N MET D 91 -60.77 -15.91 60.97
CA MET D 91 -59.41 -16.36 61.21
C MET D 91 -58.64 -16.50 59.90
N GLN D 92 -57.32 -16.31 59.97
CA GLN D 92 -56.44 -16.43 58.81
C GLN D 92 -55.26 -17.33 59.12
N ASP D 93 -54.42 -16.93 60.08
CA ASP D 93 -53.23 -17.68 60.50
C ASP D 93 -52.34 -18.02 59.31
N LEU D 94 -51.85 -16.98 58.65
CA LEU D 94 -50.95 -17.17 57.51
C LEU D 94 -49.56 -17.61 57.97
N GLY D 95 -48.98 -16.88 58.93
CA GLY D 95 -47.64 -17.18 59.44
C GLY D 95 -47.67 -17.68 60.87
N ASP D 96 -48.27 -16.91 61.79
CA ASP D 96 -48.49 -17.39 63.14
C ASP D 96 -49.79 -18.19 63.19
N LYS D 97 -49.96 -18.95 64.27
CA LYS D 97 -51.17 -19.73 64.46
C LYS D 97 -52.31 -18.92 65.10
N LEU D 98 -52.06 -17.65 65.44
CA LEU D 98 -52.97 -16.82 66.24
C LEU D 98 -52.97 -15.40 65.67
N ARG D 99 -53.65 -15.20 64.55
CA ARG D 99 -53.73 -13.92 63.86
C ARG D 99 -55.20 -13.47 63.90
N MET D 100 -55.69 -13.13 65.09
CA MET D 100 -57.08 -12.67 65.17
C MET D 100 -57.24 -11.23 64.68
N ILE D 101 -58.46 -10.92 64.22
CA ILE D 101 -58.87 -9.54 63.92
C ILE D 101 -59.76 -9.07 65.06
N VAL D 102 -59.64 -7.79 65.42
CA VAL D 102 -60.41 -7.14 66.47
C VAL D 102 -60.91 -5.80 65.95
N MET D 103 -61.93 -5.28 66.63
CA MET D 103 -62.61 -4.05 66.23
C MET D 103 -63.27 -3.46 67.46
N GLY D 104 -63.49 -2.13 67.44
CA GLY D 104 -64.17 -1.41 68.50
C GLY D 104 -65.58 -0.97 68.19
N HIS D 105 -66.58 -1.63 68.78
CA HIS D 105 -68.00 -1.36 68.52
C HIS D 105 -68.75 -0.90 69.77
N ARG D 106 -68.75 -1.71 70.84
CA ARG D 106 -69.46 -1.46 72.10
C ARG D 106 -68.45 -1.26 73.23
N ARG D 107 -68.26 -0.01 73.65
CA ARG D 107 -67.43 0.25 74.83
C ARG D 107 -68.19 -0.12 76.10
N VAL D 108 -67.42 -0.52 77.12
CA VAL D 108 -67.98 -0.86 78.43
C VAL D 108 -66.92 -0.60 79.48
N HIS D 109 -67.37 -0.31 80.70
CA HIS D 109 -66.50 -0.07 81.84
C HIS D 109 -67.09 -0.90 82.98
N ILE D 110 -66.54 -2.10 83.17
CA ILE D 110 -67.01 -2.94 84.27
C ILE D 110 -66.71 -2.20 85.57
N SER D 111 -67.66 -2.22 86.51
CA SER D 111 -67.44 -1.53 87.77
C SER D 111 -66.28 -2.14 88.56
N ARG D 112 -66.08 -3.45 88.43
CA ARG D 112 -65.05 -4.17 89.18
C ARG D 112 -64.70 -5.41 88.38
N GLN D 113 -63.51 -5.43 87.76
CA GLN D 113 -63.07 -6.62 87.03
C GLN D 113 -62.84 -7.81 87.95
N LEU D 114 -62.54 -7.56 89.23
CA LEU D 114 -62.29 -8.65 90.16
C LEU D 114 -63.52 -9.54 90.30
N GLU D 115 -64.71 -8.97 90.20
CA GLU D 115 -65.97 -9.68 90.37
C GLU D 115 -66.41 -10.27 89.03
N MET D 166 -68.46 -11.47 84.51
CA MET D 166 -68.35 -10.19 85.22
C MET D 166 -69.51 -9.28 84.83
N VAL D 167 -70.14 -8.69 85.85
CA VAL D 167 -71.34 -7.88 85.64
C VAL D 167 -71.01 -6.74 84.69
N GLU D 168 -71.95 -6.41 83.80
CA GLU D 168 -71.72 -5.36 82.82
C GLU D 168 -73.02 -4.72 82.37
N VAL D 169 -72.89 -3.49 81.89
CA VAL D 169 -74.00 -2.70 81.37
C VAL D 169 -73.41 -1.80 80.29
N GLU D 170 -74.21 -1.49 79.27
CA GLU D 170 -73.79 -0.61 78.20
C GLU D 170 -74.00 0.84 78.64
N ASN D 171 -73.14 1.26 79.57
CA ASN D 171 -73.09 2.65 80.01
C ASN D 171 -72.18 3.47 79.08
N VAL D 172 -72.65 3.57 77.83
CA VAL D 172 -72.02 4.41 76.82
C VAL D 172 -72.70 5.76 76.92
N VAL D 173 -72.38 6.55 77.95
CA VAL D 173 -73.05 7.84 78.09
C VAL D 173 -72.70 8.72 76.90
N HIS D 174 -73.69 9.45 76.41
CA HIS D 174 -73.50 10.37 75.30
C HIS D 174 -74.53 11.49 75.35
N GLU D 175 -74.67 12.13 76.52
CA GLU D 175 -75.65 13.20 76.65
C GLU D 175 -75.28 14.36 75.73
N ASP D 176 -76.29 14.97 75.12
CA ASP D 176 -76.10 16.07 74.18
C ASP D 176 -77.19 17.12 74.29
N PHE D 177 -76.78 18.35 74.01
CA PHE D 177 -77.64 19.51 74.06
C PHE D 177 -78.64 19.48 72.91
N GLN D 178 -79.84 20.03 73.15
CA GLN D 178 -80.81 20.11 72.07
C GLN D 178 -80.34 20.99 70.92
N VAL D 179 -79.60 22.06 71.22
CA VAL D 179 -79.11 22.96 70.18
C VAL D 179 -77.83 22.36 69.61
N THR D 180 -77.87 22.03 68.31
CA THR D 180 -76.74 21.44 67.58
C THR D 180 -76.44 22.29 66.33
N GLU D 181 -75.92 23.51 66.52
CA GLU D 181 -75.61 24.41 65.42
C GLU D 181 -74.15 24.87 65.48
N GLU D 182 -73.76 25.53 66.57
CA GLU D 182 -72.35 25.88 66.77
C GLU D 182 -71.50 24.74 67.34
N VAL D 183 -72.12 23.66 67.82
CA VAL D 183 -71.32 22.55 68.34
C VAL D 183 -70.52 21.86 67.24
N LYS D 184 -71.02 21.87 65.99
CA LYS D 184 -70.28 21.24 64.91
C LYS D 184 -69.20 22.11 64.28
N ALA D 185 -69.07 23.38 64.71
CA ALA D 185 -67.99 24.20 64.19
C ALA D 185 -66.63 23.70 64.61
N LEU D 186 -66.54 23.11 65.81
CA LEU D 186 -65.25 22.60 66.24
C LEU D 186 -64.88 21.39 65.42
N THR D 187 -65.89 20.58 65.02
CA THR D 187 -65.58 19.38 64.23
C THR D 187 -64.92 19.77 62.93
N ALA D 188 -65.34 20.90 62.35
CA ALA D 188 -64.70 21.39 61.15
C ALA D 188 -63.23 21.70 61.41
N GLU D 189 -62.96 22.40 62.52
CA GLU D 189 -61.59 22.71 62.88
C GLU D 189 -60.82 21.44 63.19
N ILE D 190 -61.50 20.40 63.68
CA ILE D 190 -60.79 19.16 63.96
C ILE D 190 -60.38 18.45 62.67
N VAL D 191 -61.32 18.31 61.71
CA VAL D 191 -60.92 17.67 60.44
C VAL D 191 -59.95 18.51 59.63
N LYS D 192 -60.07 19.83 59.67
CA LYS D 192 -59.11 20.68 58.99
C LYS D 192 -57.75 20.60 59.66
N THR D 193 -57.72 20.35 60.97
CA THR D 193 -56.46 20.06 61.64
C THR D 193 -55.91 18.74 61.14
N ILE D 194 -56.76 17.71 61.07
CA ILE D 194 -56.32 16.41 60.58
C ILE D 194 -55.79 16.53 59.15
N ARG D 195 -56.40 17.41 58.34
CA ARG D 195 -55.87 17.71 57.00
C ARG D 195 -54.51 18.40 57.05
N ASP D 196 -54.24 19.18 58.08
CA ASP D 196 -52.91 19.77 58.22
C ASP D 196 -51.89 18.76 58.76
N ILE D 197 -52.31 17.80 59.60
CA ILE D 197 -51.37 16.83 60.17
C ILE D 197 -50.86 15.90 59.07
N ILE D 198 -51.77 15.35 58.28
CA ILE D 198 -51.37 14.41 57.25
C ILE D 198 -50.54 15.11 56.17
N ALA D 199 -50.76 16.42 55.96
CA ALA D 199 -50.02 17.07 54.88
C ALA D 199 -48.58 17.39 55.24
N LEU D 200 -48.32 17.78 56.49
CA LEU D 200 -46.95 17.98 56.96
C LEU D 200 -46.31 16.72 57.51
N ASN D 201 -47.11 15.76 58.00
CA ASN D 201 -46.64 14.49 58.53
C ASN D 201 -47.46 13.33 57.96
N PRO D 202 -47.31 13.01 56.67
CA PRO D 202 -48.11 11.91 56.11
C PRO D 202 -47.85 10.58 56.81
N LEU D 203 -48.94 9.85 57.04
CA LEU D 203 -48.92 8.54 57.69
C LEU D 203 -49.71 7.51 56.89
N TYR D 204 -50.96 7.85 56.55
CA TYR D 204 -51.85 6.98 55.79
C TYR D 204 -52.30 7.64 54.49
N ARG D 205 -52.99 6.84 53.68
CA ARG D 205 -53.58 7.28 52.42
C ARG D 205 -54.67 8.31 52.67
N GLU D 206 -54.85 9.23 51.71
CA GLU D 206 -55.91 10.24 51.81
C GLU D 206 -57.26 9.80 51.26
N SER D 207 -57.35 8.67 50.56
CA SER D 207 -58.63 8.24 50.01
C SER D 207 -59.65 7.92 51.11
N VAL D 208 -59.17 7.39 52.24
CA VAL D 208 -60.08 7.05 53.32
C VAL D 208 -60.73 8.30 53.93
N LEU D 209 -59.99 9.42 53.97
CA LEU D 209 -60.59 10.67 54.43
C LEU D 209 -61.56 11.25 53.40
N GLN D 210 -61.35 10.96 52.11
CA GLN D 210 -62.30 11.40 51.09
C GLN D 210 -63.54 10.52 51.03
N MET D 211 -63.50 9.30 51.57
CA MET D 211 -64.72 8.50 51.55
C MET D 211 -65.71 9.03 52.56
N MET D 212 -65.24 9.35 53.78
CA MET D 212 -66.09 9.79 54.88
C MET D 212 -65.79 11.28 55.07
N GLN D 213 -66.57 12.13 54.40
CA GLN D 213 -66.45 13.59 54.53
C GLN D 213 -67.64 14.15 55.31
N ALA D 214 -67.38 15.24 56.05
CA ALA D 214 -68.44 15.87 56.85
C ALA D 214 -69.57 16.46 56.01
N GLY D 215 -69.31 16.81 54.75
CA GLY D 215 -70.33 17.32 53.85
C GLY D 215 -71.19 16.25 53.23
N GLN D 216 -70.87 14.97 53.46
CA GLN D 216 -71.67 13.86 52.98
C GLN D 216 -72.82 13.53 53.94
N ARG D 217 -72.88 14.20 55.11
CA ARG D 217 -73.95 14.04 56.10
C ARG D 217 -74.18 12.57 56.42
N VAL D 218 -73.08 11.81 56.52
CA VAL D 218 -73.11 10.42 56.95
C VAL D 218 -72.63 10.24 58.37
N VAL D 219 -72.13 11.30 59.01
CA VAL D 219 -71.55 11.20 60.34
C VAL D 219 -72.69 11.13 61.36
N ASP D 220 -73.49 10.05 61.32
CA ASP D 220 -74.57 9.82 62.30
C ASP D 220 -74.05 9.74 63.73
N ASN D 221 -72.77 9.41 63.90
CA ASN D 221 -72.10 9.26 65.19
C ASN D 221 -70.84 10.11 65.17
N PRO D 222 -70.95 11.42 65.44
CA PRO D 222 -69.74 12.26 65.48
C PRO D 222 -68.73 11.77 66.50
N ILE D 223 -69.18 11.18 67.61
CA ILE D 223 -68.25 10.73 68.63
C ILE D 223 -67.32 9.64 68.06
N TYR D 224 -67.86 8.74 67.25
CA TYR D 224 -67.02 7.73 66.63
C TYR D 224 -66.10 8.30 65.55
N LEU D 225 -66.52 9.35 64.83
CA LEU D 225 -65.59 9.96 63.88
C LEU D 225 -64.46 10.63 64.63
N SER D 226 -64.77 11.28 65.76
CA SER D 226 -63.72 11.89 66.56
C SER D 226 -62.80 10.83 67.15
N ASP D 227 -63.31 9.62 67.43
CA ASP D 227 -62.45 8.57 67.94
C ASP D 227 -61.55 8.03 66.85
N MET D 228 -62.07 7.91 65.62
CA MET D 228 -61.22 7.51 64.51
C MET D 228 -60.21 8.60 64.15
N GLY D 229 -60.55 9.87 64.39
CA GLY D 229 -59.59 10.95 64.19
C GLY D 229 -58.56 11.07 65.29
N ALA D 230 -58.94 10.73 66.52
CA ALA D 230 -58.01 10.70 67.64
C ALA D 230 -57.14 9.45 67.65
N ALA D 231 -57.51 8.44 66.88
CA ALA D 231 -56.68 7.24 66.76
C ALA D 231 -55.37 7.53 66.03
N LEU D 232 -55.37 8.52 65.13
CA LEU D 232 -54.16 8.87 64.40
C LEU D 232 -53.08 9.48 65.30
N THR D 233 -53.45 9.99 66.49
CA THR D 233 -52.47 10.55 67.41
C THR D 233 -51.47 9.49 67.87
N GLY D 234 -50.21 9.90 68.01
CA GLY D 234 -49.13 9.06 68.48
C GLY D 234 -48.93 8.99 69.98
N ALA D 235 -49.82 9.63 70.74
CA ALA D 235 -49.69 9.75 72.19
C ALA D 235 -49.69 8.39 72.88
N GLU D 236 -49.01 8.34 74.03
CA GLU D 236 -48.80 7.13 74.81
C GLU D 236 -50.14 6.57 75.29
N SER D 237 -50.19 5.26 75.50
CA SER D 237 -51.45 4.63 75.92
C SER D 237 -51.96 5.20 77.23
N HIS D 238 -51.06 5.68 78.10
CA HIS D 238 -51.52 6.33 79.31
C HIS D 238 -52.25 7.64 78.97
N GLU D 239 -51.83 8.31 77.90
CA GLU D 239 -52.53 9.51 77.46
C GLU D 239 -53.90 9.15 76.89
N LEU D 240 -54.02 7.99 76.24
CA LEU D 240 -55.30 7.59 75.67
C LEU D 240 -56.28 7.27 76.80
N GLN D 241 -55.79 6.60 77.85
CA GLN D 241 -56.66 6.36 79.00
C GLN D 241 -57.04 7.69 79.65
N ASP D 242 -56.12 8.67 79.67
CA ASP D 242 -56.45 9.96 80.25
C ASP D 242 -57.52 10.67 79.44
N VAL D 243 -57.46 10.57 78.12
CA VAL D 243 -58.51 11.15 77.28
C VAL D 243 -59.83 10.43 77.54
N LEU D 244 -59.76 9.12 77.76
CA LEU D 244 -60.96 8.35 78.05
C LEU D 244 -61.57 8.71 79.41
N GLU D 245 -60.75 9.17 80.37
CA GLU D 245 -61.30 9.53 81.68
C GLU D 245 -62.31 10.65 81.61
N GLU D 246 -62.21 11.53 80.62
CA GLU D 246 -63.20 12.59 80.48
C GLU D 246 -64.54 11.99 80.06
N THR D 247 -65.61 12.52 80.67
CA THR D 247 -66.98 12.12 80.36
C THR D 247 -67.71 13.17 79.52
N ASN D 248 -67.65 14.43 79.95
CA ASN D 248 -68.34 15.51 79.26
C ASN D 248 -67.71 15.74 77.89
N ILE D 249 -68.56 15.93 76.89
CA ILE D 249 -68.09 16.03 75.50
C ILE D 249 -67.13 17.21 75.29
N PRO D 250 -67.46 18.46 75.66
CA PRO D 250 -66.46 19.54 75.50
C PRO D 250 -65.17 19.29 76.27
N LYS D 251 -65.22 18.62 77.43
CA LYS D 251 -64.01 18.32 78.18
C LYS D 251 -63.09 17.36 77.42
N ARG D 252 -63.64 16.25 76.92
CA ARG D 252 -62.83 15.30 76.17
C ARG D 252 -62.33 15.94 74.89
N LEU D 253 -63.14 16.81 74.27
CA LEU D 253 -62.72 17.49 73.06
C LEU D 253 -61.60 18.48 73.34
N TYR D 254 -61.57 19.07 74.55
CA TYR D 254 -60.48 19.95 74.89
C TYR D 254 -59.21 19.16 75.20
N LYS D 255 -59.32 18.04 75.92
CA LYS D 255 -58.10 17.28 76.17
C LYS D 255 -57.55 16.67 74.89
N ALA D 256 -58.43 16.26 73.97
CA ALA D 256 -58.01 15.78 72.67
C ALA D 256 -57.43 16.90 71.81
N LEU D 257 -57.94 18.12 71.94
CA LEU D 257 -57.41 19.23 71.17
C LEU D 257 -56.03 19.63 71.68
N SER D 258 -55.88 19.77 73.00
CA SER D 258 -54.57 20.13 73.54
C SER D 258 -53.54 19.05 73.26
N LEU D 259 -53.95 17.76 73.27
CA LEU D 259 -53.04 16.69 72.89
C LEU D 259 -52.73 16.70 71.39
N LEU D 260 -53.69 17.11 70.54
CA LEU D 260 -53.35 17.26 69.13
C LEU D 260 -52.37 18.41 68.93
N LYS D 261 -52.48 19.46 69.74
CA LYS D 261 -51.53 20.57 69.65
C LYS D 261 -50.15 20.13 70.11
N LYS D 262 -50.07 19.46 71.26
CA LYS D 262 -48.77 19.07 71.82
C LYS D 262 -48.08 18.04 70.95
N GLU D 263 -48.83 17.07 70.40
CA GLU D 263 -48.23 16.11 69.49
C GLU D 263 -47.78 16.81 68.20
N PHE D 264 -48.59 17.73 67.69
CA PHE D 264 -48.19 18.45 66.49
C PHE D 264 -46.98 19.33 66.75
N GLU D 265 -46.86 19.87 67.98
CA GLU D 265 -45.64 20.59 68.36
C GLU D 265 -44.45 19.66 68.38
N LEU D 266 -44.67 18.40 68.76
CA LEU D 266 -43.55 17.46 68.74
C LEU D 266 -43.12 17.19 67.32
N SER D 267 -44.09 16.93 66.42
CA SER D 267 -43.71 16.67 65.04
C SER D 267 -43.14 17.91 64.36
N LYS D 268 -43.52 19.12 64.83
CA LYS D 268 -43.02 20.36 64.27
C LYS D 268 -41.59 20.63 64.72
N LEU D 269 -41.34 20.50 66.03
CA LEU D 269 -39.99 20.70 66.54
C LEU D 269 -39.05 19.64 65.99
N GLN D 270 -39.53 18.41 65.84
CA GLN D 270 -38.67 17.36 65.29
C GLN D 270 -38.38 17.62 63.82
N GLN D 271 -39.37 18.09 63.05
CA GLN D 271 -39.10 18.43 61.66
C GLN D 271 -38.15 19.61 61.57
N ARG D 272 -38.22 20.56 62.50
CA ARG D 272 -37.35 21.72 62.41
C ARG D 272 -35.93 21.38 62.84
N LEU D 273 -35.77 20.58 63.92
CA LEU D 273 -34.43 20.13 64.28
C LEU D 273 -33.83 19.30 63.17
N GLY D 274 -34.65 18.49 62.48
CA GLY D 274 -34.12 17.68 61.40
C GLY D 274 -33.87 18.48 60.15
N ARG D 275 -34.65 19.52 59.90
CA ARG D 275 -34.39 20.42 58.79
C ARG D 275 -33.12 21.24 59.01
N GLU D 276 -32.91 21.72 60.24
CA GLU D 276 -31.67 22.41 60.55
C GLU D 276 -30.47 21.49 60.47
N VAL D 277 -30.58 20.27 60.99
CA VAL D 277 -29.47 19.32 60.90
C VAL D 277 -29.22 18.93 59.43
N GLU D 278 -30.29 18.90 58.61
CA GLU D 278 -30.11 18.64 57.20
C GLU D 278 -29.46 19.84 56.54
N GLU D 279 -29.78 21.05 57.01
CA GLU D 279 -29.16 22.23 56.45
C GLU D 279 -27.66 22.25 56.78
N LYS D 280 -27.28 21.70 57.94
CA LYS D 280 -25.88 21.62 58.30
C LYS D 280 -25.17 20.50 57.54
N ILE D 281 -25.90 19.46 57.10
CA ILE D 281 -25.31 18.54 56.13
C ILE D 281 -25.23 19.21 54.77
N LYS D 282 -26.23 20.06 54.44
CA LYS D 282 -26.24 20.80 53.18
C LYS D 282 -25.02 21.71 53.08
N GLN D 283 -24.53 22.21 54.22
CA GLN D 283 -23.32 23.03 54.28
C GLN D 283 -22.13 22.36 53.60
N THR D 284 -22.14 21.02 53.53
CA THR D 284 -21.12 20.27 52.82
C THR D 284 -21.05 20.74 51.38
N HIS D 285 -19.83 21.00 50.91
CA HIS D 285 -19.62 21.69 49.66
C HIS D 285 -20.01 20.82 48.47
N ARG D 286 -20.44 21.49 47.40
CA ARG D 286 -20.85 20.81 46.18
C ARG D 286 -19.70 20.00 45.58
N LYS D 287 -18.46 20.42 45.87
CA LYS D 287 -17.27 19.69 45.41
C LYS D 287 -17.33 18.25 45.89
N TYR D 288 -17.87 18.01 47.08
CA TYR D 288 -18.00 16.65 47.59
C TYR D 288 -18.94 15.83 46.72
N LEU D 289 -20.00 16.46 46.21
CA LEU D 289 -20.94 15.77 45.33
C LEU D 289 -20.28 15.45 43.98
N LEU D 290 -19.64 16.45 43.38
CA LEU D 290 -18.96 16.20 42.11
C LEU D 290 -17.80 15.24 42.27
N GLN D 291 -17.14 15.24 43.43
CA GLN D 291 -16.13 14.22 43.73
C GLN D 291 -16.75 12.83 43.87
N GLU D 292 -17.97 12.73 44.39
CA GLU D 292 -18.65 11.44 44.37
C GLU D 292 -18.88 10.97 42.94
N GLN D 293 -19.41 11.86 42.09
CA GLN D 293 -19.59 11.49 40.69
C GLN D 293 -18.25 11.13 40.05
N LEU D 294 -17.21 11.88 40.38
CA LEU D 294 -15.91 11.64 39.80
C LEU D 294 -15.42 10.26 40.21
N LYS D 295 -15.72 9.87 41.46
CA LYS D 295 -15.38 8.52 41.90
C LYS D 295 -16.19 7.48 41.14
N ILE D 296 -17.48 7.80 40.85
CA ILE D 296 -18.36 6.84 40.17
C ILE D 296 -17.76 6.44 38.84
N ILE D 297 -17.13 7.42 38.17
CA ILE D 297 -16.53 7.19 36.85
C ILE D 297 -15.52 6.06 37.03
N LYS D 298 -14.44 6.31 37.80
CA LYS D 298 -13.40 5.28 37.98
C LYS D 298 -13.95 4.01 38.60
N LYS D 299 -15.06 4.09 39.36
CA LYS D 299 -15.65 2.87 39.88
C LYS D 299 -16.12 1.99 38.75
N GLU D 300 -16.58 2.60 37.64
CA GLU D 300 -17.08 1.82 36.52
C GLU D 300 -16.12 1.76 35.34
N LEU D 301 -14.93 2.34 35.42
CA LEU D 301 -13.98 2.33 34.30
C LEU D 301 -13.12 1.09 34.26
N GLY D 302 -13.23 0.19 35.23
CA GLY D 302 -12.34 -0.95 35.21
C GLY D 302 -12.88 -2.18 34.52
N LEU D 303 -13.72 -2.00 33.52
CA LEU D 303 -14.40 -3.12 32.90
C LEU D 303 -13.43 -4.04 32.16
N GLU D 304 -13.87 -5.28 32.00
CA GLU D 304 -13.14 -6.37 31.39
C GLU D 304 -12.99 -6.14 29.89
N LYS D 305 -12.20 -7.03 29.27
CA LYS D 305 -11.97 -7.26 27.84
C LYS D 305 -11.17 -6.16 27.17
N ASP D 306 -10.59 -6.52 26.03
CA ASP D 306 -9.62 -5.70 25.31
C ASP D 306 -10.29 -4.53 24.59
N ASP D 307 -9.51 -3.48 24.38
CA ASP D 307 -9.98 -2.28 23.71
C ASP D 307 -8.80 -1.64 23.01
N LYS D 308 -9.12 -0.70 22.14
CA LYS D 308 -8.08 0.03 21.42
C LYS D 308 -7.26 0.89 22.35
N ASP D 309 -7.86 1.40 23.42
CA ASP D 309 -7.13 2.26 24.34
C ASP D 309 -5.95 1.54 24.96
N ALA D 310 -5.99 0.20 25.03
CA ALA D 310 -4.82 -0.52 25.51
C ALA D 310 -3.64 -0.35 24.55
N ILE D 311 -3.91 -0.36 23.23
CA ILE D 311 -2.86 -0.07 22.27
C ILE D 311 -2.40 1.36 22.43
N GLU D 312 -3.34 2.28 22.65
CA GLU D 312 -2.97 3.66 22.92
C GLU D 312 -2.08 3.76 24.14
N GLU D 313 -2.26 2.85 25.09
CA GLU D 313 -1.64 2.97 26.40
C GLU D 313 -0.22 2.45 26.37
N LYS D 314 0.00 1.30 25.72
CA LYS D 314 1.34 0.71 25.77
C LYS D 314 2.39 1.63 25.15
N PHE D 315 1.99 2.48 24.21
CA PHE D 315 2.91 3.48 23.73
C PHE D 315 3.18 4.48 24.82
N ARG D 316 2.09 4.96 25.46
CA ARG D 316 2.23 6.06 26.41
C ARG D 316 3.20 5.67 27.51
N GLU D 317 3.03 4.45 28.03
CA GLU D 317 3.89 4.01 29.12
C GLU D 317 5.32 3.92 28.64
N ARG D 318 5.50 3.52 27.37
CA ARG D 318 6.86 3.47 26.86
C ARG D 318 7.47 4.86 26.84
N LEU D 319 6.65 5.86 26.61
CA LEU D 319 7.12 7.23 26.64
C LEU D 319 7.27 7.80 28.04
N LYS D 320 6.70 7.17 29.07
CA LYS D 320 6.60 7.80 30.38
C LYS D 320 7.93 8.01 31.08
N GLU D 321 8.97 7.26 30.73
CA GLU D 321 10.23 7.26 31.48
C GLU D 321 11.22 8.24 30.87
N LEU D 322 11.60 8.00 29.64
CA LEU D 322 12.52 8.88 28.95
C LEU D 322 11.93 10.27 28.77
N VAL D 323 12.79 11.28 28.90
CA VAL D 323 12.37 12.68 28.86
C VAL D 323 12.48 13.20 27.43
N VAL D 324 11.35 13.35 26.76
CA VAL D 324 11.31 13.85 25.39
C VAL D 324 11.46 15.36 25.32
N PRO D 325 12.03 15.92 24.27
CA PRO D 325 11.97 17.36 24.09
C PRO D 325 10.55 17.82 23.86
N LYS D 326 10.26 19.05 24.30
CA LYS D 326 8.92 19.59 24.18
C LYS D 326 8.47 19.62 22.73
N HIS D 327 9.41 19.77 21.81
CA HIS D 327 9.08 19.89 20.40
C HIS D 327 8.33 18.65 19.93
N VAL D 328 8.90 17.46 20.16
CA VAL D 328 8.23 16.26 19.70
C VAL D 328 7.13 15.83 20.65
N MET D 329 7.03 16.47 21.80
CA MET D 329 5.95 16.11 22.71
C MET D 329 4.59 16.36 22.09
N ASP D 330 4.49 17.30 21.13
CA ASP D 330 3.19 17.54 20.52
C ASP D 330 2.89 16.51 19.44
N VAL D 331 3.80 16.32 18.47
CA VAL D 331 3.55 15.50 17.28
C VAL D 331 3.00 14.15 17.69
N VAL D 332 3.61 13.54 18.71
CA VAL D 332 3.08 12.30 19.25
C VAL D 332 1.68 12.52 19.80
N ASP D 333 1.40 13.70 20.38
CA ASP D 333 0.08 13.92 20.95
C ASP D 333 -0.99 13.89 19.88
N GLU D 334 -0.81 14.69 18.82
CA GLU D 334 -1.83 14.69 17.79
C GLU D 334 -1.88 13.37 17.05
N GLU D 335 -0.76 12.68 16.84
CA GLU D 335 -0.87 11.37 16.20
C GLU D 335 -1.66 10.42 17.05
N LEU D 336 -1.48 10.48 18.37
CA LEU D 336 -2.25 9.59 19.23
C LEU D 336 -3.72 9.92 19.15
N SER D 337 -4.07 11.20 19.27
CA SER D 337 -5.47 11.58 19.25
C SER D 337 -6.13 11.21 17.93
N LYS D 338 -5.39 11.30 16.84
CA LYS D 338 -5.91 10.82 15.58
C LYS D 338 -6.12 9.33 15.60
N LEU D 339 -5.23 8.60 16.27
CA LEU D 339 -5.20 7.15 16.11
C LEU D 339 -6.48 6.49 16.59
N GLY D 340 -7.14 7.05 17.60
CA GLY D 340 -8.31 6.38 18.13
C GLY D 340 -9.48 6.42 17.18
N LEU D 341 -9.65 7.53 16.46
CA LEU D 341 -10.83 7.73 15.65
C LEU D 341 -10.88 6.83 14.43
N LEU D 342 -9.74 6.35 13.94
CA LEU D 342 -9.75 5.50 12.77
C LEU D 342 -10.46 4.19 13.04
N ASP D 343 -11.19 3.70 12.04
CA ASP D 343 -11.53 2.29 12.01
C ASP D 343 -10.28 1.47 11.74
N ASN D 344 -10.14 0.38 12.48
CA ASN D 344 -8.84 -0.29 12.54
C ASN D 344 -8.42 -1.01 11.28
N HIS D 345 -9.37 -1.42 10.43
CA HIS D 345 -9.00 -2.16 9.24
C HIS D 345 -8.51 -1.28 8.11
N SER D 346 -8.73 0.03 8.18
CA SER D 346 -8.25 0.92 7.13
C SER D 346 -6.73 0.91 7.10
N SER D 347 -6.16 0.97 5.88
CA SER D 347 -4.71 0.96 5.76
C SER D 347 -4.08 2.15 6.45
N GLU D 348 -4.83 3.24 6.59
CA GLU D 348 -4.35 4.41 7.30
C GLU D 348 -4.00 4.06 8.73
N PHE D 349 -4.73 3.13 9.33
CA PHE D 349 -4.38 2.73 10.68
C PHE D 349 -3.03 2.03 10.68
N ASN D 350 -2.75 1.22 9.66
CA ASN D 350 -1.43 0.61 9.61
C ASN D 350 -0.34 1.65 9.53
N VAL D 351 -0.49 2.63 8.64
CA VAL D 351 0.59 3.59 8.48
C VAL D 351 0.77 4.41 9.75
N THR D 352 -0.32 4.90 10.33
CA THR D 352 -0.17 5.75 11.50
C THR D 352 0.38 4.95 12.69
N ARG D 353 -0.06 3.71 12.87
CA ARG D 353 0.48 2.94 13.98
C ARG D 353 1.93 2.61 13.77
N ASN D 354 2.30 2.25 12.55
CA ASN D 354 3.68 1.93 12.29
C ASN D 354 4.55 3.16 12.51
N TYR D 355 4.03 4.33 12.20
CA TYR D 355 4.81 5.54 12.41
C TYR D 355 4.98 5.81 13.89
N LEU D 356 3.90 5.74 14.66
CA LEU D 356 4.03 6.01 16.09
C LEU D 356 4.94 5.01 16.76
N ASP D 357 4.92 3.77 16.30
CA ASP D 357 5.83 2.78 16.86
C ASP D 357 7.25 3.19 16.57
N TRP D 358 7.53 3.60 15.34
CA TRP D 358 8.89 4.00 15.02
C TRP D 358 9.32 5.21 15.81
N LEU D 359 8.38 6.06 16.19
CA LEU D 359 8.73 7.32 16.85
C LEU D 359 8.95 7.16 18.33
N THR D 360 8.17 6.34 19.02
CA THR D 360 8.42 6.18 20.45
C THR D 360 9.70 5.41 20.72
N SER D 361 10.13 4.56 19.79
CA SER D 361 11.28 3.69 20.06
C SER D 361 12.58 4.46 20.21
N ILE D 362 12.71 5.61 19.58
CA ILE D 362 14.00 6.32 19.61
C ILE D 362 14.28 6.77 21.03
N PRO D 363 15.44 6.52 21.62
CA PRO D 363 15.70 7.08 22.95
C PRO D 363 15.72 8.59 22.88
N TRP D 364 15.24 9.23 23.93
CA TRP D 364 15.18 10.69 24.01
C TRP D 364 15.78 11.05 25.36
N GLY D 365 17.07 11.30 25.38
CA GLY D 365 17.75 11.64 26.59
C GLY D 365 18.32 10.49 27.38
N LYS D 366 18.11 9.24 26.97
CA LYS D 366 18.86 8.17 27.60
C LYS D 366 20.33 8.38 27.33
N TYR D 367 21.15 8.27 28.35
CA TYR D 367 22.58 8.56 28.25
C TYR D 367 23.34 7.41 28.87
N SER D 368 24.01 6.62 28.04
CA SER D 368 24.88 5.60 28.59
C SER D 368 26.00 6.25 29.38
N ASN D 369 26.24 5.75 30.59
CA ASN D 369 27.25 6.34 31.45
C ASN D 369 28.62 5.87 31.00
N GLU D 370 29.62 6.71 31.26
CA GLU D 370 30.99 6.49 30.81
C GLU D 370 31.93 6.33 32.00
N ASN D 371 32.86 5.38 31.89
CA ASN D 371 34.02 5.40 32.75
C ASN D 371 34.96 6.49 32.28
N LEU D 372 35.69 7.09 33.22
CA LEU D 372 36.57 8.21 32.90
C LEU D 372 37.91 8.19 33.57
N ASP D 373 38.18 7.33 34.55
CA ASP D 373 39.49 7.34 35.16
C ASP D 373 40.54 7.00 34.11
N LEU D 374 41.59 7.81 34.04
CA LEU D 374 42.54 7.68 32.95
C LEU D 374 43.36 6.41 33.05
N ALA D 375 43.66 5.95 34.26
CA ALA D 375 44.47 4.76 34.40
C ALA D 375 43.75 3.57 33.79
N ARG D 376 42.43 3.52 33.98
CA ARG D 376 41.67 2.46 33.35
C ARG D 376 41.74 2.56 31.84
N ALA D 377 41.78 3.78 31.31
CA ALA D 377 41.83 3.93 29.87
C ALA D 377 43.16 3.44 29.31
N GLN D 378 44.28 3.87 29.91
CA GLN D 378 45.59 3.39 29.45
C GLN D 378 45.64 1.89 29.50
N ALA D 379 45.16 1.32 30.60
CA ALA D 379 45.28 -0.11 30.78
C ALA D 379 44.48 -0.86 29.72
N VAL D 380 43.23 -0.47 29.52
CA VAL D 380 42.42 -1.25 28.60
C VAL D 380 42.79 -0.99 27.16
N LEU D 381 43.53 0.09 26.85
CA LEU D 381 44.00 0.23 25.47
C LEU D 381 45.27 -0.55 25.23
N GLU D 382 46.25 -0.48 26.14
CA GLU D 382 47.48 -1.22 25.89
C GLU D 382 47.30 -2.72 26.06
N GLU D 383 46.18 -3.16 26.62
CA GLU D 383 45.95 -4.59 26.74
C GLU D 383 45.76 -5.26 25.40
N ASP D 384 45.25 -4.54 24.39
CA ASP D 384 44.76 -5.23 23.21
C ASP D 384 45.11 -4.57 21.89
N HIS D 385 46.13 -3.71 21.82
CA HIS D 385 46.63 -3.17 20.55
C HIS D 385 48.01 -2.58 20.77
N TYR D 386 48.99 -3.07 20.04
CA TYR D 386 50.33 -2.57 20.19
C TYR D 386 50.49 -1.26 19.46
N GLY D 387 51.37 -0.40 19.97
CA GLY D 387 51.85 0.75 19.22
C GLY D 387 50.76 1.71 18.83
N MET D 388 50.85 2.21 17.59
CA MET D 388 49.98 3.24 17.03
C MET D 388 49.65 4.29 18.08
N GLU D 389 50.71 4.90 18.58
CA GLU D 389 50.57 5.76 19.74
C GLU D 389 49.76 7.00 19.46
N ASP D 390 49.63 7.41 18.20
CA ASP D 390 48.91 8.64 17.91
C ASP D 390 47.45 8.53 18.34
N VAL D 391 46.78 7.47 17.93
CA VAL D 391 45.37 7.32 18.27
C VAL D 391 45.19 7.17 19.77
N LYS D 392 46.12 6.49 20.44
CA LYS D 392 46.00 6.36 21.88
C LYS D 392 46.09 7.70 22.55
N LYS D 393 47.04 8.53 22.12
CA LYS D 393 47.16 9.82 22.75
C LYS D 393 45.94 10.69 22.49
N ARG D 394 45.35 10.58 21.30
CA ARG D 394 44.20 11.44 21.03
C ARG D 394 43.02 11.04 21.92
N ILE D 395 42.70 9.76 21.98
CA ILE D 395 41.56 9.37 22.80
C ILE D 395 41.84 9.62 24.27
N LEU D 396 43.11 9.57 24.68
CA LEU D 396 43.41 9.89 26.06
C LEU D 396 43.10 11.36 26.34
N GLU D 397 43.47 12.23 25.42
CA GLU D 397 43.10 13.63 25.57
C GLU D 397 41.59 13.81 25.57
N PHE D 398 40.88 12.97 24.85
CA PHE D 398 39.43 13.05 24.85
C PHE D 398 38.89 12.82 26.25
N ILE D 399 39.31 11.73 26.89
CA ILE D 399 38.78 11.48 28.23
C ILE D 399 39.18 12.60 29.17
N ALA D 400 40.34 13.21 28.94
CA ALA D 400 40.74 14.31 29.80
C ALA D 400 39.76 15.46 29.67
N VAL D 401 39.54 15.93 28.44
CA VAL D 401 38.71 17.12 28.31
C VAL D 401 37.30 16.82 28.75
N SER D 402 36.83 15.59 28.55
CA SER D 402 35.48 15.29 28.98
C SER D 402 35.36 15.37 30.48
N GLN D 403 36.44 15.11 31.22
CA GLN D 403 36.28 15.08 32.66
C GLN D 403 36.25 16.47 33.29
N LEU D 404 36.70 17.50 32.60
CA LEU D 404 36.70 18.83 33.18
C LEU D 404 35.37 19.55 33.07
N ARG D 405 34.42 19.04 32.30
CA ARG D 405 33.22 19.79 31.96
C ARG D 405 32.00 18.90 31.97
N GLY D 406 31.87 18.05 32.98
CA GLY D 406 30.63 17.35 33.22
C GLY D 406 30.17 16.49 32.05
N SER D 407 29.16 16.98 31.34
CA SER D 407 28.42 16.18 30.39
C SER D 407 29.32 15.66 29.27
N THR D 408 28.93 14.51 28.76
CA THR D 408 29.63 13.88 27.65
C THR D 408 29.55 14.77 26.41
N GLN D 409 30.58 14.67 25.55
CA GLN D 409 30.63 15.44 24.32
C GLN D 409 31.03 14.57 23.15
N GLY D 410 30.58 14.97 21.96
CA GLY D 410 30.89 14.27 20.72
C GLY D 410 31.99 14.96 19.94
N LYS D 411 32.38 14.32 18.85
CA LYS D 411 33.45 14.82 17.99
C LYS D 411 33.49 13.93 16.77
N ILE D 412 34.17 14.38 15.72
CA ILE D 412 34.41 13.60 14.51
C ILE D 412 35.89 13.31 14.42
N LEU D 413 36.24 12.15 13.88
CA LEU D 413 37.62 11.76 13.68
C LEU D 413 37.73 11.02 12.36
N CYS D 414 38.95 10.88 11.86
CA CYS D 414 39.21 10.13 10.65
C CYS D 414 40.52 9.40 10.84
N PHE D 415 40.55 8.14 10.44
CA PHE D 415 41.75 7.33 10.46
C PHE D 415 42.13 6.99 9.03
N TYR D 416 43.43 6.92 8.77
CA TYR D 416 43.81 6.54 7.43
C TYR D 416 45.23 6.00 7.43
N GLY D 417 45.46 5.03 6.57
CA GLY D 417 46.73 4.37 6.45
C GLY D 417 46.63 3.18 5.52
N PRO D 418 47.72 2.41 5.41
CA PRO D 418 47.68 1.24 4.56
C PRO D 418 46.68 0.24 5.08
N PRO D 419 46.04 -0.52 4.21
CA PRO D 419 45.05 -1.49 4.67
C PRO D 419 45.69 -2.55 5.55
N GLY D 420 44.93 -3.02 6.52
CA GLY D 420 45.38 -4.07 7.39
C GLY D 420 46.25 -3.66 8.55
N VAL D 421 46.31 -2.37 8.89
CA VAL D 421 47.04 -1.95 10.09
C VAL D 421 46.19 -2.08 11.34
N GLY D 422 44.94 -2.51 11.24
CA GLY D 422 44.09 -2.58 12.40
C GLY D 422 43.21 -1.40 12.64
N LYS D 423 42.98 -0.57 11.63
CA LYS D 423 42.18 0.64 11.81
C LYS D 423 40.81 0.32 12.33
N THR D 424 40.26 -0.84 12.00
CA THR D 424 38.91 -1.12 12.44
C THR D 424 38.88 -1.59 13.88
N SER D 425 39.80 -2.48 14.26
CA SER D 425 39.70 -3.14 15.56
C SER D 425 39.81 -2.15 16.71
N ILE D 426 40.56 -1.07 16.51
CA ILE D 426 40.73 -0.16 17.61
C ILE D 426 39.43 0.54 17.91
N ALA D 427 38.52 0.62 16.94
CA ALA D 427 37.24 1.23 17.23
C ALA D 427 36.49 0.43 18.27
N ARG D 428 36.48 -0.89 18.11
CA ARG D 428 35.79 -1.72 19.08
C ARG D 428 36.47 -1.65 20.42
N SER D 429 37.79 -1.55 20.43
CA SER D 429 38.46 -1.46 21.71
C SER D 429 38.14 -0.15 22.41
N ILE D 430 38.04 0.95 21.65
CA ILE D 430 37.68 2.22 22.26
C ILE D 430 36.28 2.16 22.81
N ALA D 431 35.37 1.49 22.11
CA ALA D 431 34.02 1.42 22.63
C ALA D 431 33.98 0.64 23.94
N ARG D 432 34.82 -0.37 24.07
CA ARG D 432 34.87 -1.05 25.35
C ARG D 432 35.59 -0.25 26.41
N ALA D 433 36.44 0.70 26.02
CA ALA D 433 37.12 1.50 27.02
C ALA D 433 36.22 2.58 27.58
N LEU D 434 35.71 3.45 26.73
CA LEU D 434 34.81 4.51 27.18
C LEU D 434 33.49 3.98 27.71
N ASN D 435 33.10 2.77 27.32
CA ASN D 435 31.84 2.10 27.65
C ASN D 435 30.69 2.56 26.78
N ARG D 436 30.94 3.30 25.71
CA ARG D 436 29.93 3.56 24.73
C ARG D 436 29.62 2.31 23.93
N GLU D 437 28.43 2.26 23.35
CA GLU D 437 28.02 1.20 22.44
C GLU D 437 28.72 1.35 21.10
N TYR D 438 28.83 0.25 20.37
CA TYR D 438 29.47 0.20 19.07
C TYR D 438 28.47 -0.19 17.99
N PHE D 439 28.70 0.25 16.76
CA PHE D 439 27.82 -0.11 15.67
C PHE D 439 28.44 0.26 14.33
N ARG D 440 28.79 -0.73 13.53
CA ARG D 440 29.45 -0.51 12.26
C ARG D 440 28.45 -0.07 11.20
N PHE D 441 28.96 0.62 10.19
CA PHE D 441 28.17 1.11 9.07
C PHE D 441 29.02 1.36 7.83
N SER D 442 28.98 0.43 6.88
CA SER D 442 29.68 0.66 5.62
C SER D 442 28.95 1.64 4.71
N VAL D 443 29.74 2.39 3.94
CA VAL D 443 29.22 3.25 2.87
C VAL D 443 30.10 3.06 1.65
N GLY D 444 30.79 1.93 1.54
CA GLY D 444 31.58 1.72 0.37
C GLY D 444 30.71 1.56 -0.86
N GLY D 445 30.77 2.53 -1.76
CA GLY D 445 30.08 2.39 -3.02
C GLY D 445 28.61 2.69 -2.98
N MET D 446 28.07 3.10 -1.84
CA MET D 446 26.65 3.43 -1.79
C MET D 446 26.36 4.60 -2.70
N THR D 447 25.21 4.54 -3.39
CA THR D 447 24.78 5.62 -4.27
C THR D 447 23.31 5.92 -4.18
N ASP D 448 22.54 5.18 -3.41
CA ASP D 448 21.14 5.51 -3.17
C ASP D 448 21.10 6.36 -1.90
N VAL D 449 21.08 7.69 -2.07
CA VAL D 449 21.18 8.61 -0.94
C VAL D 449 20.08 8.40 0.07
N ALA D 450 18.94 7.85 -0.35
CA ALA D 450 17.83 7.61 0.54
C ALA D 450 18.19 6.74 1.72
N GLU D 451 19.23 5.91 1.58
CA GLU D 451 19.62 5.04 2.68
C GLU D 451 19.97 5.84 3.92
N ILE D 452 20.55 7.04 3.78
CA ILE D 452 20.85 7.84 4.96
C ILE D 452 19.66 8.66 5.43
N LYS D 453 18.61 8.81 4.62
CA LYS D 453 17.51 9.72 4.98
C LYS D 453 16.13 9.16 4.68
N GLY D 454 15.97 7.88 4.39
CA GLY D 454 14.63 7.32 4.32
C GLY D 454 13.80 7.84 3.16
N HIS D 455 12.50 7.95 3.41
CA HIS D 455 11.55 8.37 2.38
C HIS D 455 10.40 9.11 3.05
N ARG D 456 9.46 9.53 2.21
CA ARG D 456 8.47 10.52 2.53
C ARG D 456 7.44 10.08 3.56
N ARG D 457 7.32 8.78 3.83
CA ARG D 457 6.40 8.10 4.74
C ARG D 457 5.01 7.94 4.15
N THR D 458 4.70 8.55 3.01
CA THR D 458 3.50 8.20 2.28
C THR D 458 3.74 7.20 1.18
N TYR D 459 4.97 7.02 0.75
CA TYR D 459 5.25 5.92 -0.14
C TYR D 459 5.04 4.63 0.60
N VAL D 460 4.54 3.63 -0.12
CA VAL D 460 4.57 2.28 0.42
C VAL D 460 6.01 1.76 0.39
N GLY D 461 6.38 1.01 1.41
CA GLY D 461 7.71 0.45 1.48
C GLY D 461 8.76 1.37 2.06
N ALA D 462 8.41 2.59 2.44
CA ALA D 462 9.36 3.50 3.06
C ALA D 462 9.70 3.09 4.48
N MET D 463 10.96 3.27 4.86
CA MET D 463 11.42 3.09 6.22
C MET D 463 12.45 4.16 6.54
N PRO D 464 12.56 4.58 7.81
CA PRO D 464 13.48 5.68 8.13
C PRO D 464 14.91 5.27 7.83
N GLY D 465 15.72 6.26 7.48
CA GLY D 465 17.11 6.03 7.11
C GLY D 465 17.91 5.23 8.12
N LYS D 466 19.13 4.84 7.80
CA LYS D 466 19.85 3.90 8.65
C LYS D 466 20.06 4.46 10.05
N ILE D 467 20.50 5.72 10.18
CA ILE D 467 20.98 6.19 11.47
C ILE D 467 19.90 6.14 12.52
N ILE D 468 18.65 6.36 12.12
CA ILE D 468 17.61 6.14 13.09
C ILE D 468 17.50 4.67 13.42
N GLN D 469 17.80 3.77 12.48
CA GLN D 469 17.78 2.36 12.84
C GLN D 469 18.84 2.04 13.86
N CYS D 470 20.00 2.68 13.78
CA CYS D 470 21.03 2.33 14.75
C CYS D 470 20.74 2.92 16.09
N LEU D 471 20.19 4.14 16.15
CA LEU D 471 19.78 4.64 17.45
C LEU D 471 18.70 3.76 18.02
N LYS D 472 17.81 3.20 17.20
CA LYS D 472 16.84 2.29 17.77
C LYS D 472 17.51 1.05 18.30
N LYS D 473 18.59 0.60 17.67
CA LYS D 473 19.22 -0.64 18.11
C LYS D 473 20.04 -0.47 19.39
N THR D 474 20.87 0.56 19.45
CA THR D 474 21.70 0.74 20.62
C THR D 474 20.97 1.35 21.79
N LYS D 475 19.73 1.82 21.59
CA LYS D 475 18.87 2.36 22.65
C LYS D 475 19.63 3.33 23.53
N THR D 476 20.40 4.20 22.89
CA THR D 476 21.33 5.04 23.61
C THR D 476 21.57 6.30 22.80
N GLU D 477 21.57 7.44 23.47
CA GLU D 477 21.67 8.69 22.73
C GLU D 477 23.02 8.83 22.07
N ASN D 478 24.08 8.26 22.64
CA ASN D 478 25.45 8.53 22.22
C ASN D 478 26.22 7.26 21.94
N PRO D 479 25.90 6.61 20.86
CA PRO D 479 26.69 5.47 20.42
C PRO D 479 28.05 5.88 19.92
N LEU D 480 28.75 4.99 19.22
CA LEU D 480 30.03 5.30 18.59
C LEU D 480 29.89 4.72 17.21
N ILE D 481 29.38 5.51 16.28
CA ILE D 481 29.21 5.05 14.91
C ILE D 481 30.58 4.77 14.37
N LEU D 482 30.68 3.87 13.41
CA LEU D 482 31.92 3.66 12.67
C LEU D 482 31.55 3.66 11.20
N ILE D 483 31.37 4.85 10.64
CA ILE D 483 31.24 4.95 9.20
C ILE D 483 32.51 4.40 8.61
N ASP D 484 32.41 3.57 7.59
CA ASP D 484 33.54 2.80 7.10
C ASP D 484 33.74 3.07 5.63
N GLU D 485 34.99 3.02 5.23
CA GLU D 485 35.40 3.08 3.83
C GLU D 485 34.83 4.30 3.10
N VAL D 486 34.98 5.47 3.74
CA VAL D 486 34.53 6.71 3.13
C VAL D 486 35.24 6.99 1.83
N ASP D 487 36.46 6.47 1.67
CA ASP D 487 37.24 6.75 0.47
C ASP D 487 36.53 6.29 -0.79
N LYS D 488 35.76 5.21 -0.71
CA LYS D 488 35.14 4.62 -1.88
C LYS D 488 33.72 5.07 -2.08
N ILE D 489 33.28 6.13 -1.39
CA ILE D 489 31.87 6.50 -1.41
C ILE D 489 31.42 6.81 -2.81
N GLY D 490 30.21 6.38 -3.13
CA GLY D 490 29.71 6.52 -4.48
C GLY D 490 29.64 7.96 -4.93
N ARG D 491 30.03 8.20 -6.17
CA ARG D 491 30.02 9.54 -6.75
C ARG D 491 29.61 9.38 -8.21
N GLY D 492 28.30 9.47 -8.46
CA GLY D 492 27.75 9.26 -9.78
C GLY D 492 26.60 10.18 -10.09
N TYR D 493 25.91 9.91 -11.20
CA TYR D 493 24.80 10.74 -11.66
C TYR D 493 23.50 10.52 -10.89
N GLN D 494 23.38 9.45 -10.11
CA GLN D 494 22.10 9.09 -9.51
C GLN D 494 21.76 9.89 -8.25
N GLY D 495 22.66 10.74 -7.77
CA GLY D 495 22.47 11.47 -6.53
C GLY D 495 23.63 11.11 -5.64
N ASP D 496 24.53 12.04 -5.45
CA ASP D 496 25.78 11.71 -4.83
C ASP D 496 25.52 11.74 -3.33
N PRO D 497 25.70 10.63 -2.60
CA PRO D 497 25.56 10.70 -1.15
C PRO D 497 26.51 11.65 -0.49
N SER D 498 27.69 11.88 -1.07
CA SER D 498 28.69 12.71 -0.41
C SER D 498 28.17 14.11 -0.11
N SER D 499 27.22 14.59 -0.88
CA SER D 499 26.62 15.86 -0.53
C SER D 499 25.56 15.72 0.55
N ALA D 500 25.13 14.51 0.88
CA ALA D 500 24.18 14.29 1.96
C ALA D 500 24.83 13.96 3.28
N LEU D 501 26.05 13.45 3.28
CA LEU D 501 26.73 13.18 4.54
C LEU D 501 27.05 14.45 5.30
N LEU D 502 27.18 15.58 4.61
CA LEU D 502 27.56 16.81 5.29
C LEU D 502 26.55 17.22 6.35
N GLU D 503 25.29 16.87 6.13
CA GLU D 503 24.25 17.19 7.10
C GLU D 503 24.39 16.36 8.36
N LEU D 504 25.16 15.29 8.33
CA LEU D 504 25.51 14.58 9.54
C LEU D 504 26.78 15.17 10.12
N LEU D 505 27.84 15.19 9.34
CA LEU D 505 29.14 15.45 9.93
C LEU D 505 29.35 16.87 10.40
N ASP D 506 28.64 17.85 9.88
CA ASP D 506 28.96 19.22 10.25
C ASP D 506 28.70 19.42 11.74
N PRO D 507 29.71 19.79 12.55
CA PRO D 507 29.47 19.87 14.00
C PRO D 507 28.39 20.85 14.41
N GLU D 508 28.24 21.94 13.67
CA GLU D 508 27.35 22.99 14.15
C GLU D 508 25.91 22.70 13.80
N GLN D 509 25.63 22.30 12.56
CA GLN D 509 24.27 22.14 12.09
C GLN D 509 23.71 20.74 12.28
N ASN D 510 24.51 19.77 12.71
CA ASN D 510 23.93 18.45 12.90
C ASN D 510 22.97 18.39 14.05
N ALA D 511 23.04 19.35 14.99
CA ALA D 511 22.28 19.28 16.22
C ALA D 511 20.77 19.23 15.99
N ASN D 512 20.29 19.64 14.82
CA ASN D 512 18.90 19.52 14.45
C ASN D 512 18.81 18.73 13.15
N PHE D 513 19.53 17.63 13.09
CA PHE D 513 19.43 16.71 11.98
C PHE D 513 18.02 16.17 11.90
N LEU D 514 17.51 16.04 10.68
CA LEU D 514 16.18 15.49 10.46
C LEU D 514 16.20 14.68 9.19
N ASP D 515 15.58 13.52 9.24
CA ASP D 515 15.41 12.67 8.08
C ASP D 515 13.92 12.59 7.76
N HIS D 516 13.63 12.49 6.48
CA HIS D 516 12.31 12.82 6.00
C HIS D 516 11.23 11.91 6.55
N TYR D 517 11.55 10.68 6.96
CA TYR D 517 10.52 9.77 7.46
C TYR D 517 9.79 10.41 8.61
N LEU D 518 10.46 10.59 9.72
CA LEU D 518 9.87 11.21 10.89
C LEU D 518 10.38 12.64 10.90
N ASP D 519 9.48 13.57 10.58
CA ASP D 519 9.91 14.93 10.28
C ASP D 519 10.62 15.60 11.44
N VAL D 520 10.30 15.21 12.66
CA VAL D 520 10.76 15.92 13.85
C VAL D 520 12.27 15.82 13.98
N PRO D 521 13.01 16.90 14.25
CA PRO D 521 14.46 16.79 14.29
C PRO D 521 14.95 15.85 15.38
N VAL D 522 16.02 15.14 15.09
CA VAL D 522 16.77 14.37 16.07
C VAL D 522 17.99 15.21 16.40
N ASP D 523 18.65 14.89 17.51
CA ASP D 523 19.82 15.62 17.98
C ASP D 523 21.00 14.67 18.12
N LEU D 524 21.97 14.79 17.23
CA LEU D 524 23.08 13.86 17.16
C LEU D 524 24.35 14.36 17.82
N SER D 525 24.31 15.49 18.51
CA SER D 525 25.56 16.15 18.88
C SER D 525 26.47 15.33 19.77
N LYS D 526 25.93 14.38 20.53
CA LYS D 526 26.75 13.58 21.44
C LYS D 526 27.35 12.34 20.80
N VAL D 527 27.04 12.03 19.55
CA VAL D 527 27.61 10.89 18.87
C VAL D 527 29.09 11.15 18.67
N LEU D 528 29.89 10.09 18.55
CA LEU D 528 31.32 10.17 18.29
C LEU D 528 31.63 9.46 17.00
N PHE D 529 31.49 10.13 15.87
CA PHE D 529 31.73 9.50 14.59
C PHE D 529 33.18 9.10 14.48
N ILE D 530 33.45 8.07 13.69
CA ILE D 530 34.81 7.71 13.30
C ILE D 530 34.73 7.30 11.84
N CYS D 531 35.81 7.52 11.10
CA CYS D 531 35.84 7.22 9.69
C CYS D 531 37.21 6.69 9.33
N THR D 532 37.24 5.85 8.31
CA THR D 532 38.44 5.15 7.88
C THR D 532 38.60 5.29 6.39
N ALA D 533 39.85 5.33 5.92
CA ALA D 533 40.05 5.49 4.50
C ALA D 533 41.45 5.05 4.13
N ASN D 534 41.58 4.42 2.97
CA ASN D 534 42.90 3.98 2.55
C ASN D 534 43.82 5.12 2.20
N VAL D 535 43.29 6.25 1.73
CA VAL D 535 44.15 7.37 1.37
C VAL D 535 43.30 8.62 1.33
N THR D 536 43.87 9.72 1.77
CA THR D 536 43.10 10.95 1.89
C THR D 536 42.64 11.52 0.56
N ASP D 537 43.42 11.34 -0.51
CA ASP D 537 43.32 12.25 -1.67
C ASP D 537 41.97 12.20 -2.36
N THR D 538 41.33 11.06 -2.40
CA THR D 538 40.08 10.91 -3.13
C THR D 538 38.85 11.33 -2.32
N ILE D 539 39.00 11.64 -1.03
CA ILE D 539 37.82 12.07 -0.26
C ILE D 539 37.31 13.37 -0.84
N PRO D 540 36.01 13.52 -1.15
CA PRO D 540 35.55 14.78 -1.76
C PRO D 540 35.81 15.95 -0.82
N GLU D 541 36.19 17.08 -1.40
CA GLU D 541 36.82 18.14 -0.62
C GLU D 541 35.99 18.68 0.53
N PRO D 542 34.72 19.08 0.35
CA PRO D 542 33.98 19.63 1.50
C PRO D 542 33.89 18.64 2.62
N LEU D 543 33.77 17.36 2.28
CA LEU D 543 33.64 16.38 3.33
C LEU D 543 34.98 16.21 4.03
N ARG D 544 36.09 16.37 3.31
CA ARG D 544 37.37 16.24 3.99
C ARG D 544 37.54 17.35 4.97
N ASP D 545 36.99 18.53 4.68
CA ASP D 545 37.35 19.67 5.50
C ASP D 545 36.80 19.60 6.91
N ARG D 546 35.63 18.98 7.10
CA ARG D 546 35.02 18.98 8.42
C ARG D 546 35.80 18.22 9.45
N MET D 547 36.53 17.18 9.05
CA MET D 547 36.90 16.12 9.97
C MET D 547 38.40 16.09 10.19
N GLU D 548 38.78 15.87 11.44
CA GLU D 548 40.18 15.77 11.82
C GLU D 548 40.79 14.52 11.23
N MET D 549 42.10 14.54 10.99
CA MET D 549 42.79 13.48 10.24
C MET D 549 43.97 12.91 11.04
N ILE D 550 43.74 11.85 11.79
CA ILE D 550 44.81 11.09 12.40
C ILE D 550 45.46 10.21 11.33
N ASN D 551 46.72 9.80 11.53
CA ASN D 551 47.47 9.03 10.54
C ASN D 551 48.14 7.85 11.23
N VAL D 552 47.53 6.67 11.14
CA VAL D 552 48.23 5.44 11.53
C VAL D 552 49.23 5.09 10.45
N SER D 553 50.29 4.36 10.81
CA SER D 553 51.46 4.16 9.96
C SER D 553 51.70 2.68 9.68
N GLY D 554 52.75 2.40 8.92
CA GLY D 554 53.21 1.04 8.71
C GLY D 554 54.18 0.61 9.79
N TYR D 555 54.62 -0.65 9.71
CA TYR D 555 55.46 -1.30 10.71
C TYR D 555 56.80 -1.71 10.14
N VAL D 556 57.85 -1.54 10.93
CA VAL D 556 59.15 -2.07 10.56
C VAL D 556 59.12 -3.58 10.69
N ALA D 557 59.99 -4.26 9.94
CA ALA D 557 59.97 -5.71 9.87
C ALA D 557 60.17 -6.34 11.24
N GLN D 558 60.99 -5.73 12.09
CA GLN D 558 61.15 -6.25 13.44
C GLN D 558 59.86 -6.15 14.23
N GLU D 559 59.07 -5.12 13.97
CA GLU D 559 57.94 -4.86 14.83
C GLU D 559 56.90 -5.95 14.77
N LYS D 560 56.72 -6.54 13.60
CA LYS D 560 55.75 -7.62 13.49
C LYS D 560 56.13 -8.80 14.36
N LEU D 561 57.42 -9.00 14.63
CA LEU D 561 57.84 -10.09 15.48
C LEU D 561 57.27 -9.93 16.87
N ALA D 562 57.06 -8.70 17.31
CA ALA D 562 56.45 -8.45 18.60
C ALA D 562 54.95 -8.29 18.52
N ILE D 563 54.37 -8.07 17.34
CA ILE D 563 52.92 -8.13 17.26
C ILE D 563 52.48 -9.56 17.33
N ALA D 564 53.10 -10.40 16.51
CA ALA D 564 52.63 -11.77 16.33
C ALA D 564 52.80 -12.62 17.57
N GLU D 565 53.84 -12.36 18.35
CA GLU D 565 54.12 -13.25 19.47
C GLU D 565 53.06 -13.17 20.54
N ARG D 566 52.31 -12.08 20.61
CA ARG D 566 51.42 -11.82 21.71
C ARG D 566 49.98 -11.61 21.26
N TYR D 567 49.68 -10.64 20.40
CA TYR D 567 48.28 -10.36 20.07
C TYR D 567 47.73 -11.17 18.91
N LEU D 568 48.53 -12.03 18.26
CA LEU D 568 48.13 -12.72 17.04
C LEU D 568 48.10 -14.22 17.20
N VAL D 569 49.22 -14.86 17.57
CA VAL D 569 49.22 -16.30 17.78
C VAL D 569 48.15 -16.73 18.77
N PRO D 570 48.04 -16.14 19.96
CA PRO D 570 46.99 -16.57 20.88
C PRO D 570 45.58 -16.44 20.34
N GLN D 571 45.28 -15.41 19.55
CA GLN D 571 43.93 -15.30 19.02
C GLN D 571 43.62 -16.44 18.09
N ALA D 572 44.53 -16.73 17.15
CA ALA D 572 44.30 -17.85 16.27
C ALA D 572 44.26 -19.16 17.03
N ARG D 573 45.05 -19.27 18.10
CA ARG D 573 45.09 -20.53 18.82
C ARG D 573 43.81 -20.77 19.57
N ALA D 574 43.27 -19.74 20.19
CA ALA D 574 41.96 -19.87 20.78
C ALA D 574 40.90 -20.12 19.71
N LEU D 575 41.10 -19.57 18.52
CA LEU D 575 40.14 -19.82 17.45
C LEU D 575 40.15 -21.27 17.01
N CYS D 576 41.29 -21.97 17.14
CA CYS D 576 41.47 -23.31 16.57
C CYS D 576 41.58 -24.41 17.60
N GLY D 577 41.40 -24.11 18.88
CA GLY D 577 41.21 -25.12 19.91
C GLY D 577 42.48 -25.66 20.52
N LEU D 578 43.62 -25.47 19.89
CA LEU D 578 44.86 -25.93 20.49
C LEU D 578 45.23 -25.00 21.62
N ASP D 579 46.00 -25.49 22.59
CA ASP D 579 46.43 -24.68 23.73
C ASP D 579 47.95 -24.75 23.81
N GLU D 580 48.54 -23.79 24.54
CA GLU D 580 49.97 -23.50 24.48
C GLU D 580 50.84 -24.70 24.79
N SER D 581 50.36 -25.62 25.61
CA SER D 581 51.16 -26.80 25.89
C SER D 581 51.33 -27.68 24.67
N LYS D 582 50.41 -27.60 23.70
CA LYS D 582 50.37 -28.53 22.58
C LYS D 582 51.06 -28.03 21.31
N ALA D 583 51.10 -26.72 21.04
CA ALA D 583 51.59 -26.22 19.75
C ALA D 583 52.40 -24.94 19.96
N LYS D 584 53.70 -25.10 20.22
CA LYS D 584 54.60 -23.96 20.31
C LYS D 584 54.99 -23.45 18.95
N LEU D 585 55.35 -22.18 18.90
CA LEU D 585 55.92 -21.56 17.71
C LEU D 585 57.08 -20.71 18.21
N SER D 586 58.26 -21.30 18.25
CA SER D 586 59.44 -20.58 18.71
C SER D 586 59.71 -19.40 17.80
N SER D 587 60.21 -18.31 18.39
CA SER D 587 60.21 -17.00 17.72
C SER D 587 61.01 -17.00 16.44
N ASP D 588 62.02 -17.85 16.32
CA ASP D 588 62.84 -17.83 15.11
C ASP D 588 61.98 -18.13 13.88
N VAL D 589 61.01 -19.03 14.04
CA VAL D 589 60.11 -19.32 12.95
C VAL D 589 59.28 -18.11 12.61
N LEU D 590 58.95 -17.28 13.60
CA LEU D 590 58.16 -16.10 13.29
C LEU D 590 58.94 -15.09 12.50
N THR D 591 60.21 -14.86 12.88
CA THR D 591 61.00 -13.94 12.08
C THR D 591 61.17 -14.46 10.66
N LEU D 592 61.30 -15.78 10.51
CA LEU D 592 61.43 -16.32 9.18
C LEU D 592 60.16 -16.12 8.36
N LEU D 593 58.98 -16.33 8.96
CA LEU D 593 57.75 -16.08 8.20
C LEU D 593 57.67 -14.64 7.76
N ILE D 594 57.83 -13.70 8.69
CA ILE D 594 57.60 -12.30 8.32
C ILE D 594 58.60 -11.84 7.29
N LYS D 595 59.80 -12.40 7.30
CA LYS D 595 60.83 -11.88 6.44
C LYS D 595 60.84 -12.51 5.07
N GLN D 596 60.34 -13.74 4.92
CA GLN D 596 60.42 -14.44 3.65
C GLN D 596 59.06 -14.79 3.07
N TYR D 597 58.15 -15.37 3.83
CA TYR D 597 57.00 -15.98 3.20
C TYR D 597 55.88 -15.01 2.89
N CYS D 598 55.94 -13.76 3.34
CA CYS D 598 54.96 -12.75 2.94
C CYS D 598 55.42 -11.37 3.38
N ARG D 599 55.43 -10.40 2.47
CA ARG D 599 55.90 -9.06 2.77
C ARG D 599 54.91 -8.03 2.26
N GLU D 600 54.54 -7.10 3.13
CA GLU D 600 53.56 -6.06 2.86
C GLU D 600 53.49 -5.24 4.14
N SER D 601 53.05 -3.99 4.01
CA SER D 601 52.96 -3.14 5.21
C SER D 601 51.93 -3.64 6.20
N GLY D 602 50.84 -4.23 5.72
CA GLY D 602 49.83 -4.75 6.61
C GLY D 602 50.20 -6.08 7.21
N VAL D 603 49.61 -6.36 8.36
CA VAL D 603 49.85 -7.61 9.07
C VAL D 603 48.92 -8.72 8.61
N ARG D 604 47.93 -8.44 7.76
CA ARG D 604 46.87 -9.39 7.45
C ARG D 604 47.42 -10.69 6.90
N ASN D 605 48.28 -10.60 5.89
CA ASN D 605 48.72 -11.81 5.22
C ASN D 605 49.49 -12.71 6.17
N LEU D 606 50.26 -12.11 7.08
CA LEU D 606 50.91 -12.91 8.10
C LEU D 606 49.89 -13.59 8.98
N GLN D 607 48.76 -12.95 9.21
CA GLN D 607 47.74 -13.61 10.00
C GLN D 607 47.24 -14.83 9.26
N LYS D 608 47.11 -14.74 7.93
CA LYS D 608 46.70 -15.93 7.18
C LYS D 608 47.69 -17.06 7.37
N GLN D 609 48.99 -16.75 7.28
CA GLN D 609 49.96 -17.81 7.40
C GLN D 609 49.93 -18.48 8.76
N VAL D 610 49.91 -17.69 9.84
CA VAL D 610 49.96 -18.35 11.15
C VAL D 610 48.72 -19.17 11.37
N GLU D 611 47.57 -18.71 10.86
CA GLU D 611 46.38 -19.52 11.02
C GLU D 611 46.54 -20.85 10.29
N LYS D 612 47.17 -20.81 9.11
CA LYS D 612 47.37 -22.06 8.39
C LYS D 612 48.27 -23.00 9.18
N VAL D 613 49.34 -22.47 9.76
CA VAL D 613 50.27 -23.35 10.46
C VAL D 613 49.58 -23.98 11.64
N LEU D 614 48.81 -23.20 12.39
CA LEU D 614 48.13 -23.76 13.54
C LEU D 614 47.17 -24.86 13.13
N ARG D 615 46.30 -24.60 12.16
CA ARG D 615 45.29 -25.61 11.89
C ARG D 615 45.89 -26.87 11.28
N LYS D 616 46.95 -26.74 10.48
CA LYS D 616 47.58 -27.96 9.97
C LYS D 616 48.20 -28.72 11.12
N SER D 617 48.71 -27.99 12.10
CA SER D 617 49.17 -28.66 13.30
C SER D 617 48.03 -29.37 14.01
N ALA D 618 46.81 -28.82 13.94
CA ALA D 618 45.69 -29.46 14.62
C ALA D 618 45.39 -30.80 13.99
N TYR D 619 45.37 -30.85 12.66
CA TYR D 619 45.22 -32.14 12.01
C TYR D 619 46.31 -33.08 12.42
N LYS D 620 47.52 -32.56 12.60
CA LYS D 620 48.59 -33.46 12.97
C LYS D 620 48.40 -34.00 14.37
N ILE D 621 47.73 -33.25 15.26
CA ILE D 621 47.45 -33.79 16.59
C ILE D 621 46.40 -34.87 16.54
N VAL D 622 45.18 -34.52 16.07
CA VAL D 622 43.97 -35.25 16.47
C VAL D 622 44.04 -36.72 16.12
N SER D 623 44.70 -37.04 15.02
CA SER D 623 44.83 -38.41 14.56
C SER D 623 46.24 -38.79 14.25
N GLY D 624 47.11 -37.83 13.99
CA GLY D 624 48.44 -38.15 13.53
C GLY D 624 49.32 -38.78 14.57
N GLU D 625 50.61 -38.73 14.31
CA GLU D 625 51.58 -39.48 15.07
C GLU D 625 52.09 -38.74 16.30
N ALA D 626 52.38 -37.46 16.19
CA ALA D 626 52.82 -36.71 17.37
C ALA D 626 51.65 -36.48 18.29
N GLU D 627 51.90 -36.53 19.60
CA GLU D 627 50.90 -36.05 20.56
C GLU D 627 51.03 -34.54 20.80
N SER D 628 52.12 -33.92 20.34
CA SER D 628 52.32 -32.48 20.54
C SER D 628 53.25 -32.01 19.44
N VAL D 629 52.75 -31.17 18.55
CA VAL D 629 53.57 -30.63 17.49
C VAL D 629 54.49 -29.56 18.07
N GLU D 630 55.65 -29.37 17.43
CA GLU D 630 56.66 -28.44 17.94
C GLU D 630 57.41 -27.88 16.73
N VAL D 631 56.89 -26.80 16.16
CA VAL D 631 57.50 -26.23 14.96
C VAL D 631 58.92 -25.76 15.26
N THR D 632 59.83 -26.02 14.33
CA THR D 632 61.18 -25.51 14.33
C THR D 632 61.48 -25.08 12.90
N PRO D 633 62.37 -24.08 12.70
CA PRO D 633 62.47 -23.46 11.35
C PRO D 633 62.80 -24.43 10.24
N GLU D 634 63.67 -25.38 10.51
CA GLU D 634 64.00 -26.41 9.54
C GLU D 634 62.79 -27.25 9.20
N ASN D 635 61.89 -27.44 10.15
CA ASN D 635 60.69 -28.23 9.95
C ASN D 635 59.59 -27.45 9.22
N LEU D 636 59.66 -26.12 9.23
CA LEU D 636 58.51 -25.30 8.83
C LEU D 636 58.09 -25.56 7.41
N GLN D 637 59.04 -25.86 6.52
CA GLN D 637 58.74 -25.96 5.10
C GLN D 637 57.71 -27.03 4.82
N ASP D 638 57.65 -28.06 5.67
CA ASP D 638 56.64 -29.08 5.49
C ASP D 638 55.25 -28.47 5.66
N PHE D 639 55.03 -27.73 6.74
CA PHE D 639 53.67 -27.30 7.06
C PHE D 639 53.13 -26.30 6.04
N VAL D 640 53.99 -25.43 5.50
CA VAL D 640 53.53 -24.35 4.62
C VAL D 640 54.36 -24.26 3.35
N GLY D 641 54.99 -25.35 2.95
CA GLY D 641 55.64 -25.38 1.66
C GLY D 641 56.93 -24.61 1.60
N LYS D 642 57.36 -24.39 0.37
CA LYS D 642 58.60 -23.69 0.06
C LYS D 642 58.42 -22.18 0.17
N PRO D 643 59.50 -21.41 0.36
CA PRO D 643 59.37 -19.97 0.47
C PRO D 643 58.77 -19.37 -0.78
N VAL D 644 57.97 -18.34 -0.62
CA VAL D 644 57.36 -17.69 -1.76
C VAL D 644 58.31 -16.64 -2.29
N PHE D 645 58.53 -15.61 -1.49
CA PHE D 645 59.33 -14.49 -1.89
C PHE D 645 60.80 -14.70 -1.58
N THR D 646 61.62 -14.14 -2.41
CA THR D 646 63.00 -13.90 -2.09
C THR D 646 63.25 -12.53 -2.72
N VAL D 647 62.92 -11.46 -1.97
CA VAL D 647 62.78 -10.10 -2.52
C VAL D 647 64.01 -9.26 -2.16
N GLU D 648 65.17 -9.89 -2.08
CA GLU D 648 66.41 -9.13 -2.20
C GLU D 648 66.35 -8.22 -3.43
N ARG D 649 67.23 -7.22 -3.50
CA ARG D 649 67.24 -6.29 -4.62
C ARG D 649 67.35 -7.06 -5.94
N MET D 650 66.62 -6.58 -6.94
CA MET D 650 66.58 -7.25 -8.24
C MET D 650 67.95 -7.43 -8.85
N TYR D 651 68.88 -6.55 -8.55
CA TYR D 651 70.26 -6.63 -8.96
C TYR D 651 71.10 -6.65 -7.70
N ASP D 652 72.35 -7.10 -7.83
CA ASP D 652 73.32 -7.03 -6.76
C ASP D 652 74.65 -6.43 -7.20
N VAL D 653 74.75 -5.95 -8.44
CA VAL D 653 75.90 -5.19 -8.91
C VAL D 653 75.52 -3.90 -9.60
N THR D 654 74.26 -3.71 -10.01
CA THR D 654 73.73 -2.51 -10.64
C THR D 654 74.59 -2.13 -11.84
N PRO D 655 74.49 -2.83 -12.97
CA PRO D 655 75.30 -2.47 -14.12
C PRO D 655 74.93 -1.08 -14.58
N PRO D 656 75.89 -0.31 -15.17
CA PRO D 656 75.69 1.11 -15.51
C PRO D 656 74.33 1.50 -16.05
N GLY D 657 73.83 2.66 -15.67
CA GLY D 657 72.54 3.06 -16.16
C GLY D 657 71.37 2.42 -15.45
N VAL D 658 71.50 2.11 -14.16
CA VAL D 658 70.35 1.68 -13.37
C VAL D 658 70.54 2.21 -11.97
N VAL D 659 69.45 2.60 -11.30
CA VAL D 659 69.57 3.17 -9.95
C VAL D 659 68.30 2.87 -9.17
N MET D 660 68.44 2.72 -7.86
CA MET D 660 67.33 2.48 -6.97
C MET D 660 66.49 3.72 -6.81
N GLY D 661 65.22 3.55 -6.47
CA GLY D 661 64.40 4.70 -6.24
C GLY D 661 63.20 4.34 -5.40
N LEU D 662 63.05 4.98 -4.26
CA LEU D 662 61.92 4.74 -3.36
C LEU D 662 60.64 5.30 -3.95
N ALA D 663 59.51 4.71 -3.57
CA ALA D 663 58.23 5.23 -4.03
C ALA D 663 57.14 4.87 -3.04
N TRP D 664 56.19 5.77 -2.88
CA TRP D 664 55.15 5.68 -1.87
C TRP D 664 53.83 5.36 -2.58
N THR D 665 53.58 4.08 -2.79
CA THR D 665 52.42 3.62 -3.53
C THR D 665 51.18 3.59 -2.66
N ALA D 666 50.12 2.93 -3.14
CA ALA D 666 48.85 2.96 -2.44
C ALA D 666 48.92 2.28 -1.09
N MET D 667 49.81 1.30 -0.92
CA MET D 667 49.96 0.56 0.35
C MET D 667 51.45 0.35 0.65
N GLY D 668 52.01 1.30 1.38
CA GLY D 668 53.37 1.20 1.84
C GLY D 668 54.34 1.56 0.75
N GLY D 669 55.58 1.65 1.12
CA GLY D 669 56.61 1.97 0.17
C GLY D 669 57.07 0.75 -0.57
N SER D 670 57.89 0.98 -1.57
CA SER D 670 58.50 -0.12 -2.30
C SER D 670 59.66 0.43 -3.10
N THR D 671 60.68 -0.40 -3.26
CA THR D 671 61.95 0.05 -3.85
C THR D 671 62.07 -0.34 -5.32
N LEU D 672 61.20 0.21 -6.15
CA LEU D 672 61.30 -0.02 -7.59
C LEU D 672 62.54 0.62 -8.19
N PHE D 673 63.17 -0.08 -9.13
CA PHE D 673 64.38 0.38 -9.78
C PHE D 673 64.02 1.32 -10.91
N VAL D 674 65.01 1.97 -11.50
CA VAL D 674 64.83 2.74 -12.73
C VAL D 674 65.96 2.37 -13.67
N GLU D 675 65.65 2.20 -14.96
CA GLU D 675 66.58 1.57 -15.91
C GLU D 675 66.61 2.36 -17.20
N THR D 676 67.75 2.31 -17.91
CA THR D 676 67.92 3.05 -19.15
C THR D 676 68.83 2.30 -20.10
N SER D 677 68.77 2.66 -21.38
CA SER D 677 69.64 1.99 -22.34
C SER D 677 69.70 2.73 -23.65
N LEU D 678 70.74 2.43 -24.40
CA LEU D 678 70.87 2.90 -25.77
C LEU D 678 69.85 2.23 -26.63
N ARG D 679 69.48 2.88 -27.74
CA ARG D 679 68.55 2.33 -28.71
C ARG D 679 69.14 2.14 -30.09
N ARG D 680 70.08 2.96 -30.52
CA ARG D 680 70.77 2.81 -31.79
C ARG D 680 72.23 3.11 -31.55
N PRO D 681 73.13 2.58 -32.36
CA PRO D 681 74.53 2.98 -32.21
C PRO D 681 74.66 4.47 -32.44
N GLN D 682 75.52 5.10 -31.66
CA GLN D 682 75.51 6.56 -31.66
C GLN D 682 76.24 7.13 -32.87
N ASP D 683 77.42 6.62 -33.19
CA ASP D 683 78.27 7.27 -34.18
C ASP D 683 77.92 6.80 -35.60
N LYS D 684 76.66 7.06 -35.99
CA LYS D 684 76.30 6.90 -37.39
C LYS D 684 77.04 7.91 -38.27
N ASP D 685 77.42 9.06 -37.71
CA ASP D 685 78.12 10.13 -38.41
C ASP D 685 78.79 10.98 -37.35
N ALA D 686 80.11 11.14 -37.44
CA ALA D 686 80.80 12.00 -36.49
C ALA D 686 80.34 13.45 -36.60
N LYS D 687 79.95 13.88 -37.81
CA LYS D 687 79.52 15.25 -38.05
C LYS D 687 78.02 15.48 -37.84
N GLY D 688 77.25 14.45 -37.50
CA GLY D 688 75.83 14.61 -37.39
C GLY D 688 75.42 15.49 -36.23
N ASP D 689 74.21 16.06 -36.33
CA ASP D 689 73.70 16.96 -35.30
C ASP D 689 72.18 16.87 -35.30
N LYS D 690 71.64 16.08 -34.37
CA LYS D 690 70.21 16.00 -34.15
C LYS D 690 70.00 15.60 -32.70
N ASP D 691 68.89 16.06 -32.13
CA ASP D 691 68.62 15.80 -30.73
C ASP D 691 68.53 14.31 -30.48
N GLY D 692 69.17 13.88 -29.41
CA GLY D 692 69.08 12.51 -29.00
C GLY D 692 67.83 12.28 -28.21
N SER D 693 66.69 12.20 -28.88
CA SER D 693 65.41 12.22 -28.20
C SER D 693 65.27 11.07 -27.22
N LEU D 694 64.82 11.40 -26.02
CA LEU D 694 64.48 10.38 -25.05
C LEU D 694 63.18 9.74 -25.46
N GLU D 695 62.99 8.49 -25.04
CA GLU D 695 61.71 7.80 -25.17
C GLU D 695 61.38 7.21 -23.82
N VAL D 696 60.45 7.79 -23.13
CA VAL D 696 60.06 7.30 -21.82
C VAL D 696 59.14 6.09 -21.98
N THR D 697 59.15 5.19 -21.01
CA THR D 697 58.32 3.99 -21.04
C THR D 697 57.98 3.60 -19.62
N GLY D 698 56.87 2.87 -19.47
CA GLY D 698 56.37 2.50 -18.17
C GLY D 698 55.04 3.07 -17.76
N GLN D 699 54.07 3.14 -18.69
CA GLN D 699 52.68 3.51 -18.39
C GLN D 699 52.64 4.86 -17.66
N LEU D 700 53.42 5.77 -18.21
CA LEU D 700 53.62 7.08 -17.61
C LEU D 700 52.33 7.87 -17.55
N GLY D 701 52.11 8.51 -16.43
CA GLY D 701 51.18 9.61 -16.37
C GLY D 701 51.79 10.83 -17.02
N GLU D 702 50.92 11.77 -17.39
CA GLU D 702 51.40 12.91 -18.15
C GLU D 702 52.30 13.82 -17.31
N VAL D 703 51.91 14.13 -16.06
CA VAL D 703 52.76 14.98 -15.20
C VAL D 703 54.13 14.36 -15.06
N MET D 704 54.16 13.04 -14.90
CA MET D 704 55.43 12.35 -14.87
C MET D 704 56.19 12.59 -16.16
N LYS D 705 55.50 12.72 -17.29
CA LYS D 705 56.22 12.90 -18.55
C LYS D 705 56.90 14.25 -18.60
N GLU D 706 56.21 15.32 -18.19
CA GLU D 706 56.93 16.59 -18.19
C GLU D 706 58.07 16.57 -17.18
N SER D 707 57.88 15.90 -16.04
CA SER D 707 58.98 15.86 -15.08
C SER D 707 60.16 15.10 -15.65
N ALA D 708 59.89 14.05 -16.41
CA ALA D 708 60.98 13.32 -17.02
C ALA D 708 61.72 14.17 -18.03
N ARG D 709 60.98 14.92 -18.84
CA ARG D 709 61.65 15.78 -19.81
C ARG D 709 62.48 16.84 -19.12
N ILE D 710 62.00 17.33 -17.97
CA ILE D 710 62.73 18.36 -17.24
C ILE D 710 64.04 17.81 -16.73
N ALA D 711 63.97 16.66 -16.08
CA ALA D 711 65.20 16.07 -15.58
C ALA D 711 66.15 15.77 -16.71
N TYR D 712 65.61 15.38 -17.87
CA TYR D 712 66.46 15.10 -19.01
C TYR D 712 67.23 16.34 -19.44
N THR D 713 66.51 17.46 -19.55
CA THR D 713 67.15 18.68 -20.00
C THR D 713 68.22 19.12 -19.05
N PHE D 714 67.97 18.95 -17.75
CA PHE D 714 68.98 19.37 -16.80
C PHE D 714 70.21 18.49 -16.97
N ALA D 715 70.03 17.20 -17.22
CA ALA D 715 71.20 16.36 -17.40
C ALA D 715 71.98 16.79 -18.61
N ARG D 716 71.28 17.09 -19.69
CA ARG D 716 71.96 17.46 -20.91
C ARG D 716 72.73 18.77 -20.73
N ALA D 717 72.24 19.65 -19.86
CA ALA D 717 72.97 20.88 -19.58
C ALA D 717 74.14 20.65 -18.65
N PHE D 718 73.96 19.80 -17.65
CA PHE D 718 75.01 19.65 -16.67
C PHE D 718 76.25 19.05 -17.29
N LEU D 719 76.09 18.14 -18.26
CA LEU D 719 77.28 17.58 -18.91
C LEU D 719 78.11 18.64 -19.59
N MET D 720 77.47 19.45 -20.46
CA MET D 720 78.25 20.46 -21.18
C MET D 720 78.84 21.47 -20.21
N GLN D 721 78.13 21.76 -19.12
CA GLN D 721 78.71 22.70 -18.17
C GLN D 721 79.92 22.13 -17.46
N HIS D 722 79.98 20.81 -17.29
CA HIS D 722 81.00 20.19 -16.44
C HIS D 722 82.16 19.59 -17.21
N ALA D 723 81.89 18.76 -18.21
CA ALA D 723 82.90 18.00 -18.93
C ALA D 723 82.69 18.24 -20.42
N PRO D 724 83.21 19.35 -20.97
CA PRO D 724 82.86 19.70 -22.35
C PRO D 724 83.23 18.65 -23.38
N ALA D 725 84.33 17.93 -23.18
CA ALA D 725 84.80 16.97 -24.18
C ALA D 725 83.76 15.90 -24.47
N ASN D 726 82.99 15.51 -23.47
CA ASN D 726 81.96 14.52 -23.66
C ASN D 726 80.81 15.13 -24.43
N ASP D 727 80.13 14.30 -25.20
CA ASP D 727 78.96 14.75 -25.95
C ASP D 727 77.86 13.71 -25.99
N TYR D 728 77.92 12.70 -25.13
CA TYR D 728 77.14 11.51 -25.34
C TYR D 728 75.65 11.79 -25.30
N LEU D 729 75.21 12.77 -24.55
CA LEU D 729 73.78 12.94 -24.42
C LEU D 729 73.18 13.58 -25.67
N VAL D 730 73.76 14.69 -26.13
CA VAL D 730 73.12 15.44 -27.21
C VAL D 730 73.11 14.64 -28.51
N THR D 731 74.08 13.76 -28.72
CA THR D 731 74.34 13.14 -30.00
C THR D 731 73.82 11.71 -30.05
N SER D 732 73.00 11.28 -29.09
CA SER D 732 72.59 9.89 -29.06
C SER D 732 71.21 9.69 -28.47
N HIS D 733 70.48 8.74 -29.05
CA HIS D 733 69.13 8.42 -28.60
C HIS D 733 69.18 7.54 -27.37
N ILE D 734 68.11 7.58 -26.57
CA ILE D 734 68.05 6.85 -25.30
C ILE D 734 66.62 6.43 -25.05
N HIS D 735 66.47 5.26 -24.42
CA HIS D 735 65.22 4.74 -23.95
C HIS D 735 65.31 4.67 -22.44
N LEU D 736 64.24 5.01 -21.74
CA LEU D 736 64.26 5.09 -20.29
C LEU D 736 62.98 4.53 -19.70
N HIS D 737 63.09 3.49 -18.89
CA HIS D 737 61.95 2.80 -18.29
C HIS D 737 61.85 3.09 -16.80
N VAL D 738 60.68 3.56 -16.37
CA VAL D 738 60.36 3.77 -14.95
C VAL D 738 59.16 2.90 -14.54
N PRO D 739 59.35 1.85 -13.72
CA PRO D 739 58.23 0.95 -13.44
C PRO D 739 57.10 1.65 -12.72
N GLU D 740 55.90 1.19 -13.01
CA GLU D 740 54.68 1.79 -12.52
C GLU D 740 54.50 1.47 -11.04
N GLY D 741 53.71 2.30 -10.36
CA GLY D 741 53.23 2.02 -9.03
C GLY D 741 53.06 3.20 -8.11
N ALA D 742 53.81 4.28 -8.30
CA ALA D 742 53.62 5.44 -7.45
C ALA D 742 52.26 6.06 -7.68
N THR D 743 51.69 6.63 -6.63
CA THR D 743 50.45 7.37 -6.79
C THR D 743 50.70 8.64 -7.58
N PRO D 744 49.70 9.15 -8.30
CA PRO D 744 49.96 10.35 -9.11
C PRO D 744 50.47 11.52 -8.28
N LYS D 745 49.99 11.67 -7.04
CA LYS D 745 50.31 12.86 -6.26
C LYS D 745 51.80 12.97 -5.96
N ASP D 746 52.51 11.85 -5.93
CA ASP D 746 53.96 11.85 -5.71
C ASP D 746 54.71 11.33 -6.92
N GLY D 747 54.07 11.33 -8.11
CA GLY D 747 54.76 10.88 -9.29
C GLY D 747 55.96 11.72 -9.67
N PRO D 748 55.93 13.04 -9.50
CA PRO D 748 57.16 13.81 -9.73
C PRO D 748 58.31 13.39 -8.87
N SER D 749 58.05 12.83 -7.68
CA SER D 749 59.08 12.57 -6.68
C SER D 749 60.22 11.70 -7.21
N ALA D 750 60.00 10.94 -8.26
CA ALA D 750 61.05 10.08 -8.75
C ALA D 750 62.15 10.85 -9.46
N GLY D 751 61.95 12.13 -9.77
CA GLY D 751 62.77 12.80 -10.77
C GLY D 751 64.25 12.84 -10.45
N CYS D 752 64.61 12.98 -9.18
CA CYS D 752 66.02 13.06 -8.83
C CYS D 752 66.74 11.79 -9.20
N THR D 753 66.03 10.66 -9.22
CA THR D 753 66.64 9.42 -9.65
C THR D 753 67.01 9.47 -11.12
N ILE D 754 66.12 10.06 -11.93
CA ILE D 754 66.25 10.02 -13.38
C ILE D 754 67.59 10.53 -13.81
N VAL D 755 67.98 11.70 -13.29
CA VAL D 755 69.21 12.32 -13.72
C VAL D 755 70.38 11.42 -13.38
N THR D 756 70.34 10.80 -12.20
CA THR D 756 71.45 9.94 -11.81
C THR D 756 71.54 8.75 -12.73
N ALA D 757 70.42 8.31 -13.28
CA ALA D 757 70.50 7.26 -14.28
C ALA D 757 71.26 7.76 -15.48
N LEU D 758 70.83 8.89 -16.05
CA LEU D 758 71.37 9.33 -17.32
C LEU D 758 72.84 9.67 -17.23
N LEU D 759 73.24 10.34 -16.16
CA LEU D 759 74.66 10.61 -15.98
C LEU D 759 75.45 9.33 -15.87
N SER D 760 74.91 8.34 -15.17
CA SER D 760 75.60 7.06 -15.06
C SER D 760 75.79 6.45 -16.42
N LEU D 761 74.84 6.64 -17.31
CA LEU D 761 74.93 6.08 -18.64
C LEU D 761 75.81 6.92 -19.55
N ALA D 762 76.21 8.11 -19.12
CA ALA D 762 77.10 8.92 -19.95
C ALA D 762 78.54 8.51 -19.70
N MET D 763 79.03 8.69 -18.48
CA MET D 763 80.37 8.22 -18.19
C MET D 763 80.42 6.70 -18.18
N GLY D 764 79.33 6.05 -17.84
CA GLY D 764 79.27 4.61 -17.84
C GLY D 764 79.81 3.95 -16.59
N ARG D 765 80.33 4.69 -15.65
CA ARG D 765 80.79 4.02 -14.45
C ARG D 765 79.58 3.65 -13.58
N PRO D 766 79.65 2.57 -12.81
CA PRO D 766 78.50 2.19 -11.99
C PRO D 766 78.21 3.20 -10.91
N VAL D 767 76.94 3.32 -10.55
CA VAL D 767 76.60 4.05 -9.33
C VAL D 767 77.15 3.27 -8.13
N ARG D 768 77.45 3.98 -7.05
CA ARG D 768 77.94 3.32 -5.84
C ARG D 768 76.88 2.35 -5.33
N GLN D 769 77.33 1.24 -4.76
CA GLN D 769 76.42 0.15 -4.44
C GLN D 769 75.43 0.57 -3.36
N ASN D 770 74.19 0.11 -3.52
CA ASN D 770 73.08 0.23 -2.58
C ASN D 770 72.98 1.63 -1.98
N LEU D 771 72.63 2.59 -2.82
CA LEU D 771 72.59 4.00 -2.47
C LEU D 771 71.29 4.54 -3.00
N ALA D 772 70.22 4.23 -2.31
CA ALA D 772 68.92 4.68 -2.74
C ALA D 772 68.84 6.19 -2.66
N MET D 773 68.00 6.79 -3.50
CA MET D 773 67.83 8.23 -3.47
C MET D 773 66.47 8.62 -3.98
N THR D 774 66.08 9.84 -3.65
CA THR D 774 64.78 10.36 -4.04
C THR D 774 64.83 11.87 -4.02
N GLY D 775 63.75 12.51 -4.43
CA GLY D 775 63.65 13.96 -4.40
C GLY D 775 62.81 14.55 -5.50
N GLU D 776 63.31 15.56 -6.20
CA GLU D 776 62.62 16.23 -7.29
C GLU D 776 63.61 17.25 -7.82
N VAL D 777 63.40 17.73 -9.05
CA VAL D 777 64.35 18.68 -9.63
C VAL D 777 63.55 19.72 -10.38
N SER D 778 64.13 20.91 -10.52
CA SER D 778 63.47 22.13 -10.96
C SER D 778 64.20 22.80 -12.10
N LEU D 779 64.88 22.03 -12.93
CA LEU D 779 65.42 22.46 -14.22
C LEU D 779 66.58 23.42 -14.11
N THR D 780 67.00 23.81 -12.91
CA THR D 780 68.26 24.50 -12.70
C THR D 780 69.05 23.86 -11.57
N GLY D 781 68.61 22.72 -11.04
CA GLY D 781 69.33 21.99 -10.04
C GLY D 781 68.85 22.17 -8.62
N LYS D 782 68.00 23.14 -8.33
CA LYS D 782 67.46 23.22 -6.99
C LYS D 782 66.51 22.06 -6.77
N ILE D 783 66.54 21.48 -5.57
CA ILE D 783 65.73 20.32 -5.22
C ILE D 783 64.53 20.84 -4.43
N LEU D 784 63.47 20.04 -4.34
CA LEU D 784 62.23 20.41 -3.68
C LEU D 784 61.73 19.31 -2.75
N PRO D 785 60.98 19.66 -1.71
CA PRO D 785 60.50 18.65 -0.77
C PRO D 785 59.54 17.67 -1.41
N VAL D 786 59.56 16.44 -0.89
CA VAL D 786 58.65 15.37 -1.27
C VAL D 786 57.89 14.93 -0.05
N GLY D 787 56.66 14.49 -0.26
CA GLY D 787 55.85 13.98 0.82
C GLY D 787 56.10 12.52 1.14
N GLY D 788 55.47 12.06 2.23
CA GLY D 788 55.48 10.66 2.56
C GLY D 788 56.80 10.05 2.93
N ILE D 789 57.67 10.80 3.62
CA ILE D 789 59.01 10.31 3.90
C ILE D 789 59.01 9.10 4.80
N LYS D 790 57.99 8.95 5.65
CA LYS D 790 58.02 7.88 6.63
C LYS D 790 57.92 6.50 5.99
N GLU D 791 56.90 6.28 5.16
CA GLU D 791 56.76 4.98 4.52
C GLU D 791 57.89 4.71 3.54
N LYS D 792 58.38 5.75 2.88
CA LYS D 792 59.55 5.55 2.03
C LYS D 792 60.70 5.06 2.86
N THR D 793 60.87 5.61 4.05
CA THR D 793 61.98 5.19 4.90
C THR D 793 61.83 3.74 5.30
N ILE D 794 60.60 3.34 5.65
CA ILE D 794 60.36 1.96 6.05
C ILE D 794 60.76 1.02 4.94
N ALA D 795 60.21 1.25 3.75
CA ALA D 795 60.48 0.35 2.64
C ALA D 795 61.94 0.33 2.28
N ALA D 796 62.62 1.47 2.41
CA ALA D 796 64.04 1.45 2.13
C ALA D 796 64.75 0.58 3.14
N LYS D 797 64.28 0.59 4.39
CA LYS D 797 64.92 -0.25 5.38
C LYS D 797 64.66 -1.72 5.13
N ARG D 798 63.49 -2.07 4.62
CA ARG D 798 63.16 -3.47 4.45
C ARG D 798 63.98 -4.14 3.36
N ALA D 799 64.44 -3.40 2.36
CA ALA D 799 65.13 -3.97 1.22
C ALA D 799 66.64 -3.95 1.37
N GLY D 800 67.15 -3.71 2.58
CA GLY D 800 68.57 -3.74 2.78
C GLY D 800 69.33 -2.50 2.38
N VAL D 801 68.64 -1.37 2.18
CA VAL D 801 69.32 -0.12 1.85
C VAL D 801 70.21 0.26 3.01
N THR D 802 71.40 0.81 2.72
CA THR D 802 72.31 1.22 3.79
C THR D 802 73.00 2.54 3.42
N CYS D 803 72.25 3.44 2.79
CA CYS D 803 72.60 4.84 2.62
C CYS D 803 71.37 5.45 2.01
N ILE D 804 71.26 6.76 2.04
CA ILE D 804 70.05 7.38 1.53
C ILE D 804 70.36 8.84 1.30
N VAL D 805 69.53 9.50 0.50
CA VAL D 805 69.73 10.89 0.17
C VAL D 805 68.39 11.56 0.04
N LEU D 806 68.15 12.60 0.81
CA LEU D 806 66.87 13.30 0.86
C LEU D 806 67.04 14.81 0.74
N PRO D 807 66.01 15.52 0.27
CA PRO D 807 66.10 16.97 0.22
C PRO D 807 66.25 17.52 1.62
N ALA D 808 67.06 18.58 1.76
CA ALA D 808 67.31 19.10 3.10
C ALA D 808 66.05 19.63 3.77
N GLU D 809 65.05 20.03 2.99
CA GLU D 809 63.84 20.58 3.60
C GLU D 809 63.07 19.57 4.40
N ASN D 810 63.29 18.27 4.18
CA ASN D 810 62.57 17.23 4.89
C ASN D 810 63.35 16.72 6.10
N LYS D 811 64.51 17.33 6.43
CA LYS D 811 65.31 16.83 7.54
C LYS D 811 64.56 16.89 8.86
N LYS D 812 63.58 17.77 8.98
CA LYS D 812 62.82 17.81 10.22
C LYS D 812 62.02 16.54 10.38
N ASP D 813 61.23 16.19 9.35
CA ASP D 813 60.31 15.06 9.49
C ASP D 813 61.05 13.75 9.66
N PHE D 814 62.17 13.59 8.98
CA PHE D 814 62.85 12.32 9.02
C PHE D 814 63.37 12.03 10.42
N TYR D 815 63.64 13.07 11.23
CA TYR D 815 64.12 12.86 12.58
C TYR D 815 63.01 12.68 13.58
N ASP D 816 61.75 12.81 13.19
CA ASP D 816 60.70 12.49 14.14
C ASP D 816 60.63 11.00 14.43
N LEU D 817 61.17 10.16 13.56
CA LEU D 817 60.95 8.73 13.67
C LEU D 817 61.59 8.14 14.90
N ALA D 818 60.98 7.07 15.40
CA ALA D 818 61.52 6.35 16.55
C ALA D 818 62.90 5.82 16.22
N ALA D 819 63.79 5.84 17.22
CA ALA D 819 65.20 5.60 16.97
C ALA D 819 65.48 4.24 16.35
N PHE D 820 64.64 3.25 16.64
CA PHE D 820 64.93 1.91 16.15
C PHE D 820 64.83 1.83 14.63
N ILE D 821 63.99 2.65 14.00
CA ILE D 821 63.88 2.64 12.54
C ILE D 821 65.13 3.22 11.91
N THR D 822 65.53 4.38 12.38
CA THR D 822 66.62 5.11 11.75
C THR D 822 67.98 4.45 11.91
N GLU D 823 68.16 3.59 12.91
CA GLU D 823 69.51 3.06 13.18
C GLU D 823 70.04 2.27 12.00
N GLY D 824 71.30 2.52 11.68
CA GLY D 824 72.00 1.86 10.62
C GLY D 824 71.96 2.57 9.28
N LEU D 825 70.99 3.46 9.06
CA LEU D 825 71.02 4.29 7.87
C LEU D 825 72.03 5.39 8.09
N GLU D 826 72.62 5.86 7.00
CA GLU D 826 73.67 6.88 7.04
C GLU D 826 73.25 7.97 6.07
N VAL D 827 72.34 8.83 6.51
CA VAL D 827 71.62 9.74 5.63
C VAL D 827 72.55 10.85 5.16
N HIS D 828 72.22 11.42 3.99
CA HIS D 828 72.96 12.56 3.46
C HIS D 828 71.92 13.52 2.92
N PHE D 829 71.61 14.57 3.67
CA PHE D 829 70.71 15.61 3.17
C PHE D 829 71.42 16.56 2.23
N VAL D 830 70.66 17.12 1.29
CA VAL D 830 71.22 18.01 0.26
C VAL D 830 70.16 18.96 -0.25
N GLU D 831 70.61 20.11 -0.78
CA GLU D 831 69.72 21.09 -1.38
C GLU D 831 69.93 21.27 -2.88
N HIS D 832 71.13 21.65 -3.32
CA HIS D 832 71.43 21.79 -4.73
C HIS D 832 71.84 20.44 -5.27
N TYR D 833 71.51 20.16 -6.52
CA TYR D 833 71.75 18.81 -7.02
C TYR D 833 73.22 18.47 -7.03
N ARG D 834 74.11 19.44 -7.23
CA ARG D 834 75.52 19.13 -7.44
C ARG D 834 76.12 18.38 -6.28
N GLU D 835 75.57 18.56 -5.07
CA GLU D 835 76.03 17.82 -3.91
C GLU D 835 75.96 16.33 -4.17
N ILE D 836 74.82 15.85 -4.71
CA ILE D 836 74.64 14.42 -4.95
C ILE D 836 75.69 13.90 -5.90
N PHE D 837 76.12 14.73 -6.86
CA PHE D 837 77.02 14.22 -7.87
C PHE D 837 78.37 13.85 -7.27
N ASP D 838 78.70 14.36 -6.08
CA ASP D 838 79.88 13.91 -5.39
C ASP D 838 79.56 12.93 -4.28
N ILE D 839 78.34 12.94 -3.75
CA ILE D 839 78.00 11.96 -2.73
C ILE D 839 77.73 10.61 -3.34
N ALA D 840 77.49 10.53 -4.64
CA ALA D 840 77.09 9.30 -5.29
C ALA D 840 78.24 8.64 -6.02
N PHE D 841 78.91 9.34 -6.88
CA PHE D 841 79.82 8.64 -7.76
C PHE D 841 81.12 8.19 -7.10
N PRO D 842 81.95 9.09 -6.53
CA PRO D 842 83.29 8.66 -6.09
C PRO D 842 83.30 7.59 -5.02
N HIS E 17 -75.63 40.19 24.66
CA HIS E 17 -74.88 41.35 24.19
C HIS E 17 -73.54 41.38 24.93
N LEU E 18 -72.77 40.33 24.69
CA LEU E 18 -71.41 40.15 25.18
C LEU E 18 -70.51 39.86 24.00
N PRO E 19 -69.21 40.21 24.07
CA PRO E 19 -68.33 39.85 22.96
C PRO E 19 -68.23 38.35 22.87
N LEU E 20 -68.09 37.84 21.64
CA LEU E 20 -68.00 36.40 21.46
C LEU E 20 -66.77 35.85 22.17
N ILE E 21 -66.95 34.69 22.80
CA ILE E 21 -65.86 34.08 23.53
C ILE E 21 -64.87 33.54 22.50
N ALA E 22 -63.60 33.53 22.87
CA ALA E 22 -62.54 32.96 22.05
C ALA E 22 -62.39 31.49 22.42
N ILE E 23 -63.05 30.61 21.66
CA ILE E 23 -62.92 29.18 21.93
C ILE E 23 -61.46 28.78 21.84
N THR E 24 -60.80 29.19 20.76
CA THR E 24 -59.37 28.97 20.51
C THR E 24 -59.03 27.48 20.58
N ARG E 25 -59.66 26.70 19.70
CA ARG E 25 -59.44 25.27 19.57
C ARG E 25 -59.69 24.55 20.90
N ASN E 26 -60.97 24.53 21.26
CA ASN E 26 -61.44 23.90 22.50
C ASN E 26 -62.87 23.43 22.28
N PRO E 27 -63.06 22.25 21.66
CA PRO E 27 -64.44 21.74 21.51
C PRO E 27 -65.07 21.47 22.87
N VAL E 28 -66.39 21.68 22.95
CA VAL E 28 -67.18 21.43 24.15
C VAL E 28 -68.37 20.58 23.75
N PHE E 29 -68.25 19.25 23.91
CA PHE E 29 -69.34 18.37 23.51
C PHE E 29 -70.55 18.59 24.44
N PRO E 30 -71.79 18.40 23.96
CA PRO E 30 -72.95 18.56 24.86
C PRO E 30 -72.90 17.57 26.01
N ARG E 31 -73.33 18.02 27.20
CA ARG E 31 -73.39 17.20 28.42
C ARG E 31 -72.09 16.46 28.69
N PHE E 32 -71.00 17.22 28.68
CA PHE E 32 -69.67 16.69 28.95
C PHE E 32 -68.89 17.88 29.48
N ILE E 33 -68.45 17.78 30.74
CA ILE E 33 -67.72 18.88 31.37
C ILE E 33 -66.46 19.10 30.55
N LYS E 34 -66.03 20.37 30.47
CA LYS E 34 -64.81 20.69 29.75
C LYS E 34 -64.14 21.90 30.40
N ILE E 35 -62.87 22.07 30.05
CA ILE E 35 -62.06 23.21 30.46
C ILE E 35 -61.69 24.00 29.22
N ILE E 36 -61.49 25.31 29.39
CA ILE E 36 -61.04 26.20 28.32
C ILE E 36 -59.87 27.02 28.88
N GLU E 37 -58.86 27.26 27.99
CA GLU E 37 -57.62 27.96 28.35
C GLU E 37 -57.09 28.78 27.16
N VAL E 38 -57.67 29.97 26.98
CA VAL E 38 -57.16 30.94 26.01
C VAL E 38 -55.89 31.57 26.59
N LYS E 39 -54.90 31.82 25.72
CA LYS E 39 -53.67 32.48 26.21
C LYS E 39 -53.89 33.96 26.49
N ASN E 40 -54.76 34.61 25.72
CA ASN E 40 -55.08 36.01 25.91
C ASN E 40 -55.70 36.25 27.30
N LYS E 41 -55.36 37.41 27.87
CA LYS E 41 -55.89 37.85 29.15
C LYS E 41 -57.13 38.75 29.05
N LYS E 42 -57.57 39.14 27.85
CA LYS E 42 -58.75 40.00 27.77
C LYS E 42 -60.00 39.29 28.28
N LEU E 43 -60.05 37.97 28.11
CA LEU E 43 -61.24 37.26 28.60
C LEU E 43 -61.26 37.23 30.12
N VAL E 44 -60.09 37.28 30.80
CA VAL E 44 -60.17 37.29 32.25
C VAL E 44 -60.85 38.58 32.71
N GLU E 45 -60.64 39.67 31.97
CA GLU E 45 -61.32 40.93 32.27
C GLU E 45 -62.82 40.78 32.08
N LEU E 46 -63.22 40.04 31.04
CA LEU E 46 -64.65 39.80 30.85
C LEU E 46 -65.24 38.90 31.94
N LEU E 47 -64.48 37.92 32.41
CA LEU E 47 -64.93 37.09 33.52
C LEU E 47 -65.05 37.90 34.79
N ARG E 48 -64.12 38.83 35.03
CA ARG E 48 -64.26 39.67 36.21
C ARG E 48 -65.41 40.65 36.05
N ARG E 49 -65.79 41.00 34.81
CA ARG E 49 -66.91 41.92 34.67
C ARG E 49 -68.25 41.21 34.82
N LYS E 50 -68.29 39.88 34.81
CA LYS E 50 -69.54 39.13 35.06
C LYS E 50 -69.62 38.51 36.46
N VAL E 51 -68.59 38.64 37.30
CA VAL E 51 -68.66 38.12 38.68
C VAL E 51 -69.69 38.84 39.53
N ARG E 52 -69.90 40.14 39.30
CA ARG E 52 -70.81 40.93 40.13
C ARG E 52 -72.27 40.52 40.00
N LEU E 53 -72.66 39.92 38.89
CA LEU E 53 -74.06 39.55 38.68
C LEU E 53 -74.47 38.47 39.66
N ALA E 54 -75.75 38.50 40.06
CA ALA E 54 -76.30 37.48 40.95
C ALA E 54 -76.61 36.16 40.23
N GLN E 55 -76.67 36.17 38.90
CA GLN E 55 -76.88 34.97 38.09
C GLN E 55 -75.89 35.00 36.94
N PRO E 56 -74.60 34.76 37.22
CA PRO E 56 -73.63 34.73 36.12
C PRO E 56 -73.91 33.58 35.17
N TYR E 57 -73.58 33.79 33.90
CA TYR E 57 -73.78 32.78 32.88
C TYR E 57 -72.70 32.96 31.83
N VAL E 58 -72.54 31.93 31.00
CA VAL E 58 -71.59 31.94 29.90
C VAL E 58 -72.20 31.18 28.74
N GLY E 59 -71.83 31.57 27.52
CA GLY E 59 -72.22 30.84 26.33
C GLY E 59 -71.10 29.93 25.87
N VAL E 60 -71.45 28.97 25.02
CA VAL E 60 -70.48 28.10 24.39
C VAL E 60 -70.87 27.94 22.93
N PHE E 61 -69.92 28.16 22.03
CA PHE E 61 -70.11 28.01 20.60
C PHE E 61 -69.05 27.04 20.05
N LEU E 62 -69.03 26.92 18.72
CA LEU E 62 -68.04 26.18 17.96
C LEU E 62 -67.54 27.08 16.84
N LYS E 63 -66.33 26.81 16.36
CA LYS E 63 -65.72 27.57 15.26
C LYS E 63 -65.99 26.95 13.90
N ARG E 64 -66.10 27.82 12.87
CA ARG E 64 -66.37 27.38 11.52
C ARG E 64 -65.06 27.01 10.82
N ASP E 65 -65.18 26.71 9.52
CA ASP E 65 -64.05 26.26 8.73
C ASP E 65 -63.03 27.39 8.62
N ASP E 66 -61.75 27.01 8.49
CA ASP E 66 -60.65 27.96 8.31
C ASP E 66 -60.54 28.90 9.52
N SER E 67 -60.03 28.33 10.61
CA SER E 67 -59.89 29.10 11.84
C SER E 67 -58.91 30.25 11.64
N ASN E 68 -59.24 31.41 12.20
CA ASN E 68 -58.40 32.60 12.08
C ASN E 68 -58.68 33.46 13.30
N GLU E 69 -57.68 33.65 14.15
CA GLU E 69 -57.87 34.49 15.33
C GLU E 69 -58.15 35.92 14.94
N SER E 70 -57.58 36.39 13.82
CA SER E 70 -57.78 37.77 13.42
C SER E 70 -59.19 38.02 12.89
N ASP E 71 -59.87 36.98 12.39
CA ASP E 71 -61.26 37.13 11.95
C ASP E 71 -62.26 36.94 13.08
N VAL E 72 -61.91 36.18 14.13
CA VAL E 72 -62.86 35.96 15.22
C VAL E 72 -63.14 37.26 15.96
N VAL E 73 -62.13 38.14 16.06
CA VAL E 73 -62.31 39.46 16.66
C VAL E 73 -62.78 40.53 15.68
N GLU E 74 -62.62 40.31 14.36
CA GLU E 74 -63.05 41.28 13.35
C GLU E 74 -64.52 41.10 13.00
N SER E 75 -64.85 39.97 12.39
CA SER E 75 -66.21 39.64 11.99
C SER E 75 -66.77 38.62 12.97
N LEU E 76 -68.08 38.71 13.17
CA LEU E 76 -68.79 37.86 14.12
C LEU E 76 -69.49 36.68 13.47
N ASP E 77 -69.36 36.49 12.16
CA ASP E 77 -69.97 35.36 11.47
C ASP E 77 -69.13 34.10 11.51
N GLU E 78 -67.85 34.19 11.92
CA GLU E 78 -67.01 32.99 11.95
C GLU E 78 -67.51 31.99 12.98
N ILE E 79 -68.02 32.49 14.11
CA ILE E 79 -68.61 31.63 15.12
C ILE E 79 -69.97 31.17 14.61
N TYR E 80 -70.34 29.93 14.91
CA TYR E 80 -71.65 29.46 14.44
C TYR E 80 -72.76 30.16 15.21
N HIS E 81 -73.92 30.24 14.57
CA HIS E 81 -75.09 30.80 15.23
C HIS E 81 -75.52 29.94 16.41
N THR E 82 -75.29 28.62 16.35
CA THR E 82 -75.66 27.73 17.44
C THR E 82 -74.89 28.11 18.70
N GLY E 83 -75.55 28.02 19.83
CA GLY E 83 -74.95 28.33 21.11
C GLY E 83 -75.48 27.39 22.17
N THR E 84 -74.67 27.21 23.21
CA THR E 84 -74.98 26.29 24.31
C THR E 84 -74.74 27.05 25.62
N PHE E 85 -75.70 27.89 26.00
CA PHE E 85 -75.62 28.62 27.25
C PHE E 85 -75.59 27.69 28.46
N ALA E 86 -74.84 28.12 29.48
CA ALA E 86 -74.67 27.35 30.70
C ALA E 86 -74.12 28.27 31.78
N GLN E 87 -74.36 27.89 33.03
CA GLN E 87 -73.86 28.65 34.17
C GLN E 87 -72.41 28.30 34.46
N ILE E 88 -71.66 29.31 34.93
CA ILE E 88 -70.26 29.11 35.29
C ILE E 88 -70.23 28.35 36.61
N HIS E 89 -69.17 27.56 36.82
CA HIS E 89 -69.04 26.73 38.01
C HIS E 89 -68.06 27.34 39.02
N GLU E 90 -66.77 27.33 38.71
CA GLU E 90 -65.76 27.87 39.62
C GLU E 90 -64.43 28.02 38.87
N MET E 91 -63.70 29.09 39.19
CA MET E 91 -62.38 29.32 38.60
C MET E 91 -61.31 28.58 39.39
N GLN E 92 -60.20 28.24 38.70
CA GLN E 92 -59.08 27.52 39.30
C GLN E 92 -57.77 28.28 39.10
N ASP E 93 -57.28 28.43 37.87
CA ASP E 93 -56.05 29.15 37.53
C ASP E 93 -54.86 28.65 38.34
N LEU E 94 -54.54 27.37 38.18
CA LEU E 94 -53.43 26.80 38.94
C LEU E 94 -52.09 27.29 38.38
N GLY E 95 -51.89 27.13 37.07
CA GLY E 95 -50.68 27.57 36.39
C GLY E 95 -50.93 28.74 35.45
N ASP E 96 -52.06 28.69 34.73
CA ASP E 96 -52.46 29.74 33.82
C ASP E 96 -53.53 30.62 34.45
N LYS E 97 -53.72 31.81 33.87
CA LYS E 97 -54.65 32.80 34.42
C LYS E 97 -56.06 32.71 33.84
N LEU E 98 -56.40 31.67 33.07
CA LEU E 98 -57.75 31.57 32.51
C LEU E 98 -58.11 30.10 32.28
N ARG E 99 -58.45 29.40 33.35
CA ARG E 99 -58.76 27.96 33.29
C ARG E 99 -60.24 27.80 33.59
N MET E 100 -61.08 28.42 32.76
CA MET E 100 -62.52 28.34 33.03
C MET E 100 -63.08 26.97 32.70
N ILE E 101 -64.15 26.60 33.42
CA ILE E 101 -64.90 25.39 33.18
C ILE E 101 -66.12 25.76 32.35
N VAL E 102 -66.54 24.83 31.50
CA VAL E 102 -67.70 24.97 30.63
C VAL E 102 -68.50 23.68 30.71
N MET E 103 -69.77 23.80 30.37
CA MET E 103 -70.75 22.74 30.50
C MET E 103 -71.86 22.99 29.50
N GLY E 104 -72.45 21.90 29.02
CA GLY E 104 -73.55 21.96 28.08
C GLY E 104 -74.86 21.83 28.81
N HIS E 105 -75.68 22.90 28.88
CA HIS E 105 -76.98 22.82 29.52
C HIS E 105 -78.13 23.23 28.61
N ARG E 106 -78.13 24.46 28.09
CA ARG E 106 -79.24 25.01 27.28
C ARG E 106 -78.76 25.25 25.87
N ARG E 107 -79.22 24.45 24.92
CA ARG E 107 -78.94 24.70 23.51
C ARG E 107 -79.84 25.80 22.96
N VAL E 108 -79.32 26.50 21.94
CA VAL E 108 -80.02 27.58 21.25
C VAL E 108 -79.45 27.69 19.85
N HIS E 109 -80.20 28.34 18.96
CA HIS E 109 -79.81 28.61 17.58
C HIS E 109 -80.28 30.05 17.30
N ILE E 110 -79.39 31.01 17.55
CA ILE E 110 -79.76 32.41 17.34
C ILE E 110 -80.09 32.64 15.89
N SER E 111 -81.19 33.35 15.62
CA SER E 111 -81.58 33.57 14.23
C SER E 111 -80.55 34.39 13.49
N ARG E 112 -79.94 35.37 14.17
CA ARG E 112 -78.87 36.16 13.56
C ARG E 112 -78.06 36.78 14.69
N GLN E 113 -76.85 36.27 14.92
CA GLN E 113 -75.95 36.88 15.91
C GLN E 113 -75.51 38.28 15.49
N LEU E 114 -75.49 38.59 14.19
CA LEU E 114 -75.05 39.90 13.72
C LEU E 114 -75.93 41.03 14.25
N GLU E 115 -77.23 40.78 14.43
CA GLU E 115 -78.12 41.82 14.96
C GLU E 115 -77.93 41.93 16.47
N MET E 166 -79.17 40.37 21.63
CA MET E 166 -79.56 39.54 20.49
C MET E 166 -80.74 38.63 20.84
N VAL E 167 -81.69 38.56 19.90
CA VAL E 167 -82.88 37.72 20.07
C VAL E 167 -82.45 36.26 20.17
N GLU E 168 -83.18 35.50 20.99
CA GLU E 168 -82.92 34.07 21.10
C GLU E 168 -84.21 33.35 21.47
N VAL E 169 -84.19 32.02 21.29
CA VAL E 169 -85.33 31.17 21.63
C VAL E 169 -84.82 29.77 21.92
N GLU E 170 -85.48 29.12 22.88
CA GLU E 170 -85.11 27.79 23.36
C GLU E 170 -85.61 26.74 22.35
N ASN E 171 -84.99 26.76 21.17
CA ASN E 171 -85.29 25.78 20.12
C ASN E 171 -84.59 24.44 20.41
N VAL E 172 -85.06 23.79 21.47
CA VAL E 172 -84.64 22.46 21.88
C VAL E 172 -85.65 21.51 21.27
N VAL E 173 -85.61 21.30 19.95
CA VAL E 173 -86.56 20.40 19.33
C VAL E 173 -86.34 18.98 19.84
N HIS E 174 -87.43 18.27 20.11
CA HIS E 174 -87.35 16.91 20.63
C HIS E 174 -88.63 16.12 20.30
N GLU E 175 -89.12 16.19 19.07
CA GLU E 175 -90.34 15.44 18.77
C GLU E 175 -90.07 13.94 18.85
N ASP E 176 -91.08 13.19 19.31
CA ASP E 176 -90.98 11.75 19.48
C ASP E 176 -92.38 11.17 19.44
N PHE E 177 -92.48 9.94 18.94
CA PHE E 177 -93.77 9.29 18.79
C PHE E 177 -94.33 8.86 20.15
N GLN E 178 -95.66 8.78 20.23
CA GLN E 178 -96.30 8.43 21.50
C GLN E 178 -95.97 7.00 21.93
N VAL E 179 -95.79 6.11 20.96
CA VAL E 179 -95.51 4.69 21.21
C VAL E 179 -94.00 4.52 21.34
N THR E 180 -93.53 4.29 22.56
CA THR E 180 -92.10 4.19 22.89
C THR E 180 -91.67 2.78 23.32
N GLU E 181 -91.78 1.80 22.41
CA GLU E 181 -91.43 0.41 22.70
C GLU E 181 -90.26 -0.04 21.83
N GLU E 182 -90.42 -0.20 20.51
CA GLU E 182 -89.27 -0.59 19.70
C GLU E 182 -88.29 0.55 19.48
N VAL E 183 -88.65 1.79 19.83
CA VAL E 183 -87.72 2.89 19.63
C VAL E 183 -86.53 2.82 20.57
N LYS E 184 -86.63 2.08 21.69
CA LYS E 184 -85.45 1.86 22.53
C LYS E 184 -84.64 0.65 22.09
N ALA E 185 -85.11 -0.14 21.12
CA ALA E 185 -84.31 -1.28 20.67
C ALA E 185 -83.00 -0.79 20.06
N LEU E 186 -83.04 0.33 19.35
CA LEU E 186 -81.83 0.85 18.74
C LEU E 186 -80.86 1.32 19.83
N THR E 187 -81.39 1.73 20.99
CA THR E 187 -80.56 2.15 22.11
C THR E 187 -79.67 1.00 22.56
N ALA E 188 -80.19 -0.22 22.46
CA ALA E 188 -79.43 -1.39 22.88
C ALA E 188 -78.20 -1.56 22.00
N GLU E 189 -78.32 -1.23 20.71
CA GLU E 189 -77.15 -1.33 19.87
C GLU E 189 -76.17 -0.19 20.13
N ILE E 190 -76.70 1.01 20.41
CA ILE E 190 -75.82 2.17 20.63
C ILE E 190 -75.01 2.00 21.91
N VAL E 191 -75.63 1.51 22.97
CA VAL E 191 -74.85 1.25 24.17
C VAL E 191 -73.88 0.08 23.94
N LYS E 192 -74.33 -0.96 23.22
CA LYS E 192 -73.46 -2.12 22.98
C LYS E 192 -72.22 -1.78 22.16
N THR E 193 -72.40 -1.03 21.07
CA THR E 193 -71.25 -0.57 20.31
C THR E 193 -70.37 0.32 21.17
N ILE E 194 -70.97 1.20 21.97
CA ILE E 194 -70.17 2.07 22.85
C ILE E 194 -69.38 1.23 23.86
N ARG E 195 -69.99 0.14 24.35
CA ARG E 195 -69.26 -0.76 25.25
C ARG E 195 -68.07 -1.38 24.54
N ASP E 196 -68.25 -1.71 23.27
CA ASP E 196 -67.17 -2.33 22.53
C ASP E 196 -66.14 -1.32 22.09
N ILE E 197 -66.52 -0.05 21.99
CA ILE E 197 -65.50 0.95 21.68
C ILE E 197 -64.71 1.23 22.94
N ILE E 198 -65.35 1.22 24.11
CA ILE E 198 -64.51 1.42 25.29
C ILE E 198 -63.77 0.13 25.64
N ALA E 199 -64.23 -1.04 25.16
CA ALA E 199 -63.50 -2.27 25.45
C ALA E 199 -62.38 -2.55 24.44
N LEU E 200 -62.66 -2.38 23.14
CA LEU E 200 -61.66 -2.51 22.09
C LEU E 200 -60.79 -1.28 21.87
N ASN E 201 -61.25 -0.10 22.31
CA ASN E 201 -60.52 1.16 22.13
C ASN E 201 -60.61 1.91 23.44
N PRO E 202 -59.87 1.46 24.49
CA PRO E 202 -60.04 2.10 25.80
C PRO E 202 -59.52 3.54 25.87
N LEU E 203 -60.48 4.47 26.00
CA LEU E 203 -60.22 5.89 26.12
C LEU E 203 -60.45 6.38 27.55
N TYR E 204 -61.69 6.33 28.04
CA TYR E 204 -62.06 6.78 29.36
C TYR E 204 -62.30 5.61 30.32
N ARG E 205 -62.33 5.93 31.61
CA ARG E 205 -62.60 4.93 32.64
C ARG E 205 -63.99 4.36 32.43
N GLU E 206 -64.18 3.09 32.80
CA GLU E 206 -65.48 2.46 32.66
C GLU E 206 -66.46 2.76 33.80
N SER E 207 -66.00 3.37 34.91
CA SER E 207 -66.88 3.57 36.06
C SER E 207 -68.06 4.50 35.76
N VAL E 208 -67.86 5.49 34.89
CA VAL E 208 -68.98 6.37 34.53
C VAL E 208 -70.04 5.61 33.75
N LEU E 209 -69.63 4.58 33.00
CA LEU E 209 -70.59 3.68 32.36
C LEU E 209 -71.29 2.80 33.38
N GLN E 210 -70.60 2.40 34.45
CA GLN E 210 -71.25 1.65 35.51
C GLN E 210 -72.33 2.48 36.20
N MET E 211 -72.10 3.79 36.33
CA MET E 211 -73.03 4.63 37.09
C MET E 211 -74.40 4.68 36.44
N MET E 212 -74.44 4.82 35.12
CA MET E 212 -75.67 4.90 34.32
C MET E 212 -75.86 3.57 33.62
N GLN E 213 -76.91 2.82 34.00
CA GLN E 213 -77.27 1.55 33.36
C GLN E 213 -78.70 1.64 32.86
N ALA E 214 -78.94 1.06 31.67
CA ALA E 214 -80.22 1.19 30.99
C ALA E 214 -81.39 0.55 31.75
N GLY E 215 -81.13 -0.42 32.61
CA GLY E 215 -82.16 -1.06 33.40
C GLY E 215 -82.54 -0.36 34.68
N GLN E 216 -81.91 0.78 34.99
CA GLN E 216 -82.34 1.61 36.11
C GLN E 216 -83.47 2.56 35.74
N ARG E 217 -83.67 2.87 34.45
CA ARG E 217 -84.69 3.80 33.97
C ARG E 217 -84.52 5.23 34.57
N VAL E 218 -83.34 5.55 35.12
CA VAL E 218 -83.07 6.91 35.59
C VAL E 218 -82.64 7.85 34.48
N VAL E 219 -82.56 7.37 33.24
CA VAL E 219 -82.13 8.20 32.10
C VAL E 219 -83.41 8.88 31.61
N ASP E 220 -83.81 9.93 32.32
CA ASP E 220 -84.95 10.73 31.93
C ASP E 220 -84.72 11.47 30.62
N ASN E 221 -83.47 11.64 30.19
CA ASN E 221 -83.13 12.37 28.98
C ASN E 221 -82.26 11.48 28.09
N PRO E 222 -82.87 10.58 27.30
CA PRO E 222 -82.07 9.73 26.38
C PRO E 222 -81.28 10.53 25.38
N ILE E 223 -81.79 11.68 24.95
CA ILE E 223 -81.12 12.48 23.93
C ILE E 223 -79.78 12.98 24.47
N TYR E 224 -79.72 13.27 25.75
CA TYR E 224 -78.45 13.58 26.39
C TYR E 224 -77.58 12.34 26.43
N LEU E 225 -78.16 11.14 26.57
CA LEU E 225 -77.34 9.92 26.54
C LEU E 225 -76.74 9.74 25.15
N SER E 226 -77.50 9.98 24.09
CA SER E 226 -76.94 9.92 22.74
C SER E 226 -75.91 11.00 22.50
N ASP E 227 -76.06 12.17 23.13
CA ASP E 227 -75.02 13.19 23.01
C ASP E 227 -73.77 12.78 23.79
N MET E 228 -73.95 12.22 24.98
CA MET E 228 -72.81 11.75 25.77
C MET E 228 -72.08 10.62 25.05
N GLY E 229 -72.81 9.77 24.35
CA GLY E 229 -72.18 8.70 23.61
C GLY E 229 -71.51 9.20 22.35
N ALA E 230 -72.07 10.26 21.74
CA ALA E 230 -71.41 10.91 20.63
C ALA E 230 -70.17 11.68 21.06
N ALA E 231 -70.09 12.07 22.35
CA ALA E 231 -68.89 12.78 22.81
C ALA E 231 -67.65 11.92 22.71
N LEU E 232 -67.80 10.60 22.89
CA LEU E 232 -66.66 9.70 22.75
C LEU E 232 -66.10 9.69 21.33
N THR E 233 -66.94 10.04 20.35
CA THR E 233 -66.55 10.01 18.95
C THR E 233 -65.41 10.96 18.65
N GLY E 234 -64.49 10.49 17.81
CA GLY E 234 -63.30 11.17 17.33
C GLY E 234 -63.53 11.99 16.07
N ALA E 235 -64.79 12.20 15.69
CA ALA E 235 -65.15 12.90 14.46
C ALA E 235 -64.73 14.36 14.48
N GLU E 236 -64.48 14.87 13.27
CA GLU E 236 -64.06 16.24 13.05
C GLU E 236 -65.13 17.20 13.56
N SER E 237 -64.70 18.40 13.99
CA SER E 237 -65.65 19.35 14.57
C SER E 237 -66.78 19.69 13.60
N HIS E 238 -66.46 19.76 12.30
CA HIS E 238 -67.49 20.04 11.31
C HIS E 238 -68.51 18.91 11.29
N GLU E 239 -68.06 17.67 11.50
CA GLU E 239 -68.98 16.55 11.56
C GLU E 239 -69.89 16.67 12.78
N LEU E 240 -69.38 17.22 13.89
CA LEU E 240 -70.24 17.43 15.04
C LEU E 240 -71.30 18.47 14.70
N GLN E 241 -70.92 19.48 13.92
CA GLN E 241 -71.91 20.45 13.48
C GLN E 241 -72.90 19.78 12.54
N ASP E 242 -72.46 18.80 11.76
CA ASP E 242 -73.37 18.08 10.88
C ASP E 242 -74.38 17.28 11.70
N VAL E 243 -73.94 16.67 12.81
CA VAL E 243 -74.88 15.93 13.63
C VAL E 243 -75.87 16.89 14.25
N LEU E 244 -75.41 18.11 14.59
CA LEU E 244 -76.33 19.10 15.13
C LEU E 244 -77.31 19.59 14.07
N GLU E 245 -76.93 19.56 12.78
CA GLU E 245 -77.86 19.95 11.73
C GLU E 245 -79.08 19.04 11.65
N GLU E 246 -78.96 17.77 12.03
CA GLU E 246 -80.11 16.88 11.97
C GLU E 246 -81.19 17.33 12.96
N THR E 247 -82.43 17.34 12.48
CA THR E 247 -83.61 17.71 13.26
C THR E 247 -84.48 16.53 13.65
N ASN E 248 -84.66 15.55 12.75
CA ASN E 248 -85.42 14.37 13.10
C ASN E 248 -84.62 13.51 14.08
N ILE E 249 -85.30 12.98 15.10
CA ILE E 249 -84.62 12.16 16.12
C ILE E 249 -83.98 10.91 15.53
N PRO E 250 -84.70 10.07 14.75
CA PRO E 250 -84.00 8.91 14.15
C PRO E 250 -82.84 9.32 13.25
N LYS E 251 -82.94 10.46 12.57
CA LYS E 251 -81.86 10.90 11.68
C LYS E 251 -80.62 11.31 12.46
N ARG E 252 -80.76 12.08 13.55
CA ARG E 252 -79.57 12.42 14.35
C ARG E 252 -78.99 11.15 14.96
N LEU E 253 -79.85 10.25 15.45
CA LEU E 253 -79.35 8.97 15.96
C LEU E 253 -78.59 8.23 14.86
N TYR E 254 -79.13 8.27 13.64
CA TYR E 254 -78.50 7.63 12.48
C TYR E 254 -77.17 8.27 12.12
N LYS E 255 -77.00 9.58 12.36
CA LYS E 255 -75.71 10.16 12.04
C LYS E 255 -74.72 9.86 13.14
N ALA E 256 -75.17 9.89 14.40
CA ALA E 256 -74.24 9.56 15.48
C ALA E 256 -73.79 8.11 15.36
N LEU E 257 -74.71 7.23 14.94
CA LEU E 257 -74.36 5.83 14.67
C LEU E 257 -73.42 5.70 13.48
N SER E 258 -73.65 6.48 12.41
CA SER E 258 -72.75 6.42 11.27
C SER E 258 -71.37 6.94 11.64
N LEU E 259 -71.32 7.95 12.50
CA LEU E 259 -70.05 8.42 13.03
C LEU E 259 -69.40 7.36 13.91
N LEU E 260 -70.20 6.58 14.65
CA LEU E 260 -69.62 5.54 15.50
C LEU E 260 -68.98 4.48 14.64
N LYS E 261 -69.68 4.07 13.58
CA LYS E 261 -69.10 3.08 12.68
C LYS E 261 -67.87 3.67 12.00
N LYS E 262 -67.90 4.97 11.68
CA LYS E 262 -66.76 5.59 11.00
C LYS E 262 -65.52 5.60 11.89
N GLU E 263 -65.69 5.83 13.20
CA GLU E 263 -64.57 5.67 14.13
C GLU E 263 -64.19 4.21 14.29
N PHE E 264 -65.19 3.32 14.24
CA PHE E 264 -64.94 1.90 14.46
C PHE E 264 -64.06 1.33 13.35
N GLU E 265 -64.23 1.83 12.12
CA GLU E 265 -63.45 1.29 11.00
C GLU E 265 -61.98 1.67 11.15
N LEU E 266 -61.73 2.96 11.40
CA LEU E 266 -60.37 3.44 11.57
C LEU E 266 -59.68 2.74 12.74
N SER E 267 -60.40 2.61 13.86
CA SER E 267 -59.82 1.99 15.04
C SER E 267 -59.43 0.55 14.76
N LYS E 268 -60.39 -0.26 14.31
CA LYS E 268 -60.12 -1.67 14.08
C LYS E 268 -59.02 -1.85 13.04
N LEU E 269 -58.93 -0.92 12.08
CA LEU E 269 -57.80 -0.94 11.16
C LEU E 269 -56.48 -0.70 11.91
N GLN E 270 -56.49 0.16 12.93
CA GLN E 270 -55.26 0.41 13.65
C GLN E 270 -54.84 -0.81 14.45
N GLN E 271 -55.82 -1.45 15.10
CA GLN E 271 -55.51 -2.62 15.92
C GLN E 271 -55.01 -3.75 15.03
N ARG E 272 -55.68 -4.03 13.91
CA ARG E 272 -55.23 -5.09 13.02
C ARG E 272 -53.83 -4.79 12.49
N LEU E 273 -53.53 -3.51 12.24
CA LEU E 273 -52.19 -3.19 11.76
C LEU E 273 -51.16 -3.45 12.84
N GLY E 274 -51.52 -3.19 14.10
CA GLY E 274 -50.54 -3.40 15.16
C GLY E 274 -50.30 -4.87 15.42
N ARG E 275 -51.38 -5.67 15.47
CA ARG E 275 -51.20 -7.11 15.67
C ARG E 275 -50.51 -7.75 14.47
N GLU E 276 -50.74 -7.21 13.27
CA GLU E 276 -50.10 -7.75 12.07
C GLU E 276 -48.60 -7.42 12.07
N VAL E 277 -48.23 -6.17 12.38
CA VAL E 277 -46.83 -5.82 12.42
C VAL E 277 -46.12 -6.59 13.52
N GLU E 278 -46.77 -6.75 14.68
CA GLU E 278 -46.11 -7.45 15.78
C GLU E 278 -45.86 -8.90 15.40
N GLU E 279 -46.88 -9.56 14.83
CA GLU E 279 -46.69 -10.94 14.40
C GLU E 279 -45.60 -11.04 13.34
N LYS E 280 -45.50 -10.04 12.46
CA LYS E 280 -44.42 -10.03 11.48
C LYS E 280 -43.06 -10.01 12.17
N ILE E 281 -42.97 -9.31 13.29
CA ILE E 281 -41.72 -9.27 14.05
C ILE E 281 -41.44 -10.62 14.70
N LYS E 282 -42.46 -11.23 15.29
CA LYS E 282 -42.28 -12.58 15.84
C LYS E 282 -41.88 -13.58 14.76
N GLN E 283 -42.51 -13.48 13.59
CA GLN E 283 -42.09 -14.29 12.44
C GLN E 283 -40.66 -14.00 12.06
N THR E 284 -40.23 -12.76 12.21
CA THR E 284 -38.85 -12.42 11.89
C THR E 284 -37.95 -13.22 12.83
N HIS E 285 -38.03 -12.90 14.12
CA HIS E 285 -37.06 -13.41 15.07
C HIS E 285 -37.12 -14.93 15.27
N ARG E 286 -38.31 -15.55 15.21
CA ARG E 286 -38.46 -16.93 15.66
C ARG E 286 -37.59 -17.90 14.84
N LYS E 287 -37.62 -17.77 13.51
CA LYS E 287 -36.78 -18.63 12.71
C LYS E 287 -35.30 -18.35 12.95
N TYR E 288 -34.95 -17.12 13.33
CA TYR E 288 -33.59 -16.93 13.82
C TYR E 288 -33.35 -17.76 15.07
N LEU E 289 -34.37 -17.92 15.92
CA LEU E 289 -34.18 -18.78 17.10
C LEU E 289 -33.88 -20.22 16.69
N LEU E 290 -34.53 -20.68 15.63
CA LEU E 290 -34.21 -22.02 15.14
C LEU E 290 -32.79 -22.11 14.59
N GLN E 291 -32.40 -21.17 13.72
CA GLN E 291 -30.99 -21.10 13.29
C GLN E 291 -30.03 -20.95 14.46
N GLU E 292 -30.47 -20.26 15.51
CA GLU E 292 -29.66 -20.11 16.70
C GLU E 292 -29.45 -21.46 17.37
N GLN E 293 -30.44 -22.34 17.30
CA GLN E 293 -30.19 -23.70 17.76
C GLN E 293 -29.26 -24.46 16.81
N LEU E 294 -29.32 -24.15 15.51
CA LEU E 294 -28.55 -24.92 14.54
C LEU E 294 -27.06 -24.66 14.65
N LYS E 295 -26.68 -23.38 14.76
CA LYS E 295 -25.27 -23.04 14.79
C LYS E 295 -24.64 -23.59 16.06
N ILE E 296 -25.38 -23.53 17.16
CA ILE E 296 -24.86 -23.96 18.45
C ILE E 296 -24.68 -25.47 18.44
N ILE E 297 -25.69 -26.19 17.94
CA ILE E 297 -25.64 -27.64 17.96
C ILE E 297 -24.46 -28.12 17.15
N LYS E 298 -24.13 -27.41 16.06
CA LYS E 298 -22.96 -27.85 15.30
C LYS E 298 -21.69 -27.42 15.99
N LYS E 299 -21.74 -26.27 16.69
CA LYS E 299 -20.57 -25.75 17.40
C LYS E 299 -20.03 -26.77 18.39
N GLU E 300 -20.89 -27.40 19.19
CA GLU E 300 -20.43 -28.35 20.21
C GLU E 300 -20.46 -29.82 19.79
N LEU E 301 -20.89 -30.15 18.57
CA LEU E 301 -20.92 -31.54 18.13
C LEU E 301 -19.68 -31.89 17.33
N GLY E 302 -18.72 -30.96 17.26
CA GLY E 302 -17.48 -31.17 16.53
C GLY E 302 -17.47 -30.28 15.30
N LEU E 303 -17.56 -28.97 15.50
CA LEU E 303 -17.61 -28.04 14.39
C LEU E 303 -16.24 -27.79 13.80
N GLU E 304 -16.11 -28.05 12.51
CA GLU E 304 -14.89 -27.81 11.77
C GLU E 304 -14.96 -26.50 11.02
N LYS E 305 -15.99 -25.70 11.31
CA LYS E 305 -16.20 -24.41 10.66
C LYS E 305 -15.25 -23.34 11.20
N ASP E 306 -14.71 -23.53 12.41
CA ASP E 306 -13.76 -22.58 13.00
C ASP E 306 -12.60 -22.37 12.05
N ASP E 307 -12.40 -21.11 11.63
CA ASP E 307 -11.34 -20.74 10.72
C ASP E 307 -10.54 -19.58 11.31
N LYS E 308 -10.48 -19.50 12.65
CA LYS E 308 -9.74 -18.45 13.34
C LYS E 308 -8.84 -19.09 14.39
N ASP E 309 -9.46 -19.67 15.42
CA ASP E 309 -8.67 -20.30 16.47
C ASP E 309 -8.00 -21.57 15.96
N ALA E 310 -8.52 -22.17 14.89
CA ALA E 310 -7.83 -23.28 14.25
C ALA E 310 -6.48 -22.83 13.71
N ILE E 311 -6.43 -21.65 13.12
CA ILE E 311 -5.16 -21.13 12.63
C ILE E 311 -4.23 -20.86 13.80
N GLU E 312 -4.79 -20.36 14.91
CA GLU E 312 -3.97 -20.04 16.08
C GLU E 312 -3.34 -21.29 16.65
N GLU E 313 -4.15 -22.33 16.86
CA GLU E 313 -3.61 -23.54 17.42
C GLU E 313 -2.62 -24.20 16.48
N LYS E 314 -2.86 -24.15 15.16
CA LYS E 314 -1.93 -24.79 14.23
C LYS E 314 -0.56 -24.15 14.29
N PHE E 315 -0.51 -22.82 14.17
CA PHE E 315 0.80 -22.18 14.18
C PHE E 315 1.45 -22.26 15.55
N ARG E 316 0.67 -22.16 16.64
CA ARG E 316 1.26 -22.28 17.97
C ARG E 316 1.83 -23.67 18.21
N GLU E 317 1.21 -24.68 17.64
CA GLU E 317 1.74 -26.03 17.79
C GLU E 317 2.99 -26.22 16.97
N ARG E 318 3.03 -25.64 15.77
CA ARG E 318 4.20 -25.82 14.92
C ARG E 318 5.46 -25.22 15.53
N LEU E 319 5.33 -24.20 16.37
CA LEU E 319 6.50 -23.52 16.90
C LEU E 319 7.10 -24.19 18.13
N LYS E 320 6.42 -25.16 18.76
CA LYS E 320 6.84 -25.63 20.09
C LYS E 320 8.22 -26.26 20.08
N GLU E 321 8.51 -27.04 19.03
CA GLU E 321 9.70 -27.89 19.04
C GLU E 321 10.99 -27.06 19.03
N LEU E 322 10.96 -25.91 18.37
CA LEU E 322 12.17 -25.12 18.20
C LEU E 322 12.54 -24.43 19.50
N VAL E 323 13.83 -24.15 19.66
CA VAL E 323 14.34 -23.35 20.77
C VAL E 323 14.27 -21.90 20.27
N VAL E 324 13.10 -21.32 20.44
CA VAL E 324 12.83 -19.99 19.87
C VAL E 324 13.58 -18.92 20.67
N PRO E 325 14.30 -17.99 20.03
CA PRO E 325 14.78 -16.82 20.78
C PRO E 325 13.64 -16.00 21.30
N LYS E 326 13.81 -15.42 22.50
CA LYS E 326 12.73 -14.64 23.08
C LYS E 326 12.38 -13.44 22.23
N HIS E 327 13.37 -12.89 21.51
CA HIS E 327 13.16 -11.73 20.66
C HIS E 327 12.10 -12.01 19.62
N VAL E 328 12.27 -13.08 18.86
CA VAL E 328 11.25 -13.45 17.90
C VAL E 328 10.01 -13.94 18.58
N MET E 329 10.13 -14.53 19.77
CA MET E 329 8.95 -15.06 20.45
C MET E 329 7.96 -13.94 20.73
N ASP E 330 8.47 -12.77 21.08
CA ASP E 330 7.58 -11.65 21.34
C ASP E 330 6.86 -11.22 20.06
N VAL E 331 7.59 -11.15 18.95
CA VAL E 331 6.97 -10.71 17.71
C VAL E 331 5.91 -11.70 17.24
N VAL E 332 6.21 -12.99 17.32
CA VAL E 332 5.23 -13.97 16.85
C VAL E 332 4.01 -13.96 17.75
N ASP E 333 4.22 -13.77 19.05
CA ASP E 333 3.08 -13.72 19.95
C ASP E 333 2.21 -12.50 19.67
N GLU E 334 2.81 -11.36 19.35
CA GLU E 334 2.01 -10.17 19.08
C GLU E 334 1.20 -10.34 17.81
N GLU E 335 1.86 -10.80 16.75
CA GLU E 335 1.12 -10.97 15.51
C GLU E 335 0.11 -12.10 15.60
N LEU E 336 0.31 -13.09 16.49
CA LEU E 336 -0.76 -14.04 16.75
C LEU E 336 -1.95 -13.34 17.39
N SER E 337 -1.69 -12.45 18.36
CA SER E 337 -2.79 -11.73 18.99
C SER E 337 -3.51 -10.86 17.99
N LYS E 338 -2.78 -10.31 17.02
CA LYS E 338 -3.42 -9.47 16.02
C LYS E 338 -4.18 -10.32 15.00
N LEU E 339 -3.63 -11.47 14.61
CA LEU E 339 -4.33 -12.34 13.69
C LEU E 339 -5.59 -12.91 14.31
N GLY E 340 -5.60 -13.13 15.62
CA GLY E 340 -6.73 -13.82 16.23
C GLY E 340 -7.97 -12.98 16.41
N LEU E 341 -7.88 -11.66 16.27
CA LEU E 341 -9.01 -10.76 16.38
C LEU E 341 -9.56 -10.29 15.04
N LEU E 342 -8.80 -10.43 13.95
CA LEU E 342 -9.16 -9.83 12.67
C LEU E 342 -10.24 -10.63 11.95
N ASP E 343 -10.96 -9.92 11.08
CA ASP E 343 -11.94 -10.57 10.21
C ASP E 343 -11.24 -11.55 9.28
N ASN E 344 -11.92 -12.68 9.03
CA ASN E 344 -11.30 -13.80 8.34
C ASN E 344 -10.94 -13.48 6.88
N HIS E 345 -11.68 -12.58 6.24
CA HIS E 345 -11.57 -12.38 4.79
C HIS E 345 -10.92 -11.06 4.38
N SER E 346 -10.54 -10.20 5.32
CA SER E 346 -9.82 -9.00 4.97
C SER E 346 -8.42 -9.34 4.49
N SER E 347 -7.88 -8.47 3.64
CA SER E 347 -6.52 -8.65 3.11
C SER E 347 -5.49 -8.68 4.23
N GLU E 348 -5.77 -7.98 5.32
CA GLU E 348 -4.87 -7.99 6.46
C GLU E 348 -4.77 -9.40 7.04
N PHE E 349 -5.89 -10.12 7.09
CA PHE E 349 -5.83 -11.47 7.62
C PHE E 349 -5.00 -12.38 6.73
N ASN E 350 -5.06 -12.21 5.42
CA ASN E 350 -4.28 -13.09 4.56
C ASN E 350 -2.80 -12.77 4.65
N VAL E 351 -2.43 -11.49 4.68
CA VAL E 351 -1.01 -11.16 4.79
C VAL E 351 -0.47 -11.64 6.14
N THR E 352 -1.25 -11.47 7.20
CA THR E 352 -0.81 -11.95 8.51
C THR E 352 -0.76 -13.48 8.56
N ARG E 353 -1.65 -14.16 7.83
CA ARG E 353 -1.56 -15.61 7.72
C ARG E 353 -0.21 -15.97 7.13
N ASN E 354 0.18 -15.30 6.05
CA ASN E 354 1.47 -15.57 5.44
C ASN E 354 2.59 -15.34 6.43
N TYR E 355 2.47 -14.27 7.23
CA TYR E 355 3.57 -13.92 8.10
C TYR E 355 3.76 -14.92 9.22
N LEU E 356 2.68 -15.34 9.88
CA LEU E 356 2.83 -16.37 10.89
C LEU E 356 3.33 -17.66 10.29
N ASP E 357 2.83 -18.00 9.09
CA ASP E 357 3.25 -19.24 8.47
C ASP E 357 4.73 -19.22 8.18
N TRP E 358 5.26 -18.07 7.83
CA TRP E 358 6.69 -18.00 7.57
C TRP E 358 7.49 -18.02 8.84
N LEU E 359 7.04 -17.29 9.85
CA LEU E 359 7.84 -17.17 11.06
C LEU E 359 7.95 -18.49 11.81
N THR E 360 6.91 -19.33 11.78
CA THR E 360 7.01 -20.56 12.56
C THR E 360 7.90 -21.61 11.90
N SER E 361 7.86 -21.71 10.57
CA SER E 361 8.60 -22.78 9.89
C SER E 361 10.10 -22.65 10.06
N ILE E 362 10.62 -21.44 10.26
CA ILE E 362 12.08 -21.23 10.28
C ILE E 362 12.68 -22.01 11.43
N PRO E 363 13.69 -22.86 11.23
CA PRO E 363 14.29 -23.53 12.37
C PRO E 363 14.92 -22.51 13.31
N TRP E 364 14.85 -22.79 14.61
CA TRP E 364 15.41 -21.92 15.63
C TRP E 364 16.19 -22.82 16.57
N GLY E 365 17.49 -22.92 16.32
CA GLY E 365 18.38 -23.73 17.09
C GLY E 365 18.50 -25.18 16.64
N LYS E 366 17.72 -25.62 15.65
CA LYS E 366 17.91 -26.95 15.13
C LYS E 366 19.24 -27.04 14.41
N TYR E 367 19.99 -28.11 14.68
CA TYR E 367 21.35 -28.28 14.15
C TYR E 367 21.49 -29.71 13.70
N SER E 368 21.59 -29.92 12.39
CA SER E 368 21.80 -31.27 11.88
C SER E 368 23.11 -31.84 12.39
N ASN E 369 23.10 -33.12 12.72
CA ASN E 369 24.29 -33.74 13.26
C ASN E 369 25.35 -33.88 12.16
N GLU E 370 26.61 -33.91 12.58
CA GLU E 370 27.76 -33.87 11.67
C GLU E 370 28.74 -34.96 12.09
N ASN E 371 28.95 -35.96 11.24
CA ASN E 371 29.91 -37.00 11.53
C ASN E 371 31.32 -36.45 11.50
N LEU E 372 32.19 -37.03 12.31
CA LEU E 372 33.58 -36.59 12.43
C LEU E 372 34.54 -37.76 12.45
N ASP E 373 34.30 -38.74 11.60
CA ASP E 373 35.18 -39.90 11.45
C ASP E 373 36.13 -39.59 10.31
N LEU E 374 37.38 -39.25 10.65
CA LEU E 374 38.37 -39.07 9.59
C LEU E 374 38.49 -40.32 8.74
N ALA E 375 38.49 -41.48 9.38
CA ALA E 375 38.60 -42.72 8.63
C ALA E 375 37.43 -42.90 7.68
N ARG E 376 36.27 -42.35 8.02
CA ARG E 376 35.12 -42.48 7.15
C ARG E 376 35.16 -41.43 6.05
N ALA E 377 35.30 -40.15 6.43
CA ALA E 377 35.29 -39.08 5.45
C ALA E 377 36.39 -39.25 4.43
N GLN E 378 37.51 -39.83 4.84
CA GLN E 378 38.62 -40.11 3.94
C GLN E 378 38.14 -40.90 2.73
N ALA E 379 37.47 -42.02 3.00
CA ALA E 379 37.06 -42.87 1.89
C ALA E 379 35.87 -42.29 1.16
N VAL E 380 34.94 -41.67 1.89
CA VAL E 380 33.75 -41.13 1.21
C VAL E 380 34.15 -40.03 0.25
N LEU E 381 35.26 -39.36 0.50
CA LEU E 381 35.74 -38.39 -0.46
C LEU E 381 36.54 -39.06 -1.55
N GLU E 382 37.57 -39.83 -1.18
CA GLU E 382 38.51 -40.35 -2.16
C GLU E 382 37.87 -41.26 -3.18
N GLU E 383 36.81 -41.96 -2.79
CA GLU E 383 36.23 -42.93 -3.68
C GLU E 383 35.30 -42.31 -4.71
N ASP E 384 34.94 -41.04 -4.56
CA ASP E 384 33.96 -40.40 -5.42
C ASP E 384 34.55 -39.35 -6.36
N HIS E 385 35.84 -39.04 -6.27
CA HIS E 385 36.47 -38.10 -7.20
C HIS E 385 37.95 -38.39 -7.23
N TYR E 386 38.57 -38.09 -8.35
CA TYR E 386 39.98 -38.37 -8.59
C TYR E 386 40.79 -37.10 -8.52
N GLY E 387 42.02 -37.22 -8.04
CA GLY E 387 42.86 -36.04 -7.95
C GLY E 387 42.38 -35.07 -6.89
N MET E 388 42.65 -33.80 -7.13
CA MET E 388 42.21 -32.73 -6.25
C MET E 388 42.77 -32.90 -4.84
N GLU E 389 44.08 -33.14 -4.75
CA GLU E 389 44.70 -33.40 -3.45
C GLU E 389 44.52 -32.26 -2.49
N ASP E 390 44.54 -31.03 -2.98
CA ASP E 390 44.58 -29.91 -2.08
C ASP E 390 43.23 -29.71 -1.41
N VAL E 391 42.15 -29.81 -2.18
CA VAL E 391 40.84 -29.65 -1.56
C VAL E 391 40.59 -30.76 -0.55
N LYS E 392 41.08 -31.97 -0.83
CA LYS E 392 40.85 -33.04 0.12
C LYS E 392 41.62 -32.82 1.39
N LYS E 393 42.89 -32.47 1.29
CA LYS E 393 43.68 -32.24 2.49
C LYS E 393 43.13 -31.09 3.30
N ARG E 394 42.61 -30.07 2.62
CA ARG E 394 42.05 -28.95 3.36
C ARG E 394 40.80 -29.35 4.11
N ILE E 395 39.90 -30.09 3.47
CA ILE E 395 38.67 -30.44 4.17
C ILE E 395 38.95 -31.37 5.32
N LEU E 396 39.97 -32.22 5.22
CA LEU E 396 40.32 -33.01 6.38
C LEU E 396 40.82 -32.14 7.51
N GLU E 397 41.61 -31.11 7.19
CA GLU E 397 42.02 -30.15 8.23
C GLU E 397 40.79 -29.58 8.91
N PHE E 398 39.78 -29.23 8.12
CA PHE E 398 38.61 -28.59 8.70
C PHE E 398 37.87 -29.51 9.63
N ILE E 399 37.63 -30.75 9.20
CA ILE E 399 36.92 -31.69 10.06
C ILE E 399 37.66 -31.84 11.37
N ALA E 400 38.97 -32.09 11.29
CA ALA E 400 39.71 -32.32 12.53
C ALA E 400 39.66 -31.10 13.44
N VAL E 401 39.67 -29.90 12.88
CA VAL E 401 39.56 -28.73 13.73
C VAL E 401 38.20 -28.66 14.35
N SER E 402 37.16 -29.00 13.60
CA SER E 402 35.85 -28.87 14.18
C SER E 402 35.65 -29.88 15.30
N GLN E 403 36.19 -31.07 15.14
CA GLN E 403 36.07 -32.06 16.20
C GLN E 403 36.87 -31.66 17.42
N LEU E 404 38.00 -31.02 17.22
CA LEU E 404 38.81 -30.67 18.37
C LEU E 404 38.25 -29.48 19.13
N ARG E 405 37.63 -28.54 18.42
CA ARG E 405 37.09 -27.32 19.02
C ARG E 405 35.62 -27.44 19.32
N GLY E 406 35.19 -28.48 20.01
CA GLY E 406 33.82 -28.55 20.48
C GLY E 406 32.77 -28.45 19.37
N SER E 407 31.90 -27.46 19.52
CA SER E 407 30.69 -27.36 18.74
C SER E 407 31.01 -27.03 17.28
N THR E 408 30.07 -27.42 16.41
CA THR E 408 30.21 -27.24 14.96
C THR E 408 30.32 -25.77 14.60
N GLN E 409 31.01 -25.49 13.49
CA GLN E 409 31.33 -24.12 13.10
C GLN E 409 31.29 -23.93 11.59
N GLY E 410 31.06 -22.68 11.20
CA GLY E 410 31.10 -22.29 9.80
C GLY E 410 32.50 -21.91 9.35
N LYS E 411 32.59 -21.45 8.11
CA LYS E 411 33.85 -21.08 7.46
C LYS E 411 33.47 -20.42 6.14
N ILE E 412 34.45 -20.12 5.29
CA ILE E 412 34.22 -19.68 3.92
C ILE E 412 35.37 -20.28 3.12
N LEU E 413 35.16 -20.45 1.82
CA LEU E 413 36.17 -21.03 0.94
C LEU E 413 35.95 -20.48 -0.45
N CYS E 414 36.90 -20.74 -1.33
CA CYS E 414 36.78 -20.30 -2.72
C CYS E 414 37.65 -21.20 -3.58
N PHE E 415 37.02 -22.13 -4.26
CA PHE E 415 37.68 -22.89 -5.30
C PHE E 415 37.81 -22.03 -6.54
N TYR E 416 38.84 -22.28 -7.34
CA TYR E 416 38.89 -21.63 -8.64
C TYR E 416 39.73 -22.42 -9.61
N GLY E 417 39.25 -22.54 -10.84
CA GLY E 417 39.96 -23.29 -11.84
C GLY E 417 39.26 -23.31 -13.18
N PRO E 418 39.92 -23.89 -14.20
CA PRO E 418 39.38 -23.83 -15.55
C PRO E 418 38.04 -24.54 -15.61
N PRO E 419 37.14 -24.10 -16.46
CA PRO E 419 35.77 -24.59 -16.41
C PRO E 419 35.70 -26.09 -16.68
N GLY E 420 34.77 -26.74 -16.00
CA GLY E 420 34.56 -28.15 -16.23
C GLY E 420 35.55 -29.06 -15.58
N VAL E 421 36.26 -28.59 -14.55
CA VAL E 421 37.24 -29.41 -13.87
C VAL E 421 36.67 -30.15 -12.67
N GLY E 422 35.40 -29.94 -12.33
CA GLY E 422 34.81 -30.58 -11.18
C GLY E 422 34.68 -29.75 -9.95
N LYS E 423 34.73 -28.44 -10.05
CA LYS E 423 34.50 -27.63 -8.87
C LYS E 423 33.10 -27.88 -8.32
N THR E 424 32.12 -28.17 -9.16
CA THR E 424 30.77 -28.24 -8.61
C THR E 424 30.49 -29.57 -7.97
N SER E 425 30.87 -30.68 -8.61
CA SER E 425 30.52 -31.98 -8.06
C SER E 425 31.10 -32.22 -6.69
N ILE E 426 32.29 -31.68 -6.42
CA ILE E 426 32.86 -31.89 -5.11
C ILE E 426 32.01 -31.23 -4.04
N ALA E 427 31.26 -30.19 -4.38
CA ALA E 427 30.38 -29.59 -3.38
C ALA E 427 29.36 -30.58 -2.91
N ARG E 428 28.67 -31.24 -3.83
CA ARG E 428 27.68 -32.21 -3.43
C ARG E 428 28.30 -33.37 -2.70
N SER E 429 29.51 -33.76 -3.12
CA SER E 429 30.15 -34.88 -2.43
C SER E 429 30.54 -34.50 -1.01
N ILE E 430 31.07 -33.30 -0.81
CA ILE E 430 31.41 -32.85 0.54
C ILE E 430 30.16 -32.74 1.37
N ALA E 431 29.06 -32.31 0.77
CA ALA E 431 27.82 -32.22 1.53
C ALA E 431 27.40 -33.59 2.00
N ARG E 432 27.56 -34.59 1.16
CA ARG E 432 27.24 -35.94 1.60
C ARG E 432 28.23 -36.42 2.66
N ALA E 433 29.46 -35.93 2.61
CA ALA E 433 30.45 -36.43 3.56
C ALA E 433 30.26 -35.86 4.95
N LEU E 434 30.02 -34.57 5.03
CA LEU E 434 29.84 -33.93 6.33
C LEU E 434 28.45 -34.14 6.88
N ASN E 435 27.52 -34.69 6.10
CA ASN E 435 26.16 -35.06 6.49
C ASN E 435 25.24 -33.84 6.61
N ARG E 436 25.73 -32.63 6.45
CA ARG E 436 24.84 -31.48 6.43
C ARG E 436 24.15 -31.35 5.07
N GLU E 437 22.97 -30.71 5.08
CA GLU E 437 22.16 -30.55 3.87
C GLU E 437 22.80 -29.58 2.89
N TYR E 438 22.46 -29.73 1.61
CA TYR E 438 23.02 -28.99 0.50
C TYR E 438 21.98 -28.05 -0.09
N PHE E 439 22.44 -27.01 -0.78
CA PHE E 439 21.59 -26.10 -1.53
C PHE E 439 22.53 -25.21 -2.32
N ARG E 440 22.04 -24.61 -3.39
CA ARG E 440 22.88 -23.77 -4.23
C ARG E 440 22.00 -22.79 -4.97
N PHE E 441 22.62 -21.71 -5.43
CA PHE E 441 21.90 -20.76 -6.26
C PHE E 441 22.88 -19.87 -7.00
N SER E 442 22.55 -19.55 -8.24
CA SER E 442 23.40 -18.71 -9.05
C SER E 442 23.36 -17.28 -8.55
N VAL E 443 24.48 -16.61 -8.72
CA VAL E 443 24.55 -15.17 -8.52
C VAL E 443 24.86 -14.45 -9.82
N GLY E 444 25.37 -15.14 -10.83
CA GLY E 444 25.85 -14.50 -12.05
C GLY E 444 24.83 -13.65 -12.76
N GLY E 445 25.17 -12.39 -13.01
CA GLY E 445 24.38 -11.52 -13.84
C GLY E 445 23.20 -10.84 -13.16
N MET E 446 22.93 -11.14 -11.89
CA MET E 446 21.83 -10.50 -11.21
C MET E 446 22.19 -9.07 -10.84
N THR E 447 21.17 -8.20 -10.84
CA THR E 447 21.33 -6.77 -10.57
C THR E 447 20.66 -6.30 -9.30
N ASP E 448 19.36 -6.57 -9.13
CA ASP E 448 18.67 -6.13 -7.94
C ASP E 448 18.99 -7.07 -6.80
N VAL E 449 18.91 -6.55 -5.57
CA VAL E 449 19.26 -7.34 -4.39
C VAL E 449 18.13 -8.19 -3.84
N ALA E 450 16.90 -8.06 -4.37
CA ALA E 450 15.74 -8.67 -3.74
C ALA E 450 15.83 -10.17 -3.64
N GLU E 451 16.45 -10.82 -4.62
CA GLU E 451 16.53 -12.27 -4.60
C GLU E 451 17.35 -12.76 -3.40
N ILE E 452 18.39 -12.02 -3.02
CA ILE E 452 19.13 -12.37 -1.82
C ILE E 452 18.52 -11.72 -0.58
N LYS E 453 17.53 -10.84 -0.75
CA LYS E 453 17.12 -9.96 0.33
C LYS E 453 15.60 -9.86 0.50
N GLY E 454 14.81 -10.66 -0.19
CA GLY E 454 13.37 -10.62 0.02
C GLY E 454 12.75 -9.29 -0.37
N HIS E 455 11.83 -8.83 0.47
CA HIS E 455 11.04 -7.64 0.18
C HIS E 455 10.53 -7.08 1.49
N ARG E 456 9.91 -5.89 1.43
CA ARG E 456 9.38 -5.19 2.59
C ARG E 456 8.01 -5.66 3.07
N ARG E 457 7.34 -6.53 2.32
CA ARG E 457 6.09 -7.23 2.61
C ARG E 457 4.86 -6.35 2.75
N THR E 458 4.98 -5.04 2.66
CA THR E 458 3.83 -4.20 2.40
C THR E 458 3.47 -4.21 0.92
N TYR E 459 4.38 -4.64 0.05
CA TYR E 459 4.03 -4.85 -1.34
C TYR E 459 3.05 -6.01 -1.42
N VAL E 460 2.20 -5.97 -2.45
CA VAL E 460 1.20 -7.02 -2.59
C VAL E 460 1.81 -8.38 -2.91
N GLY E 461 2.91 -8.43 -3.65
CA GLY E 461 3.48 -9.68 -4.13
C GLY E 461 4.73 -10.21 -3.45
N ALA E 462 5.13 -9.67 -2.32
CA ALA E 462 6.41 -10.01 -1.71
C ALA E 462 6.43 -11.42 -1.14
N MET E 463 7.59 -12.07 -1.27
CA MET E 463 7.91 -13.32 -0.60
C MET E 463 9.33 -13.21 -0.07
N PRO E 464 9.67 -13.89 1.02
CA PRO E 464 11.01 -13.77 1.59
C PRO E 464 12.07 -14.26 0.62
N GLY E 465 13.25 -13.67 0.72
CA GLY E 465 14.33 -13.99 -0.18
C GLY E 465 14.73 -15.45 -0.10
N LYS E 466 15.40 -15.90 -1.17
CA LYS E 466 15.59 -17.33 -1.42
C LYS E 466 16.32 -18.03 -0.29
N ILE E 467 17.20 -17.32 0.41
CA ILE E 467 17.95 -17.95 1.49
C ILE E 467 16.98 -18.39 2.58
N ILE E 468 15.93 -17.61 2.79
CA ILE E 468 14.93 -17.99 3.76
C ILE E 468 14.11 -19.18 3.26
N GLN E 469 13.89 -19.31 1.95
CA GLN E 469 13.26 -20.53 1.47
C GLN E 469 14.16 -21.72 1.76
N CYS E 470 15.47 -21.57 1.52
CA CYS E 470 16.36 -22.69 1.77
C CYS E 470 16.35 -23.07 3.23
N LEU E 471 16.19 -22.08 4.10
CA LEU E 471 15.99 -22.42 5.50
C LEU E 471 14.68 -23.17 5.68
N LYS E 472 13.64 -22.78 4.93
CA LYS E 472 12.36 -23.46 5.09
C LYS E 472 12.40 -24.90 4.64
N LYS E 473 13.23 -25.23 3.66
CA LYS E 473 13.36 -26.61 3.17
C LYS E 473 14.44 -27.35 3.95
N THR E 474 15.63 -26.79 3.97
CA THR E 474 16.72 -27.35 4.74
C THR E 474 16.41 -27.11 6.19
N LYS E 475 15.85 -28.13 6.87
CA LYS E 475 15.45 -27.94 8.26
C LYS E 475 16.63 -27.53 9.14
N THR E 476 17.82 -27.94 8.77
CA THR E 476 19.01 -27.57 9.51
C THR E 476 19.20 -26.07 9.49
N GLU E 477 19.70 -25.54 10.58
CA GLU E 477 20.11 -24.15 10.65
C GLU E 477 21.53 -23.93 10.13
N ASN E 478 22.25 -24.99 9.76
CA ASN E 478 23.59 -24.87 9.18
C ASN E 478 23.75 -25.73 7.92
N PRO E 479 23.03 -25.39 6.87
CA PRO E 479 23.23 -26.05 5.57
C PRO E 479 24.49 -25.59 4.90
N LEU E 480 24.95 -26.38 3.94
CA LEU E 480 26.10 -26.05 3.10
C LEU E 480 25.63 -25.25 1.89
N ILE E 481 25.36 -23.97 2.08
CA ILE E 481 25.04 -23.12 0.94
C ILE E 481 26.22 -23.14 0.00
N LEU E 482 25.95 -23.04 -1.30
CA LEU E 482 27.00 -23.00 -2.31
C LEU E 482 26.65 -21.88 -3.28
N ILE E 483 27.08 -20.66 -2.97
CA ILE E 483 27.04 -19.62 -3.97
C ILE E 483 28.01 -20.02 -5.06
N ASP E 484 27.72 -19.67 -6.30
CA ASP E 484 28.50 -20.17 -7.44
C ASP E 484 28.65 -19.07 -8.46
N GLU E 485 29.78 -19.10 -9.17
CA GLU E 485 30.04 -18.19 -10.27
C GLU E 485 29.88 -16.74 -9.82
N VAL E 486 30.52 -16.43 -8.69
CA VAL E 486 30.63 -15.03 -8.29
C VAL E 486 31.50 -14.22 -9.25
N ASP E 487 32.41 -14.86 -9.99
CA ASP E 487 33.36 -14.13 -10.81
C ASP E 487 32.70 -13.26 -11.87
N LYS E 488 31.52 -13.62 -12.32
CA LYS E 488 30.76 -12.84 -13.29
C LYS E 488 29.47 -12.33 -12.66
N ILE E 489 29.61 -11.86 -11.41
CA ILE E 489 28.50 -11.25 -10.71
C ILE E 489 28.00 -10.06 -11.50
N GLY E 490 26.68 -9.95 -11.64
CA GLY E 490 26.10 -8.82 -12.32
C GLY E 490 26.34 -7.55 -11.53
N ARG E 491 26.94 -6.55 -12.17
CA ARG E 491 27.25 -5.30 -11.47
C ARG E 491 27.05 -4.09 -12.37
N GLY E 492 26.30 -4.22 -13.47
CA GLY E 492 26.11 -3.09 -14.35
C GLY E 492 25.07 -2.10 -13.87
N TYR E 493 24.21 -2.49 -12.93
CA TYR E 493 23.20 -1.58 -12.44
C TYR E 493 23.82 -0.58 -11.47
N GLN E 494 23.16 0.56 -11.36
CA GLN E 494 23.57 1.60 -10.43
C GLN E 494 23.31 1.12 -9.01
N GLY E 495 24.39 0.99 -8.23
CA GLY E 495 24.32 0.43 -6.89
C GLY E 495 24.64 -1.05 -6.94
N ASP E 496 25.79 -1.42 -6.40
CA ASP E 496 26.23 -2.80 -6.50
C ASP E 496 25.35 -3.67 -5.61
N PRO E 497 24.70 -4.72 -6.12
CA PRO E 497 24.24 -5.77 -5.22
C PRO E 497 25.35 -6.45 -4.46
N SER E 498 26.57 -6.47 -5.00
CA SER E 498 27.70 -7.14 -4.37
C SER E 498 27.99 -6.62 -2.95
N SER E 499 27.67 -5.36 -2.67
CA SER E 499 27.81 -4.87 -1.30
C SER E 499 26.88 -5.61 -0.35
N ALA E 500 25.65 -5.87 -0.79
CA ALA E 500 24.74 -6.67 0.02
C ALA E 500 25.28 -8.08 0.17
N LEU E 501 25.94 -8.59 -0.87
CA LEU E 501 26.53 -9.92 -0.76
C LEU E 501 27.61 -9.89 0.30
N LEU E 502 28.46 -8.86 0.30
CA LEU E 502 29.48 -8.78 1.35
C LEU E 502 28.85 -8.63 2.72
N GLU E 503 27.70 -7.95 2.80
CA GLU E 503 26.97 -7.86 4.06
C GLU E 503 26.49 -9.23 4.51
N LEU E 504 26.22 -10.11 3.57
CA LEU E 504 25.75 -11.43 3.93
C LEU E 504 26.92 -12.29 4.40
N LEU E 505 28.09 -12.18 3.75
CA LEU E 505 29.16 -13.14 4.01
C LEU E 505 29.97 -12.83 5.25
N ASP E 506 30.28 -11.59 5.50
CA ASP E 506 31.35 -11.23 6.43
C ASP E 506 31.01 -11.65 7.86
N PRO E 507 31.85 -12.47 8.55
CA PRO E 507 31.37 -13.13 9.78
C PRO E 507 30.91 -12.22 10.92
N GLU E 508 31.58 -11.07 11.08
CA GLU E 508 31.29 -10.21 12.21
C GLU E 508 29.86 -9.68 12.22
N GLN E 509 29.35 -9.30 11.05
CA GLN E 509 27.93 -9.01 10.88
C GLN E 509 27.14 -10.16 10.32
N ASN E 510 27.79 -11.26 9.93
CA ASN E 510 27.09 -12.49 9.62
C ASN E 510 26.30 -12.95 10.83
N ALA E 511 26.78 -12.64 12.03
CA ALA E 511 26.13 -13.12 13.24
C ALA E 511 24.66 -12.72 13.33
N ASN E 512 24.28 -11.58 12.76
CA ASN E 512 22.94 -11.01 12.93
C ASN E 512 22.38 -10.50 11.61
N PHE E 513 22.50 -11.29 10.54
CA PHE E 513 22.00 -10.88 9.24
C PHE E 513 20.50 -10.63 9.28
N LEU E 514 20.03 -9.64 8.52
CA LEU E 514 18.66 -9.12 8.60
C LEU E 514 17.97 -9.12 7.25
N ASP E 515 17.02 -10.03 7.07
CA ASP E 515 16.16 -10.11 5.91
C ASP E 515 15.03 -9.09 6.00
N HIS E 516 14.47 -8.76 4.84
CA HIS E 516 13.45 -7.71 4.80
C HIS E 516 12.04 -8.21 5.10
N TYR E 517 11.61 -9.37 4.54
CA TYR E 517 10.20 -9.76 4.62
C TYR E 517 9.73 -9.90 6.05
N LEU E 518 10.59 -10.37 6.92
CA LEU E 518 10.39 -10.31 8.35
C LEU E 518 11.57 -9.52 8.87
N ASP E 519 11.31 -8.65 9.84
CA ASP E 519 12.33 -7.72 10.33
C ASP E 519 12.94 -8.30 11.61
N VAL E 520 13.83 -9.28 11.45
CA VAL E 520 14.48 -9.92 12.59
C VAL E 520 15.89 -10.31 12.17
N PRO E 521 16.95 -10.08 12.95
CA PRO E 521 18.23 -10.72 12.63
C PRO E 521 18.15 -12.23 12.78
N VAL E 522 18.89 -12.96 11.94
CA VAL E 522 18.92 -14.42 12.01
C VAL E 522 20.35 -14.88 11.80
N ASP E 523 20.89 -15.57 12.80
CA ASP E 523 22.27 -16.01 12.77
C ASP E 523 22.46 -16.99 11.63
N LEU E 524 23.57 -16.83 10.93
CA LEU E 524 24.04 -17.85 10.02
C LEU E 524 25.55 -17.95 10.08
N SER E 525 26.14 -17.72 11.26
CA SER E 525 27.57 -17.91 11.43
C SER E 525 27.99 -19.35 11.26
N LYS E 526 27.12 -20.30 11.60
CA LYS E 526 27.48 -21.69 11.46
C LYS E 526 27.56 -22.16 10.02
N VAL E 527 26.86 -21.50 9.10
CA VAL E 527 26.72 -21.98 7.73
C VAL E 527 28.07 -22.04 7.06
N LEU E 528 28.28 -23.05 6.24
CA LEU E 528 29.53 -23.27 5.52
C LEU E 528 29.38 -22.81 4.08
N PHE E 529 29.70 -21.56 3.80
CA PHE E 529 29.63 -21.07 2.43
C PHE E 529 30.78 -21.61 1.61
N ILE E 530 30.57 -21.71 0.29
CA ILE E 530 31.61 -22.08 -0.65
C ILE E 530 31.30 -21.32 -1.93
N CYS E 531 32.32 -21.04 -2.72
CA CYS E 531 32.13 -20.23 -3.91
C CYS E 531 33.11 -20.63 -4.98
N THR E 532 32.73 -20.38 -6.22
CA THR E 532 33.42 -20.87 -7.41
C THR E 532 33.72 -19.73 -8.36
N ALA E 533 34.86 -19.82 -9.03
CA ALA E 533 35.25 -18.77 -9.96
C ALA E 533 36.27 -19.28 -10.95
N ASN E 534 36.12 -18.92 -12.21
CA ASN E 534 37.11 -19.31 -13.21
C ASN E 534 38.31 -18.40 -13.25
N VAL E 535 38.24 -17.22 -12.66
CA VAL E 535 39.42 -16.37 -12.56
C VAL E 535 39.17 -15.39 -11.43
N THR E 536 40.15 -15.26 -10.54
CA THR E 536 39.95 -14.51 -9.32
C THR E 536 39.72 -13.03 -9.56
N ASP E 537 40.38 -12.47 -10.59
CA ASP E 537 40.55 -11.02 -10.68
C ASP E 537 39.24 -10.27 -10.83
N THR E 538 38.25 -10.85 -11.49
CA THR E 538 37.03 -10.12 -11.75
C THR E 538 36.22 -9.87 -10.48
N ILE E 539 36.42 -10.66 -9.44
CA ILE E 539 35.64 -10.47 -8.21
C ILE E 539 36.12 -9.19 -7.52
N PRO E 540 35.23 -8.37 -6.94
CA PRO E 540 35.70 -7.12 -6.31
C PRO E 540 36.63 -7.39 -5.13
N GLU E 541 37.62 -6.51 -4.96
CA GLU E 541 38.63 -6.71 -3.92
C GLU E 541 38.08 -6.86 -2.51
N PRO E 542 37.15 -6.01 -2.01
CA PRO E 542 36.72 -6.15 -0.61
C PRO E 542 36.15 -7.51 -0.29
N LEU E 543 35.48 -8.13 -1.26
CA LEU E 543 35.01 -9.48 -1.09
C LEU E 543 36.14 -10.47 -1.31
N ARG E 544 37.05 -10.17 -2.23
CA ARG E 544 38.11 -11.12 -2.56
C ARG E 544 39.08 -11.35 -1.43
N ASP E 545 39.35 -10.34 -0.62
CA ASP E 545 40.39 -10.53 0.38
C ASP E 545 39.89 -11.28 1.61
N ARG E 546 38.58 -11.44 1.76
CA ARG E 546 38.01 -11.96 2.98
C ARG E 546 37.97 -13.49 3.05
N MET E 547 38.31 -14.20 1.97
CA MET E 547 38.07 -15.63 1.86
C MET E 547 39.32 -16.34 1.36
N GLU E 548 39.50 -17.56 1.84
CA GLU E 548 40.61 -18.40 1.41
C GLU E 548 40.40 -18.90 -0.02
N MET E 549 41.49 -19.03 -0.79
CA MET E 549 41.46 -19.50 -2.16
C MET E 549 42.10 -20.88 -2.23
N ILE E 550 41.63 -21.73 -3.14
CA ILE E 550 42.25 -23.03 -3.43
C ILE E 550 42.01 -23.29 -4.91
N ASN E 551 42.95 -23.97 -5.56
CA ASN E 551 42.91 -24.15 -7.01
C ASN E 551 42.90 -25.62 -7.40
N VAL E 552 41.76 -26.10 -7.90
CA VAL E 552 41.79 -27.33 -8.68
C VAL E 552 42.46 -27.04 -10.00
N SER E 553 43.31 -27.96 -10.46
CA SER E 553 44.09 -27.78 -11.67
C SER E 553 43.47 -28.56 -12.80
N GLY E 554 43.92 -28.29 -14.02
CA GLY E 554 43.53 -29.11 -15.13
C GLY E 554 44.23 -30.46 -15.08
N TYR E 555 43.68 -31.44 -15.79
CA TYR E 555 44.19 -32.80 -15.75
C TYR E 555 45.04 -33.09 -16.97
N VAL E 556 46.07 -33.91 -16.76
CA VAL E 556 47.02 -34.24 -17.83
C VAL E 556 46.35 -35.17 -18.83
N ALA E 557 46.90 -35.22 -20.04
CA ALA E 557 46.37 -36.08 -21.10
C ALA E 557 46.30 -37.55 -20.69
N GLN E 558 47.15 -37.98 -19.78
CA GLN E 558 47.19 -39.38 -19.38
C GLN E 558 46.09 -39.66 -18.37
N GLU E 559 46.13 -39.00 -17.21
CA GLU E 559 45.18 -39.31 -16.15
C GLU E 559 43.74 -39.08 -16.55
N LYS E 560 43.52 -38.22 -17.55
CA LYS E 560 42.16 -37.99 -18.02
C LYS E 560 41.51 -39.29 -18.44
N LEU E 561 42.28 -40.24 -18.97
CA LEU E 561 41.76 -41.57 -19.27
C LEU E 561 41.24 -42.25 -18.00
N ALA E 562 42.10 -42.35 -16.99
CA ALA E 562 41.73 -43.13 -15.81
C ALA E 562 40.53 -42.52 -15.11
N ILE E 563 40.42 -41.21 -15.10
CA ILE E 563 39.17 -40.65 -14.58
C ILE E 563 38.03 -40.97 -15.52
N ALA E 564 38.30 -41.06 -16.81
CA ALA E 564 37.21 -41.26 -17.75
C ALA E 564 36.54 -42.60 -17.55
N GLU E 565 37.31 -43.61 -17.17
CA GLU E 565 36.78 -44.96 -17.17
C GLU E 565 36.44 -45.48 -15.78
N ARG E 566 36.31 -44.60 -14.80
CA ARG E 566 35.88 -44.97 -13.47
C ARG E 566 34.60 -44.29 -13.04
N TYR E 567 34.41 -43.04 -13.44
CA TYR E 567 33.33 -42.22 -12.91
C TYR E 567 32.43 -41.64 -13.98
N LEU E 568 32.84 -41.62 -15.24
CA LEU E 568 32.00 -41.16 -16.34
C LEU E 568 31.27 -42.32 -17.00
N VAL E 569 32.02 -43.31 -17.47
CA VAL E 569 31.39 -44.41 -18.17
C VAL E 569 30.37 -45.12 -17.30
N PRO E 570 30.69 -45.56 -16.08
CA PRO E 570 29.66 -46.24 -15.26
C PRO E 570 28.44 -45.37 -14.99
N GLN E 571 28.66 -44.08 -14.78
CA GLN E 571 27.55 -43.21 -14.42
C GLN E 571 26.64 -42.98 -15.60
N ALA E 572 27.22 -42.63 -16.75
CA ALA E 572 26.42 -42.44 -17.93
C ALA E 572 25.74 -43.73 -18.35
N ARG E 573 26.41 -44.86 -18.15
CA ARG E 573 25.82 -46.12 -18.54
C ARG E 573 24.63 -46.45 -17.66
N ALA E 574 24.70 -46.13 -16.38
CA ALA E 574 23.53 -46.28 -15.53
C ALA E 574 22.43 -45.31 -15.91
N LEU E 575 22.78 -44.14 -16.43
CA LEU E 575 21.75 -43.21 -16.86
C LEU E 575 21.00 -43.73 -18.07
N CYS E 576 21.71 -44.32 -19.02
CA CYS E 576 21.09 -44.76 -20.27
C CYS E 576 20.53 -46.17 -20.18
N GLY E 577 20.61 -46.82 -19.03
CA GLY E 577 19.93 -48.07 -18.85
C GLY E 577 20.67 -49.28 -19.37
N LEU E 578 21.84 -49.11 -19.97
CA LEU E 578 22.62 -50.24 -20.45
C LEU E 578 23.33 -50.94 -19.30
N ASP E 579 23.64 -52.20 -19.53
CA ASP E 579 24.34 -53.05 -18.58
C ASP E 579 25.68 -53.45 -19.15
N GLU E 580 26.62 -53.79 -18.27
CA GLU E 580 28.01 -53.99 -18.66
C GLU E 580 28.20 -55.13 -19.66
N SER E 581 27.23 -56.04 -19.78
CA SER E 581 27.34 -57.10 -20.77
C SER E 581 27.17 -56.60 -22.19
N LYS E 582 26.64 -55.38 -22.39
CA LYS E 582 26.28 -54.88 -23.71
C LYS E 582 27.23 -53.85 -24.30
N ALA E 583 27.74 -52.90 -23.52
CA ALA E 583 28.32 -51.69 -24.07
C ALA E 583 29.77 -51.49 -23.70
N LYS E 584 30.58 -52.53 -23.80
CA LYS E 584 31.99 -52.43 -23.46
C LYS E 584 32.72 -51.47 -24.39
N LEU E 585 33.64 -50.67 -23.84
CA LEU E 585 34.50 -49.75 -24.57
C LEU E 585 35.93 -50.03 -24.17
N SER E 586 36.73 -50.50 -25.11
CA SER E 586 38.14 -50.73 -24.83
C SER E 586 38.82 -49.42 -24.50
N SER E 587 39.86 -49.49 -23.67
CA SER E 587 40.51 -48.26 -23.24
C SER E 587 41.11 -47.48 -24.40
N ASP E 588 41.54 -48.18 -25.45
CA ASP E 588 42.20 -47.50 -26.56
C ASP E 588 41.29 -46.51 -27.25
N VAL E 589 40.01 -46.85 -27.38
CA VAL E 589 39.12 -45.89 -28.00
C VAL E 589 38.97 -44.67 -27.11
N LEU E 590 39.06 -44.84 -25.80
CA LEU E 590 39.02 -43.66 -24.94
C LEU E 590 40.25 -42.80 -25.15
N THR E 591 41.40 -43.44 -25.37
CA THR E 591 42.58 -42.65 -25.70
C THR E 591 42.35 -41.87 -26.98
N LEU E 592 41.77 -42.51 -27.98
CA LEU E 592 41.55 -41.82 -29.23
C LEU E 592 40.54 -40.70 -29.08
N LEU E 593 39.53 -40.87 -28.24
CA LEU E 593 38.59 -39.79 -28.00
C LEU E 593 39.27 -38.62 -27.32
N ILE E 594 40.23 -38.91 -26.45
CA ILE E 594 40.88 -37.83 -25.73
C ILE E 594 41.82 -37.08 -26.63
N LYS E 595 42.62 -37.79 -27.42
CA LYS E 595 43.65 -37.12 -28.22
C LYS E 595 43.09 -36.23 -29.30
N GLN E 596 41.97 -36.60 -29.93
CA GLN E 596 41.54 -35.96 -31.16
C GLN E 596 40.17 -35.34 -31.08
N TYR E 597 39.15 -36.04 -30.59
CA TYR E 597 37.84 -35.45 -30.77
C TYR E 597 37.53 -34.40 -29.72
N CYS E 598 38.37 -34.25 -28.71
CA CYS E 598 38.24 -33.26 -27.66
C CYS E 598 39.61 -32.69 -27.34
N ARG E 599 39.69 -31.38 -27.14
CA ARG E 599 40.98 -30.73 -26.90
C ARG E 599 40.70 -29.56 -25.97
N GLU E 600 40.87 -29.78 -24.69
CA GLU E 600 40.60 -28.75 -23.70
C GLU E 600 41.10 -29.28 -22.37
N SER E 601 41.38 -28.36 -21.44
CA SER E 601 41.90 -28.75 -20.15
C SER E 601 40.87 -29.42 -19.25
N GLY E 602 39.59 -29.26 -19.53
CA GLY E 602 38.54 -29.78 -18.69
C GLY E 602 38.18 -31.20 -19.06
N VAL E 603 37.08 -31.66 -18.46
CA VAL E 603 36.61 -33.01 -18.66
C VAL E 603 35.11 -32.91 -18.96
N ARG E 604 34.70 -31.85 -19.66
CA ARG E 604 33.28 -31.71 -20.00
C ARG E 604 32.97 -32.25 -21.39
N ASN E 605 33.67 -31.77 -22.42
CA ASN E 605 33.32 -32.23 -23.76
C ASN E 605 33.51 -33.73 -23.93
N LEU E 606 34.51 -34.29 -23.26
CA LEU E 606 34.64 -35.73 -23.25
C LEU E 606 33.44 -36.39 -22.62
N GLN E 607 32.84 -35.76 -21.61
CA GLN E 607 31.63 -36.32 -21.02
C GLN E 607 30.51 -36.40 -22.05
N LYS E 608 30.24 -35.30 -22.75
CA LYS E 608 29.13 -35.31 -23.69
C LYS E 608 29.36 -36.31 -24.80
N GLN E 609 30.60 -36.47 -25.23
CA GLN E 609 30.82 -37.39 -26.34
C GLN E 609 30.73 -38.83 -25.89
N VAL E 610 31.20 -39.15 -24.68
CA VAL E 610 31.01 -40.52 -24.22
C VAL E 610 29.54 -40.81 -24.05
N GLU E 611 28.78 -39.83 -23.60
CA GLU E 611 27.35 -40.05 -23.49
C GLU E 611 26.74 -40.31 -24.85
N LYS E 612 27.19 -39.58 -25.87
CA LYS E 612 26.62 -39.79 -27.20
C LYS E 612 26.98 -41.16 -27.73
N VAL E 613 28.18 -41.65 -27.42
CA VAL E 613 28.53 -42.98 -27.92
C VAL E 613 27.62 -44.00 -27.30
N LEU E 614 27.43 -43.93 -25.99
CA LEU E 614 26.55 -44.92 -25.36
C LEU E 614 25.13 -44.81 -25.88
N ARG E 615 24.68 -43.60 -26.19
CA ARG E 615 23.30 -43.46 -26.58
C ARG E 615 23.06 -44.04 -27.96
N LYS E 616 23.89 -43.67 -28.94
CA LYS E 616 23.74 -44.26 -30.26
C LYS E 616 24.08 -45.73 -30.24
N SER E 617 24.77 -46.20 -29.20
CA SER E 617 24.87 -47.63 -29.01
C SER E 617 23.55 -48.21 -28.55
N ALA E 618 22.87 -47.54 -27.62
CA ALA E 618 21.61 -48.07 -27.10
C ALA E 618 20.58 -48.20 -28.19
N TYR E 619 20.58 -47.26 -29.13
CA TYR E 619 19.62 -47.33 -30.23
C TYR E 619 19.80 -48.59 -31.05
N LYS E 620 21.01 -49.14 -31.07
CA LYS E 620 21.28 -50.33 -31.85
C LYS E 620 20.93 -51.61 -31.11
N ILE E 621 20.20 -51.52 -30.00
CA ILE E 621 19.72 -52.69 -29.27
C ILE E 621 18.22 -52.83 -29.40
N VAL E 622 17.49 -51.73 -29.22
CA VAL E 622 16.02 -51.77 -29.20
C VAL E 622 15.47 -52.31 -30.50
N SER E 623 16.13 -52.03 -31.60
CA SER E 623 15.79 -52.60 -32.89
C SER E 623 16.97 -53.17 -33.61
N GLY E 624 18.19 -52.78 -33.25
CA GLY E 624 19.32 -53.12 -34.06
C GLY E 624 19.62 -54.59 -34.04
N GLU E 625 20.32 -55.01 -35.09
CA GLU E 625 20.71 -56.39 -35.22
C GLU E 625 21.56 -56.81 -34.02
N ALA E 626 22.51 -55.97 -33.64
CA ALA E 626 23.42 -56.34 -32.56
C ALA E 626 22.69 -56.35 -31.23
N GLU E 627 22.99 -57.35 -30.42
CA GLU E 627 22.61 -57.37 -29.02
C GLU E 627 23.81 -57.16 -28.10
N SER E 628 24.98 -56.85 -28.67
CA SER E 628 26.18 -56.65 -27.87
C SER E 628 27.05 -55.66 -28.65
N VAL E 629 26.99 -54.39 -28.29
CA VAL E 629 27.86 -53.41 -28.90
C VAL E 629 29.27 -53.58 -28.37
N GLU E 630 30.28 -53.37 -29.23
CA GLU E 630 31.68 -53.39 -28.77
C GLU E 630 32.44 -52.38 -29.64
N VAL E 631 32.54 -51.15 -29.15
CA VAL E 631 33.27 -50.15 -29.92
C VAL E 631 34.75 -50.52 -29.94
N THR E 632 35.36 -50.35 -31.09
CA THR E 632 36.78 -50.57 -31.30
C THR E 632 37.19 -49.43 -32.22
N PRO E 633 38.46 -49.06 -32.24
CA PRO E 633 38.85 -47.81 -32.93
C PRO E 633 38.45 -47.75 -34.38
N GLU E 634 38.44 -48.89 -35.05
CA GLU E 634 37.99 -48.89 -36.45
C GLU E 634 36.51 -48.55 -36.58
N ASN E 635 35.70 -48.97 -35.63
CA ASN E 635 34.26 -48.84 -35.78
C ASN E 635 33.74 -47.48 -35.34
N LEU E 636 34.58 -46.68 -34.66
CA LEU E 636 34.12 -45.53 -33.90
C LEU E 636 33.39 -44.53 -34.76
N GLN E 637 33.75 -44.47 -36.04
CA GLN E 637 33.23 -43.47 -36.96
C GLN E 637 31.72 -43.49 -36.97
N ASP E 638 31.14 -44.69 -36.95
CA ASP E 638 29.69 -44.82 -37.14
C ASP E 638 28.92 -44.10 -36.05
N PHE E 639 29.50 -44.02 -34.85
CA PHE E 639 28.83 -43.37 -33.74
C PHE E 639 29.22 -41.92 -33.53
N VAL E 640 30.33 -41.45 -34.12
CA VAL E 640 30.83 -40.10 -33.82
C VAL E 640 31.18 -39.31 -35.08
N GLY E 641 31.27 -39.96 -36.22
CA GLY E 641 31.60 -39.26 -37.44
C GLY E 641 33.08 -38.95 -37.50
N LYS E 642 33.44 -38.12 -38.47
CA LYS E 642 34.84 -37.87 -38.74
C LYS E 642 35.49 -37.00 -37.67
N PRO E 643 36.81 -37.09 -37.50
CA PRO E 643 37.44 -36.34 -36.41
C PRO E 643 37.30 -34.85 -36.54
N VAL E 644 37.14 -34.20 -35.40
CA VAL E 644 37.01 -32.74 -35.37
C VAL E 644 38.37 -32.08 -35.26
N PHE E 645 39.43 -32.82 -35.02
CA PHE E 645 40.78 -32.27 -34.98
C PHE E 645 41.71 -33.27 -35.63
N THR E 646 42.79 -32.76 -36.19
CA THR E 646 43.86 -33.63 -36.66
C THR E 646 45.23 -33.07 -36.29
N VAL E 647 45.41 -31.76 -36.40
CA VAL E 647 46.68 -31.16 -36.02
C VAL E 647 46.78 -31.13 -34.51
N GLU E 648 48.01 -31.27 -33.99
CA GLU E 648 48.29 -31.08 -32.57
C GLU E 648 48.75 -29.66 -32.28
N ARG E 649 49.81 -29.23 -32.91
CA ARG E 649 50.24 -27.85 -32.85
C ARG E 649 50.18 -27.33 -34.27
N MET E 650 50.11 -26.01 -34.39
CA MET E 650 49.77 -25.42 -35.67
C MET E 650 50.83 -25.69 -36.71
N TYR E 651 52.09 -25.98 -36.32
CA TYR E 651 53.11 -26.65 -37.12
C TYR E 651 54.52 -26.70 -36.53
N ASP E 652 55.36 -27.60 -37.04
CA ASP E 652 56.80 -27.59 -36.75
C ASP E 652 57.43 -26.31 -37.28
N VAL E 653 58.31 -25.67 -36.47
CA VAL E 653 58.58 -24.23 -36.59
C VAL E 653 59.08 -23.84 -37.97
N THR E 654 58.55 -22.74 -38.48
CA THR E 654 59.07 -22.20 -39.71
C THR E 654 60.45 -21.61 -39.48
N PRO E 655 61.42 -21.85 -40.35
CA PRO E 655 62.83 -21.58 -40.00
C PRO E 655 63.11 -20.15 -39.60
N PRO E 656 62.51 -19.13 -40.17
CA PRO E 656 63.02 -17.80 -39.84
C PRO E 656 62.59 -17.28 -38.49
N GLY E 657 61.30 -17.29 -38.21
CA GLY E 657 60.76 -16.28 -37.35
C GLY E 657 59.66 -16.59 -36.36
N VAL E 658 59.62 -17.75 -35.73
CA VAL E 658 58.56 -18.02 -34.76
C VAL E 658 59.13 -18.81 -33.62
N VAL E 659 58.44 -18.77 -32.49
CA VAL E 659 58.79 -19.55 -31.31
C VAL E 659 57.52 -19.86 -30.57
N MET E 660 57.42 -21.08 -30.09
CA MET E 660 56.22 -21.48 -29.38
C MET E 660 56.15 -20.68 -28.09
N GLY E 661 54.95 -20.27 -27.70
CA GLY E 661 54.79 -19.48 -26.51
C GLY E 661 53.62 -19.95 -25.70
N LEU E 662 53.87 -20.43 -24.49
CA LEU E 662 52.80 -20.81 -23.59
C LEU E 662 52.11 -19.57 -23.08
N ALA E 663 50.81 -19.68 -22.80
CA ALA E 663 50.10 -18.53 -22.25
C ALA E 663 48.91 -19.04 -21.46
N TRP E 664 48.56 -18.29 -20.42
CA TRP E 664 47.58 -18.74 -19.44
C TRP E 664 46.23 -18.11 -19.74
N THR E 665 45.58 -18.66 -20.77
CA THR E 665 44.31 -18.11 -21.20
C THR E 665 43.26 -18.33 -20.13
N ALA E 666 42.11 -17.68 -20.32
CA ALA E 666 41.08 -17.67 -19.30
C ALA E 666 40.60 -19.07 -18.96
N MET E 667 40.67 -20.01 -19.91
CA MET E 667 40.28 -21.39 -19.70
C MET E 667 41.45 -22.28 -20.13
N GLY E 668 42.21 -22.75 -19.16
CA GLY E 668 43.30 -23.65 -19.43
C GLY E 668 44.50 -22.89 -19.93
N GLY E 669 45.54 -23.64 -20.19
CA GLY E 669 46.69 -23.11 -20.87
C GLY E 669 46.49 -23.16 -22.34
N SER E 670 47.43 -22.60 -23.09
CA SER E 670 47.40 -22.77 -24.53
C SER E 670 48.77 -22.45 -25.06
N THR E 671 49.02 -22.85 -26.30
CA THR E 671 50.34 -22.74 -26.93
C THR E 671 50.26 -21.81 -28.15
N LEU E 672 50.20 -20.52 -27.88
CA LEU E 672 50.12 -19.53 -28.94
C LEU E 672 51.47 -19.36 -29.61
N PHE E 673 51.46 -19.08 -30.91
CA PHE E 673 52.67 -18.85 -31.68
C PHE E 673 52.87 -17.36 -31.93
N VAL E 674 54.05 -16.84 -31.67
CA VAL E 674 54.42 -15.48 -32.04
C VAL E 674 55.06 -15.51 -33.40
N GLU E 675 54.68 -14.56 -34.27
CA GLU E 675 55.15 -14.58 -35.66
C GLU E 675 55.53 -13.18 -36.11
N THR E 676 56.68 -13.06 -36.75
CA THR E 676 57.23 -11.79 -37.16
C THR E 676 57.86 -11.90 -38.54
N SER E 677 57.86 -10.80 -39.28
CA SER E 677 58.39 -10.87 -40.63
C SER E 677 58.79 -9.51 -41.13
N LEU E 678 59.65 -9.55 -42.12
CA LEU E 678 60.11 -8.35 -42.79
C LEU E 678 58.99 -7.74 -43.61
N ARG E 679 59.09 -6.44 -43.85
CA ARG E 679 58.03 -5.63 -44.41
C ARG E 679 58.45 -4.84 -45.64
N ARG E 680 59.67 -4.93 -46.07
CA ARG E 680 60.18 -4.09 -47.14
C ARG E 680 61.60 -4.55 -47.37
N PRO E 681 62.19 -4.41 -48.55
CA PRO E 681 63.55 -4.89 -48.75
C PRO E 681 64.52 -4.18 -47.81
N GLN E 682 65.50 -4.94 -47.34
CA GLN E 682 66.27 -4.47 -46.21
C GLN E 682 67.27 -3.39 -46.59
N ASP E 683 67.91 -3.51 -47.75
CA ASP E 683 69.13 -2.75 -48.03
C ASP E 683 68.95 -1.80 -49.21
N LYS E 684 67.82 -1.11 -49.31
CA LYS E 684 67.67 -0.15 -50.40
C LYS E 684 68.70 0.98 -50.32
N ASP E 685 69.17 1.32 -49.11
CA ASP E 685 70.18 2.37 -48.94
C ASP E 685 71.04 1.98 -47.73
N ALA E 686 72.18 1.34 -47.99
CA ALA E 686 73.01 0.86 -46.88
C ALA E 686 73.55 2.00 -46.02
N LYS E 687 73.82 3.15 -46.62
CA LYS E 687 74.44 4.26 -45.92
C LYS E 687 73.43 5.16 -45.21
N GLY E 688 72.14 4.90 -45.35
CA GLY E 688 71.13 5.78 -44.82
C GLY E 688 70.93 5.61 -43.33
N ASP E 689 70.00 6.40 -42.80
CA ASP E 689 69.78 6.44 -41.36
C ASP E 689 68.32 6.79 -41.10
N LYS E 690 67.48 5.76 -41.06
CA LYS E 690 66.08 5.93 -40.67
C LYS E 690 65.67 4.62 -40.01
N ASP E 691 65.72 4.59 -38.67
CA ASP E 691 65.62 3.33 -37.96
C ASP E 691 64.29 2.62 -38.16
N GLY E 692 64.37 1.30 -38.25
CA GLY E 692 63.22 0.50 -38.61
C GLY E 692 62.16 0.32 -37.54
N SER E 693 61.05 0.95 -37.75
CA SER E 693 59.95 0.85 -36.81
C SER E 693 59.32 -0.53 -36.82
N LEU E 694 58.84 -0.96 -35.66
CA LEU E 694 57.88 -2.03 -35.59
C LEU E 694 56.50 -1.56 -35.97
N GLU E 695 55.70 -2.51 -36.40
CA GLU E 695 54.26 -2.33 -36.38
C GLU E 695 53.69 -3.57 -35.71
N VAL E 696 53.17 -3.39 -34.56
CA VAL E 696 52.64 -4.48 -33.77
C VAL E 696 51.18 -4.66 -34.13
N THR E 697 50.66 -5.88 -34.00
CA THR E 697 49.28 -6.21 -34.31
C THR E 697 48.78 -7.16 -33.24
N GLY E 698 47.53 -7.58 -33.34
CA GLY E 698 46.95 -8.46 -32.34
C GLY E 698 46.03 -7.81 -31.33
N GLN E 699 45.58 -6.58 -31.55
CA GLN E 699 44.57 -5.92 -30.70
C GLN E 699 45.05 -5.75 -29.27
N LEU E 700 46.34 -5.49 -29.12
CA LEU E 700 46.96 -5.35 -27.83
C LEU E 700 46.44 -4.14 -27.06
N GLY E 701 46.33 -4.31 -25.76
CA GLY E 701 46.15 -3.17 -24.88
C GLY E 701 47.46 -2.46 -24.68
N GLU E 702 47.36 -1.26 -24.10
CA GLU E 702 48.51 -0.37 -24.03
C GLU E 702 49.65 -0.98 -23.23
N VAL E 703 49.34 -1.70 -22.14
CA VAL E 703 50.40 -2.26 -21.32
C VAL E 703 51.13 -3.34 -22.10
N MET E 704 50.38 -4.12 -22.86
CA MET E 704 51.02 -5.08 -23.73
C MET E 704 51.87 -4.38 -24.78
N LYS E 705 51.43 -3.22 -25.25
CA LYS E 705 52.22 -2.51 -26.25
C LYS E 705 53.54 -2.06 -25.67
N GLU E 706 53.52 -1.52 -24.45
CA GLU E 706 54.76 -1.09 -23.82
C GLU E 706 55.67 -2.27 -23.55
N SER E 707 55.09 -3.43 -23.19
CA SER E 707 55.96 -4.57 -22.98
C SER E 707 56.63 -5.01 -24.27
N ALA E 708 55.89 -4.95 -25.37
CA ALA E 708 56.52 -5.29 -26.64
C ALA E 708 57.61 -4.30 -26.99
N ARG E 709 57.37 -3.02 -26.69
CA ARG E 709 58.36 -2.00 -27.01
C ARG E 709 59.64 -2.21 -26.22
N ILE E 710 59.50 -2.61 -24.96
CA ILE E 710 60.67 -2.87 -24.12
C ILE E 710 61.44 -4.05 -24.66
N ALA E 711 60.72 -5.09 -25.04
CA ALA E 711 61.39 -6.25 -25.58
C ALA E 711 62.16 -5.89 -26.83
N TYR E 712 61.59 -5.01 -27.64
CA TYR E 712 62.25 -4.66 -28.88
C TYR E 712 63.55 -3.93 -28.61
N THR E 713 63.51 -2.98 -27.67
CA THR E 713 64.73 -2.22 -27.39
C THR E 713 65.82 -3.14 -26.86
N PHE E 714 65.45 -4.10 -26.00
CA PHE E 714 66.48 -4.98 -25.48
C PHE E 714 67.05 -5.84 -26.60
N ALA E 715 66.21 -6.27 -27.53
CA ALA E 715 66.72 -7.11 -28.62
C ALA E 715 67.76 -6.37 -29.42
N ARG E 716 67.40 -5.16 -29.84
CA ARG E 716 68.34 -4.44 -30.67
C ARG E 716 69.57 -4.02 -29.91
N ALA E 717 69.49 -3.89 -28.58
CA ALA E 717 70.70 -3.62 -27.83
C ALA E 717 71.61 -4.84 -27.83
N PHE E 718 71.05 -5.99 -27.46
CA PHE E 718 71.86 -7.16 -27.21
C PHE E 718 72.55 -7.63 -28.48
N LEU E 719 71.85 -7.53 -29.59
CA LEU E 719 72.39 -8.06 -30.84
C LEU E 719 73.63 -7.29 -31.26
N MET E 720 73.56 -5.97 -31.22
CA MET E 720 74.77 -5.22 -31.52
C MET E 720 75.81 -5.41 -30.45
N GLN E 721 75.39 -5.70 -29.21
CA GLN E 721 76.36 -5.78 -28.14
C GLN E 721 77.37 -6.90 -28.37
N HIS E 722 76.92 -8.09 -28.78
CA HIS E 722 77.89 -9.20 -28.94
C HIS E 722 78.24 -9.52 -30.38
N ALA E 723 77.52 -8.96 -31.36
CA ALA E 723 77.74 -9.25 -32.78
C ALA E 723 77.81 -7.93 -33.53
N PRO E 724 78.91 -7.18 -33.41
CA PRO E 724 78.93 -5.80 -33.94
C PRO E 724 78.67 -5.68 -35.43
N ALA E 725 79.11 -6.67 -36.21
CA ALA E 725 79.05 -6.54 -37.66
C ALA E 725 77.62 -6.50 -38.19
N ASN E 726 76.69 -7.16 -37.51
CA ASN E 726 75.34 -7.27 -38.03
C ASN E 726 74.65 -5.93 -37.90
N ASP E 727 73.69 -5.70 -38.78
CA ASP E 727 72.85 -4.51 -38.72
C ASP E 727 71.40 -4.73 -39.10
N TYR E 728 70.98 -5.97 -39.31
CA TYR E 728 69.69 -6.24 -39.93
C TYR E 728 68.55 -5.65 -39.15
N LEU E 729 68.69 -5.58 -37.83
CA LEU E 729 67.59 -5.20 -36.98
C LEU E 729 67.60 -3.74 -36.60
N VAL E 730 68.64 -2.98 -36.96
CA VAL E 730 68.70 -1.56 -36.64
C VAL E 730 68.22 -0.66 -37.78
N THR E 731 68.09 -1.18 -38.99
CA THR E 731 67.83 -0.37 -40.17
C THR E 731 66.86 -1.05 -41.13
N SER E 732 65.80 -1.66 -40.60
CA SER E 732 64.85 -2.30 -41.50
C SER E 732 63.54 -2.46 -40.77
N HIS E 733 62.44 -2.32 -41.49
CA HIS E 733 61.15 -2.37 -40.87
C HIS E 733 60.78 -3.80 -40.52
N ILE E 734 59.88 -3.94 -39.55
CA ILE E 734 59.50 -5.23 -38.97
C ILE E 734 58.03 -5.19 -38.64
N HIS E 735 57.34 -6.30 -38.83
CA HIS E 735 55.95 -6.43 -38.43
C HIS E 735 55.86 -7.62 -37.53
N LEU E 736 55.04 -7.50 -36.48
CA LEU E 736 55.02 -8.47 -35.40
C LEU E 736 53.60 -8.76 -34.95
N HIS E 737 53.37 -10.00 -34.54
CA HIS E 737 52.02 -10.48 -34.26
C HIS E 737 52.07 -11.42 -33.09
N VAL E 738 51.34 -11.09 -32.03
CA VAL E 738 51.21 -11.92 -30.83
C VAL E 738 49.73 -12.32 -30.71
N PRO E 739 49.35 -13.57 -30.99
CA PRO E 739 47.92 -13.88 -31.10
C PRO E 739 47.16 -13.64 -29.81
N GLU E 740 45.93 -13.21 -29.98
CA GLU E 740 45.11 -12.84 -28.85
C GLU E 740 44.70 -14.07 -28.06
N GLY E 741 44.35 -13.83 -26.81
CA GLY E 741 43.80 -14.85 -25.93
C GLY E 741 44.26 -14.78 -24.50
N ALA E 742 45.48 -14.31 -24.25
CA ALA E 742 46.01 -14.27 -22.90
C ALA E 742 45.16 -13.38 -22.00
N THR E 743 44.99 -13.80 -20.76
CA THR E 743 44.34 -12.95 -19.78
C THR E 743 45.25 -11.75 -19.52
N PRO E 744 44.70 -10.54 -19.31
CA PRO E 744 45.57 -9.34 -19.28
C PRO E 744 46.69 -9.38 -18.26
N LYS E 745 46.47 -10.02 -17.11
CA LYS E 745 47.53 -10.09 -16.11
C LYS E 745 48.74 -10.85 -16.62
N ASP E 746 48.53 -11.81 -17.50
CA ASP E 746 49.64 -12.62 -17.98
C ASP E 746 50.31 -11.96 -19.19
N GLY E 747 49.76 -10.83 -19.70
CA GLY E 747 50.25 -10.26 -20.93
C GLY E 747 51.74 -10.02 -20.99
N PRO E 748 52.33 -9.40 -19.97
CA PRO E 748 53.77 -9.13 -20.01
C PRO E 748 54.62 -10.36 -20.21
N SER E 749 54.14 -11.51 -19.75
CA SER E 749 54.90 -12.74 -19.80
C SER E 749 55.34 -13.13 -21.19
N ALA E 750 54.66 -12.66 -22.22
CA ALA E 750 55.04 -13.01 -23.57
C ALA E 750 56.44 -12.51 -23.91
N GLY E 751 56.96 -11.52 -23.17
CA GLY E 751 58.09 -10.74 -23.65
C GLY E 751 59.32 -11.56 -23.93
N CYS E 752 59.56 -12.59 -23.13
CA CYS E 752 60.74 -13.42 -23.34
C CYS E 752 60.70 -14.05 -24.70
N THR E 753 59.54 -14.62 -25.08
CA THR E 753 59.41 -15.25 -26.38
C THR E 753 59.65 -14.24 -27.48
N ILE E 754 59.18 -13.00 -27.28
CA ILE E 754 59.25 -11.99 -28.32
C ILE E 754 60.69 -11.74 -28.67
N VAL E 755 61.56 -11.74 -27.66
CA VAL E 755 62.95 -11.43 -27.95
C VAL E 755 63.53 -12.52 -28.84
N THR E 756 63.24 -13.78 -28.51
CA THR E 756 63.75 -14.87 -29.32
C THR E 756 63.17 -14.82 -30.71
N ALA E 757 61.98 -14.25 -30.87
CA ALA E 757 61.46 -14.05 -32.21
C ALA E 757 62.45 -13.21 -33.00
N LEU E 758 62.64 -11.95 -32.58
CA LEU E 758 63.36 -10.97 -33.38
C LEU E 758 64.76 -11.44 -33.70
N LEU E 759 65.50 -11.86 -32.67
CA LEU E 759 66.88 -12.27 -32.86
C LEU E 759 66.98 -13.42 -33.84
N SER E 760 66.02 -14.35 -33.74
CA SER E 760 65.99 -15.47 -34.68
C SER E 760 65.95 -14.94 -36.10
N LEU E 761 64.97 -14.07 -36.38
CA LEU E 761 64.87 -13.49 -37.70
C LEU E 761 66.11 -12.69 -38.03
N ALA E 762 66.69 -12.03 -37.02
CA ALA E 762 67.85 -11.22 -37.30
C ALA E 762 69.01 -12.07 -37.74
N MET E 763 69.09 -13.29 -37.23
CA MET E 763 70.16 -14.19 -37.63
C MET E 763 69.75 -15.11 -38.74
N GLY E 764 68.47 -15.43 -38.83
CA GLY E 764 67.97 -16.41 -39.77
C GLY E 764 68.12 -17.85 -39.30
N ARG E 765 68.70 -18.07 -38.16
CA ARG E 765 68.84 -19.42 -37.66
C ARG E 765 67.50 -19.91 -37.11
N PRO E 766 67.03 -21.09 -37.47
CA PRO E 766 65.84 -21.60 -36.81
C PRO E 766 66.07 -21.83 -35.34
N VAL E 767 65.02 -21.59 -34.56
CA VAL E 767 65.05 -21.95 -33.15
C VAL E 767 65.13 -23.45 -33.05
N ARG E 768 65.69 -23.96 -31.96
CA ARG E 768 65.72 -25.39 -31.75
C ARG E 768 64.29 -25.91 -31.71
N GLN E 769 64.11 -27.14 -32.20
CA GLN E 769 62.77 -27.70 -32.36
C GLN E 769 62.06 -27.80 -31.03
N ASN E 770 60.77 -27.51 -31.03
CA ASN E 770 59.80 -27.82 -29.97
C ASN E 770 60.32 -27.45 -28.58
N LEU E 771 60.47 -26.15 -28.37
CA LEU E 771 61.05 -25.60 -27.16
C LEU E 771 60.28 -24.37 -26.72
N ALA E 772 59.37 -24.54 -25.80
CA ALA E 772 58.57 -23.41 -25.31
C ALA E 772 59.45 -22.47 -24.51
N MET E 773 58.89 -21.33 -24.13
CA MET E 773 59.55 -20.45 -23.18
C MET E 773 58.54 -19.42 -22.71
N THR E 774 58.86 -18.74 -21.62
CA THR E 774 57.97 -17.71 -21.10
C THR E 774 58.73 -16.79 -20.16
N GLY E 775 57.99 -15.95 -19.43
CA GLY E 775 58.56 -15.00 -18.51
C GLY E 775 58.76 -13.63 -19.15
N GLU E 776 58.97 -12.63 -18.30
CA GLU E 776 59.10 -11.24 -18.70
C GLU E 776 60.56 -10.83 -18.84
N VAL E 777 60.79 -9.67 -19.43
CA VAL E 777 62.12 -9.06 -19.47
C VAL E 777 61.96 -7.60 -19.11
N SER E 778 63.05 -7.01 -18.64
CA SER E 778 63.06 -5.69 -18.04
C SER E 778 64.25 -4.89 -18.54
N LEU E 779 64.52 -4.94 -19.84
CA LEU E 779 65.37 -3.99 -20.55
C LEU E 779 66.85 -4.10 -20.23
N THR E 780 67.25 -4.92 -19.26
CA THR E 780 68.64 -5.21 -18.99
C THR E 780 68.88 -6.72 -18.93
N GLY E 781 67.86 -7.55 -19.19
CA GLY E 781 68.02 -8.97 -19.26
C GLY E 781 67.69 -9.73 -18.01
N LYS E 782 67.46 -9.08 -16.89
CA LYS E 782 66.93 -9.82 -15.76
C LYS E 782 65.50 -10.23 -16.07
N ILE E 783 65.18 -11.47 -15.73
CA ILE E 783 63.88 -12.08 -15.98
C ILE E 783 63.17 -12.15 -14.64
N LEU E 784 61.86 -12.21 -14.68
CA LEU E 784 61.02 -11.98 -13.51
C LEU E 784 60.03 -13.11 -13.27
N PRO E 785 59.55 -13.29 -12.05
CA PRO E 785 58.52 -14.30 -11.82
C PRO E 785 57.25 -13.99 -12.57
N VAL E 786 56.54 -15.05 -12.96
CA VAL E 786 55.31 -14.97 -13.73
C VAL E 786 54.27 -15.88 -13.13
N GLY E 787 52.99 -15.51 -13.29
CA GLY E 787 51.90 -16.26 -12.72
C GLY E 787 51.42 -17.43 -13.56
N GLY E 788 50.56 -18.24 -12.96
CA GLY E 788 49.88 -19.31 -13.68
C GLY E 788 50.74 -20.43 -14.19
N ILE E 789 51.78 -20.82 -13.44
CA ILE E 789 52.73 -21.83 -13.94
C ILE E 789 52.07 -23.17 -14.18
N LYS E 790 51.04 -23.50 -13.43
CA LYS E 790 50.46 -24.84 -13.49
C LYS E 790 49.83 -25.12 -14.84
N GLU E 791 48.92 -24.26 -15.27
CA GLU E 791 48.28 -24.44 -16.56
C GLU E 791 49.29 -24.33 -17.68
N LYS E 792 50.32 -23.50 -17.52
CA LYS E 792 51.32 -23.42 -18.56
C LYS E 792 52.00 -24.76 -18.75
N THR E 793 52.47 -25.38 -17.67
CA THR E 793 53.16 -26.64 -17.87
C THR E 793 52.22 -27.72 -18.39
N ILE E 794 50.95 -27.67 -17.99
CA ILE E 794 49.99 -28.65 -18.53
C ILE E 794 49.90 -28.52 -20.03
N ALA E 795 49.63 -27.31 -20.52
CA ALA E 795 49.44 -27.13 -21.95
C ALA E 795 50.71 -27.47 -22.71
N ALA E 796 51.87 -27.20 -22.11
CA ALA E 796 53.08 -27.60 -22.79
C ALA E 796 53.19 -29.10 -22.87
N LYS E 797 52.69 -29.83 -21.87
CA LYS E 797 52.71 -31.27 -21.98
C LYS E 797 51.74 -31.74 -23.05
N ARG E 798 50.59 -31.08 -23.18
CA ARG E 798 49.58 -31.59 -24.09
C ARG E 798 49.95 -31.39 -25.54
N ALA E 799 50.87 -30.48 -25.86
CA ALA E 799 51.22 -30.17 -27.24
C ALA E 799 52.57 -30.75 -27.64
N GLY E 800 53.11 -31.68 -26.87
CA GLY E 800 54.35 -32.32 -27.27
C GLY E 800 55.60 -31.53 -27.01
N VAL E 801 55.54 -30.47 -26.21
CA VAL E 801 56.75 -29.74 -25.86
C VAL E 801 57.67 -30.67 -25.09
N THR E 802 58.98 -30.44 -25.19
CA THR E 802 59.96 -31.30 -24.56
C THR E 802 60.97 -30.57 -23.69
N CYS E 803 61.17 -29.28 -23.85
CA CYS E 803 62.29 -28.59 -23.23
C CYS E 803 61.88 -27.25 -22.64
N ILE E 804 60.78 -27.22 -21.88
CA ILE E 804 60.21 -25.97 -21.39
C ILE E 804 61.27 -25.18 -20.64
N VAL E 805 61.28 -23.85 -20.81
CA VAL E 805 62.27 -22.95 -20.21
C VAL E 805 61.54 -21.87 -19.44
N LEU E 806 61.94 -21.65 -18.20
CA LEU E 806 61.19 -20.86 -17.22
C LEU E 806 62.05 -19.88 -16.45
N PRO E 807 61.44 -18.85 -15.83
CA PRO E 807 62.22 -18.00 -14.95
C PRO E 807 62.76 -18.83 -13.80
N ALA E 808 64.00 -18.58 -13.39
CA ALA E 808 64.56 -19.39 -12.32
C ALA E 808 63.82 -19.17 -11.01
N GLU E 809 63.38 -17.94 -10.77
CA GLU E 809 62.79 -17.59 -9.50
C GLU E 809 61.55 -18.41 -9.20
N ASN E 810 60.85 -18.84 -10.23
CA ASN E 810 59.56 -19.45 -10.07
C ASN E 810 59.68 -20.97 -9.88
N LYS E 811 60.93 -21.48 -9.71
CA LYS E 811 61.14 -22.92 -9.57
C LYS E 811 60.34 -23.53 -8.45
N LYS E 812 60.06 -22.76 -7.38
CA LYS E 812 59.38 -23.28 -6.21
C LYS E 812 58.10 -24.01 -6.58
N ASP E 813 57.42 -23.52 -7.61
CA ASP E 813 56.16 -24.09 -7.96
C ASP E 813 56.30 -25.26 -8.91
N PHE E 814 57.29 -25.22 -9.81
CA PHE E 814 57.38 -26.31 -10.78
C PHE E 814 57.72 -27.62 -10.12
N TYR E 815 58.42 -27.60 -9.00
CA TYR E 815 58.72 -28.80 -8.27
C TYR E 815 57.62 -29.18 -7.30
N ASP E 816 56.57 -28.37 -7.18
CA ASP E 816 55.41 -28.79 -6.40
C ASP E 816 54.47 -29.67 -7.23
N LEU E 817 54.74 -29.88 -8.51
CA LEU E 817 53.86 -30.64 -9.36
C LEU E 817 53.85 -32.11 -9.02
N ALA E 818 52.75 -32.76 -9.37
CA ALA E 818 52.59 -34.18 -9.17
C ALA E 818 53.65 -34.92 -9.96
N ALA E 819 54.02 -36.09 -9.47
CA ALA E 819 55.24 -36.75 -9.91
C ALA E 819 55.27 -37.02 -11.40
N PHE E 820 54.12 -37.23 -12.03
CA PHE E 820 54.16 -37.64 -13.43
C PHE E 820 54.35 -36.47 -14.39
N ILE E 821 53.81 -35.28 -14.09
CA ILE E 821 53.87 -34.17 -15.04
C ILE E 821 55.30 -33.80 -15.38
N THR E 822 56.22 -33.98 -14.45
CA THR E 822 57.59 -33.67 -14.74
C THR E 822 58.22 -34.68 -15.69
N GLU E 823 57.61 -35.84 -15.92
CA GLU E 823 58.21 -36.86 -16.76
C GLU E 823 58.44 -36.33 -18.16
N GLY E 824 59.62 -36.62 -18.70
CA GLY E 824 59.94 -36.22 -20.04
C GLY E 824 60.51 -34.82 -20.11
N LEU E 825 59.76 -33.83 -19.60
CA LEU E 825 60.20 -32.44 -19.68
C LEU E 825 61.52 -32.26 -18.96
N GLU E 826 62.45 -31.57 -19.59
CA GLU E 826 63.76 -31.28 -19.01
C GLU E 826 63.87 -29.79 -18.86
N VAL E 827 63.33 -29.26 -17.77
CA VAL E 827 63.32 -27.82 -17.59
C VAL E 827 64.74 -27.33 -17.35
N HIS E 828 65.08 -26.18 -17.93
CA HIS E 828 66.35 -25.49 -17.67
C HIS E 828 65.99 -24.17 -17.00
N PHE E 829 66.14 -24.08 -15.69
CA PHE E 829 65.90 -22.81 -15.04
C PHE E 829 66.99 -21.81 -15.39
N VAL E 830 66.59 -20.57 -15.64
CA VAL E 830 67.52 -19.47 -15.91
C VAL E 830 66.85 -18.17 -15.50
N GLU E 831 67.67 -17.17 -15.19
CA GLU E 831 67.22 -15.85 -14.75
C GLU E 831 67.73 -14.69 -15.59
N HIS E 832 68.98 -14.68 -16.04
CA HIS E 832 69.50 -13.59 -16.84
C HIS E 832 69.36 -14.00 -18.29
N TYR E 833 68.77 -13.14 -19.12
CA TYR E 833 68.40 -13.59 -20.46
C TYR E 833 69.60 -14.03 -21.28
N ARG E 834 70.82 -13.61 -20.94
CA ARG E 834 71.98 -13.99 -21.73
C ARG E 834 72.15 -15.50 -21.78
N GLU E 835 71.59 -16.23 -20.82
CA GLU E 835 71.71 -17.67 -20.81
C GLU E 835 70.80 -18.28 -21.86
N ILE E 836 69.57 -17.80 -21.99
CA ILE E 836 68.60 -18.42 -22.90
C ILE E 836 69.10 -18.44 -24.34
N PHE E 837 69.88 -17.45 -24.72
CA PHE E 837 70.43 -17.41 -26.07
C PHE E 837 71.40 -18.54 -26.29
N ASP E 838 71.92 -19.14 -25.24
CA ASP E 838 72.81 -20.26 -25.45
C ASP E 838 72.02 -21.51 -25.82
N ILE E 839 70.97 -21.84 -25.07
CA ILE E 839 70.28 -23.09 -25.39
C ILE E 839 69.46 -22.96 -26.66
N ALA E 840 68.85 -21.80 -26.91
CA ALA E 840 67.97 -21.70 -28.05
C ALA E 840 68.68 -21.85 -29.37
N PHE E 841 69.94 -21.44 -29.45
CA PHE E 841 70.76 -21.55 -30.67
C PHE E 841 72.10 -22.17 -30.28
N PRO E 842 72.14 -23.49 -30.03
CA PRO E 842 73.37 -24.15 -29.55
C PRO E 842 74.62 -23.99 -30.39
N HIS F 17 -76.24 -41.29 66.39
CA HIS F 17 -77.24 -41.90 65.52
C HIS F 17 -77.11 -41.36 64.09
N LEU F 18 -76.05 -41.75 63.40
CA LEU F 18 -75.79 -41.32 62.04
C LEU F 18 -75.41 -42.52 61.18
N PRO F 19 -75.70 -42.51 59.86
CA PRO F 19 -75.29 -43.64 59.02
C PRO F 19 -73.77 -43.74 58.89
N LEU F 20 -73.28 -44.96 58.71
CA LEU F 20 -71.86 -45.17 58.49
C LEU F 20 -71.43 -44.48 57.19
N ILE F 21 -70.26 -43.84 57.20
CA ILE F 21 -69.79 -43.15 56.00
C ILE F 21 -69.21 -44.16 55.02
N ALA F 22 -69.33 -43.84 53.72
CA ALA F 22 -68.77 -44.63 52.62
C ALA F 22 -67.37 -44.10 52.35
N ILE F 23 -66.34 -44.77 52.86
CA ILE F 23 -64.99 -44.25 52.67
C ILE F 23 -64.57 -44.28 51.21
N THR F 24 -64.99 -45.31 50.45
CA THR F 24 -64.70 -45.52 49.02
C THR F 24 -63.26 -45.14 48.61
N ARG F 25 -62.31 -45.89 49.17
CA ARG F 25 -60.89 -45.79 48.83
C ARG F 25 -60.37 -44.37 49.08
N ASN F 26 -60.33 -44.04 50.37
CA ASN F 26 -59.84 -42.76 50.87
C ASN F 26 -59.38 -42.99 52.31
N PRO F 27 -58.27 -43.78 52.57
CA PRO F 27 -57.53 -43.60 53.84
C PRO F 27 -57.43 -42.16 54.31
N VAL F 28 -57.65 -41.97 55.61
CA VAL F 28 -57.51 -40.69 56.27
C VAL F 28 -56.55 -40.90 57.43
N PHE F 29 -55.28 -40.59 57.18
CA PHE F 29 -54.22 -40.89 58.12
C PHE F 29 -54.41 -39.97 59.33
N PRO F 30 -53.97 -40.35 60.54
CA PRO F 30 -54.18 -39.46 61.69
C PRO F 30 -53.48 -38.11 61.50
N ARG F 31 -54.18 -37.05 61.93
CA ARG F 31 -53.70 -35.66 61.86
C ARG F 31 -53.13 -35.30 60.47
N PHE F 32 -53.92 -35.60 59.46
CA PHE F 32 -53.58 -35.35 58.06
C PHE F 32 -54.88 -35.04 57.35
N ILE F 33 -54.99 -33.82 56.81
CA ILE F 33 -56.21 -33.43 56.11
C ILE F 33 -56.36 -34.32 54.89
N LYS F 34 -57.61 -34.67 54.58
CA LYS F 34 -57.89 -35.56 53.46
C LYS F 34 -59.27 -35.19 52.92
N ILE F 35 -59.50 -35.56 51.65
CA ILE F 35 -60.73 -35.22 50.95
C ILE F 35 -61.49 -36.50 50.59
N ILE F 36 -62.83 -36.42 50.64
CA ILE F 36 -63.70 -37.55 50.32
C ILE F 36 -64.74 -37.06 49.33
N GLU F 37 -65.03 -37.91 48.30
CA GLU F 37 -65.97 -37.59 47.21
C GLU F 37 -66.77 -38.81 46.71
N VAL F 38 -67.66 -39.33 47.57
CA VAL F 38 -68.49 -40.47 47.20
C VAL F 38 -69.43 -40.07 46.06
N LYS F 39 -69.65 -40.97 45.10
CA LYS F 39 -70.49 -40.60 43.96
C LYS F 39 -71.98 -40.56 44.28
N ASN F 40 -72.42 -41.27 45.32
CA ASN F 40 -73.83 -41.25 45.69
C ASN F 40 -74.19 -39.89 46.28
N LYS F 41 -75.42 -39.45 45.98
CA LYS F 41 -75.95 -38.17 46.45
C LYS F 41 -76.78 -38.29 47.73
N LYS F 42 -77.02 -39.51 48.22
CA LYS F 42 -77.79 -39.68 49.45
C LYS F 42 -77.05 -39.13 50.67
N LEU F 43 -75.71 -39.19 50.67
CA LEU F 43 -74.96 -38.58 51.77
C LEU F 43 -75.09 -37.07 51.78
N VAL F 44 -75.22 -36.44 50.61
CA VAL F 44 -75.37 -34.98 50.56
C VAL F 44 -76.61 -34.56 51.34
N GLU F 45 -77.66 -35.40 51.34
CA GLU F 45 -78.86 -35.08 52.10
C GLU F 45 -78.51 -35.01 53.59
N LEU F 46 -77.70 -35.96 54.07
CA LEU F 46 -77.24 -35.90 55.45
C LEU F 46 -76.37 -34.69 55.70
N LEU F 47 -75.61 -34.26 54.69
CA LEU F 47 -74.83 -33.04 54.87
C LEU F 47 -75.74 -31.85 55.00
N ARG F 48 -76.90 -31.87 54.34
CA ARG F 48 -77.81 -30.74 54.46
C ARG F 48 -78.66 -30.87 55.71
N ARG F 49 -78.70 -32.05 56.35
CA ARG F 49 -79.38 -32.22 57.64
C ARG F 49 -78.49 -31.94 58.84
N LYS F 50 -77.15 -32.00 58.72
CA LYS F 50 -76.28 -31.70 59.87
C LYS F 50 -75.96 -30.21 60.00
N VAL F 51 -76.27 -29.40 58.99
CA VAL F 51 -76.10 -27.95 59.15
C VAL F 51 -77.09 -27.42 60.19
N ARG F 52 -78.28 -28.01 60.29
CA ARG F 52 -79.25 -27.57 61.29
C ARG F 52 -78.96 -28.14 62.67
N LEU F 53 -78.04 -29.10 62.79
CA LEU F 53 -77.68 -29.63 64.09
C LEU F 53 -76.84 -28.59 64.82
N ALA F 54 -76.90 -28.61 66.15
CA ALA F 54 -76.20 -27.62 66.95
C ALA F 54 -74.69 -27.74 66.77
N GLN F 55 -74.16 -28.97 66.81
CA GLN F 55 -72.74 -29.23 66.67
C GLN F 55 -72.49 -29.93 65.33
N PRO F 56 -71.77 -29.33 64.32
CA PRO F 56 -71.49 -30.07 63.08
C PRO F 56 -70.26 -30.94 63.19
N TYR F 57 -70.39 -32.23 62.86
CA TYR F 57 -69.29 -33.18 62.99
C TYR F 57 -69.49 -34.28 61.97
N VAL F 58 -68.43 -35.06 61.77
CA VAL F 58 -68.46 -36.22 60.88
C VAL F 58 -67.46 -37.23 61.40
N GLY F 59 -67.72 -38.50 61.11
CA GLY F 59 -66.84 -39.59 61.51
C GLY F 59 -66.07 -40.19 60.36
N VAL F 60 -64.93 -40.81 60.69
CA VAL F 60 -64.06 -41.42 59.70
C VAL F 60 -63.70 -42.80 60.22
N PHE F 61 -64.12 -43.83 59.50
CA PHE F 61 -63.93 -45.23 59.85
C PHE F 61 -63.06 -45.82 58.75
N LEU F 62 -62.70 -47.10 58.87
CA LEU F 62 -61.95 -47.78 57.82
C LEU F 62 -62.68 -49.03 57.38
N LYS F 63 -62.72 -49.26 56.07
CA LYS F 63 -63.35 -50.42 55.45
C LYS F 63 -62.45 -51.66 55.53
N ARG F 64 -63.08 -52.83 55.47
CA ARG F 64 -62.36 -54.11 55.49
C ARG F 64 -62.06 -54.55 54.05
N ASP F 65 -61.59 -55.78 53.91
CA ASP F 65 -61.11 -56.30 52.61
C ASP F 65 -62.24 -56.40 51.59
N ASP F 66 -61.87 -56.32 50.31
CA ASP F 66 -62.79 -56.49 49.18
C ASP F 66 -63.93 -55.48 49.24
N SER F 67 -63.59 -54.22 48.93
CA SER F 67 -64.60 -53.16 48.99
C SER F 67 -65.74 -53.45 48.01
N ASN F 68 -66.96 -53.22 48.47
CA ASN F 68 -68.16 -53.43 47.67
C ASN F 68 -69.17 -52.42 48.17
N GLU F 69 -69.57 -51.49 47.31
CA GLU F 69 -70.52 -50.45 47.72
C GLU F 69 -71.88 -51.03 48.13
N SER F 70 -72.32 -52.11 47.45
CA SER F 70 -73.59 -52.69 47.86
C SER F 70 -73.45 -53.35 49.23
N ASP F 71 -72.29 -53.93 49.55
CA ASP F 71 -72.20 -54.55 50.85
C ASP F 71 -72.16 -53.48 51.93
N VAL F 72 -71.64 -52.29 51.59
CA VAL F 72 -71.55 -51.21 52.57
C VAL F 72 -72.94 -50.79 52.98
N VAL F 73 -73.85 -50.70 52.00
CA VAL F 73 -75.23 -50.33 52.32
C VAL F 73 -76.07 -51.51 52.82
N GLU F 74 -75.58 -52.75 52.66
CA GLU F 74 -76.33 -53.95 53.06
C GLU F 74 -76.02 -54.42 54.47
N SER F 75 -74.74 -54.45 54.86
CA SER F 75 -74.34 -54.86 56.20
C SER F 75 -73.45 -53.80 56.82
N LEU F 76 -73.54 -53.70 58.15
CA LEU F 76 -72.75 -52.76 58.92
C LEU F 76 -71.50 -53.39 59.52
N ASP F 77 -71.30 -54.70 59.34
CA ASP F 77 -70.15 -55.38 59.91
C ASP F 77 -68.88 -55.16 59.10
N GLU F 78 -69.00 -54.75 57.83
CA GLU F 78 -67.84 -54.55 56.98
C GLU F 78 -66.89 -53.51 57.55
N ILE F 79 -67.45 -52.45 58.14
CA ILE F 79 -66.65 -51.37 58.71
C ILE F 79 -65.94 -51.85 59.97
N TYR F 80 -64.69 -51.43 60.13
CA TYR F 80 -63.93 -51.77 61.33
C TYR F 80 -64.56 -51.09 62.55
N HIS F 81 -64.39 -51.70 63.72
CA HIS F 81 -64.90 -51.09 64.95
C HIS F 81 -64.22 -49.76 65.23
N THR F 82 -62.96 -49.61 64.82
CA THR F 82 -62.21 -48.39 65.09
C THR F 82 -62.82 -47.20 64.35
N GLY F 83 -62.75 -46.01 64.98
CA GLY F 83 -63.28 -44.81 64.38
C GLY F 83 -62.47 -43.59 64.76
N THR F 84 -62.80 -42.47 64.11
CA THR F 84 -62.14 -41.19 64.38
C THR F 84 -63.14 -40.08 64.04
N PHE F 85 -63.92 -39.67 65.04
CA PHE F 85 -64.80 -38.50 64.88
C PHE F 85 -64.03 -37.19 64.88
N ALA F 86 -64.54 -36.22 64.12
CA ALA F 86 -63.92 -34.90 64.05
C ALA F 86 -64.92 -33.87 63.52
N GLN F 87 -64.58 -32.59 63.69
CA GLN F 87 -65.39 -31.48 63.18
C GLN F 87 -65.02 -31.06 61.76
N ILE F 88 -66.05 -30.66 61.00
CA ILE F 88 -65.92 -30.18 59.62
C ILE F 88 -65.29 -28.78 59.57
N HIS F 89 -64.62 -28.47 58.46
CA HIS F 89 -64.08 -27.14 58.18
C HIS F 89 -65.06 -26.40 57.28
N GLU F 90 -65.06 -26.67 55.98
CA GLU F 90 -65.86 -25.90 55.04
C GLU F 90 -66.06 -26.74 53.78
N MET F 91 -67.26 -26.67 53.23
CA MET F 91 -67.58 -27.31 51.96
C MET F 91 -67.08 -26.49 50.78
N GLN F 92 -66.81 -27.18 49.66
CA GLN F 92 -66.34 -26.54 48.42
C GLN F 92 -67.20 -26.96 47.25
N ASP F 93 -67.21 -28.25 46.90
CA ASP F 93 -68.10 -28.79 45.87
C ASP F 93 -67.86 -28.10 44.52
N LEU F 94 -66.59 -27.95 44.15
CA LEU F 94 -66.23 -27.16 42.97
C LEU F 94 -66.85 -27.70 41.68
N GLY F 95 -66.66 -28.99 41.39
CA GLY F 95 -67.16 -29.58 40.15
C GLY F 95 -68.18 -30.65 40.43
N ASP F 96 -67.88 -31.50 41.40
CA ASP F 96 -68.81 -32.46 41.96
C ASP F 96 -69.47 -31.85 43.19
N LYS F 97 -70.59 -32.44 43.60
CA LYS F 97 -71.38 -31.95 44.73
C LYS F 97 -71.01 -32.57 46.07
N LEU F 98 -69.90 -33.32 46.16
CA LEU F 98 -69.49 -33.94 47.43
C LEU F 98 -67.96 -33.94 47.48
N ARG F 99 -67.40 -32.85 47.99
CA ARG F 99 -65.95 -32.68 48.13
C ARG F 99 -65.70 -32.36 49.60
N MET F 100 -66.03 -33.26 50.51
CA MET F 100 -65.88 -32.93 51.92
C MET F 100 -64.42 -33.02 52.34
N ILE F 101 -64.09 -32.23 53.38
CA ILE F 101 -62.78 -32.26 54.04
C ILE F 101 -62.92 -33.03 55.34
N VAL F 102 -61.96 -33.92 55.60
CA VAL F 102 -61.93 -34.78 56.77
C VAL F 102 -60.57 -34.64 57.45
N MET F 103 -60.57 -34.98 58.74
CA MET F 103 -59.40 -34.93 59.61
C MET F 103 -59.56 -36.05 60.63
N GLY F 104 -58.44 -36.41 61.28
CA GLY F 104 -58.44 -37.41 62.33
C GLY F 104 -58.19 -36.78 63.69
N HIS F 105 -59.27 -36.49 64.44
CA HIS F 105 -59.18 -35.71 65.67
C HIS F 105 -59.41 -36.54 66.93
N ARG F 106 -60.60 -37.13 67.10
CA ARG F 106 -60.96 -37.91 68.29
C ARG F 106 -61.07 -39.37 67.88
N ARG F 107 -60.03 -40.15 68.18
CA ARG F 107 -60.07 -41.58 67.93
C ARG F 107 -60.96 -42.25 68.97
N VAL F 108 -61.58 -43.35 68.56
CA VAL F 108 -62.51 -44.10 69.39
C VAL F 108 -62.53 -45.54 68.90
N HIS F 109 -62.89 -46.46 69.80
CA HIS F 109 -62.99 -47.88 69.48
C HIS F 109 -64.33 -48.32 70.03
N ILE F 110 -65.36 -48.31 69.17
CA ILE F 110 -66.68 -48.73 69.59
C ILE F 110 -66.66 -50.22 69.85
N SER F 111 -67.31 -50.66 70.93
CA SER F 111 -67.25 -52.07 71.30
C SER F 111 -67.98 -52.95 70.28
N ARG F 112 -69.06 -52.43 69.69
CA ARG F 112 -69.88 -53.23 68.78
C ARG F 112 -70.71 -52.25 67.94
N GLN F 113 -70.26 -51.98 66.72
CA GLN F 113 -71.05 -51.14 65.81
C GLN F 113 -72.38 -51.77 65.42
N LEU F 114 -72.51 -53.10 65.55
CA LEU F 114 -73.75 -53.77 65.20
C LEU F 114 -74.89 -53.42 66.14
N GLU F 115 -74.65 -53.45 67.46
CA GLU F 115 -75.73 -53.35 68.48
C GLU F 115 -76.61 -52.10 68.35
N MET F 166 -75.16 -44.39 70.07
CA MET F 166 -74.43 -45.63 70.30
C MET F 166 -73.38 -45.36 71.37
N VAL F 167 -73.15 -46.35 72.24
CA VAL F 167 -72.18 -46.19 73.33
C VAL F 167 -70.77 -46.02 72.79
N GLU F 168 -70.04 -45.07 73.36
CA GLU F 168 -68.69 -44.77 72.91
C GLU F 168 -67.97 -44.14 74.09
N VAL F 169 -66.64 -44.21 74.07
CA VAL F 169 -65.83 -43.62 75.13
C VAL F 169 -64.51 -43.17 74.52
N GLU F 170 -63.99 -42.07 75.05
CA GLU F 170 -62.70 -41.51 74.60
C GLU F 170 -61.58 -42.26 75.34
N ASN F 171 -61.46 -43.54 75.02
CA ASN F 171 -60.40 -44.41 75.52
C ASN F 171 -59.11 -44.25 74.70
N VAL F 172 -58.61 -43.02 74.69
CA VAL F 172 -57.32 -42.71 74.03
C VAL F 172 -56.27 -43.01 75.08
N VAL F 173 -56.01 -44.29 75.28
CA VAL F 173 -54.98 -44.71 76.22
C VAL F 173 -53.61 -44.25 75.72
N HIS F 174 -52.77 -43.79 76.66
CA HIS F 174 -51.40 -43.42 76.33
C HIS F 174 -50.50 -43.50 77.58
N GLU F 175 -50.46 -44.66 78.24
CA GLU F 175 -49.62 -44.80 79.41
C GLU F 175 -48.16 -44.61 79.02
N ASP F 176 -47.39 -44.02 79.94
CA ASP F 176 -45.96 -43.79 79.74
C ASP F 176 -45.23 -43.84 81.07
N PHE F 177 -44.00 -44.34 81.02
CA PHE F 177 -43.17 -44.52 82.21
C PHE F 177 -42.81 -43.15 82.80
N GLN F 178 -42.61 -43.12 84.12
CA GLN F 178 -42.33 -41.87 84.82
C GLN F 178 -41.03 -41.22 84.36
N VAL F 179 -40.05 -41.99 83.91
CA VAL F 179 -38.80 -41.45 83.40
C VAL F 179 -38.97 -41.25 81.89
N THR F 180 -38.91 -40.00 81.43
CA THR F 180 -39.07 -39.64 80.03
C THR F 180 -37.83 -38.85 79.60
N GLU F 181 -36.68 -39.52 79.58
CA GLU F 181 -35.39 -38.92 79.23
C GLU F 181 -34.73 -39.65 78.06
N GLU F 182 -34.51 -40.97 78.18
CA GLU F 182 -33.97 -41.79 77.10
C GLU F 182 -34.99 -42.19 76.03
N VAL F 183 -36.29 -42.18 76.36
CA VAL F 183 -37.31 -42.61 75.40
C VAL F 183 -37.43 -41.69 74.19
N LYS F 184 -37.03 -40.41 74.30
CA LYS F 184 -37.06 -39.50 73.15
C LYS F 184 -35.89 -39.64 72.19
N ALA F 185 -34.87 -40.44 72.51
CA ALA F 185 -33.73 -40.60 71.60
C ALA F 185 -34.15 -41.23 70.29
N LEU F 186 -35.15 -42.11 70.33
CA LEU F 186 -35.61 -42.82 69.14
C LEU F 186 -36.24 -41.84 68.15
N THR F 187 -36.78 -40.73 68.67
CA THR F 187 -37.40 -39.74 67.78
C THR F 187 -36.38 -39.17 66.82
N ALA F 188 -35.13 -39.00 67.27
CA ALA F 188 -34.10 -38.48 66.38
C ALA F 188 -33.84 -39.43 65.23
N GLU F 189 -33.90 -40.74 65.50
CA GLU F 189 -33.73 -41.72 64.45
C GLU F 189 -34.99 -41.86 63.58
N ILE F 190 -36.17 -41.51 64.10
CA ILE F 190 -37.39 -41.55 63.28
C ILE F 190 -37.40 -40.45 62.22
N VAL F 191 -37.15 -39.20 62.63
CA VAL F 191 -37.10 -38.11 61.66
C VAL F 191 -35.93 -38.23 60.70
N LYS F 192 -34.81 -38.78 61.16
CA LYS F 192 -33.70 -39.04 60.26
C LYS F 192 -34.05 -40.10 59.23
N THR F 193 -34.82 -41.10 59.64
CA THR F 193 -35.26 -42.09 58.65
C THR F 193 -36.26 -41.45 57.70
N ILE F 194 -37.22 -40.69 58.25
CA ILE F 194 -38.17 -39.97 57.41
C ILE F 194 -37.45 -39.00 56.46
N ARG F 195 -36.34 -38.42 56.93
CA ARG F 195 -35.54 -37.57 56.05
C ARG F 195 -34.85 -38.36 54.95
N ASP F 196 -34.39 -39.58 55.23
CA ASP F 196 -33.88 -40.39 54.13
C ASP F 196 -35.00 -40.87 53.19
N ILE F 197 -36.24 -41.00 53.69
CA ILE F 197 -37.31 -41.43 52.80
C ILE F 197 -37.70 -40.27 51.90
N ILE F 198 -37.87 -39.10 52.48
CA ILE F 198 -38.26 -37.96 51.69
C ILE F 198 -37.11 -37.59 50.75
N ALA F 199 -35.85 -37.87 51.14
CA ALA F 199 -34.76 -37.45 50.26
C ALA F 199 -34.57 -38.35 49.04
N LEU F 200 -34.53 -39.67 49.22
CA LEU F 200 -34.36 -40.58 48.09
C LEU F 200 -35.65 -40.81 47.29
N ASN F 201 -36.81 -40.63 47.91
CA ASN F 201 -38.11 -40.70 47.23
C ASN F 201 -38.99 -39.54 47.69
N PRO F 202 -38.73 -38.31 47.20
CA PRO F 202 -39.60 -37.19 47.60
C PRO F 202 -41.04 -37.41 47.18
N LEU F 203 -41.95 -37.01 48.06
CA LEU F 203 -43.39 -37.05 47.86
C LEU F 203 -44.01 -35.72 48.24
N TYR F 204 -43.67 -35.20 49.43
CA TYR F 204 -44.21 -33.94 49.90
C TYR F 204 -43.07 -32.93 50.10
N ARG F 205 -43.47 -31.67 50.22
CA ARG F 205 -42.53 -30.58 50.48
C ARG F 205 -41.93 -30.74 51.88
N GLU F 206 -40.63 -30.40 52.03
CA GLU F 206 -39.95 -30.59 53.32
C GLU F 206 -40.18 -29.46 54.32
N SER F 207 -40.81 -28.37 53.90
CA SER F 207 -41.04 -27.21 54.75
C SER F 207 -41.88 -27.56 55.97
N VAL F 208 -42.85 -28.46 55.81
CA VAL F 208 -43.74 -28.83 56.92
C VAL F 208 -42.94 -29.45 58.06
N LEU F 209 -41.90 -30.20 57.73
CA LEU F 209 -40.96 -30.67 58.74
C LEU F 209 -40.17 -29.51 59.34
N GLN F 210 -39.89 -28.46 58.55
CA GLN F 210 -39.21 -27.29 59.11
C GLN F 210 -40.11 -26.51 60.07
N MET F 211 -41.43 -26.53 59.89
CA MET F 211 -42.29 -25.78 60.80
C MET F 211 -42.34 -26.46 62.17
N MET F 212 -42.60 -27.77 62.20
CA MET F 212 -42.76 -28.54 63.43
C MET F 212 -41.47 -29.31 63.69
N GLN F 213 -40.56 -28.66 64.40
CA GLN F 213 -39.30 -29.21 64.84
C GLN F 213 -39.45 -29.70 66.28
N ALA F 214 -38.65 -30.70 66.65
CA ALA F 214 -38.61 -31.13 68.03
C ALA F 214 -37.99 -30.05 68.92
N GLY F 215 -37.15 -29.17 68.36
CA GLY F 215 -36.48 -28.13 69.12
C GLY F 215 -37.32 -26.92 69.42
N GLN F 216 -38.52 -26.80 68.84
CA GLN F 216 -39.44 -25.72 69.16
C GLN F 216 -40.21 -25.98 70.45
N ARG F 217 -40.17 -27.21 70.97
CA ARG F 217 -40.91 -27.66 72.16
C ARG F 217 -42.43 -27.42 72.01
N VAL F 218 -42.93 -27.33 70.77
CA VAL F 218 -44.36 -27.22 70.51
C VAL F 218 -45.02 -28.58 70.27
N VAL F 219 -44.25 -29.67 70.32
CA VAL F 219 -44.80 -31.02 70.10
C VAL F 219 -45.35 -31.47 71.45
N ASP F 220 -46.53 -30.96 71.78
CA ASP F 220 -47.19 -31.38 73.01
C ASP F 220 -47.62 -32.84 72.96
N ASN F 221 -47.84 -33.38 71.75
CA ASN F 221 -48.43 -34.69 71.51
C ASN F 221 -47.46 -35.46 70.61
N PRO F 222 -46.35 -35.98 71.17
CA PRO F 222 -45.38 -36.72 70.33
C PRO F 222 -46.00 -37.89 69.57
N ILE F 223 -46.96 -38.60 70.18
CA ILE F 223 -47.60 -39.70 69.47
C ILE F 223 -48.27 -39.20 68.21
N TYR F 224 -48.86 -37.99 68.25
CA TYR F 224 -49.46 -37.43 67.06
C TYR F 224 -48.40 -37.06 66.02
N LEU F 225 -47.22 -36.60 66.45
CA LEU F 225 -46.19 -36.30 65.45
C LEU F 225 -45.69 -37.59 64.81
N SER F 226 -45.56 -38.67 65.59
CA SER F 226 -45.15 -39.94 65.01
C SER F 226 -46.22 -40.46 64.06
N ASP F 227 -47.49 -40.24 64.38
CA ASP F 227 -48.57 -40.66 63.48
C ASP F 227 -48.56 -39.83 62.21
N MET F 228 -48.30 -38.52 62.32
CA MET F 228 -48.20 -37.67 61.13
C MET F 228 -47.02 -38.10 60.27
N GLY F 229 -45.97 -38.62 60.91
CA GLY F 229 -44.85 -39.13 60.15
C GLY F 229 -45.21 -40.47 59.55
N ALA F 230 -46.06 -41.25 60.23
CA ALA F 230 -46.58 -42.48 59.66
C ALA F 230 -47.57 -42.20 58.54
N ALA F 231 -48.19 -41.02 58.52
CA ALA F 231 -49.10 -40.66 57.44
C ALA F 231 -48.37 -40.56 56.12
N LEU F 232 -47.07 -40.23 56.16
CA LEU F 232 -46.24 -40.17 54.96
C LEU F 232 -46.01 -41.53 54.32
N THR F 233 -46.19 -42.61 55.07
CA THR F 233 -45.92 -43.95 54.56
C THR F 233 -46.81 -44.32 53.37
N GLY F 234 -46.23 -45.05 52.42
CA GLY F 234 -46.90 -45.61 51.28
C GLY F 234 -47.50 -46.99 51.54
N ALA F 235 -47.47 -47.44 52.80
CA ALA F 235 -48.00 -48.71 53.24
C ALA F 235 -49.53 -48.74 53.12
N GLU F 236 -50.06 -49.95 53.01
CA GLU F 236 -51.46 -50.19 52.74
C GLU F 236 -52.30 -49.85 53.97
N SER F 237 -53.59 -49.58 53.74
CA SER F 237 -54.49 -49.24 54.84
C SER F 237 -54.57 -50.37 55.86
N HIS F 238 -54.44 -51.62 55.39
CA HIS F 238 -54.40 -52.76 56.30
C HIS F 238 -53.21 -52.67 57.23
N GLU F 239 -52.03 -52.29 56.72
CA GLU F 239 -50.85 -52.20 57.58
C GLU F 239 -51.03 -51.13 58.65
N LEU F 240 -51.76 -50.05 58.31
CA LEU F 240 -52.07 -49.02 59.28
C LEU F 240 -53.04 -49.55 60.33
N GLN F 241 -54.01 -50.34 59.87
CA GLN F 241 -54.96 -50.94 60.81
C GLN F 241 -54.25 -51.93 61.73
N ASP F 242 -53.25 -52.64 61.21
CA ASP F 242 -52.47 -53.55 62.05
C ASP F 242 -51.65 -52.77 63.06
N VAL F 243 -51.20 -51.57 62.70
CA VAL F 243 -50.51 -50.74 63.68
C VAL F 243 -51.51 -50.24 64.73
N LEU F 244 -52.74 -49.92 64.32
CA LEU F 244 -53.73 -49.47 65.29
C LEU F 244 -54.20 -50.58 66.23
N GLU F 245 -54.15 -51.84 65.79
CA GLU F 245 -54.58 -52.93 66.67
C GLU F 245 -53.61 -53.14 67.83
N GLU F 246 -52.34 -52.79 67.66
CA GLU F 246 -51.36 -52.92 68.72
C GLU F 246 -51.75 -51.96 69.85
N THR F 247 -51.52 -52.39 71.10
CA THR F 247 -51.89 -51.60 72.28
C THR F 247 -50.70 -51.01 73.03
N ASN F 248 -49.65 -51.77 73.31
CA ASN F 248 -48.52 -51.19 74.03
C ASN F 248 -47.78 -50.20 73.15
N ILE F 249 -47.39 -49.06 73.74
CA ILE F 249 -46.74 -47.99 72.97
C ILE F 249 -45.45 -48.45 72.31
N PRO F 250 -44.47 -49.07 73.01
CA PRO F 250 -43.27 -49.53 72.30
C PRO F 250 -43.59 -50.57 71.23
N LYS F 251 -44.64 -51.37 71.42
CA LYS F 251 -44.98 -52.39 70.44
C LYS F 251 -45.47 -51.75 69.14
N ARG F 252 -46.41 -50.80 69.22
CA ARG F 252 -46.87 -50.13 67.99
C ARG F 252 -45.75 -49.32 67.35
N LEU F 253 -44.91 -48.68 68.17
CA LEU F 253 -43.71 -48.01 67.66
C LEU F 253 -42.89 -49.02 66.87
N TYR F 254 -42.34 -50.05 67.54
CA TYR F 254 -41.46 -51.04 66.90
C TYR F 254 -42.11 -51.60 65.64
N LYS F 255 -43.42 -51.81 65.67
CA LYS F 255 -44.10 -52.27 64.46
C LYS F 255 -43.99 -51.21 63.37
N ALA F 256 -44.05 -49.93 63.75
CA ALA F 256 -43.94 -48.88 62.74
C ALA F 256 -42.53 -48.82 62.16
N LEU F 257 -41.52 -49.03 63.00
CA LEU F 257 -40.15 -49.03 62.47
C LEU F 257 -39.88 -50.28 61.63
N SER F 258 -40.45 -51.42 62.02
CA SER F 258 -40.32 -52.62 61.20
C SER F 258 -41.00 -52.44 59.85
N LEU F 259 -42.22 -51.91 59.87
CA LEU F 259 -42.93 -51.64 58.62
C LEU F 259 -42.18 -50.62 57.78
N LEU F 260 -41.59 -49.61 58.41
CA LEU F 260 -40.78 -48.65 57.67
C LEU F 260 -39.56 -49.33 57.06
N LYS F 261 -39.02 -50.35 57.76
CA LYS F 261 -37.87 -51.07 57.24
C LYS F 261 -38.27 -51.90 56.03
N LYS F 262 -39.45 -52.52 56.10
CA LYS F 262 -39.95 -53.27 54.95
C LYS F 262 -40.20 -52.32 53.77
N GLU F 263 -40.96 -51.25 54.01
CA GLU F 263 -41.35 -50.37 52.91
C GLU F 263 -40.13 -49.69 52.29
N PHE F 264 -39.13 -49.36 53.12
CA PHE F 264 -37.91 -48.79 52.58
C PHE F 264 -37.06 -49.82 51.84
N GLU F 265 -37.07 -51.08 52.28
CA GLU F 265 -36.38 -52.11 51.50
C GLU F 265 -37.05 -52.32 50.15
N LEU F 266 -38.39 -52.26 50.12
CA LEU F 266 -39.08 -52.38 48.83
C LEU F 266 -38.79 -51.20 47.93
N SER F 267 -38.81 -49.98 48.48
CA SER F 267 -38.48 -48.81 47.67
C SER F 267 -37.02 -48.84 47.23
N LYS F 268 -36.16 -49.46 48.02
CA LYS F 268 -34.75 -49.55 47.66
C LYS F 268 -34.56 -50.54 46.52
N LEU F 269 -35.21 -51.71 46.60
CA LEU F 269 -35.08 -52.65 45.49
C LEU F 269 -35.74 -52.11 44.23
N GLN F 270 -36.81 -51.31 44.36
CA GLN F 270 -37.44 -50.73 43.18
C GLN F 270 -36.52 -49.68 42.56
N GLN F 271 -35.88 -48.87 43.39
CA GLN F 271 -34.95 -47.86 42.90
C GLN F 271 -33.72 -48.51 42.27
N ARG F 272 -33.20 -49.59 42.88
CA ARG F 272 -31.99 -50.22 42.34
C ARG F 272 -32.28 -50.97 41.05
N LEU F 273 -33.40 -51.70 41.00
CA LEU F 273 -33.78 -52.39 39.78
C LEU F 273 -34.01 -51.38 38.66
N GLY F 274 -34.58 -50.22 38.97
CA GLY F 274 -34.76 -49.23 37.94
C GLY F 274 -33.45 -48.58 37.53
N ARG F 275 -32.53 -48.38 38.48
CA ARG F 275 -31.23 -47.83 38.13
C ARG F 275 -30.46 -48.77 37.21
N GLU F 276 -30.65 -50.07 37.39
CA GLU F 276 -30.01 -51.03 36.50
C GLU F 276 -30.72 -51.14 35.16
N VAL F 277 -32.05 -51.04 35.11
CA VAL F 277 -32.73 -51.01 33.82
C VAL F 277 -32.39 -49.72 33.06
N GLU F 278 -32.27 -48.59 33.77
CA GLU F 278 -31.93 -47.35 33.10
C GLU F 278 -30.49 -47.40 32.60
N GLU F 279 -29.58 -48.04 33.35
CA GLU F 279 -28.22 -48.20 32.84
C GLU F 279 -28.19 -49.14 31.64
N LYS F 280 -29.00 -50.20 31.66
CA LYS F 280 -29.09 -51.08 30.50
C LYS F 280 -29.77 -50.44 29.31
N ILE F 281 -30.54 -49.36 29.52
CA ILE F 281 -30.98 -48.55 28.39
C ILE F 281 -29.97 -47.47 28.04
N LYS F 282 -29.02 -47.15 28.94
CA LYS F 282 -27.91 -46.25 28.62
C LYS F 282 -26.76 -46.98 27.94
N GLN F 283 -26.78 -48.33 27.90
CA GLN F 283 -25.81 -49.03 27.06
C GLN F 283 -25.97 -48.67 25.60
N THR F 284 -27.17 -48.24 25.18
CA THR F 284 -27.38 -47.74 23.84
C THR F 284 -26.41 -46.61 23.59
N HIS F 285 -25.80 -46.61 22.42
CA HIS F 285 -24.71 -45.67 22.15
C HIS F 285 -25.19 -44.23 22.06
N ARG F 286 -24.25 -43.34 22.36
CA ARG F 286 -24.41 -41.91 22.14
C ARG F 286 -24.54 -41.59 20.66
N LYS F 287 -24.09 -42.50 19.79
CA LYS F 287 -24.31 -42.34 18.35
C LYS F 287 -25.79 -42.30 18.06
N TYR F 288 -26.61 -43.06 18.81
CA TYR F 288 -28.05 -42.98 18.61
C TYR F 288 -28.56 -41.59 18.98
N LEU F 289 -28.04 -41.00 20.06
CA LEU F 289 -28.46 -39.66 20.47
C LEU F 289 -28.04 -38.60 19.45
N LEU F 290 -26.77 -38.63 19.03
CA LEU F 290 -26.35 -37.69 18.00
C LEU F 290 -27.05 -37.95 16.67
N GLN F 291 -27.37 -39.20 16.35
CA GLN F 291 -28.17 -39.50 15.17
C GLN F 291 -29.56 -38.88 15.29
N GLU F 292 -30.18 -38.98 16.46
CA GLU F 292 -31.41 -38.23 16.74
C GLU F 292 -31.19 -36.77 16.40
N GLN F 293 -30.24 -36.11 17.07
CA GLN F 293 -30.02 -34.69 16.84
C GLN F 293 -29.73 -34.35 15.37
N LEU F 294 -29.12 -35.28 14.63
CA LEU F 294 -29.02 -35.16 13.18
C LEU F 294 -30.41 -35.13 12.55
N LYS F 295 -31.29 -36.03 13.00
CA LYS F 295 -32.64 -36.08 12.44
C LYS F 295 -33.36 -34.78 12.73
N ILE F 296 -33.27 -34.30 13.98
CA ILE F 296 -33.90 -33.03 14.35
C ILE F 296 -33.32 -31.88 13.53
N ILE F 297 -32.03 -31.96 13.16
CA ILE F 297 -31.52 -31.02 12.18
C ILE F 297 -32.31 -31.15 10.89
N LYS F 298 -32.56 -32.40 10.47
CA LYS F 298 -33.22 -32.58 9.17
C LYS F 298 -34.65 -32.04 9.19
N LYS F 299 -35.35 -32.11 10.34
CA LYS F 299 -36.75 -31.68 10.45
C LYS F 299 -36.66 -30.33 11.14
N GLU F 300 -36.68 -29.27 10.33
CA GLU F 300 -36.48 -27.91 10.84
C GLU F 300 -37.29 -26.98 9.95
N LEU F 301 -37.95 -26.00 10.56
CA LEU F 301 -38.64 -25.00 9.77
C LEU F 301 -37.52 -24.11 9.25
N GLY F 302 -37.15 -24.33 8.00
CA GLY F 302 -35.93 -23.78 7.45
C GLY F 302 -34.88 -24.84 7.21
N LEU F 303 -35.28 -26.11 7.25
CA LEU F 303 -34.37 -27.23 7.03
C LEU F 303 -33.73 -27.15 5.64
N GLU F 304 -32.70 -27.96 5.47
CA GLU F 304 -31.94 -28.02 4.23
C GLU F 304 -32.85 -28.41 3.06
N LYS F 305 -32.75 -27.67 1.96
CA LYS F 305 -33.69 -27.90 0.88
C LYS F 305 -33.31 -29.14 0.10
N ASP F 306 -34.31 -29.78 -0.49
CA ASP F 306 -34.13 -31.06 -1.17
C ASP F 306 -33.17 -30.98 -2.36
N ASP F 307 -33.14 -29.83 -3.05
CA ASP F 307 -32.32 -29.68 -4.25
C ASP F 307 -30.83 -29.92 -4.00
N LYS F 308 -30.36 -29.67 -2.77
CA LYS F 308 -28.98 -29.99 -2.43
C LYS F 308 -28.70 -31.48 -2.57
N ASP F 309 -29.65 -32.32 -2.16
CA ASP F 309 -29.49 -33.75 -2.37
C ASP F 309 -29.53 -34.06 -3.86
N ALA F 310 -30.37 -33.33 -4.61
CA ALA F 310 -30.46 -33.52 -6.05
C ALA F 310 -29.13 -33.20 -6.72
N ILE F 311 -28.33 -32.33 -6.11
CA ILE F 311 -27.03 -31.98 -6.64
C ILE F 311 -25.95 -32.96 -6.15
N GLU F 312 -26.02 -33.38 -4.88
CA GLU F 312 -25.02 -34.33 -4.36
C GLU F 312 -25.05 -35.67 -5.07
N GLU F 313 -26.25 -36.11 -5.45
CA GLU F 313 -26.39 -37.36 -6.21
C GLU F 313 -25.63 -37.24 -7.52
N LYS F 314 -25.74 -36.10 -8.19
CA LYS F 314 -25.09 -35.91 -9.48
C LYS F 314 -23.59 -36.06 -9.35
N PHE F 315 -23.00 -35.43 -8.33
CA PHE F 315 -21.57 -35.57 -8.10
C PHE F 315 -21.19 -37.01 -7.80
N ARG F 316 -22.07 -37.73 -7.12
CA ARG F 316 -21.80 -39.13 -6.83
C ARG F 316 -21.72 -39.92 -8.12
N GLU F 317 -22.71 -39.79 -9.02
CA GLU F 317 -22.60 -40.61 -10.21
C GLU F 317 -21.37 -40.21 -11.02
N ARG F 318 -21.02 -38.92 -11.04
CA ARG F 318 -19.82 -38.55 -11.78
C ARG F 318 -18.56 -39.10 -11.14
N LEU F 319 -18.54 -39.26 -9.83
CA LEU F 319 -17.36 -39.78 -9.18
C LEU F 319 -17.24 -41.29 -9.25
N LYS F 320 -18.32 -42.00 -9.60
CA LYS F 320 -18.43 -43.41 -9.22
C LYS F 320 -17.36 -44.32 -9.82
N GLU F 321 -16.92 -44.04 -11.06
CA GLU F 321 -16.16 -45.07 -11.78
C GLU F 321 -14.65 -44.99 -11.60
N LEU F 322 -14.11 -43.84 -11.20
CA LEU F 322 -12.67 -43.70 -11.12
C LEU F 322 -12.10 -44.40 -9.89
N VAL F 323 -10.86 -44.86 -10.01
CA VAL F 323 -10.19 -45.54 -8.90
C VAL F 323 -9.62 -44.46 -7.98
N VAL F 324 -10.49 -43.88 -7.16
CA VAL F 324 -10.16 -42.67 -6.43
C VAL F 324 -9.04 -42.89 -5.42
N PRO F 325 -8.18 -41.91 -5.15
CA PRO F 325 -7.31 -42.01 -3.97
C PRO F 325 -8.12 -41.99 -2.68
N LYS F 326 -7.64 -42.71 -1.67
CA LYS F 326 -8.27 -42.60 -0.36
C LYS F 326 -8.02 -41.25 0.27
N HIS F 327 -6.93 -40.59 -0.10
CA HIS F 327 -6.57 -39.30 0.48
C HIS F 327 -7.62 -38.23 0.16
N VAL F 328 -8.35 -38.39 -0.94
CA VAL F 328 -9.32 -37.37 -1.36
C VAL F 328 -10.69 -37.58 -0.72
N MET F 329 -11.07 -38.83 -0.43
CA MET F 329 -12.43 -39.12 0.04
C MET F 329 -12.75 -38.41 1.32
N ASP F 330 -11.75 -38.17 2.17
CA ASP F 330 -11.98 -37.35 3.35
C ASP F 330 -12.55 -36.00 2.94
N VAL F 331 -11.92 -35.35 1.97
CA VAL F 331 -12.34 -34.01 1.59
C VAL F 331 -13.69 -34.06 0.92
N VAL F 332 -13.92 -35.04 0.04
CA VAL F 332 -15.19 -35.05 -0.69
C VAL F 332 -16.34 -35.26 0.30
N ASP F 333 -16.13 -36.12 1.30
CA ASP F 333 -17.21 -36.41 2.22
C ASP F 333 -17.44 -35.27 3.20
N GLU F 334 -16.37 -34.69 3.76
CA GLU F 334 -16.60 -33.59 4.69
C GLU F 334 -17.19 -32.39 3.98
N GLU F 335 -16.74 -32.12 2.75
CA GLU F 335 -17.37 -31.03 2.00
C GLU F 335 -18.78 -31.38 1.60
N LEU F 336 -19.08 -32.67 1.41
CA LEU F 336 -20.46 -33.05 1.18
C LEU F 336 -21.30 -32.69 2.39
N SER F 337 -20.78 -32.95 3.58
CA SER F 337 -21.53 -32.55 4.77
C SER F 337 -21.66 -31.03 4.85
N LYS F 338 -20.60 -30.31 4.45
CA LYS F 338 -20.67 -28.86 4.47
C LYS F 338 -21.69 -28.34 3.48
N LEU F 339 -21.77 -28.99 2.33
CA LEU F 339 -22.78 -28.65 1.36
C LEU F 339 -24.17 -28.99 1.88
N GLY F 340 -24.26 -30.04 2.68
CA GLY F 340 -25.53 -30.39 3.28
C GLY F 340 -25.98 -29.43 4.35
N LEU F 341 -25.04 -28.75 5.00
CA LEU F 341 -25.42 -27.76 6.01
C LEU F 341 -25.87 -26.44 5.39
N LEU F 342 -25.11 -25.92 4.43
CA LEU F 342 -25.35 -24.57 3.96
C LEU F 342 -26.60 -24.44 3.10
N ASP F 343 -27.19 -23.24 3.14
CA ASP F 343 -28.34 -22.90 2.31
C ASP F 343 -27.91 -22.56 0.88
N ASN F 344 -28.84 -22.79 -0.06
CA ASN F 344 -28.51 -22.75 -1.48
C ASN F 344 -28.05 -21.37 -1.95
N HIS F 345 -28.81 -20.32 -1.64
CA HIS F 345 -28.54 -19.00 -2.19
C HIS F 345 -27.17 -18.46 -1.76
N SER F 346 -26.69 -18.89 -0.59
CA SER F 346 -25.54 -18.29 0.07
C SER F 346 -24.29 -18.40 -0.78
N SER F 347 -23.50 -17.32 -0.79
CA SER F 347 -22.30 -17.28 -1.63
C SER F 347 -21.31 -18.38 -1.26
N GLU F 348 -21.22 -18.69 0.04
CA GLU F 348 -20.36 -19.80 0.45
C GLU F 348 -20.84 -21.13 -0.13
N PHE F 349 -22.16 -21.30 -0.27
CA PHE F 349 -22.66 -22.49 -0.95
C PHE F 349 -22.18 -22.54 -2.38
N ASN F 350 -22.16 -21.40 -3.06
CA ASN F 350 -21.76 -21.40 -4.45
C ASN F 350 -20.29 -21.71 -4.59
N VAL F 351 -19.44 -21.07 -3.79
CA VAL F 351 -18.01 -21.35 -3.93
C VAL F 351 -17.72 -22.79 -3.55
N THR F 352 -18.44 -23.33 -2.57
CA THR F 352 -18.23 -24.72 -2.21
C THR F 352 -18.67 -25.66 -3.31
N ARG F 353 -19.80 -25.35 -3.94
CA ARG F 353 -20.25 -26.22 -5.02
C ARG F 353 -19.26 -26.20 -6.17
N ASN F 354 -18.73 -25.02 -6.47
CA ASN F 354 -17.72 -24.93 -7.52
C ASN F 354 -16.46 -25.68 -7.12
N TYR F 355 -16.10 -25.64 -5.83
CA TYR F 355 -14.93 -26.37 -5.34
C TYR F 355 -15.08 -27.85 -5.56
N LEU F 356 -16.19 -28.39 -5.07
CA LEU F 356 -16.40 -29.82 -5.18
C LEU F 356 -16.52 -30.25 -6.62
N ASP F 357 -17.13 -29.40 -7.45
CA ASP F 357 -17.21 -29.73 -8.86
C ASP F 357 -15.82 -29.79 -9.48
N TRP F 358 -14.92 -28.91 -9.02
CA TRP F 358 -13.57 -28.95 -9.55
C TRP F 358 -12.87 -30.24 -9.15
N LEU F 359 -12.90 -30.57 -7.87
CA LEU F 359 -12.22 -31.78 -7.42
C LEU F 359 -12.85 -33.04 -7.99
N THR F 360 -14.11 -32.98 -8.41
CA THR F 360 -14.72 -34.13 -9.03
C THR F 360 -14.34 -34.24 -10.49
N SER F 361 -14.22 -33.11 -11.18
CA SER F 361 -13.96 -33.16 -12.61
C SER F 361 -12.58 -33.71 -12.92
N ILE F 362 -11.59 -33.47 -12.06
CA ILE F 362 -10.21 -33.80 -12.41
C ILE F 362 -10.06 -35.31 -12.50
N PRO F 363 -9.49 -35.89 -13.57
CA PRO F 363 -9.35 -37.34 -13.62
C PRO F 363 -8.44 -37.86 -12.53
N TRP F 364 -8.72 -39.07 -12.06
CA TRP F 364 -8.01 -39.72 -10.96
C TRP F 364 -7.56 -41.10 -11.42
N GLY F 365 -6.34 -41.18 -11.89
CA GLY F 365 -5.68 -42.44 -12.22
C GLY F 365 -6.00 -43.01 -13.59
N LYS F 366 -6.84 -42.37 -14.39
CA LYS F 366 -7.20 -42.88 -15.70
C LYS F 366 -6.00 -42.74 -16.64
N TYR F 367 -5.09 -43.69 -16.55
CA TYR F 367 -3.86 -43.62 -17.31
C TYR F 367 -4.09 -44.05 -18.76
N SER F 368 -3.85 -43.12 -19.69
CA SER F 368 -3.95 -43.42 -21.10
C SER F 368 -2.80 -44.29 -21.57
N ASN F 369 -3.10 -45.18 -22.51
CA ASN F 369 -2.09 -46.09 -23.05
C ASN F 369 -1.02 -45.35 -23.84
N GLU F 370 0.23 -45.82 -23.73
CA GLU F 370 1.35 -45.21 -24.45
C GLU F 370 2.24 -46.30 -25.05
N ASN F 371 2.22 -46.38 -26.38
CA ASN F 371 3.06 -47.29 -27.13
C ASN F 371 4.50 -46.80 -27.17
N LEU F 372 5.44 -47.74 -27.35
CA LEU F 372 6.85 -47.38 -27.47
C LEU F 372 7.59 -48.18 -28.53
N ASP F 373 6.92 -48.92 -29.39
CA ASP F 373 7.63 -49.60 -30.47
C ASP F 373 8.29 -48.56 -31.36
N LEU F 374 9.53 -48.84 -31.76
CA LEU F 374 10.20 -47.91 -32.65
C LEU F 374 9.60 -47.89 -34.04
N ALA F 375 8.93 -48.95 -34.47
CA ALA F 375 8.47 -49.06 -35.84
C ALA F 375 7.49 -47.95 -36.18
N ARG F 376 6.30 -47.99 -35.62
CA ARG F 376 5.34 -46.94 -35.94
C ARG F 376 5.79 -45.62 -35.35
N ALA F 377 6.53 -45.64 -34.23
CA ALA F 377 6.99 -44.40 -33.63
C ALA F 377 7.91 -43.65 -34.56
N GLN F 378 8.63 -44.36 -35.42
CA GLN F 378 9.42 -43.70 -36.45
C GLN F 378 8.52 -43.29 -37.60
N ALA F 379 7.68 -44.21 -38.07
CA ALA F 379 6.95 -43.94 -39.30
C ALA F 379 6.05 -42.74 -39.16
N VAL F 380 5.42 -42.56 -37.99
CA VAL F 380 4.64 -41.35 -37.84
C VAL F 380 5.58 -40.18 -37.72
N LEU F 381 6.76 -40.39 -37.16
CA LEU F 381 7.60 -39.24 -36.88
C LEU F 381 8.12 -38.64 -38.16
N GLU F 382 8.19 -39.43 -39.24
CA GLU F 382 8.59 -38.89 -40.53
C GLU F 382 7.40 -38.45 -41.38
N GLU F 383 6.23 -39.08 -41.22
CA GLU F 383 5.13 -38.85 -42.16
C GLU F 383 4.67 -37.42 -42.20
N ASP F 384 4.76 -36.69 -41.09
CA ASP F 384 4.27 -35.32 -41.01
C ASP F 384 5.37 -34.30 -40.88
N HIS F 385 6.61 -34.65 -41.21
CA HIS F 385 7.72 -33.70 -41.18
C HIS F 385 8.72 -34.07 -42.26
N TYR F 386 8.76 -33.28 -43.32
CA TYR F 386 9.77 -33.46 -44.34
C TYR F 386 11.11 -33.00 -43.80
N GLY F 387 12.17 -33.71 -44.17
CA GLY F 387 13.50 -33.29 -43.80
C GLY F 387 13.79 -33.42 -42.33
N MET F 388 14.72 -32.60 -41.85
CA MET F 388 15.13 -32.58 -40.45
C MET F 388 15.61 -33.95 -40.02
N GLU F 389 16.50 -34.53 -40.81
CA GLU F 389 16.98 -35.87 -40.52
C GLU F 389 17.71 -35.93 -39.19
N ASP F 390 18.40 -34.86 -38.82
CA ASP F 390 19.15 -34.88 -37.57
C ASP F 390 18.21 -35.06 -36.39
N VAL F 391 17.21 -34.19 -36.29
CA VAL F 391 16.33 -34.25 -35.15
C VAL F 391 15.49 -35.53 -35.17
N LYS F 392 15.16 -36.06 -36.34
CA LYS F 392 14.45 -37.32 -36.34
C LYS F 392 15.32 -38.43 -35.77
N LYS F 393 16.61 -38.43 -36.13
CA LYS F 393 17.49 -39.44 -35.58
C LYS F 393 17.57 -39.32 -34.08
N ARG F 394 17.69 -38.10 -33.60
CA ARG F 394 17.82 -37.93 -32.17
C ARG F 394 16.55 -38.33 -31.41
N ILE F 395 15.39 -37.92 -31.90
CA ILE F 395 14.17 -38.24 -31.18
C ILE F 395 13.92 -39.72 -31.18
N LEU F 396 14.24 -40.38 -32.28
CA LEU F 396 14.06 -41.81 -32.32
C LEU F 396 14.96 -42.49 -31.30
N GLU F 397 16.18 -41.99 -31.19
CA GLU F 397 17.11 -42.52 -30.19
C GLU F 397 16.60 -42.29 -28.78
N PHE F 398 15.94 -41.16 -28.55
CA PHE F 398 15.39 -40.91 -27.23
C PHE F 398 14.32 -41.91 -26.88
N ILE F 399 13.40 -42.14 -27.82
CA ILE F 399 12.33 -43.09 -27.52
C ILE F 399 12.92 -44.47 -27.28
N ALA F 400 14.00 -44.82 -27.98
CA ALA F 400 14.60 -46.13 -27.74
C ALA F 400 15.13 -46.25 -26.32
N VAL F 401 15.96 -45.28 -25.91
CA VAL F 401 16.59 -45.40 -24.60
C VAL F 401 15.53 -45.32 -23.52
N SER F 402 14.49 -44.55 -23.74
CA SER F 402 13.44 -44.45 -22.75
C SER F 402 12.48 -45.62 -22.79
N GLN F 403 12.52 -46.45 -23.83
CA GLN F 403 11.92 -47.77 -23.71
C GLN F 403 12.75 -48.62 -22.76
N LEU F 404 14.02 -48.82 -23.11
CA LEU F 404 14.82 -49.84 -22.45
C LEU F 404 14.94 -49.59 -20.96
N ARG F 405 15.02 -48.34 -20.55
CA ARG F 405 15.20 -47.99 -19.14
C ARG F 405 13.86 -47.63 -18.50
N GLY F 406 12.90 -48.53 -18.56
CA GLY F 406 11.67 -48.25 -17.83
C GLY F 406 10.85 -47.12 -18.43
N SER F 407 10.05 -46.48 -17.56
CA SER F 407 9.18 -45.39 -17.99
C SER F 407 9.93 -44.10 -18.23
N THR F 408 9.34 -43.25 -19.05
CA THR F 408 9.95 -42.01 -19.49
C THR F 408 10.12 -41.05 -18.33
N GLN F 409 11.34 -40.87 -17.89
CA GLN F 409 11.62 -39.75 -17.00
C GLN F 409 13.05 -39.22 -17.16
N GLY F 410 13.83 -39.71 -18.13
CA GLY F 410 15.26 -39.46 -18.24
C GLY F 410 15.69 -38.02 -18.11
N LYS F 411 15.38 -37.19 -19.10
CA LYS F 411 15.75 -35.79 -19.04
C LYS F 411 14.83 -35.02 -19.97
N ILE F 412 14.57 -33.78 -19.59
CA ILE F 412 13.74 -32.92 -20.43
C ILE F 412 14.48 -32.63 -21.72
N LEU F 413 13.79 -32.73 -22.85
CA LEU F 413 14.32 -32.21 -24.11
C LEU F 413 14.03 -30.73 -24.21
N CYS F 414 14.86 -30.03 -24.96
CA CYS F 414 14.67 -28.59 -25.10
C CYS F 414 15.20 -28.19 -26.47
N PHE F 415 14.29 -28.07 -27.43
CA PHE F 415 14.67 -27.60 -28.75
C PHE F 415 14.92 -26.10 -28.71
N TYR F 416 15.75 -25.64 -29.63
CA TYR F 416 15.97 -24.22 -29.77
C TYR F 416 16.47 -23.96 -31.16
N GLY F 417 16.17 -22.78 -31.67
CA GLY F 417 16.56 -22.44 -33.00
C GLY F 417 15.98 -21.11 -33.43
N PRO F 418 16.22 -20.73 -34.68
CA PRO F 418 15.67 -19.49 -35.19
C PRO F 418 14.16 -19.53 -35.16
N PRO F 419 13.48 -18.42 -34.87
CA PRO F 419 12.03 -18.47 -34.69
C PRO F 419 11.30 -18.94 -35.94
N GLY F 420 10.22 -19.68 -35.73
CA GLY F 420 9.37 -20.13 -36.81
C GLY F 420 9.78 -21.42 -37.50
N VAL F 421 10.90 -22.02 -37.12
CA VAL F 421 11.41 -23.19 -37.82
C VAL F 421 10.47 -24.38 -37.83
N GLY F 422 9.53 -24.48 -36.89
CA GLY F 422 8.59 -25.59 -36.89
C GLY F 422 8.86 -26.50 -35.71
N LYS F 423 9.16 -25.90 -34.58
CA LYS F 423 9.38 -26.70 -33.38
C LYS F 423 8.07 -27.31 -32.90
N THR F 424 7.01 -26.50 -32.82
CA THR F 424 5.79 -26.95 -32.15
C THR F 424 5.20 -28.14 -32.87
N SER F 425 5.29 -28.15 -34.19
CA SER F 425 4.78 -29.26 -34.96
C SER F 425 5.53 -30.52 -34.63
N ILE F 426 6.84 -30.41 -34.42
CA ILE F 426 7.60 -31.59 -34.05
C ILE F 426 7.14 -32.09 -32.70
N ALA F 427 6.80 -31.18 -31.80
CA ALA F 427 6.34 -31.65 -30.50
C ALA F 427 5.02 -32.40 -30.62
N ARG F 428 4.07 -31.82 -31.34
CA ARG F 428 2.77 -32.47 -31.48
C ARG F 428 2.89 -33.79 -32.21
N SER F 429 3.81 -33.87 -33.16
CA SER F 429 4.01 -35.14 -33.84
C SER F 429 4.55 -36.19 -32.89
N ILE F 430 5.44 -35.78 -31.98
CA ILE F 430 5.90 -36.73 -30.97
C ILE F 430 4.75 -37.18 -30.11
N ALA F 431 3.85 -36.26 -29.77
CA ALA F 431 2.73 -36.62 -28.92
C ALA F 431 1.85 -37.64 -29.59
N ARG F 432 1.63 -37.49 -30.90
CA ARG F 432 0.90 -38.53 -31.59
C ARG F 432 1.71 -39.81 -31.64
N ALA F 433 3.03 -39.70 -31.66
CA ALA F 433 3.83 -40.92 -31.72
C ALA F 433 3.66 -41.74 -30.45
N LEU F 434 3.74 -41.10 -29.30
CA LEU F 434 3.62 -41.83 -28.07
C LEU F 434 2.18 -42.19 -27.73
N ASN F 435 1.20 -41.59 -28.41
CA ASN F 435 -0.22 -41.81 -28.17
C ASN F 435 -0.66 -41.32 -26.80
N ARG F 436 -0.47 -40.03 -26.54
CA ARG F 436 -0.97 -39.40 -25.34
C ARG F 436 -1.31 -37.96 -25.66
N GLU F 437 -2.20 -37.39 -24.86
CA GLU F 437 -2.78 -36.08 -25.15
C GLU F 437 -1.76 -34.96 -25.08
N TYR F 438 -1.83 -34.06 -26.05
CA TYR F 438 -0.99 -32.87 -26.15
C TYR F 438 -1.68 -31.69 -25.50
N PHE F 439 -0.88 -30.72 -25.03
CA PHE F 439 -1.45 -29.45 -24.62
C PHE F 439 -0.33 -28.42 -24.55
N ARG F 440 -0.38 -27.42 -25.41
CA ARG F 440 0.61 -26.34 -25.35
C ARG F 440 0.41 -25.55 -24.06
N PHE F 441 1.48 -24.91 -23.62
CA PHE F 441 1.49 -24.09 -22.43
C PHE F 441 2.54 -22.99 -22.57
N SER F 442 2.08 -21.76 -22.75
CA SER F 442 2.99 -20.65 -22.71
C SER F 442 3.46 -20.37 -21.29
N VAL F 443 4.70 -19.90 -21.20
CA VAL F 443 5.19 -19.25 -19.99
C VAL F 443 5.90 -17.94 -20.28
N GLY F 444 6.28 -17.67 -21.54
CA GLY F 444 6.96 -16.45 -21.92
C GLY F 444 6.10 -15.25 -21.66
N GLY F 445 6.66 -14.26 -20.98
CA GLY F 445 5.94 -13.06 -20.63
C GLY F 445 5.12 -13.19 -19.38
N MET F 446 4.99 -14.37 -18.81
CA MET F 446 4.34 -14.50 -17.52
C MET F 446 5.30 -14.01 -16.46
N THR F 447 4.74 -13.49 -15.38
CA THR F 447 5.52 -12.97 -14.26
C THR F 447 5.00 -13.45 -12.92
N ASP F 448 3.68 -13.63 -12.83
CA ASP F 448 3.08 -14.13 -11.61
C ASP F 448 3.35 -15.61 -11.46
N VAL F 449 3.44 -16.06 -10.20
CA VAL F 449 3.50 -17.49 -9.90
C VAL F 449 2.12 -18.08 -9.65
N ALA F 450 1.14 -17.26 -9.26
CA ALA F 450 -0.19 -17.74 -8.88
C ALA F 450 -0.87 -18.44 -10.03
N GLU F 451 -0.53 -18.10 -11.26
CA GLU F 451 -1.14 -18.79 -12.39
C GLU F 451 -0.66 -20.22 -12.52
N ILE F 452 0.43 -20.60 -11.85
CA ILE F 452 0.85 -22.00 -11.76
C ILE F 452 0.35 -22.59 -10.44
N LYS F 453 0.83 -22.04 -9.32
CA LYS F 453 0.49 -22.61 -8.03
C LYS F 453 -1.00 -22.44 -7.71
N GLY F 454 -1.66 -21.42 -8.25
CA GLY F 454 -3.07 -21.17 -7.98
C GLY F 454 -3.30 -20.31 -6.74
N HIS F 455 -4.56 -19.93 -6.58
CA HIS F 455 -5.01 -19.10 -5.46
C HIS F 455 -5.47 -19.96 -4.28
N ARG F 456 -5.77 -19.31 -3.16
CA ARG F 456 -6.21 -19.96 -1.92
C ARG F 456 -7.73 -20.15 -1.80
N ARG F 457 -8.49 -19.96 -2.88
CA ARG F 457 -9.96 -20.02 -2.88
C ARG F 457 -10.61 -19.11 -1.83
N THR F 458 -9.93 -18.03 -1.48
CA THR F 458 -10.48 -16.93 -0.70
C THR F 458 -10.69 -15.69 -1.55
N TYR F 459 -9.76 -15.42 -2.44
CA TYR F 459 -9.82 -14.33 -3.40
C TYR F 459 -10.87 -14.61 -4.46
N VAL F 460 -11.38 -13.53 -5.06
CA VAL F 460 -12.36 -13.63 -6.13
C VAL F 460 -11.78 -14.44 -7.27
N GLY F 461 -12.62 -15.25 -7.92
CA GLY F 461 -12.24 -15.92 -9.15
C GLY F 461 -11.02 -16.79 -9.00
N ALA F 462 -10.83 -17.38 -7.82
CA ALA F 462 -9.62 -18.12 -7.52
C ALA F 462 -9.66 -19.48 -8.21
N MET F 463 -9.52 -19.45 -9.53
CA MET F 463 -9.47 -20.70 -10.27
C MET F 463 -8.13 -21.38 -10.02
N PRO F 464 -8.06 -22.70 -10.12
CA PRO F 464 -6.77 -23.36 -9.96
C PRO F 464 -5.82 -22.98 -11.08
N GLY F 465 -4.53 -23.01 -10.78
CA GLY F 465 -3.51 -22.65 -11.74
C GLY F 465 -3.54 -23.56 -12.96
N LYS F 466 -2.75 -23.19 -13.98
CA LYS F 466 -2.92 -23.71 -15.35
C LYS F 466 -2.79 -25.21 -15.45
N ILE F 467 -1.94 -25.82 -14.63
CA ILE F 467 -1.71 -27.26 -14.77
C ILE F 467 -3.00 -28.03 -14.53
N ILE F 468 -3.84 -27.53 -13.62
CA ILE F 468 -5.09 -28.23 -13.33
C ILE F 468 -6.04 -28.14 -14.51
N GLN F 469 -6.08 -27.00 -15.20
CA GLN F 469 -6.90 -26.93 -16.41
C GLN F 469 -6.40 -27.92 -17.45
N CYS F 470 -5.08 -28.05 -17.59
CA CYS F 470 -4.62 -29.03 -18.57
C CYS F 470 -4.99 -30.43 -18.16
N LEU F 471 -4.98 -30.70 -16.86
CA LEU F 471 -5.36 -32.01 -16.40
C LEU F 471 -6.84 -32.27 -16.64
N LYS F 472 -7.66 -31.21 -16.58
CA LYS F 472 -9.08 -31.44 -16.79
C LYS F 472 -9.36 -31.61 -18.27
N LYS F 473 -8.89 -30.66 -19.08
CA LYS F 473 -9.22 -30.67 -20.49
C LYS F 473 -8.68 -31.89 -21.20
N THR F 474 -7.53 -32.39 -20.78
CA THR F 474 -6.97 -33.57 -21.40
C THR F 474 -7.58 -34.87 -20.89
N LYS F 475 -8.33 -34.82 -19.78
CA LYS F 475 -9.12 -35.94 -19.24
C LYS F 475 -8.32 -37.23 -19.09
N THR F 476 -7.01 -37.11 -18.91
CA THR F 476 -6.11 -38.23 -18.69
C THR F 476 -4.92 -37.69 -17.93
N GLU F 477 -4.31 -38.56 -17.13
CA GLU F 477 -3.28 -38.14 -16.18
C GLU F 477 -1.90 -38.01 -16.78
N ASN F 478 -1.69 -38.38 -18.04
CA ASN F 478 -0.36 -38.38 -18.64
C ASN F 478 -0.38 -37.59 -19.94
N PRO F 479 -0.60 -36.29 -19.86
CA PRO F 479 -0.46 -35.43 -21.03
C PRO F 479 0.99 -35.16 -21.35
N LEU F 480 1.22 -34.76 -22.59
CA LEU F 480 2.54 -34.30 -23.02
C LEU F 480 2.58 -32.77 -23.00
N ILE F 481 2.57 -32.23 -21.78
CA ILE F 481 2.64 -30.78 -21.62
C ILE F 481 3.89 -30.27 -22.31
N LEU F 482 3.80 -29.09 -22.88
CA LEU F 482 4.86 -28.51 -23.70
C LEU F 482 5.03 -27.04 -23.39
N ILE F 483 5.99 -26.72 -22.52
CA ILE F 483 6.23 -25.33 -22.19
C ILE F 483 6.74 -24.63 -23.45
N ASP F 484 6.49 -23.33 -23.54
CA ASP F 484 6.88 -22.54 -24.70
C ASP F 484 7.38 -21.18 -24.26
N GLU F 485 8.31 -20.63 -25.04
CA GLU F 485 8.86 -19.30 -24.83
C GLU F 485 9.47 -19.18 -23.43
N VAL F 486 10.28 -20.17 -23.07
CA VAL F 486 10.91 -20.15 -21.76
C VAL F 486 11.92 -19.02 -21.63
N ASP F 487 12.50 -18.55 -22.74
CA ASP F 487 13.72 -17.75 -22.68
C ASP F 487 13.56 -16.47 -21.89
N LYS F 488 12.38 -15.86 -21.94
CA LYS F 488 12.16 -14.54 -21.38
C LYS F 488 11.30 -14.58 -20.11
N ILE F 489 11.35 -15.68 -19.38
CA ILE F 489 10.75 -15.75 -18.06
C ILE F 489 11.65 -15.04 -17.07
N GLY F 490 11.05 -14.52 -16.00
CA GLY F 490 11.75 -14.01 -14.85
C GLY F 490 11.50 -12.54 -14.60
N ARG F 491 12.13 -12.04 -13.53
CA ARG F 491 12.08 -10.63 -13.16
C ARG F 491 10.64 -10.16 -12.92
N GLY F 492 9.90 -10.94 -12.13
CA GLY F 492 8.60 -10.53 -11.66
C GLY F 492 8.67 -9.81 -10.33
N TYR F 493 7.49 -9.62 -9.73
CA TYR F 493 7.43 -9.08 -8.38
C TYR F 493 8.08 -10.03 -7.39
N GLN F 494 8.02 -11.33 -7.65
CA GLN F 494 8.65 -12.35 -6.83
C GLN F 494 10.08 -12.65 -7.25
N GLY F 495 10.63 -11.90 -8.21
CA GLY F 495 11.91 -12.24 -8.77
C GLY F 495 11.74 -13.16 -9.96
N ASP F 496 11.34 -14.40 -9.72
CA ASP F 496 10.92 -15.29 -10.79
C ASP F 496 10.19 -16.49 -10.20
N PRO F 497 9.27 -17.13 -10.94
CA PRO F 497 8.67 -18.37 -10.46
C PRO F 497 9.49 -19.60 -10.78
N SER F 498 10.68 -19.42 -11.37
CA SER F 498 11.42 -20.53 -11.97
C SER F 498 11.73 -21.61 -10.97
N SER F 499 11.95 -21.23 -9.70
CA SER F 499 12.23 -22.22 -8.66
C SER F 499 11.11 -23.24 -8.58
N ALA F 500 9.86 -22.77 -8.48
CA ALA F 500 8.72 -23.68 -8.44
C ALA F 500 8.62 -24.50 -9.72
N LEU F 501 8.90 -23.87 -10.86
CA LEU F 501 8.88 -24.63 -12.09
C LEU F 501 9.93 -25.73 -12.08
N LEU F 502 11.11 -25.43 -11.55
CA LEU F 502 12.12 -26.46 -11.41
C LEU F 502 11.64 -27.54 -10.47
N GLU F 503 10.94 -27.13 -9.41
CA GLU F 503 10.37 -28.10 -8.48
C GLU F 503 9.39 -29.02 -9.21
N LEU F 504 8.76 -28.49 -10.26
CA LEU F 504 7.88 -29.30 -11.08
C LEU F 504 8.68 -30.28 -11.92
N LEU F 505 9.76 -29.81 -12.53
CA LEU F 505 10.43 -30.69 -13.49
C LEU F 505 11.08 -31.90 -12.82
N ASP F 506 11.52 -31.76 -11.57
CA ASP F 506 12.36 -32.79 -10.94
C ASP F 506 11.50 -33.85 -10.26
N PRO F 507 11.58 -35.14 -10.67
CA PRO F 507 10.54 -36.11 -10.28
C PRO F 507 10.34 -36.32 -8.78
N GLU F 508 11.40 -36.26 -7.98
CA GLU F 508 11.19 -36.51 -6.56
C GLU F 508 10.49 -35.33 -5.93
N GLN F 509 10.57 -34.17 -6.55
CA GLN F 509 9.91 -33.00 -6.00
C GLN F 509 8.45 -32.99 -6.45
N ASN F 510 8.22 -33.39 -7.71
CA ASN F 510 6.89 -33.25 -8.28
C ASN F 510 5.92 -34.31 -7.81
N ALA F 511 6.42 -35.36 -7.13
CA ALA F 511 5.58 -36.53 -6.88
C ALA F 511 4.32 -36.19 -6.09
N ASN F 512 4.35 -35.13 -5.28
CA ASN F 512 3.22 -34.66 -4.48
C ASN F 512 3.00 -33.17 -4.69
N PHE F 513 2.85 -32.74 -5.95
CA PHE F 513 2.57 -31.34 -6.22
C PHE F 513 1.23 -30.96 -5.62
N LEU F 514 1.17 -29.74 -5.08
CA LEU F 514 0.01 -29.31 -4.31
C LEU F 514 -0.29 -27.84 -4.56
N ASP F 515 -1.35 -27.58 -5.32
CA ASP F 515 -1.76 -26.21 -5.64
C ASP F 515 -2.43 -25.55 -4.45
N HIS F 516 -2.43 -24.23 -4.44
CA HIS F 516 -3.15 -23.53 -3.38
C HIS F 516 -4.65 -23.78 -3.44
N TYR F 517 -5.21 -23.90 -4.64
CA TYR F 517 -6.66 -24.00 -4.74
C TYR F 517 -7.22 -25.32 -4.23
N LEU F 518 -6.44 -26.37 -4.20
CA LEU F 518 -6.90 -27.67 -3.73
C LEU F 518 -5.92 -28.15 -2.69
N ASP F 519 -6.43 -28.49 -1.51
CA ASP F 519 -5.56 -28.99 -0.47
C ASP F 519 -4.96 -30.34 -0.82
N VAL F 520 -5.61 -31.12 -1.65
CA VAL F 520 -5.16 -32.50 -1.84
C VAL F 520 -3.84 -32.49 -2.61
N PRO F 521 -2.81 -33.25 -2.19
CA PRO F 521 -1.72 -33.54 -3.12
C PRO F 521 -2.25 -34.33 -4.30
N VAL F 522 -1.68 -34.07 -5.47
CA VAL F 522 -2.06 -34.77 -6.70
C VAL F 522 -0.79 -35.18 -7.41
N ASP F 523 -0.57 -36.48 -7.50
CA ASP F 523 0.61 -37.01 -8.17
C ASP F 523 0.50 -36.73 -9.64
N LEU F 524 1.64 -36.41 -10.25
CA LEU F 524 1.73 -36.12 -11.67
C LEU F 524 3.01 -36.67 -12.24
N SER F 525 3.49 -37.80 -11.70
CA SER F 525 4.80 -38.31 -12.07
C SER F 525 4.89 -38.69 -13.53
N LYS F 526 3.79 -39.12 -14.14
CA LYS F 526 3.85 -39.67 -15.49
C LYS F 526 3.87 -38.63 -16.60
N VAL F 527 3.68 -37.35 -16.28
CA VAL F 527 3.70 -36.31 -17.29
C VAL F 527 5.06 -36.32 -17.95
N LEU F 528 5.09 -36.00 -19.23
CA LEU F 528 6.30 -36.05 -20.05
C LEU F 528 6.56 -34.63 -20.53
N PHE F 529 7.23 -33.83 -19.73
CA PHE F 529 7.43 -32.44 -20.10
C PHE F 529 8.37 -32.33 -21.29
N ILE F 530 8.25 -31.22 -22.03
CA ILE F 530 9.14 -30.89 -23.14
C ILE F 530 9.33 -29.38 -23.06
N CYS F 531 10.38 -28.86 -23.69
CA CYS F 531 10.76 -27.45 -23.58
C CYS F 531 11.18 -26.88 -24.93
N THR F 532 11.03 -25.56 -25.08
CA THR F 532 11.45 -24.83 -26.28
C THR F 532 11.87 -23.42 -25.91
N ALA F 533 12.86 -22.89 -26.61
CA ALA F 533 13.32 -21.53 -26.34
C ALA F 533 14.02 -20.99 -27.57
N ASN F 534 13.91 -19.68 -27.77
CA ASN F 534 14.42 -19.07 -29.00
C ASN F 534 15.93 -19.21 -29.15
N VAL F 535 16.67 -19.16 -28.04
CA VAL F 535 18.13 -19.29 -28.08
C VAL F 535 18.54 -19.85 -26.72
N THR F 536 19.65 -20.60 -26.70
CA THR F 536 20.06 -21.35 -25.52
C THR F 536 21.04 -20.59 -24.64
N ASP F 537 20.70 -19.35 -24.30
CA ASP F 537 21.55 -18.51 -23.46
C ASP F 537 20.87 -17.96 -22.23
N THR F 538 19.61 -17.54 -22.32
CA THR F 538 18.99 -16.81 -21.23
C THR F 538 18.40 -17.70 -20.15
N ILE F 539 18.32 -19.01 -20.38
CA ILE F 539 17.71 -19.87 -19.37
C ILE F 539 18.56 -19.84 -18.11
N PRO F 540 17.99 -19.72 -16.91
CA PRO F 540 18.84 -19.79 -15.71
C PRO F 540 19.54 -21.14 -15.61
N GLU F 541 20.76 -21.10 -15.08
CA GLU F 541 21.64 -22.27 -15.06
C GLU F 541 21.02 -23.51 -14.39
N PRO F 542 20.39 -23.42 -13.20
CA PRO F 542 19.92 -24.66 -12.53
C PRO F 542 18.96 -25.45 -13.38
N LEU F 543 18.12 -24.78 -14.16
CA LEU F 543 17.33 -25.52 -15.14
C LEU F 543 18.20 -25.95 -16.31
N ARG F 544 19.23 -25.17 -16.67
CA ARG F 544 19.98 -25.44 -17.90
C ARG F 544 20.68 -26.79 -17.84
N ASP F 545 21.17 -27.15 -16.67
CA ASP F 545 21.87 -28.43 -16.55
C ASP F 545 20.91 -29.60 -16.37
N ARG F 546 19.66 -29.34 -16.05
CA ARG F 546 18.70 -30.40 -15.79
C ARG F 546 18.10 -30.97 -17.08
N MET F 547 18.33 -30.35 -18.24
CA MET F 547 17.64 -30.69 -19.48
C MET F 547 18.62 -30.74 -20.63
N GLU F 548 18.32 -31.61 -21.58
CA GLU F 548 19.13 -31.75 -22.77
C GLU F 548 18.98 -30.50 -23.65
N MET F 549 19.58 -30.51 -24.83
CA MET F 549 19.40 -29.44 -25.80
C MET F 549 19.53 -30.05 -27.19
N ILE F 550 18.83 -29.46 -28.15
CA ILE F 550 18.94 -29.85 -29.56
C ILE F 550 18.72 -28.63 -30.41
N ASN F 551 19.53 -28.48 -31.44
CA ASN F 551 19.50 -27.30 -32.29
C ASN F 551 18.80 -27.66 -33.58
N VAL F 552 17.53 -27.30 -33.70
CA VAL F 552 16.89 -27.39 -35.01
C VAL F 552 17.57 -26.39 -35.92
N SER F 553 17.85 -26.81 -37.13
CA SER F 553 18.53 -25.99 -38.10
C SER F 553 17.48 -25.24 -38.92
N GLY F 554 17.90 -24.59 -40.00
CA GLY F 554 16.98 -24.06 -40.98
C GLY F 554 16.65 -25.11 -42.01
N TYR F 555 16.06 -24.67 -43.11
CA TYR F 555 15.73 -25.52 -44.23
C TYR F 555 16.43 -25.08 -45.50
N VAL F 556 16.78 -26.06 -46.31
CA VAL F 556 17.47 -25.80 -47.56
C VAL F 556 16.49 -25.15 -48.53
N ALA F 557 17.00 -24.27 -49.38
CA ALA F 557 16.15 -23.55 -50.32
C ALA F 557 15.48 -24.48 -51.32
N GLN F 558 16.12 -25.60 -51.64
CA GLN F 558 15.55 -26.59 -52.54
C GLN F 558 14.54 -27.50 -51.85
N GLU F 559 14.37 -27.39 -50.54
CA GLU F 559 13.42 -28.17 -49.79
C GLU F 559 12.32 -27.35 -49.16
N LYS F 560 12.51 -26.04 -49.01
CA LYS F 560 11.47 -25.22 -48.40
C LYS F 560 10.17 -25.27 -49.19
N LEU F 561 10.26 -25.45 -50.51
CA LEU F 561 9.06 -25.63 -51.31
C LEU F 561 8.24 -26.82 -50.86
N ALA F 562 8.91 -27.87 -50.38
CA ALA F 562 8.18 -29.04 -49.93
C ALA F 562 7.29 -28.72 -48.76
N ILE F 563 7.71 -27.76 -47.93
CA ILE F 563 6.83 -27.35 -46.86
C ILE F 563 5.74 -26.49 -47.43
N ALA F 564 6.12 -25.57 -48.32
CA ALA F 564 5.18 -24.55 -48.78
C ALA F 564 3.98 -25.15 -49.45
N GLU F 565 4.14 -26.29 -50.09
CA GLU F 565 3.03 -26.87 -50.82
C GLU F 565 2.13 -27.71 -49.93
N ARG F 566 2.68 -28.38 -48.93
CA ARG F 566 1.92 -29.37 -48.20
C ARG F 566 1.22 -28.84 -46.96
N TYR F 567 1.65 -27.72 -46.41
CA TYR F 567 1.10 -27.25 -45.14
C TYR F 567 0.74 -25.77 -45.16
N LEU F 568 1.51 -24.93 -45.81
CA LEU F 568 1.23 -23.50 -45.73
C LEU F 568 0.06 -23.13 -46.62
N VAL F 569 0.20 -23.37 -47.92
CA VAL F 569 -0.85 -22.99 -48.86
C VAL F 569 -2.20 -23.59 -48.52
N PRO F 570 -2.33 -24.89 -48.25
CA PRO F 570 -3.68 -25.44 -48.03
C PRO F 570 -4.44 -24.82 -46.89
N GLN F 571 -3.76 -24.42 -45.82
CA GLN F 571 -4.50 -23.85 -44.70
C GLN F 571 -4.68 -22.35 -44.87
N ALA F 572 -3.70 -21.67 -45.45
CA ALA F 572 -3.92 -20.26 -45.75
C ALA F 572 -5.10 -20.09 -46.70
N ARG F 573 -5.30 -21.07 -47.58
CA ARG F 573 -6.43 -21.03 -48.50
C ARG F 573 -7.74 -21.00 -47.74
N ALA F 574 -7.93 -21.93 -46.82
CA ALA F 574 -9.18 -21.92 -46.06
C ALA F 574 -9.28 -20.66 -45.22
N LEU F 575 -8.16 -20.10 -44.76
CA LEU F 575 -8.27 -18.88 -43.99
C LEU F 575 -8.76 -17.72 -44.84
N CYS F 576 -8.39 -17.69 -46.12
CA CYS F 576 -8.93 -16.69 -47.03
C CYS F 576 -10.27 -17.09 -47.62
N GLY F 577 -10.72 -18.32 -47.42
CA GLY F 577 -12.02 -18.75 -47.88
C GLY F 577 -12.07 -19.24 -49.31
N LEU F 578 -10.98 -19.15 -50.06
CA LEU F 578 -10.99 -19.61 -51.43
C LEU F 578 -11.20 -21.11 -51.48
N ASP F 579 -11.94 -21.56 -52.47
CA ASP F 579 -11.95 -22.97 -52.83
C ASP F 579 -10.70 -23.27 -53.65
N GLU F 580 -10.30 -24.55 -53.66
CA GLU F 580 -9.10 -24.97 -54.37
C GLU F 580 -9.17 -24.70 -55.86
N SER F 581 -10.37 -24.57 -56.43
CA SER F 581 -10.53 -24.50 -57.87
C SER F 581 -10.28 -23.13 -58.45
N LYS F 582 -10.03 -22.10 -57.61
CA LYS F 582 -9.97 -20.73 -58.10
C LYS F 582 -8.62 -20.03 -57.95
N ALA F 583 -7.68 -20.55 -57.17
CA ALA F 583 -6.43 -19.86 -56.89
C ALA F 583 -5.23 -20.79 -56.95
N LYS F 584 -5.03 -21.43 -58.09
CA LYS F 584 -3.88 -22.30 -58.26
C LYS F 584 -2.59 -21.51 -58.13
N LEU F 585 -1.58 -22.14 -57.52
CA LEU F 585 -0.24 -21.58 -57.43
C LEU F 585 0.74 -22.60 -57.96
N SER F 586 1.38 -22.27 -59.09
CA SER F 586 2.40 -23.15 -59.64
C SER F 586 3.55 -23.27 -58.65
N SER F 587 4.09 -24.47 -58.56
CA SER F 587 5.21 -24.71 -57.65
C SER F 587 6.40 -23.84 -58.00
N ASP F 588 6.59 -23.56 -59.28
CA ASP F 588 7.69 -22.68 -59.67
C ASP F 588 7.46 -21.25 -59.18
N VAL F 589 6.21 -20.82 -59.06
CA VAL F 589 5.97 -19.49 -58.51
C VAL F 589 6.41 -19.44 -57.07
N LEU F 590 6.14 -20.48 -56.30
CA LEU F 590 6.66 -20.50 -54.94
C LEU F 590 8.17 -20.55 -54.95
N THR F 591 8.77 -21.22 -55.94
CA THR F 591 10.21 -21.26 -56.02
C THR F 591 10.78 -19.86 -56.18
N LEU F 592 10.21 -19.10 -57.11
CA LEU F 592 10.68 -17.74 -57.33
C LEU F 592 10.47 -16.89 -56.10
N LEU F 593 9.32 -17.06 -55.44
CA LEU F 593 9.03 -16.27 -54.27
C LEU F 593 10.01 -16.54 -53.17
N ILE F 594 10.43 -17.80 -53.04
CA ILE F 594 11.38 -18.13 -51.99
C ILE F 594 12.75 -17.60 -52.34
N LYS F 595 13.13 -17.67 -53.61
CA LYS F 595 14.46 -17.24 -53.98
C LYS F 595 14.63 -15.74 -53.91
N GLN F 596 13.56 -14.96 -54.01
CA GLN F 596 13.66 -13.51 -54.16
C GLN F 596 13.12 -12.74 -52.97
N TYR F 597 11.82 -12.83 -52.69
CA TYR F 597 11.19 -11.82 -51.87
C TYR F 597 11.40 -12.00 -50.39
N CYS F 598 11.99 -13.10 -49.93
CA CYS F 598 12.28 -13.22 -48.52
C CYS F 598 13.34 -14.29 -48.33
N ARG F 599 14.38 -13.95 -47.56
CA ARG F 599 15.47 -14.86 -47.29
C ARG F 599 15.74 -14.91 -45.79
N GLU F 600 15.65 -16.11 -45.24
CA GLU F 600 15.99 -16.38 -43.85
C GLU F 600 15.92 -17.89 -43.66
N SER F 601 16.58 -18.36 -42.61
CA SER F 601 16.56 -19.78 -42.29
C SER F 601 15.17 -20.25 -41.94
N GLY F 602 14.33 -19.38 -41.43
CA GLY F 602 13.02 -19.77 -40.99
C GLY F 602 12.02 -19.85 -42.11
N VAL F 603 10.84 -20.34 -41.76
CA VAL F 603 9.70 -20.36 -42.67
C VAL F 603 8.68 -19.28 -42.36
N ARG F 604 8.80 -18.60 -41.22
CA ARG F 604 7.73 -17.72 -40.75
C ARG F 604 7.42 -16.61 -41.74
N ASN F 605 8.45 -15.93 -42.23
CA ASN F 605 8.17 -14.76 -43.05
C ASN F 605 7.50 -15.14 -44.36
N LEU F 606 7.80 -16.31 -44.90
CA LEU F 606 7.17 -16.71 -46.16
C LEU F 606 5.68 -16.83 -46.00
N GLN F 607 5.21 -17.18 -44.81
CA GLN F 607 3.78 -17.36 -44.63
C GLN F 607 3.04 -16.07 -44.87
N LYS F 608 3.62 -14.95 -44.46
CA LYS F 608 2.93 -13.69 -44.69
C LYS F 608 2.83 -13.38 -46.17
N GLN F 609 3.87 -13.70 -46.95
CA GLN F 609 3.78 -13.47 -48.39
C GLN F 609 2.72 -14.32 -49.02
N VAL F 610 2.67 -15.60 -48.65
CA VAL F 610 1.67 -16.48 -49.26
C VAL F 610 0.29 -15.99 -48.92
N GLU F 611 0.09 -15.61 -47.67
CA GLU F 611 -1.22 -15.13 -47.28
C GLU F 611 -1.57 -13.85 -48.01
N LYS F 612 -0.58 -13.01 -48.27
CA LYS F 612 -0.84 -11.78 -48.99
C LYS F 612 -1.31 -12.08 -50.40
N VAL F 613 -0.64 -13.00 -51.08
CA VAL F 613 -1.04 -13.29 -52.45
C VAL F 613 -2.44 -13.85 -52.47
N LEU F 614 -2.78 -14.69 -51.51
CA LEU F 614 -4.12 -15.26 -51.56
C LEU F 614 -5.19 -14.22 -51.28
N ARG F 615 -4.99 -13.32 -50.30
CA ARG F 615 -6.04 -12.32 -50.07
C ARG F 615 -6.22 -11.41 -51.27
N LYS F 616 -5.13 -11.04 -51.95
CA LYS F 616 -5.32 -10.20 -53.12
C LYS F 616 -6.06 -10.97 -54.20
N SER F 617 -5.79 -12.27 -54.31
CA SER F 617 -6.54 -13.05 -55.25
C SER F 617 -8.01 -13.09 -54.90
N ALA F 618 -8.33 -13.08 -53.61
CA ALA F 618 -9.74 -13.09 -53.21
C ALA F 618 -10.42 -11.81 -53.62
N TYR F 619 -9.75 -10.68 -53.41
CA TYR F 619 -10.36 -9.43 -53.80
C TYR F 619 -10.52 -9.37 -55.31
N LYS F 620 -9.66 -10.03 -56.07
CA LYS F 620 -9.86 -10.06 -57.52
C LYS F 620 -10.94 -11.03 -57.94
N ILE F 621 -11.34 -11.98 -57.10
CA ILE F 621 -12.49 -12.82 -57.46
C ILE F 621 -13.80 -12.11 -57.21
N VAL F 622 -13.96 -11.46 -56.05
CA VAL F 622 -15.30 -11.01 -55.67
C VAL F 622 -15.86 -9.98 -56.61
N SER F 623 -15.00 -9.22 -57.28
CA SER F 623 -15.43 -8.23 -58.25
C SER F 623 -14.55 -8.15 -59.46
N GLY F 624 -13.37 -8.74 -59.44
CA GLY F 624 -12.33 -8.43 -60.38
C GLY F 624 -12.53 -9.08 -61.71
N GLU F 625 -11.60 -8.80 -62.60
CA GLU F 625 -11.75 -9.10 -64.01
C GLU F 625 -11.29 -10.52 -64.32
N ALA F 626 -11.82 -11.49 -63.58
CA ALA F 626 -11.53 -12.90 -63.81
C ALA F 626 -12.46 -13.69 -62.91
N GLU F 627 -12.64 -14.94 -63.26
CA GLU F 627 -13.41 -15.88 -62.45
C GLU F 627 -12.51 -16.88 -61.72
N SER F 628 -11.21 -16.94 -62.05
CA SER F 628 -10.34 -17.90 -61.38
C SER F 628 -8.90 -17.46 -61.61
N VAL F 629 -8.33 -16.81 -60.62
CA VAL F 629 -6.95 -16.36 -60.70
C VAL F 629 -6.05 -17.57 -60.76
N GLU F 630 -4.94 -17.44 -61.49
CA GLU F 630 -3.92 -18.48 -61.50
C GLU F 630 -2.58 -17.79 -61.64
N VAL F 631 -1.86 -17.67 -60.53
CA VAL F 631 -0.65 -16.87 -60.53
C VAL F 631 0.40 -17.52 -61.42
N THR F 632 1.13 -16.69 -62.15
CA THR F 632 2.28 -17.08 -62.94
C THR F 632 3.34 -16.00 -62.83
N PRO F 633 4.63 -16.35 -62.97
CA PRO F 633 5.70 -15.40 -62.59
C PRO F 633 5.69 -14.08 -63.30
N GLU F 634 5.24 -14.05 -64.54
CA GLU F 634 5.32 -12.81 -65.32
C GLU F 634 4.48 -11.69 -64.71
N ASN F 635 3.36 -12.01 -64.08
CA ASN F 635 2.47 -11.01 -63.49
C ASN F 635 2.50 -10.98 -61.97
N LEU F 636 3.33 -11.81 -61.32
CA LEU F 636 3.34 -11.87 -59.87
C LEU F 636 3.72 -10.53 -59.26
N GLN F 637 4.50 -9.71 -59.99
CA GLN F 637 4.84 -8.38 -59.52
C GLN F 637 3.58 -7.63 -59.17
N ASP F 638 2.56 -7.74 -60.03
CA ASP F 638 1.34 -6.98 -59.82
C ASP F 638 0.67 -7.39 -58.52
N PHE F 639 0.86 -8.64 -58.08
CA PHE F 639 0.27 -9.08 -56.83
C PHE F 639 1.09 -8.69 -55.62
N VAL F 640 2.42 -8.59 -55.76
CA VAL F 640 3.27 -8.48 -54.57
C VAL F 640 4.28 -7.34 -54.68
N GLY F 641 4.38 -6.73 -55.84
CA GLY F 641 5.31 -5.63 -56.02
C GLY F 641 6.73 -6.09 -56.25
N LYS F 642 7.65 -5.13 -56.10
CA LYS F 642 9.00 -5.29 -56.61
C LYS F 642 9.81 -6.28 -55.76
N PRO F 643 10.74 -7.03 -56.36
CA PRO F 643 11.60 -7.88 -55.54
C PRO F 643 12.47 -7.04 -54.64
N VAL F 644 12.79 -7.58 -53.47
CA VAL F 644 13.64 -6.85 -52.54
C VAL F 644 15.10 -7.13 -52.89
N PHE F 645 15.51 -8.37 -52.70
CA PHE F 645 16.86 -8.79 -53.04
C PHE F 645 16.93 -9.19 -54.50
N THR F 646 18.14 -9.17 -55.04
CA THR F 646 18.37 -9.56 -56.42
C THR F 646 19.60 -10.44 -56.46
N VAL F 647 19.93 -10.92 -57.66
CA VAL F 647 21.00 -11.88 -57.90
C VAL F 647 22.09 -11.25 -58.74
N GLU F 648 22.37 -9.96 -58.47
CA GLU F 648 23.14 -9.01 -59.29
C GLU F 648 24.29 -9.63 -60.10
N ARG F 649 25.22 -10.33 -59.44
CA ARG F 649 26.34 -11.03 -60.10
C ARG F 649 27.10 -10.07 -61.03
N MET F 650 27.77 -9.11 -60.40
CA MET F 650 28.23 -7.93 -61.10
C MET F 650 29.19 -8.22 -62.25
N TYR F 651 29.99 -9.28 -62.16
CA TYR F 651 31.08 -9.51 -63.09
C TYR F 651 30.91 -10.83 -63.81
N ASP F 652 31.50 -10.93 -64.97
CA ASP F 652 31.59 -12.15 -65.76
C ASP F 652 33.01 -12.52 -66.16
N VAL F 653 33.86 -11.54 -66.45
CA VAL F 653 35.22 -11.79 -66.92
C VAL F 653 36.27 -11.67 -65.81
N THR F 654 35.96 -10.99 -64.71
CA THR F 654 36.90 -10.83 -63.60
C THR F 654 38.18 -10.16 -64.08
N PRO F 655 38.17 -8.87 -64.38
CA PRO F 655 39.41 -8.19 -64.84
C PRO F 655 40.50 -8.23 -63.79
N PRO F 656 41.68 -7.66 -64.05
CA PRO F 656 42.75 -7.74 -63.05
C PRO F 656 42.37 -7.05 -61.75
N GLY F 657 42.84 -7.62 -60.66
CA GLY F 657 42.66 -6.95 -59.38
C GLY F 657 41.30 -7.05 -58.75
N VAL F 658 40.59 -8.15 -58.94
CA VAL F 658 39.31 -8.37 -58.29
C VAL F 658 39.13 -9.85 -58.09
N VAL F 659 38.46 -10.22 -56.99
CA VAL F 659 38.21 -11.63 -56.69
C VAL F 659 36.91 -11.74 -55.92
N MET F 660 36.11 -12.74 -56.27
CA MET F 660 34.90 -13.01 -55.54
C MET F 660 35.24 -13.80 -54.30
N GLY F 661 34.41 -13.65 -53.27
CA GLY F 661 34.69 -14.31 -52.02
C GLY F 661 33.46 -14.53 -51.17
N LEU F 662 33.32 -15.75 -50.65
CA LEU F 662 32.21 -16.12 -49.81
C LEU F 662 32.22 -15.33 -48.52
N ALA F 663 31.05 -15.14 -47.94
CA ALA F 663 30.98 -14.49 -46.64
C ALA F 663 29.68 -14.87 -45.96
N TRP F 664 29.74 -15.10 -44.65
CA TRP F 664 28.58 -15.55 -43.89
C TRP F 664 27.84 -14.30 -43.47
N THR F 665 26.85 -13.90 -44.26
CA THR F 665 26.01 -12.78 -43.88
C THR F 665 25.13 -13.20 -42.72
N ALA F 666 24.65 -12.21 -41.94
CA ALA F 666 23.84 -12.49 -40.76
C ALA F 666 22.58 -13.29 -41.07
N MET F 667 22.11 -13.23 -42.31
CA MET F 667 21.01 -14.05 -42.81
C MET F 667 21.56 -14.79 -44.03
N GLY F 668 21.78 -16.10 -43.89
CA GLY F 668 22.31 -16.89 -45.00
C GLY F 668 23.64 -16.41 -45.56
N GLY F 669 24.15 -17.06 -46.62
CA GLY F 669 25.41 -16.67 -47.20
C GLY F 669 25.25 -15.59 -48.25
N SER F 670 26.38 -15.15 -48.80
CA SER F 670 26.42 -14.20 -49.90
C SER F 670 27.78 -14.32 -50.54
N THR F 671 27.95 -13.69 -51.71
CA THR F 671 29.18 -13.80 -52.49
C THR F 671 29.69 -12.43 -52.91
N LEU F 672 29.92 -11.57 -51.94
CA LEU F 672 30.42 -10.23 -52.23
C LEU F 672 31.82 -10.27 -52.81
N PHE F 673 32.08 -9.36 -53.74
CA PHE F 673 33.39 -9.27 -54.40
C PHE F 673 34.34 -8.46 -53.53
N VAL F 674 35.61 -8.45 -53.90
CA VAL F 674 36.63 -7.61 -53.29
C VAL F 674 37.45 -7.00 -54.39
N GLU F 675 37.75 -5.70 -54.27
CA GLU F 675 38.30 -4.95 -55.40
C GLU F 675 39.47 -4.09 -54.97
N THR F 676 40.26 -3.70 -55.96
CA THR F 676 41.54 -3.07 -55.72
C THR F 676 41.87 -2.08 -56.83
N SER F 677 42.64 -1.05 -56.49
CA SER F 677 42.98 -0.07 -57.52
C SER F 677 44.19 0.74 -57.14
N LEU F 678 44.89 1.19 -58.16
CA LEU F 678 45.96 2.17 -57.99
C LEU F 678 45.38 3.54 -57.67
N ARG F 679 46.18 4.37 -57.00
CA ARG F 679 45.68 5.67 -56.53
C ARG F 679 46.61 6.85 -56.77
N ARG F 680 47.87 6.67 -57.12
CA ARG F 680 48.74 7.76 -57.51
C ARG F 680 49.68 7.23 -58.57
N PRO F 681 50.26 8.08 -59.40
CA PRO F 681 51.19 7.57 -60.41
C PRO F 681 52.34 6.86 -59.74
N GLN F 682 52.76 5.76 -60.37
CA GLN F 682 53.64 4.84 -59.68
C GLN F 682 55.08 5.30 -59.61
N ASP F 683 55.48 6.33 -60.36
CA ASP F 683 56.87 6.76 -60.44
C ASP F 683 56.99 8.25 -60.12
N LYS F 684 56.20 8.76 -59.18
CA LYS F 684 56.40 10.14 -58.75
C LYS F 684 57.75 10.33 -58.05
N ASP F 685 58.34 9.25 -57.53
CA ASP F 685 59.71 9.24 -57.01
C ASP F 685 60.31 7.89 -57.44
N ALA F 686 61.00 7.89 -58.58
CA ALA F 686 61.49 6.63 -59.14
C ALA F 686 62.45 5.89 -58.21
N LYS F 687 63.26 6.62 -57.44
CA LYS F 687 64.13 6.05 -56.43
C LYS F 687 63.61 6.21 -55.01
N GLY F 688 62.43 6.80 -54.84
CA GLY F 688 61.91 7.10 -53.51
C GLY F 688 61.71 5.88 -52.63
N ASP F 689 62.16 5.99 -51.38
CA ASP F 689 61.98 4.94 -50.38
C ASP F 689 60.85 5.40 -49.48
N LYS F 690 59.62 5.15 -49.91
CA LYS F 690 58.45 5.49 -49.12
C LYS F 690 57.36 4.46 -49.41
N ASP F 691 56.65 4.09 -48.36
CA ASP F 691 55.85 2.87 -48.39
C ASP F 691 54.66 3.01 -49.34
N GLY F 692 54.28 1.88 -49.94
CA GLY F 692 53.04 1.80 -50.70
C GLY F 692 51.87 1.62 -49.77
N SER F 693 51.43 2.69 -49.14
CA SER F 693 50.41 2.60 -48.11
C SER F 693 49.09 2.09 -48.65
N LEU F 694 48.47 1.19 -47.92
CA LEU F 694 47.12 0.75 -48.20
C LEU F 694 46.14 1.83 -47.78
N GLU F 695 45.00 1.87 -48.43
CA GLU F 695 43.91 2.78 -48.05
C GLU F 695 42.63 1.97 -48.17
N VAL F 696 42.21 1.38 -47.09
CA VAL F 696 41.06 0.49 -47.11
C VAL F 696 39.79 1.33 -47.06
N THR F 697 38.72 0.79 -47.65
CA THR F 697 37.39 1.37 -47.54
C THR F 697 36.37 0.25 -47.62
N GLY F 698 35.18 0.57 -47.12
CA GLY F 698 34.14 -0.41 -46.95
C GLY F 698 33.51 -0.34 -45.58
N GLN F 699 33.78 0.72 -44.81
CA GLN F 699 33.18 0.92 -43.49
C GLN F 699 33.54 -0.23 -42.56
N LEU F 700 34.85 -0.39 -42.37
CA LEU F 700 35.40 -1.49 -41.61
C LEU F 700 35.29 -1.28 -40.11
N GLY F 701 35.28 -2.41 -39.40
CA GLY F 701 35.56 -2.44 -37.98
C GLY F 701 37.04 -2.57 -37.71
N GLU F 702 37.39 -2.65 -36.43
CA GLU F 702 38.79 -2.70 -36.04
C GLU F 702 39.46 -4.00 -36.45
N VAL F 703 38.81 -5.13 -36.16
CA VAL F 703 39.40 -6.43 -36.48
C VAL F 703 39.63 -6.55 -37.98
N MET F 704 38.77 -5.95 -38.78
CA MET F 704 39.03 -5.89 -40.22
C MET F 704 40.27 -5.10 -40.53
N LYS F 705 40.50 -3.98 -39.83
CA LYS F 705 41.74 -3.24 -40.06
C LYS F 705 42.94 -4.11 -39.75
N GLU F 706 42.84 -4.89 -38.68
CA GLU F 706 43.95 -5.74 -38.28
C GLU F 706 44.24 -6.77 -39.35
N SER F 707 43.19 -7.50 -39.76
CA SER F 707 43.39 -8.57 -40.73
C SER F 707 43.86 -8.03 -42.05
N ALA F 708 43.39 -6.84 -42.42
CA ALA F 708 43.84 -6.26 -43.66
C ALA F 708 45.32 -5.94 -43.60
N ARG F 709 45.78 -5.40 -42.48
CA ARG F 709 47.19 -5.05 -42.40
C ARG F 709 48.07 -6.28 -42.47
N ILE F 710 47.71 -7.33 -41.72
CA ILE F 710 48.58 -8.51 -41.72
C ILE F 710 48.55 -9.17 -43.09
N ALA F 711 47.40 -9.17 -43.74
CA ALA F 711 47.34 -9.74 -45.07
C ALA F 711 48.18 -8.94 -46.03
N TYR F 712 48.20 -7.62 -45.88
CA TYR F 712 49.03 -6.80 -46.72
C TYR F 712 50.48 -7.17 -46.53
N THR F 713 50.88 -7.40 -45.29
CA THR F 713 52.27 -7.72 -45.05
C THR F 713 52.63 -9.06 -45.67
N PHE F 714 51.74 -10.03 -45.58
CA PHE F 714 52.09 -11.31 -46.16
C PHE F 714 52.20 -11.18 -47.67
N ALA F 715 51.36 -10.37 -48.29
CA ALA F 715 51.46 -10.21 -49.73
C ALA F 715 52.77 -9.59 -50.10
N ARG F 716 53.11 -8.52 -49.40
CA ARG F 716 54.34 -7.80 -49.71
C ARG F 716 55.54 -8.68 -49.49
N ALA F 717 55.45 -9.64 -48.56
CA ALA F 717 56.54 -10.55 -48.31
C ALA F 717 56.62 -11.65 -49.36
N PHE F 718 55.48 -12.25 -49.69
CA PHE F 718 55.51 -13.34 -50.63
C PHE F 718 56.07 -12.89 -51.96
N LEU F 719 55.74 -11.68 -52.37
CA LEU F 719 56.16 -11.29 -53.71
C LEU F 719 57.67 -11.07 -53.77
N MET F 720 58.26 -10.44 -52.76
CA MET F 720 59.72 -10.31 -52.79
C MET F 720 60.39 -11.66 -52.64
N GLN F 721 59.74 -12.60 -51.95
CA GLN F 721 60.32 -13.93 -51.92
C GLN F 721 60.23 -14.65 -53.25
N HIS F 722 59.26 -14.30 -54.10
CA HIS F 722 58.98 -15.08 -55.29
C HIS F 722 59.53 -14.47 -56.56
N ALA F 723 59.29 -13.19 -56.79
CA ALA F 723 59.63 -12.51 -58.05
C ALA F 723 60.43 -11.25 -57.74
N PRO F 724 61.72 -11.39 -57.41
CA PRO F 724 62.45 -10.26 -56.81
C PRO F 724 62.49 -9.00 -57.62
N ALA F 725 62.55 -9.10 -58.95
CA ALA F 725 62.70 -7.91 -59.76
C ALA F 725 61.48 -7.00 -59.65
N ASN F 726 60.29 -7.58 -59.52
CA ASN F 726 59.08 -6.78 -59.44
C ASN F 726 59.12 -6.01 -58.14
N ASP F 727 58.64 -4.78 -58.19
CA ASP F 727 58.56 -3.96 -57.00
C ASP F 727 57.31 -3.09 -57.01
N TYR F 728 56.30 -3.45 -57.79
CA TYR F 728 55.12 -2.61 -57.90
C TYR F 728 54.45 -2.41 -56.56
N LEU F 729 54.54 -3.38 -55.68
CA LEU F 729 53.74 -3.38 -54.47
C LEU F 729 54.44 -2.74 -53.30
N VAL F 730 55.78 -2.77 -53.27
CA VAL F 730 56.50 -2.14 -52.17
C VAL F 730 56.28 -0.65 -52.15
N THR F 731 56.24 -0.03 -53.33
CA THR F 731 56.05 1.41 -53.49
C THR F 731 55.00 1.72 -54.57
N SER F 732 53.75 1.78 -54.13
CA SER F 732 52.64 2.17 -54.98
C SER F 732 51.45 2.30 -54.07
N HIS F 733 50.92 3.50 -53.90
CA HIS F 733 49.76 3.67 -53.05
C HIS F 733 48.60 2.92 -53.68
N ILE F 734 47.78 2.28 -52.86
CA ILE F 734 46.74 1.38 -53.35
C ILE F 734 45.50 1.53 -52.49
N HIS F 735 44.39 1.86 -53.12
CA HIS F 735 43.11 1.77 -52.48
C HIS F 735 42.64 0.34 -52.59
N LEU F 736 41.94 -0.09 -51.56
CA LEU F 736 41.37 -1.43 -51.50
C LEU F 736 39.97 -1.28 -50.96
N HIS F 737 39.05 -2.07 -51.51
CA HIS F 737 37.63 -1.95 -51.20
C HIS F 737 37.12 -3.32 -50.81
N VAL F 738 36.67 -3.44 -49.56
CA VAL F 738 36.11 -4.67 -49.02
C VAL F 738 34.66 -4.40 -48.68
N PRO F 739 33.68 -4.87 -49.43
CA PRO F 739 32.29 -4.50 -49.14
C PRO F 739 31.84 -4.96 -47.78
N GLU F 740 31.04 -4.13 -47.14
CA GLU F 740 30.46 -4.46 -45.86
C GLU F 740 29.30 -5.43 -46.05
N GLY F 741 29.00 -6.16 -44.99
CA GLY F 741 27.91 -7.11 -44.98
C GLY F 741 28.26 -8.36 -44.20
N ALA F 742 29.54 -8.68 -44.09
CA ALA F 742 29.94 -9.86 -43.33
C ALA F 742 29.57 -9.71 -41.85
N THR F 743 29.15 -10.81 -41.25
CA THR F 743 28.87 -10.79 -39.83
C THR F 743 30.20 -10.59 -39.09
N PRO F 744 30.23 -9.75 -38.02
CA PRO F 744 31.55 -9.39 -37.45
C PRO F 744 32.39 -10.56 -36.97
N LYS F 745 31.76 -11.60 -36.43
CA LYS F 745 32.54 -12.78 -36.06
C LYS F 745 33.15 -13.44 -37.28
N ASP F 746 32.49 -13.31 -38.43
CA ASP F 746 32.99 -13.91 -39.64
C ASP F 746 33.97 -12.99 -40.34
N GLY F 747 34.24 -11.79 -39.80
CA GLY F 747 34.98 -10.81 -40.55
C GLY F 747 36.38 -11.18 -40.97
N PRO F 748 37.16 -11.89 -40.14
CA PRO F 748 38.48 -12.33 -40.60
C PRO F 748 38.42 -13.29 -41.78
N SER F 749 37.28 -13.95 -42.00
CA SER F 749 37.19 -15.05 -42.94
C SER F 749 37.59 -14.67 -44.35
N ALA F 750 37.43 -13.42 -44.71
CA ALA F 750 37.71 -13.02 -46.07
C ALA F 750 39.20 -12.86 -46.35
N GLY F 751 40.05 -13.00 -45.32
CA GLY F 751 41.44 -12.59 -45.40
C GLY F 751 42.18 -13.12 -46.59
N CYS F 752 42.02 -14.43 -46.88
CA CYS F 752 42.79 -15.06 -47.94
C CYS F 752 42.55 -14.40 -49.28
N THR F 753 41.31 -13.96 -49.52
CA THR F 753 40.98 -13.34 -50.79
C THR F 753 41.82 -12.11 -51.03
N ILE F 754 42.02 -11.28 -49.99
CA ILE F 754 42.81 -10.07 -50.12
C ILE F 754 44.19 -10.42 -50.61
N VAL F 755 44.77 -11.47 -50.05
CA VAL F 755 46.17 -11.75 -50.32
C VAL F 755 46.37 -12.13 -51.78
N THR F 756 45.33 -12.66 -52.43
CA THR F 756 45.43 -12.92 -53.86
C THR F 756 45.02 -11.74 -54.72
N ALA F 757 44.01 -10.97 -54.26
CA ALA F 757 43.62 -9.74 -54.93
C ALA F 757 44.85 -8.93 -55.26
N LEU F 758 45.60 -8.55 -54.23
CA LEU F 758 46.77 -7.68 -54.39
C LEU F 758 47.74 -8.29 -55.38
N LEU F 759 47.98 -9.59 -55.28
CA LEU F 759 48.98 -10.23 -56.13
C LEU F 759 48.58 -10.15 -57.59
N SER F 760 47.29 -10.26 -57.87
CA SER F 760 46.81 -10.16 -59.25
C SER F 760 47.22 -8.82 -59.82
N LEU F 761 46.95 -7.77 -59.06
CA LEU F 761 47.30 -6.44 -59.52
C LEU F 761 48.80 -6.30 -59.67
N ALA F 762 49.58 -7.02 -58.87
CA ALA F 762 51.01 -6.90 -58.96
C ALA F 762 51.63 -7.70 -60.09
N MET F 763 50.87 -8.59 -60.74
CA MET F 763 51.36 -9.36 -61.88
C MET F 763 50.55 -9.13 -63.13
N GLY F 764 49.33 -8.62 -63.02
CA GLY F 764 48.51 -8.32 -64.17
C GLY F 764 47.71 -9.46 -64.73
N ARG F 765 47.80 -10.65 -64.17
CA ARG F 765 47.04 -11.78 -64.67
C ARG F 765 45.65 -11.81 -64.03
N PRO F 766 44.57 -11.83 -64.78
CA PRO F 766 43.28 -12.04 -64.14
C PRO F 766 43.23 -13.42 -63.55
N VAL F 767 42.47 -13.55 -62.45
CA VAL F 767 42.29 -14.83 -61.79
C VAL F 767 41.65 -15.82 -62.76
N ARG F 768 41.75 -17.10 -62.45
CA ARG F 768 40.99 -18.09 -63.18
C ARG F 768 39.51 -17.90 -62.93
N GLN F 769 38.69 -18.21 -63.94
CA GLN F 769 37.27 -17.88 -63.90
C GLN F 769 36.55 -18.59 -62.78
N ASN F 770 35.60 -17.89 -62.17
CA ASN F 770 34.58 -18.38 -61.23
C ASN F 770 35.15 -19.38 -60.22
N LEU F 771 36.11 -18.88 -59.42
CA LEU F 771 36.85 -19.67 -58.44
C LEU F 771 36.85 -18.92 -57.13
N ALA F 772 35.81 -19.12 -56.35
CA ALA F 772 35.65 -18.45 -55.08
C ALA F 772 36.53 -19.09 -54.02
N MET F 773 36.91 -18.31 -53.01
CA MET F 773 37.80 -18.81 -51.97
C MET F 773 37.62 -18.03 -50.67
N THR F 774 38.10 -18.61 -49.59
CA THR F 774 37.96 -17.98 -48.28
C THR F 774 39.06 -18.50 -47.36
N GLY F 775 38.92 -18.22 -46.07
CA GLY F 775 39.81 -18.74 -45.05
C GLY F 775 40.78 -17.69 -44.55
N GLU F 776 41.12 -17.78 -43.27
CA GLU F 776 41.99 -16.83 -42.59
C GLU F 776 43.46 -17.08 -42.93
N VAL F 777 44.30 -16.03 -42.82
CA VAL F 777 45.73 -16.12 -43.10
C VAL F 777 46.53 -15.61 -41.92
N SER F 778 47.75 -16.10 -41.79
CA SER F 778 48.73 -15.71 -40.78
C SER F 778 49.95 -15.14 -41.48
N LEU F 779 50.86 -14.58 -40.69
CA LEU F 779 52.01 -13.91 -41.28
C LEU F 779 52.92 -14.81 -42.07
N THR F 780 52.90 -16.11 -41.83
CA THR F 780 53.69 -17.06 -42.61
C THR F 780 52.83 -17.85 -43.61
N GLY F 781 51.53 -17.61 -43.65
CA GLY F 781 50.70 -18.30 -44.62
C GLY F 781 50.25 -19.68 -44.21
N LYS F 782 49.85 -19.88 -42.97
CA LYS F 782 49.20 -21.12 -42.55
C LYS F 782 47.73 -20.82 -42.36
N ILE F 783 46.90 -21.33 -43.28
CA ILE F 783 45.48 -21.02 -43.25
C ILE F 783 44.85 -21.68 -42.03
N LEU F 784 43.79 -21.08 -41.51
CA LEU F 784 43.13 -21.47 -40.27
C LEU F 784 41.65 -21.73 -40.49
N PRO F 785 41.01 -22.55 -39.66
CA PRO F 785 39.59 -22.83 -39.86
C PRO F 785 38.70 -21.61 -39.68
N VAL F 786 37.59 -21.60 -40.43
CA VAL F 786 36.55 -20.59 -40.30
C VAL F 786 35.20 -21.28 -40.20
N GLY F 787 34.30 -20.66 -39.43
CA GLY F 787 32.99 -21.25 -39.17
C GLY F 787 31.94 -20.92 -40.22
N GLY F 788 30.76 -21.49 -40.02
CA GLY F 788 29.64 -21.17 -40.89
C GLY F 788 29.81 -21.63 -42.32
N ILE F 789 30.44 -22.79 -42.53
CA ILE F 789 30.68 -23.24 -43.89
C ILE F 789 29.37 -23.54 -44.64
N LYS F 790 28.33 -23.95 -43.93
CA LYS F 790 27.14 -24.43 -44.63
C LYS F 790 26.45 -23.31 -45.40
N GLU F 791 26.24 -22.17 -44.75
CA GLU F 791 25.63 -21.03 -45.43
C GLU F 791 26.50 -20.58 -46.58
N LYS F 792 27.81 -20.66 -46.39
CA LYS F 792 28.72 -20.24 -47.44
C LYS F 792 28.59 -21.11 -48.67
N THR F 793 28.60 -22.44 -48.49
CA THR F 793 28.51 -23.32 -49.64
C THR F 793 27.19 -23.16 -50.37
N ILE F 794 26.10 -23.13 -49.60
CA ILE F 794 24.79 -23.09 -50.26
C ILE F 794 24.60 -21.77 -50.99
N ALA F 795 25.23 -20.69 -50.50
CA ALA F 795 25.10 -19.41 -51.18
C ALA F 795 25.98 -19.35 -52.41
N ALA F 796 27.20 -19.86 -52.31
CA ALA F 796 28.07 -19.84 -53.47
C ALA F 796 27.61 -20.76 -54.57
N LYS F 797 26.79 -21.76 -54.28
CA LYS F 797 26.37 -22.72 -55.30
C LYS F 797 25.66 -22.04 -56.45
N ARG F 798 24.86 -21.03 -56.16
CA ARG F 798 23.99 -20.41 -57.16
C ARG F 798 24.63 -19.24 -57.89
N ALA F 799 25.86 -18.87 -57.57
CA ALA F 799 26.56 -17.81 -58.28
C ALA F 799 27.26 -18.29 -59.54
N GLY F 800 27.20 -19.59 -59.85
CA GLY F 800 27.93 -20.16 -60.96
C GLY F 800 29.34 -20.62 -60.65
N VAL F 801 29.79 -20.51 -59.40
CA VAL F 801 31.11 -21.00 -59.02
C VAL F 801 31.15 -22.51 -59.18
N THR F 802 32.31 -23.02 -59.59
CA THR F 802 32.51 -24.44 -59.86
C THR F 802 33.67 -25.05 -59.09
N CYS F 803 34.65 -24.26 -58.65
CA CYS F 803 35.88 -24.77 -58.05
C CYS F 803 36.13 -24.01 -56.74
N ILE F 804 35.46 -24.41 -55.68
CA ILE F 804 35.69 -23.80 -54.37
C ILE F 804 37.03 -24.27 -53.82
N VAL F 805 37.65 -23.47 -52.94
CA VAL F 805 38.85 -23.88 -52.21
C VAL F 805 38.66 -23.42 -50.77
N LEU F 806 39.03 -24.27 -49.82
CA LEU F 806 38.75 -24.07 -48.41
C LEU F 806 39.94 -24.49 -47.56
N PRO F 807 40.04 -24.00 -46.32
CA PRO F 807 41.14 -24.44 -45.47
C PRO F 807 41.08 -25.93 -45.22
N ALA F 808 42.25 -26.57 -45.18
CA ALA F 808 42.27 -28.02 -45.01
C ALA F 808 41.79 -28.46 -43.65
N GLU F 809 41.82 -27.58 -42.65
CA GLU F 809 41.43 -27.97 -41.30
C GLU F 809 39.93 -27.98 -41.08
N ASN F 810 39.13 -27.53 -42.05
CA ASN F 810 37.67 -27.56 -41.99
C ASN F 810 37.03 -28.60 -42.87
N LYS F 811 37.82 -29.43 -43.57
CA LYS F 811 37.29 -30.26 -44.64
C LYS F 811 36.21 -31.20 -44.16
N LYS F 812 36.28 -31.65 -42.91
CA LYS F 812 35.31 -32.66 -42.47
C LYS F 812 33.90 -32.11 -42.58
N ASP F 813 33.74 -30.81 -42.32
CA ASP F 813 32.42 -30.22 -42.38
C ASP F 813 31.91 -30.15 -43.80
N PHE F 814 32.80 -30.08 -44.77
CA PHE F 814 32.36 -30.13 -46.16
C PHE F 814 32.04 -31.54 -46.61
N TYR F 815 32.40 -32.56 -45.84
CA TYR F 815 32.06 -33.94 -46.15
C TYR F 815 31.06 -34.51 -45.14
N ASP F 816 30.15 -33.63 -44.68
CA ASP F 816 29.00 -34.03 -43.90
C ASP F 816 27.71 -33.40 -44.41
N LEU F 817 27.75 -32.44 -45.33
CA LEU F 817 26.54 -31.86 -45.88
C LEU F 817 25.88 -32.83 -46.83
N ALA F 818 24.56 -32.67 -46.98
CA ALA F 818 23.75 -33.57 -47.80
C ALA F 818 24.33 -33.61 -49.21
N ALA F 819 24.37 -34.81 -49.78
CA ALA F 819 25.18 -35.04 -50.98
C ALA F 819 24.74 -34.18 -52.15
N PHE F 820 23.44 -33.90 -52.26
CA PHE F 820 22.95 -33.18 -53.43
C PHE F 820 23.50 -31.76 -53.48
N ILE F 821 23.77 -31.15 -52.33
CA ILE F 821 24.35 -29.82 -52.32
C ILE F 821 25.75 -29.84 -52.90
N THR F 822 26.50 -30.92 -52.65
CA THR F 822 27.89 -30.96 -53.09
C THR F 822 28.07 -31.39 -54.54
N GLU F 823 27.06 -32.00 -55.16
CA GLU F 823 27.22 -32.46 -56.54
C GLU F 823 27.40 -31.29 -57.48
N GLY F 824 28.20 -31.51 -58.52
CA GLY F 824 28.59 -30.46 -59.41
C GLY F 824 29.98 -29.94 -59.08
N LEU F 825 30.06 -28.87 -58.30
CA LEU F 825 31.31 -28.15 -58.08
C LEU F 825 32.41 -29.05 -57.53
N GLU F 826 33.60 -28.93 -58.11
CA GLU F 826 34.80 -29.52 -57.57
C GLU F 826 35.27 -28.71 -56.37
N VAL F 827 36.00 -29.37 -55.48
CA VAL F 827 36.54 -28.73 -54.29
C VAL F 827 38.03 -29.02 -54.23
N HIS F 828 38.79 -28.11 -53.64
CA HIS F 828 40.20 -28.28 -53.35
C HIS F 828 40.34 -28.19 -51.84
N PHE F 829 41.52 -28.50 -51.33
CA PHE F 829 41.82 -28.29 -49.92
C PHE F 829 43.31 -28.07 -49.79
N VAL F 830 43.68 -27.17 -48.88
CA VAL F 830 45.07 -26.75 -48.72
C VAL F 830 45.27 -26.28 -47.30
N GLU F 831 46.53 -26.17 -46.92
CA GLU F 831 46.96 -25.73 -45.61
C GLU F 831 47.99 -24.62 -45.63
N HIS F 832 48.98 -24.68 -46.53
CA HIS F 832 49.97 -23.63 -46.72
C HIS F 832 49.60 -22.82 -47.95
N TYR F 833 49.54 -21.49 -47.81
CA TYR F 833 48.99 -20.66 -48.87
C TYR F 833 49.76 -20.76 -50.16
N ARG F 834 51.04 -21.13 -50.15
CA ARG F 834 51.79 -21.18 -51.42
C ARG F 834 51.20 -22.16 -52.41
N GLU F 835 50.37 -23.09 -51.96
CA GLU F 835 49.68 -23.97 -52.87
C GLU F 835 48.63 -23.19 -53.66
N ILE F 836 47.82 -22.36 -53.00
CA ILE F 836 46.72 -21.70 -53.69
C ILE F 836 47.23 -20.80 -54.80
N PHE F 837 48.40 -20.21 -54.64
CA PHE F 837 48.92 -19.35 -55.68
C PHE F 837 49.23 -20.13 -56.95
N ASP F 838 49.43 -21.45 -56.84
CA ASP F 838 49.61 -22.32 -58.00
C ASP F 838 48.30 -22.92 -58.51
N ILE F 839 47.16 -22.65 -57.87
CA ILE F 839 45.88 -23.02 -58.44
C ILE F 839 45.30 -21.87 -59.23
N ALA F 840 45.21 -20.71 -58.57
CA ALA F 840 44.48 -19.60 -59.15
C ALA F 840 45.09 -19.13 -60.46
N PHE F 841 46.41 -19.28 -60.65
CA PHE F 841 47.14 -18.77 -61.81
C PHE F 841 47.86 -19.95 -62.43
N PRO F 842 47.14 -20.83 -63.14
CA PRO F 842 47.81 -21.99 -63.73
C PRO F 842 48.83 -21.65 -64.79
N UNK G 1 -18.69 -3.81 3.46
CA UNK G 1 -18.55 -3.25 2.13
C UNK G 1 -17.45 -2.17 2.12
N UNK G 2 -16.24 -2.56 1.73
CA UNK G 2 -15.05 -1.78 2.03
C UNK G 2 -14.65 -0.96 0.81
N UNK G 3 -14.11 0.24 1.00
CA UNK G 3 -13.58 1.06 -0.10
C UNK G 3 -12.11 0.75 -0.31
N UNK G 4 -11.54 1.11 -1.46
CA UNK G 4 -10.23 0.62 -1.87
C UNK G 4 -9.22 1.70 -2.20
N UNK G 5 -8.60 2.32 -1.22
CA UNK G 5 -7.64 3.42 -1.46
C UNK G 5 -6.43 3.05 -2.29
N UNK G 6 -5.96 3.98 -3.12
CA UNK G 6 -4.74 3.79 -3.92
C UNK G 6 -3.51 3.95 -3.06
N UNK G 7 -2.32 3.96 -3.65
CA UNK G 7 -1.09 4.07 -2.86
C UNK G 7 0.09 4.18 -3.81
N UNK G 8 0.80 5.29 -3.78
CA UNK G 8 1.99 5.46 -4.61
C UNK G 8 3.08 4.48 -4.26
N UNK G 9 4.16 4.48 -5.01
CA UNK G 9 5.31 3.68 -4.64
C UNK G 9 6.57 4.14 -5.33
N UNK G 10 7.65 4.27 -4.57
CA UNK G 10 8.95 4.62 -5.11
C UNK G 10 9.67 3.42 -5.68
N UNK G 11 10.31 3.62 -6.83
CA UNK G 11 11.00 2.54 -7.53
C UNK G 11 11.86 3.14 -8.63
#